data_8HRP
#
_entry.id   8HRP
#
_cell.length_a   86.946
_cell.length_b   119.849
_cell.length_c   140.632
_cell.angle_alpha   90.00
_cell.angle_beta   91.27
_cell.angle_gamma   90.00
#
_symmetry.space_group_name_H-M   'P 1 21 1'
#
loop_
_entity.id
_entity.type
_entity.pdbx_description
1 polymer 'Glyceraldehyde-3-phosphate dehydrogenase'
2 non-polymer NICOTINAMIDE-ADENINE-DINUCLEOTIDE
3 non-polymer GLYCERALDEHYDE-3-PHOSPHATE
4 non-polymer GLYCEROL
5 non-polymer 1,2-ETHANEDIOL
6 non-polymer 'TETRAETHYLENE GLYCOL'
7 water water
#
_entity_poly.entity_id   1
_entity_poly.type   'polypeptide(L)'
_entity_poly.pdbx_seq_one_letter_code
;MTIRVGINGFGRIGRNFFRAVLERSDDLEVVAVNDLTDNKTLSTLLKFDSIMGRLGQEVEYDDDSITVGGKRIAVYAERD
PKNLDWAAHNVDIVIESTGFFTDANAAKAHIEAGAKKVIISAPASNEDATFVYGVNHESYDPENHNVISGASCTTNCLAP
MAKVLNDKFGIENGLMTTVHAYTGDQRLHDAPHRDLRRARAAAVNIVPTSTGAAKAVALVLPELKGKLDGYALRVPVITG
SATDLTFNTKSEVTVESINAAIKEAAVGEFGETLAYSEEPLVSTDIVHDSHGSIFDAGLTKVSGNTVKVVSWYDNEWGYT
CQLLRLTELVASKLLEHHHHHH
;
_entity_poly.pdbx_strand_id   A,B,C,D,E,F,G,H
#
# COMPACT_ATOMS: atom_id res chain seq x y z
N THR A 2 -19.04 -7.85 51.71
CA THR A 2 -17.78 -8.44 51.17
C THR A 2 -17.80 -9.93 51.45
N ILE A 3 -17.74 -10.74 50.38
CA ILE A 3 -17.61 -12.17 50.53
C ILE A 3 -16.11 -12.49 50.61
N ARG A 4 -15.79 -13.36 51.55
CA ARG A 4 -14.42 -13.62 51.94
C ARG A 4 -14.00 -14.91 51.25
N VAL A 5 -12.81 -14.85 50.61
CA VAL A 5 -12.30 -15.95 49.80
C VAL A 5 -11.00 -16.48 50.39
N GLY A 6 -10.81 -17.80 50.34
CA GLY A 6 -9.52 -18.45 50.53
C GLY A 6 -9.06 -19.12 49.24
N ILE A 7 -7.75 -19.24 49.08
CA ILE A 7 -7.12 -19.90 47.95
C ILE A 7 -6.23 -21.02 48.46
N ASN A 8 -6.57 -22.25 48.04
CA ASN A 8 -5.76 -23.40 48.34
C ASN A 8 -4.91 -23.71 47.12
N GLY A 9 -3.59 -23.55 47.23
CA GLY A 9 -2.75 -23.64 46.05
C GLY A 9 -2.57 -22.26 45.42
N PHE A 10 -1.57 -21.52 45.95
CA PHE A 10 -1.30 -20.16 45.51
C PHE A 10 -0.25 -20.17 44.40
N GLY A 11 -0.63 -20.82 43.29
CA GLY A 11 0.23 -21.06 42.15
C GLY A 11 -0.11 -20.15 40.99
N ARG A 12 0.09 -20.58 39.73
CA ARG A 12 -0.16 -19.70 38.61
C ARG A 12 -1.63 -19.24 38.67
N ILE A 13 -2.56 -20.19 38.85
CA ILE A 13 -3.96 -19.84 38.81
C ILE A 13 -4.39 -19.12 40.10
N GLY A 14 -3.94 -19.62 41.24
CA GLY A 14 -4.19 -18.98 42.53
C GLY A 14 -3.78 -17.49 42.57
N ARG A 15 -2.62 -17.18 41.99
CA ARG A 15 -2.07 -15.84 42.04
C ARG A 15 -2.70 -14.99 40.95
N ASN A 16 -3.00 -15.57 39.79
CA ASN A 16 -3.81 -14.89 38.79
C ASN A 16 -5.14 -14.46 39.42
N PHE A 17 -5.78 -15.41 40.09
CA PHE A 17 -7.05 -15.18 40.72
C PHE A 17 -7.01 -13.99 41.71
N PHE A 18 -6.01 -13.97 42.59
CA PHE A 18 -5.79 -12.89 43.54
C PHE A 18 -5.68 -11.53 42.85
N ARG A 19 -4.85 -11.46 41.80
CA ARG A 19 -4.75 -10.24 41.02
C ARG A 19 -6.07 -9.88 40.37
N ALA A 20 -6.78 -10.89 39.85
CA ALA A 20 -8.01 -10.63 39.15
C ALA A 20 -9.05 -10.01 40.09
N VAL A 21 -9.15 -10.54 41.32
CA VAL A 21 -10.02 -10.01 42.38
C VAL A 21 -9.68 -8.55 42.63
N LEU A 22 -8.38 -8.23 42.75
CA LEU A 22 -7.95 -6.87 43.04
C LEU A 22 -8.37 -5.94 41.91
N GLU A 23 -8.23 -6.41 40.69
CA GLU A 23 -8.40 -5.58 39.52
C GLU A 23 -9.87 -5.48 39.14
N ARG A 24 -10.68 -6.51 39.45
CA ARG A 24 -11.94 -6.68 38.75
C ARG A 24 -13.15 -6.86 39.67
N SER A 25 -13.00 -6.99 40.99
CA SER A 25 -14.14 -7.22 41.85
C SER A 25 -14.25 -6.10 42.87
N ASP A 26 -15.51 -5.78 43.24
CA ASP A 26 -15.79 -4.85 44.32
C ASP A 26 -16.48 -5.52 45.50
N ASP A 27 -16.66 -6.85 45.48
CA ASP A 27 -17.37 -7.47 46.60
C ASP A 27 -16.64 -8.71 47.13
N LEU A 28 -15.47 -9.08 46.58
CA LEU A 28 -14.76 -10.23 47.06
C LEU A 28 -13.50 -9.71 47.71
N GLU A 29 -13.02 -10.42 48.70
CA GLU A 29 -11.74 -10.15 49.32
C GLU A 29 -11.13 -11.49 49.67
N VAL A 30 -9.90 -11.69 49.19
CA VAL A 30 -9.09 -12.85 49.53
C VAL A 30 -8.47 -12.60 50.90
N VAL A 31 -8.78 -13.47 51.86
CA VAL A 31 -8.37 -13.22 53.23
C VAL A 31 -7.42 -14.30 53.75
N ALA A 32 -7.32 -15.44 53.06
CA ALA A 32 -6.38 -16.46 53.48
C ALA A 32 -5.96 -17.29 52.28
N VAL A 33 -4.72 -17.78 52.32
CA VAL A 33 -4.18 -18.65 51.29
C VAL A 33 -3.36 -19.77 51.92
N ASN A 34 -3.23 -20.88 51.17
CA ASN A 34 -2.47 -22.04 51.61
C ASN A 34 -1.58 -22.50 50.48
N ASP A 35 -0.33 -22.86 50.81
CA ASP A 35 0.62 -23.33 49.83
C ASP A 35 1.63 -24.18 50.58
N LEU A 36 2.82 -24.37 50.02
CA LEU A 36 3.74 -25.33 50.62
C LEU A 36 5.08 -24.63 50.85
N THR A 37 5.06 -23.33 51.14
CA THR A 37 6.33 -22.63 51.21
C THR A 37 6.29 -21.66 52.37
N ASP A 38 7.35 -20.89 52.55
CA ASP A 38 7.34 -19.83 53.53
C ASP A 38 6.83 -18.53 52.93
N ASN A 39 6.55 -17.58 53.82
CA ASN A 39 5.94 -16.31 53.48
C ASN A 39 6.90 -15.36 52.76
N LYS A 40 8.21 -15.47 53.02
CA LYS A 40 9.18 -14.69 52.24
C LYS A 40 9.09 -15.10 50.76
N THR A 41 9.11 -16.43 50.53
CA THR A 41 9.03 -16.98 49.18
C THR A 41 7.66 -16.66 48.55
N LEU A 42 6.58 -16.90 49.25
CA LEU A 42 5.25 -16.70 48.66
C LEU A 42 4.96 -15.24 48.39
N SER A 43 5.48 -14.34 49.27
CA SER A 43 5.22 -12.91 49.03
C SER A 43 6.02 -12.44 47.82
N THR A 44 7.20 -12.99 47.60
CA THR A 44 8.08 -12.64 46.48
C THR A 44 7.41 -13.01 45.17
N LEU A 45 6.85 -14.24 45.11
CA LEU A 45 6.11 -14.72 43.94
C LEU A 45 4.85 -13.88 43.69
N LEU A 46 4.21 -13.38 44.76
CA LEU A 46 3.05 -12.52 44.59
C LEU A 46 3.45 -11.18 43.98
N LYS A 47 4.54 -10.60 44.47
CA LYS A 47 5.01 -9.29 44.06
C LYS A 47 5.54 -9.27 42.62
N PHE A 48 6.41 -10.23 42.30
CA PHE A 48 7.14 -10.25 41.03
C PHE A 48 6.64 -11.41 40.15
N ASP A 49 6.25 -11.13 38.90
CA ASP A 49 5.64 -12.17 38.07
C ASP A 49 6.19 -12.03 36.66
N SER A 50 6.73 -13.16 36.16
CA SER A 50 7.38 -13.24 34.86
C SER A 50 6.41 -12.99 33.72
N ILE A 51 5.11 -13.15 33.99
CA ILE A 51 4.10 -12.91 32.97
C ILE A 51 3.34 -11.63 33.25
N MET A 52 2.88 -11.41 34.49
CA MET A 52 1.99 -10.29 34.76
C MET A 52 2.74 -9.03 35.21
N GLY A 53 4.01 -9.17 35.53
CA GLY A 53 4.79 -8.03 35.98
C GLY A 53 4.60 -7.74 37.45
N ARG A 54 5.14 -6.58 37.88
CA ARG A 54 5.21 -6.19 39.27
C ARG A 54 3.82 -5.85 39.80
N LEU A 55 3.44 -6.40 40.95
CA LEU A 55 2.20 -6.01 41.59
C LEU A 55 2.29 -4.56 42.05
N GLY A 56 1.25 -3.80 41.74
CA GLY A 56 1.31 -2.38 42.07
C GLY A 56 1.12 -2.07 43.56
N GLN A 57 0.74 -3.06 44.37
CA GLN A 57 0.54 -2.83 45.80
C GLN A 57 1.83 -3.10 46.58
N GLU A 58 1.92 -2.51 47.77
CA GLU A 58 2.96 -2.79 48.72
C GLU A 58 2.75 -4.16 49.35
N VAL A 59 3.84 -4.94 49.45
CA VAL A 59 3.77 -6.29 49.97
C VAL A 59 4.75 -6.44 51.13
N GLU A 60 4.26 -6.96 52.27
CA GLU A 60 5.13 -7.32 53.38
C GLU A 60 4.72 -8.70 53.86
N TYR A 61 5.53 -9.27 54.75
CA TYR A 61 5.21 -10.57 55.29
C TYR A 61 5.76 -10.66 56.70
N ASP A 62 5.25 -11.64 57.43
CA ASP A 62 5.80 -11.98 58.72
C ASP A 62 5.60 -13.49 58.86
N ASP A 63 5.64 -13.99 60.09
CA ASP A 63 5.72 -15.44 60.24
C ASP A 63 4.36 -16.08 60.02
N ASP A 64 3.26 -15.33 59.83
CA ASP A 64 1.99 -16.03 59.63
C ASP A 64 1.09 -15.32 58.62
N SER A 65 1.62 -14.32 57.89
CA SER A 65 0.80 -13.54 56.99
C SER A 65 1.63 -12.91 55.90
N ILE A 66 0.91 -12.42 54.90
CA ILE A 66 1.40 -11.49 53.92
C ILE A 66 0.44 -10.31 53.96
N THR A 67 0.97 -9.08 53.93
CA THR A 67 0.14 -7.90 53.89
C THR A 67 0.27 -7.24 52.52
N VAL A 68 -0.86 -7.03 51.84
CA VAL A 68 -0.92 -6.52 50.47
C VAL A 68 -1.73 -5.23 50.46
N GLY A 69 -1.10 -4.12 50.10
CA GLY A 69 -1.80 -2.86 50.10
C GLY A 69 -2.45 -2.58 51.45
N GLY A 70 -1.81 -3.01 52.54
CA GLY A 70 -2.32 -2.72 53.87
C GLY A 70 -3.33 -3.75 54.37
N LYS A 71 -3.74 -4.73 53.55
CA LYS A 71 -4.66 -5.76 53.98
C LYS A 71 -3.92 -7.05 54.35
N ARG A 72 -4.12 -7.55 55.56
CA ARG A 72 -3.38 -8.70 56.05
C ARG A 72 -4.07 -9.98 55.57
N ILE A 73 -3.29 -10.86 54.96
CA ILE A 73 -3.76 -12.14 54.46
C ILE A 73 -3.11 -13.25 55.25
N ALA A 74 -3.90 -14.11 55.91
CA ALA A 74 -3.32 -15.22 56.67
C ALA A 74 -2.70 -16.24 55.72
N VAL A 75 -1.55 -16.83 56.07
CA VAL A 75 -0.94 -17.83 55.18
C VAL A 75 -0.80 -19.13 55.92
N TYR A 76 -1.20 -20.24 55.27
CA TYR A 76 -0.98 -21.58 55.82
C TYR A 76 -0.04 -22.35 54.91
N ALA A 77 0.52 -23.43 55.45
CA ALA A 77 1.40 -24.32 54.70
C ALA A 77 1.07 -25.78 55.04
N GLU A 78 -0.12 -26.20 54.62
CA GLU A 78 -0.71 -27.47 55.06
C GLU A 78 -0.98 -28.31 53.81
N ARG A 79 -0.23 -29.41 53.70
CA ARG A 79 -0.26 -30.29 52.54
C ARG A 79 -1.62 -30.98 52.51
N ASP A 80 -2.17 -31.20 53.69
CA ASP A 80 -3.40 -31.95 53.84
C ASP A 80 -4.51 -30.97 54.23
N PRO A 81 -5.55 -30.73 53.40
CA PRO A 81 -6.55 -29.71 53.71
C PRO A 81 -7.36 -29.95 54.98
N LYS A 82 -7.35 -31.20 55.46
CA LYS A 82 -7.94 -31.58 56.74
C LYS A 82 -7.35 -30.74 57.87
N ASN A 83 -6.10 -30.29 57.71
CA ASN A 83 -5.44 -29.55 58.78
C ASN A 83 -5.72 -28.05 58.68
N LEU A 84 -6.59 -27.63 57.74
CA LEU A 84 -6.91 -26.22 57.56
C LEU A 84 -8.06 -25.84 58.48
N ASP A 85 -8.16 -24.54 58.78
CA ASP A 85 -9.33 -24.02 59.43
C ASP A 85 -9.71 -22.72 58.72
N TRP A 86 -10.58 -22.84 57.69
CA TRP A 86 -11.13 -21.70 56.95
C TRP A 86 -12.09 -20.87 57.81
N ALA A 87 -12.65 -21.48 58.84
CA ALA A 87 -13.63 -20.77 59.66
C ALA A 87 -12.92 -19.70 60.53
N ALA A 88 -11.66 -19.95 60.90
CA ALA A 88 -10.90 -19.01 61.71
C ALA A 88 -10.92 -17.62 61.07
N HIS A 89 -10.92 -17.53 59.73
CA HIS A 89 -10.88 -16.24 59.07
C HIS A 89 -12.18 -15.94 58.32
N ASN A 90 -13.26 -16.67 58.65
CA ASN A 90 -14.61 -16.39 58.18
C ASN A 90 -14.68 -16.47 56.66
N VAL A 91 -14.05 -17.51 56.10
CA VAL A 91 -14.00 -17.71 54.66
C VAL A 91 -15.29 -18.39 54.20
N ASP A 92 -15.89 -17.78 53.16
CA ASP A 92 -17.08 -18.27 52.50
C ASP A 92 -16.77 -19.25 51.34
N ILE A 93 -15.93 -18.82 50.39
CA ILE A 93 -15.62 -19.58 49.20
C ILE A 93 -14.14 -19.91 49.18
N VAL A 94 -13.81 -21.18 49.01
CA VAL A 94 -12.45 -21.61 48.72
C VAL A 94 -12.28 -21.89 47.24
N ILE A 95 -11.24 -21.28 46.65
CA ILE A 95 -10.72 -21.68 45.35
C ILE A 95 -9.72 -22.83 45.55
N GLU A 96 -10.03 -24.00 45.00
CA GLU A 96 -9.13 -25.12 45.08
C GLU A 96 -8.29 -25.18 43.80
N SER A 97 -7.03 -24.70 43.89
CA SER A 97 -6.17 -24.56 42.72
C SER A 97 -4.79 -25.18 42.96
N THR A 98 -4.73 -26.29 43.72
CA THR A 98 -3.46 -26.99 43.92
C THR A 98 -3.17 -27.92 42.74
N GLY A 99 -4.21 -28.49 42.12
CA GLY A 99 -3.98 -29.54 41.17
C GLY A 99 -4.21 -30.92 41.77
N PHE A 100 -4.29 -31.03 43.09
CA PHE A 100 -4.19 -32.33 43.76
C PHE A 100 -5.53 -32.75 44.38
N PHE A 101 -6.55 -31.89 44.35
CA PHE A 101 -7.82 -32.17 44.98
C PHE A 101 -8.98 -31.96 44.03
N THR A 102 -8.81 -32.44 42.80
CA THR A 102 -9.85 -32.32 41.78
C THR A 102 -10.94 -33.38 41.98
N ASP A 103 -10.72 -34.34 42.88
CA ASP A 103 -11.78 -35.24 43.33
C ASP A 103 -12.58 -34.55 44.42
N ALA A 104 -13.87 -34.32 44.18
CA ALA A 104 -14.66 -33.49 45.08
C ALA A 104 -14.74 -34.14 46.46
N ASN A 105 -14.58 -35.47 46.51
CA ASN A 105 -14.53 -36.16 47.79
C ASN A 105 -13.31 -35.80 48.63
N ALA A 106 -12.24 -35.32 48.00
CA ALA A 106 -11.10 -34.80 48.76
C ALA A 106 -11.29 -33.29 49.01
N ALA A 107 -11.81 -32.55 48.01
CA ALA A 107 -11.94 -31.11 48.08
C ALA A 107 -13.02 -30.70 49.09
N LYS A 108 -13.94 -31.61 49.43
CA LYS A 108 -14.98 -31.29 50.42
C LYS A 108 -14.37 -31.15 51.81
N ALA A 109 -13.10 -31.58 51.99
CA ALA A 109 -12.39 -31.26 53.22
C ALA A 109 -12.46 -29.77 53.51
N HIS A 110 -12.46 -28.90 52.48
CA HIS A 110 -12.53 -27.47 52.72
C HIS A 110 -13.84 -27.12 53.43
N ILE A 111 -14.94 -27.82 53.10
CA ILE A 111 -16.26 -27.59 53.71
C ILE A 111 -16.21 -27.98 55.19
N GLU A 112 -15.65 -29.16 55.46
CA GLU A 112 -15.52 -29.67 56.81
C GLU A 112 -14.61 -28.73 57.60
N ALA A 113 -13.69 -28.04 56.93
CA ALA A 113 -12.81 -27.06 57.58
C ALA A 113 -13.46 -25.68 57.69
N GLY A 114 -14.73 -25.52 57.30
CA GLY A 114 -15.43 -24.28 57.61
C GLY A 114 -15.94 -23.53 56.39
N ALA A 115 -15.49 -23.86 55.17
CA ALA A 115 -15.94 -23.11 54.01
C ALA A 115 -17.40 -23.46 53.70
N LYS A 116 -18.09 -22.55 52.99
CA LYS A 116 -19.44 -22.85 52.51
C LYS A 116 -19.46 -23.36 51.06
N LYS A 117 -18.49 -22.95 50.23
CA LYS A 117 -18.47 -23.33 48.81
C LYS A 117 -17.02 -23.54 48.38
N VAL A 118 -16.80 -24.54 47.51
CA VAL A 118 -15.50 -24.87 46.95
C VAL A 118 -15.65 -24.81 45.43
N ILE A 119 -14.76 -24.04 44.79
CA ILE A 119 -14.69 -24.00 43.34
C ILE A 119 -13.35 -24.54 42.94
N ILE A 120 -13.37 -25.73 42.30
CA ILE A 120 -12.20 -26.44 41.84
C ILE A 120 -11.80 -25.80 40.50
N SER A 121 -10.54 -25.36 40.39
CA SER A 121 -10.06 -24.69 39.19
C SER A 121 -9.60 -25.68 38.11
N ALA A 122 -10.38 -26.72 37.86
CA ALA A 122 -10.02 -27.73 36.89
C ALA A 122 -11.19 -28.67 36.73
N PRO A 123 -11.17 -29.55 35.71
CA PRO A 123 -12.13 -30.65 35.63
C PRO A 123 -12.00 -31.40 36.94
N ALA A 124 -13.15 -31.81 37.47
CA ALA A 124 -13.25 -32.48 38.76
C ALA A 124 -13.82 -33.89 38.55
N SER A 125 -13.86 -34.67 39.62
CA SER A 125 -14.55 -35.96 39.64
C SER A 125 -15.44 -35.95 40.88
N ASN A 126 -16.65 -36.54 40.80
CA ASN A 126 -17.55 -36.64 41.94
C ASN A 126 -18.09 -35.28 42.38
N GLU A 127 -18.00 -34.26 41.51
CA GLU A 127 -18.42 -32.91 41.88
C GLU A 127 -19.93 -32.76 41.77
N ASP A 128 -20.46 -31.71 42.38
CA ASP A 128 -21.89 -31.44 42.39
C ASP A 128 -22.34 -30.87 41.05
N ALA A 129 -21.48 -30.03 40.44
CA ALA A 129 -21.74 -29.45 39.13
C ALA A 129 -20.43 -28.87 38.53
N THR A 130 -20.41 -28.76 37.19
CA THR A 130 -19.35 -28.18 36.37
C THR A 130 -19.93 -27.04 35.55
N PHE A 131 -19.26 -25.87 35.56
CA PHE A 131 -19.75 -24.70 34.85
C PHE A 131 -18.69 -24.06 33.96
N VAL A 132 -19.15 -23.65 32.80
CA VAL A 132 -18.44 -22.67 32.01
C VAL A 132 -19.30 -21.43 31.98
N TYR A 133 -18.76 -20.36 32.56
CA TYR A 133 -19.49 -19.12 32.70
C TYR A 133 -19.84 -18.63 31.30
N GLY A 134 -21.11 -18.24 31.13
CA GLY A 134 -21.63 -17.74 29.88
C GLY A 134 -22.26 -18.87 29.06
N VAL A 135 -22.06 -20.11 29.50
CA VAL A 135 -22.55 -21.28 28.77
C VAL A 135 -23.69 -21.95 29.54
N ASN A 136 -23.47 -22.28 30.81
CA ASN A 136 -24.46 -22.98 31.59
C ASN A 136 -24.51 -22.52 33.05
N HIS A 137 -24.09 -21.29 33.35
CA HIS A 137 -24.08 -20.75 34.70
C HIS A 137 -25.49 -20.53 35.25
N GLU A 138 -26.48 -20.33 34.39
CA GLU A 138 -27.86 -20.20 34.85
C GLU A 138 -28.38 -21.49 35.48
N SER A 139 -27.72 -22.64 35.29
CA SER A 139 -28.15 -23.84 35.99
C SER A 139 -27.56 -23.95 37.39
N TYR A 140 -26.81 -22.94 37.86
CA TYR A 140 -26.22 -23.06 39.20
C TYR A 140 -27.31 -23.07 40.28
N ASP A 141 -27.24 -24.04 41.17
CA ASP A 141 -28.23 -24.20 42.24
C ASP A 141 -27.60 -23.93 43.60
N PRO A 142 -27.87 -22.76 44.21
CA PRO A 142 -27.19 -22.36 45.44
C PRO A 142 -27.38 -23.29 46.63
N GLU A 143 -28.46 -24.08 46.66
CA GLU A 143 -28.66 -25.03 47.75
C GLU A 143 -27.79 -26.26 47.57
N ASN A 144 -27.77 -26.80 46.35
CA ASN A 144 -27.28 -28.16 46.10
C ASN A 144 -25.91 -28.20 45.40
N HIS A 145 -25.41 -27.06 44.92
CA HIS A 145 -24.12 -27.02 44.24
C HIS A 145 -23.11 -26.34 45.16
N ASN A 146 -22.32 -27.15 45.89
CA ASN A 146 -21.51 -26.65 46.99
C ASN A 146 -20.03 -26.88 46.74
N VAL A 147 -19.70 -28.00 46.10
CA VAL A 147 -18.39 -28.28 45.57
C VAL A 147 -18.51 -28.40 44.06
N ILE A 148 -18.00 -27.39 43.33
CA ILE A 148 -18.23 -27.29 41.91
C ILE A 148 -16.89 -27.19 41.18
N SER A 149 -16.94 -27.34 39.85
CA SER A 149 -15.80 -27.21 38.94
C SER A 149 -16.04 -26.05 37.97
N GLY A 150 -15.01 -25.23 37.80
CA GLY A 150 -14.98 -24.20 36.78
C GLY A 150 -14.40 -24.73 35.47
N ALA A 151 -14.24 -26.05 35.37
CA ALA A 151 -13.75 -26.68 34.16
C ALA A 151 -12.29 -26.29 33.88
N SER A 152 -11.79 -26.58 32.67
CA SER A 152 -10.43 -26.24 32.30
C SER A 152 -10.42 -24.98 31.44
N CYS A 153 -9.20 -24.51 31.18
CA CYS A 153 -8.94 -23.37 30.31
C CYS A 153 -9.46 -23.70 28.91
N THR A 154 -9.08 -24.88 28.45
CA THR A 154 -9.48 -25.27 27.12
C THR A 154 -10.99 -25.40 27.06
N THR A 155 -11.66 -25.87 28.12
CA THR A 155 -13.10 -26.04 28.06
C THR A 155 -13.81 -24.67 27.97
N ASN A 156 -13.31 -23.68 28.72
CA ASN A 156 -13.81 -22.32 28.69
C ASN A 156 -13.58 -21.65 27.35
N CYS A 157 -12.58 -22.08 26.57
CA CYS A 157 -12.37 -21.61 25.21
C CYS A 157 -13.37 -22.27 24.23
N LEU A 158 -13.46 -23.60 24.29
CA LEU A 158 -14.19 -24.39 23.30
C LEU A 158 -15.69 -24.24 23.51
N ALA A 159 -16.16 -24.35 24.75
CA ALA A 159 -17.61 -24.45 24.99
C ALA A 159 -18.38 -23.24 24.45
N PRO A 160 -17.97 -21.99 24.71
CA PRO A 160 -18.69 -20.85 24.16
C PRO A 160 -18.86 -20.93 22.64
N MET A 161 -17.78 -21.25 21.94
CA MET A 161 -17.76 -21.31 20.50
C MET A 161 -18.64 -22.46 20.01
N ALA A 162 -18.52 -23.60 20.67
CA ALA A 162 -19.29 -24.78 20.32
C ALA A 162 -20.79 -24.55 20.58
N LYS A 163 -21.15 -23.87 21.67
CA LYS A 163 -22.56 -23.56 21.90
C LYS A 163 -23.13 -22.75 20.73
N VAL A 164 -22.46 -21.69 20.33
CA VAL A 164 -22.96 -20.85 19.25
C VAL A 164 -23.06 -21.62 17.93
N LEU A 165 -22.01 -22.37 17.58
CA LEU A 165 -22.00 -23.05 16.29
C LEU A 165 -22.97 -24.24 16.31
N ASN A 166 -23.04 -24.98 17.42
CA ASN A 166 -24.00 -26.05 17.55
C ASN A 166 -25.43 -25.48 17.46
N ASP A 167 -25.71 -24.37 18.14
CA ASP A 167 -27.09 -23.84 18.15
C ASP A 167 -27.49 -23.39 16.75
N LYS A 168 -26.54 -22.79 16.03
CA LYS A 168 -26.84 -22.25 14.71
C LYS A 168 -26.81 -23.33 13.63
N PHE A 169 -25.86 -24.29 13.68
CA PHE A 169 -25.64 -25.15 12.51
C PHE A 169 -25.82 -26.64 12.81
N GLY A 170 -25.62 -27.05 14.06
CA GLY A 170 -25.62 -28.48 14.38
C GLY A 170 -24.25 -29.11 14.16
N ILE A 171 -23.56 -29.40 15.27
CA ILE A 171 -22.31 -30.13 15.19
C ILE A 171 -22.68 -31.62 15.17
N GLU A 172 -22.30 -32.37 14.13
CA GLU A 172 -22.50 -33.82 14.13
C GLU A 172 -21.44 -34.49 15.00
N ASN A 173 -20.19 -34.19 14.67
CA ASN A 173 -19.03 -34.70 15.40
C ASN A 173 -17.90 -33.70 15.15
N GLY A 174 -17.03 -33.50 16.15
CA GLY A 174 -15.91 -32.63 15.92
C GLY A 174 -14.70 -33.18 16.66
N LEU A 175 -13.52 -32.87 16.13
CA LEU A 175 -12.24 -33.20 16.73
C LEU A 175 -11.36 -31.97 16.85
N MET A 176 -10.73 -31.81 18.03
CA MET A 176 -10.08 -30.58 18.39
C MET A 176 -8.59 -30.85 18.61
N THR A 177 -7.77 -29.86 18.24
CA THR A 177 -6.41 -29.79 18.70
C THR A 177 -6.21 -28.44 19.38
N THR A 178 -5.82 -28.42 20.66
CA THR A 178 -5.39 -27.17 21.26
C THR A 178 -3.87 -27.03 21.22
N VAL A 179 -3.39 -25.93 20.66
CA VAL A 179 -1.98 -25.60 20.63
C VAL A 179 -1.74 -24.65 21.79
N HIS A 180 -1.12 -25.20 22.84
CA HIS A 180 -1.30 -24.72 24.21
C HIS A 180 0.05 -24.36 24.80
N ALA A 181 0.12 -23.25 25.52
CA ALA A 181 1.36 -22.88 26.22
C ALA A 181 1.74 -23.95 27.22
N TYR A 182 3.05 -24.08 27.51
CA TYR A 182 3.47 -25.00 28.57
C TYR A 182 2.97 -24.53 29.95
N THR A 183 2.75 -25.50 30.85
CA THR A 183 2.25 -25.29 32.18
C THR A 183 3.21 -25.94 33.17
N GLY A 184 3.00 -25.61 34.43
CA GLY A 184 3.93 -25.91 35.49
C GLY A 184 4.05 -27.40 35.74
N ASP A 185 3.07 -28.21 35.29
CA ASP A 185 3.24 -29.62 35.54
C ASP A 185 4.09 -30.30 34.45
N GLN A 186 4.57 -29.57 33.42
CA GLN A 186 5.53 -30.11 32.45
C GLN A 186 6.96 -29.98 33.01
N ARG A 187 7.97 -30.51 32.32
CA ARG A 187 9.29 -30.57 32.89
C ARG A 187 10.20 -29.63 32.13
N LEU A 188 11.05 -28.86 32.85
CA LEU A 188 12.00 -27.96 32.22
C LEU A 188 13.09 -28.72 31.46
N HIS A 189 13.62 -29.76 32.12
CA HIS A 189 14.52 -30.74 31.54
C HIS A 189 13.82 -32.11 31.55
N ASP A 190 14.18 -32.97 30.58
CA ASP A 190 13.63 -34.34 30.52
C ASP A 190 13.74 -34.95 31.91
N ALA A 191 12.62 -35.40 32.48
CA ALA A 191 12.56 -35.84 33.87
C ALA A 191 11.29 -36.65 34.07
N PRO A 192 11.19 -37.44 35.16
CA PRO A 192 10.02 -38.28 35.37
C PRO A 192 8.71 -37.51 35.42
N HIS A 193 7.72 -38.08 34.74
CA HIS A 193 6.36 -37.62 34.73
C HIS A 193 5.50 -38.84 34.39
N ARG A 194 4.26 -38.87 34.89
CA ARG A 194 3.33 -39.98 34.64
C ARG A 194 3.01 -40.03 33.14
N ASP A 195 3.00 -38.88 32.48
CA ASP A 195 2.83 -38.75 31.04
C ASP A 195 4.23 -38.68 30.43
N LEU A 196 4.53 -39.66 29.55
CA LEU A 196 5.86 -39.90 28.98
C LEU A 196 6.29 -38.77 28.03
N ARG A 197 5.33 -37.97 27.53
CA ARG A 197 5.68 -36.86 26.65
C ARG A 197 5.85 -35.59 27.45
N ARG A 198 4.96 -35.34 28.42
CA ARG A 198 5.06 -34.20 29.31
C ARG A 198 6.33 -34.30 30.15
N ALA A 199 6.91 -35.50 30.26
CA ALA A 199 8.24 -35.69 30.82
C ALA A 199 9.32 -34.91 30.07
N ARG A 200 9.05 -34.44 28.85
CA ARG A 200 10.12 -33.97 27.99
C ARG A 200 10.22 -32.43 28.00
N ALA A 201 11.47 -31.95 27.96
CA ALA A 201 11.83 -30.56 28.11
C ALA A 201 10.84 -29.63 27.39
N ALA A 202 10.04 -28.91 28.18
CA ALA A 202 8.86 -28.23 27.65
C ALA A 202 9.23 -27.08 26.71
N ALA A 203 10.36 -26.41 26.93
CA ALA A 203 10.60 -25.16 26.22
C ALA A 203 11.36 -25.38 24.93
N VAL A 204 11.66 -26.64 24.58
CA VAL A 204 12.29 -26.95 23.31
C VAL A 204 11.49 -27.98 22.54
N ASN A 205 10.26 -28.30 22.95
CA ASN A 205 9.52 -29.36 22.27
C ASN A 205 8.06 -28.96 21.99
N ILE A 206 7.55 -29.46 20.86
CA ILE A 206 6.12 -29.67 20.65
C ILE A 206 5.81 -30.99 21.32
N VAL A 207 4.92 -30.93 22.33
CA VAL A 207 4.64 -32.04 23.22
C VAL A 207 3.17 -32.44 23.11
N PRO A 208 2.80 -33.56 22.41
CA PRO A 208 1.43 -34.05 22.39
C PRO A 208 1.00 -34.56 23.75
N THR A 209 -0.23 -34.21 24.15
CA THR A 209 -0.77 -34.74 25.39
C THR A 209 -2.29 -34.69 25.36
N SER A 210 -2.85 -35.31 26.40
CA SER A 210 -4.28 -35.50 26.51
C SER A 210 -4.92 -34.18 26.92
N THR A 211 -6.20 -34.06 26.61
CA THR A 211 -7.04 -33.01 27.21
C THR A 211 -8.43 -33.63 27.34
N GLY A 212 -9.06 -33.44 28.48
CA GLY A 212 -10.41 -33.96 28.66
C GLY A 212 -11.42 -32.94 28.15
N ALA A 213 -10.93 -31.74 27.77
CA ALA A 213 -11.80 -30.62 27.48
C ALA A 213 -12.86 -31.11 26.51
N ALA A 214 -12.47 -31.91 25.52
CA ALA A 214 -13.45 -32.18 24.47
C ALA A 214 -14.60 -33.03 25.03
N LYS A 215 -14.30 -33.93 25.97
CA LYS A 215 -15.34 -34.67 26.68
C LYS A 215 -15.92 -33.90 27.88
N ALA A 216 -15.21 -32.92 28.44
CA ALA A 216 -15.77 -32.06 29.48
C ALA A 216 -16.80 -31.07 28.94
N VAL A 217 -16.77 -30.83 27.63
CA VAL A 217 -17.71 -29.90 27.03
C VAL A 217 -19.10 -30.47 27.21
N ALA A 218 -19.18 -31.80 27.18
CA ALA A 218 -20.47 -32.48 27.31
C ALA A 218 -21.08 -32.25 28.69
N LEU A 219 -20.26 -31.96 29.71
CA LEU A 219 -20.80 -31.71 31.03
C LEU A 219 -21.54 -30.36 31.05
N VAL A 220 -21.11 -29.41 30.23
CA VAL A 220 -21.75 -28.12 30.23
C VAL A 220 -22.71 -27.99 29.05
N LEU A 221 -22.53 -28.79 27.99
CA LEU A 221 -23.49 -28.83 26.88
C LEU A 221 -23.83 -30.29 26.63
N PRO A 222 -24.73 -30.92 27.42
CA PRO A 222 -24.96 -32.36 27.30
C PRO A 222 -25.40 -32.79 25.91
N GLU A 223 -25.89 -31.87 25.09
CA GLU A 223 -26.26 -32.20 23.71
C GLU A 223 -25.04 -32.57 22.87
N LEU A 224 -23.81 -32.35 23.36
CA LEU A 224 -22.60 -32.69 22.61
C LEU A 224 -21.92 -33.94 23.19
N LYS A 225 -22.64 -34.65 24.07
CA LYS A 225 -22.14 -35.90 24.60
C LYS A 225 -21.86 -36.83 23.42
N GLY A 226 -20.67 -37.41 23.46
CA GLY A 226 -20.26 -38.39 22.48
C GLY A 226 -19.79 -37.76 21.17
N LYS A 227 -19.79 -36.44 21.03
CA LYS A 227 -19.67 -35.89 19.69
C LYS A 227 -18.40 -35.08 19.51
N LEU A 228 -17.59 -34.95 20.57
CA LEU A 228 -16.34 -34.21 20.54
C LEU A 228 -15.22 -35.05 21.15
N ASP A 229 -14.03 -34.90 20.59
CA ASP A 229 -12.83 -35.41 21.22
C ASP A 229 -11.66 -34.59 20.69
N GLY A 230 -10.48 -34.84 21.27
CA GLY A 230 -9.27 -34.18 20.80
C GLY A 230 -8.13 -34.35 21.80
N TYR A 231 -7.15 -33.45 21.68
CA TYR A 231 -5.84 -33.61 22.31
C TYR A 231 -5.17 -32.23 22.25
N ALA A 232 -4.05 -32.15 22.95
CA ALA A 232 -3.26 -30.94 23.03
C ALA A 232 -1.87 -31.14 22.42
N LEU A 233 -1.34 -30.06 21.85
CA LEU A 233 0.08 -29.90 21.60
C LEU A 233 0.59 -28.75 22.45
N ARG A 234 1.43 -29.06 23.44
CA ARG A 234 2.06 -28.05 24.27
C ARG A 234 3.26 -27.51 23.52
N VAL A 235 3.38 -26.17 23.44
CA VAL A 235 4.46 -25.57 22.68
C VAL A 235 5.16 -24.51 23.51
N PRO A 236 6.41 -24.15 23.14
CA PRO A 236 7.21 -23.17 23.89
C PRO A 236 6.77 -21.71 23.81
N VAL A 237 5.57 -21.41 24.35
CA VAL A 237 5.25 -20.07 24.80
C VAL A 237 4.83 -20.20 26.25
N ILE A 238 5.08 -19.16 27.06
CA ILE A 238 4.82 -19.28 28.50
C ILE A 238 3.32 -19.14 28.86
N THR A 239 2.51 -18.43 28.07
CA THR A 239 1.04 -18.46 28.19
C THR A 239 0.44 -18.06 26.85
N GLY A 240 -0.83 -18.32 26.67
CA GLY A 240 -1.43 -18.06 25.39
C GLY A 240 -1.56 -19.35 24.58
N SER A 241 -2.80 -19.59 24.14
CA SER A 241 -3.17 -20.88 23.57
C SER A 241 -4.26 -20.68 22.52
N ALA A 242 -4.42 -21.69 21.64
CA ALA A 242 -5.45 -21.67 20.64
C ALA A 242 -6.13 -23.03 20.52
N THR A 243 -7.47 -23.00 20.46
CA THR A 243 -8.27 -24.18 20.22
C THR A 243 -8.70 -24.24 18.76
N ASP A 244 -8.28 -25.29 18.07
CA ASP A 244 -8.58 -25.53 16.67
C ASP A 244 -9.59 -26.68 16.61
N LEU A 245 -10.81 -26.39 16.17
CA LEU A 245 -11.87 -27.38 16.16
C LEU A 245 -12.23 -27.62 14.72
N THR A 246 -12.25 -28.90 14.32
CA THR A 246 -12.74 -29.30 13.01
C THR A 246 -13.95 -30.20 13.20
N PHE A 247 -15.09 -29.80 12.60
CA PHE A 247 -16.34 -30.51 12.82
C PHE A 247 -17.08 -30.66 11.50
N ASN A 248 -18.02 -31.62 11.48
CA ASN A 248 -18.97 -31.84 10.41
C ASN A 248 -20.35 -31.36 10.82
N THR A 249 -21.03 -30.73 9.86
CA THR A 249 -22.40 -30.26 10.00
C THR A 249 -23.20 -30.65 8.75
N LYS A 250 -24.50 -30.86 8.90
CA LYS A 250 -25.43 -31.07 7.80
C LYS A 250 -25.83 -29.73 7.19
N SER A 251 -25.55 -28.62 7.89
CA SER A 251 -25.97 -27.31 7.44
C SER A 251 -25.20 -26.92 6.19
N GLU A 252 -25.83 -26.11 5.33
CA GLU A 252 -25.07 -25.46 4.28
C GLU A 252 -24.41 -24.24 4.91
N VAL A 253 -23.11 -24.15 4.80
CA VAL A 253 -22.37 -23.07 5.46
C VAL A 253 -21.28 -22.57 4.54
N THR A 254 -20.84 -21.34 4.80
CA THR A 254 -19.69 -20.73 4.20
C THR A 254 -18.86 -20.14 5.33
N VAL A 255 -17.62 -19.81 5.02
CA VAL A 255 -16.72 -19.14 5.95
C VAL A 255 -17.45 -17.93 6.53
N GLU A 256 -18.10 -17.20 5.59
CA GLU A 256 -18.79 -15.97 5.92
C GLU A 256 -19.88 -16.23 6.94
N SER A 257 -20.69 -17.28 6.73
CA SER A 257 -21.84 -17.51 7.59
C SER A 257 -21.40 -18.10 8.93
N ILE A 258 -20.31 -18.89 8.94
CA ILE A 258 -19.73 -19.34 10.19
C ILE A 258 -19.30 -18.10 10.99
N ASN A 259 -18.52 -17.20 10.35
CA ASN A 259 -17.98 -16.05 11.05
C ASN A 259 -19.13 -15.16 11.56
N ALA A 260 -20.18 -14.98 10.73
CA ALA A 260 -21.26 -14.08 11.07
C ALA A 260 -22.00 -14.58 12.30
N ALA A 261 -22.10 -15.91 12.45
CA ALA A 261 -22.76 -16.48 13.60
C ALA A 261 -22.06 -16.10 14.90
N ILE A 262 -20.73 -16.15 14.90
CA ILE A 262 -19.99 -15.79 16.10
C ILE A 262 -20.16 -14.29 16.34
N LYS A 263 -19.99 -13.48 15.31
CA LYS A 263 -20.01 -12.05 15.50
C LYS A 263 -21.35 -11.63 16.11
N GLU A 264 -22.43 -12.25 15.67
CA GLU A 264 -23.78 -11.93 16.14
C GLU A 264 -23.94 -12.30 17.61
N ALA A 265 -23.27 -13.36 18.05
CA ALA A 265 -23.46 -13.84 19.40
C ALA A 265 -22.57 -13.10 20.37
N ALA A 266 -21.44 -12.60 19.88
CA ALA A 266 -20.41 -12.05 20.74
C ALA A 266 -20.80 -10.65 21.19
N VAL A 267 -21.90 -10.52 21.93
CA VAL A 267 -22.41 -9.22 22.34
C VAL A 267 -22.93 -9.33 23.77
N GLY A 268 -23.14 -8.18 24.40
CA GLY A 268 -23.68 -8.11 25.75
C GLY A 268 -22.81 -8.86 26.73
N GLU A 269 -23.47 -9.50 27.70
CA GLU A 269 -22.75 -10.16 28.77
C GLU A 269 -21.98 -11.35 28.20
N PHE A 270 -22.57 -12.11 27.27
CA PHE A 270 -21.93 -13.30 26.72
C PHE A 270 -20.63 -12.91 26.01
N GLY A 271 -20.65 -11.72 25.41
CA GLY A 271 -19.50 -11.14 24.76
C GLY A 271 -18.31 -10.90 25.69
N GLU A 272 -18.51 -10.93 27.03
CA GLU A 272 -17.41 -10.80 27.98
C GLU A 272 -16.72 -12.15 28.11
N THR A 273 -17.43 -13.23 27.71
CA THR A 273 -16.86 -14.56 27.63
C THR A 273 -16.26 -14.84 26.24
N LEU A 274 -17.06 -14.65 25.18
CA LEU A 274 -16.71 -14.89 23.80
C LEU A 274 -16.53 -13.59 23.02
N ALA A 275 -15.31 -13.37 22.48
CA ALA A 275 -15.04 -12.24 21.61
C ALA A 275 -14.91 -12.72 20.20
N TYR A 276 -15.08 -11.77 19.28
CA TYR A 276 -14.99 -12.02 17.86
C TYR A 276 -13.94 -11.09 17.30
N SER A 277 -12.94 -11.63 16.56
CA SER A 277 -11.88 -10.79 16.05
C SER A 277 -11.57 -11.05 14.58
N GLU A 278 -11.35 -9.95 13.86
CA GLU A 278 -10.83 -9.97 12.50
C GLU A 278 -9.45 -9.37 12.42
N GLU A 279 -8.74 -9.30 13.54
CA GLU A 279 -7.38 -8.79 13.62
C GLU A 279 -6.32 -9.86 13.29
N PRO A 280 -5.12 -9.44 12.87
CA PRO A 280 -4.04 -10.38 12.56
C PRO A 280 -3.33 -10.85 13.83
N LEU A 281 -4.06 -11.62 14.65
CA LEU A 281 -3.63 -12.00 16.00
C LEU A 281 -2.51 -13.04 15.99
N VAL A 282 -1.58 -12.88 16.95
CA VAL A 282 -0.61 -13.89 17.34
C VAL A 282 -0.74 -13.99 18.85
N SER A 283 -0.11 -15.01 19.44
CA SER A 283 -0.41 -15.39 20.81
C SER A 283 -0.09 -14.27 21.81
N THR A 284 0.98 -13.49 21.56
CA THR A 284 1.31 -12.38 22.47
C THR A 284 0.16 -11.38 22.51
N ASP A 285 -0.64 -11.27 21.45
CA ASP A 285 -1.74 -10.31 21.38
C ASP A 285 -2.89 -10.65 22.33
N ILE A 286 -3.04 -11.91 22.73
CA ILE A 286 -4.14 -12.31 23.59
C ILE A 286 -3.67 -12.57 25.03
N VAL A 287 -2.37 -12.41 25.33
CA VAL A 287 -1.92 -12.45 26.72
C VAL A 287 -2.61 -11.34 27.48
N HIS A 288 -3.21 -11.68 28.63
CA HIS A 288 -3.91 -10.79 29.53
C HIS A 288 -5.26 -10.36 28.97
N ASP A 289 -5.82 -11.12 28.02
CA ASP A 289 -7.17 -10.84 27.56
C ASP A 289 -8.13 -11.54 28.50
N SER A 290 -9.20 -10.82 28.89
CA SER A 290 -10.14 -11.29 29.90
C SER A 290 -11.21 -12.22 29.31
N HIS A 291 -11.23 -12.50 28.01
CA HIS A 291 -12.23 -13.44 27.46
C HIS A 291 -11.86 -14.90 27.70
N GLY A 292 -12.85 -15.78 27.84
CA GLY A 292 -12.63 -17.22 27.84
C GLY A 292 -12.22 -17.72 26.46
N SER A 293 -12.66 -16.99 25.43
CA SER A 293 -12.64 -17.44 24.03
C SER A 293 -12.55 -16.22 23.11
N ILE A 294 -11.51 -16.15 22.24
CA ILE A 294 -11.39 -15.06 21.28
C ILE A 294 -11.36 -15.68 19.89
N PHE A 295 -12.53 -15.74 19.29
CA PHE A 295 -12.67 -16.32 17.97
C PHE A 295 -11.93 -15.51 16.93
N ASP A 296 -11.15 -16.23 16.10
CA ASP A 296 -10.34 -15.68 15.03
C ASP A 296 -10.99 -15.97 13.68
N ALA A 297 -11.68 -14.96 13.16
CA ALA A 297 -12.50 -15.10 11.97
C ALA A 297 -11.62 -15.33 10.75
N GLY A 298 -10.37 -14.85 10.84
CA GLY A 298 -9.44 -15.03 9.73
C GLY A 298 -9.04 -16.48 9.48
N LEU A 299 -9.23 -17.38 10.48
CA LEU A 299 -8.69 -18.74 10.40
C LEU A 299 -9.79 -19.73 10.05
N THR A 300 -11.02 -19.26 9.88
CA THR A 300 -12.13 -20.12 9.52
C THR A 300 -11.92 -20.69 8.13
N LYS A 301 -12.14 -22.02 8.02
CA LYS A 301 -12.10 -22.69 6.73
C LYS A 301 -13.28 -23.64 6.62
N VAL A 302 -13.77 -23.81 5.36
CA VAL A 302 -14.83 -24.74 5.08
C VAL A 302 -14.48 -25.55 3.84
N SER A 303 -14.70 -26.88 3.94
CA SER A 303 -14.56 -27.77 2.79
C SER A 303 -15.76 -28.71 2.81
N GLY A 304 -16.72 -28.43 1.92
CA GLY A 304 -17.96 -29.17 1.82
C GLY A 304 -18.77 -29.01 3.09
N ASN A 305 -18.95 -30.12 3.83
CA ASN A 305 -19.62 -30.06 5.13
C ASN A 305 -18.61 -30.09 6.28
N THR A 306 -17.31 -29.90 5.97
CA THR A 306 -16.28 -29.91 7.00
C THR A 306 -15.87 -28.47 7.32
N VAL A 307 -15.79 -28.13 8.61
CA VAL A 307 -15.55 -26.74 9.04
C VAL A 307 -14.41 -26.73 10.06
N LYS A 308 -13.48 -25.78 9.91
CA LYS A 308 -12.41 -25.59 10.89
C LYS A 308 -12.51 -24.18 11.45
N VAL A 309 -12.57 -24.09 12.79
CA VAL A 309 -12.58 -22.79 13.46
C VAL A 309 -11.50 -22.79 14.55
N VAL A 310 -11.02 -21.58 14.86
CA VAL A 310 -9.92 -21.40 15.80
C VAL A 310 -10.26 -20.27 16.77
N SER A 311 -10.15 -20.52 18.07
CA SER A 311 -10.36 -19.50 19.08
C SER A 311 -9.17 -19.45 20.02
N TRP A 312 -8.73 -18.22 20.32
CA TRP A 312 -7.62 -18.00 21.25
C TRP A 312 -8.09 -17.96 22.69
N TYR A 313 -7.16 -18.22 23.63
CA TYR A 313 -7.36 -17.98 25.05
C TYR A 313 -6.02 -17.79 25.76
N ASP A 314 -6.00 -16.83 26.69
CA ASP A 314 -4.94 -16.79 27.68
C ASP A 314 -5.33 -17.81 28.75
N ASN A 315 -4.65 -18.95 28.70
CA ASN A 315 -4.98 -20.08 29.56
C ASN A 315 -4.78 -19.75 31.03
N GLU A 316 -4.03 -18.67 31.32
CA GLU A 316 -3.95 -18.20 32.70
C GLU A 316 -5.05 -17.18 32.95
N TRP A 317 -4.94 -15.98 32.36
CA TRP A 317 -5.74 -14.81 32.73
C TRP A 317 -7.19 -14.98 32.27
N GLY A 318 -7.38 -15.46 31.05
CA GLY A 318 -8.72 -15.63 30.49
C GLY A 318 -9.56 -16.65 31.27
N TYR A 319 -8.96 -17.80 31.53
CA TYR A 319 -9.56 -18.81 32.38
C TYR A 319 -9.87 -18.23 33.74
N THR A 320 -8.92 -17.48 34.30
CA THR A 320 -9.12 -16.92 35.63
C THR A 320 -10.29 -15.95 35.68
N CYS A 321 -10.43 -15.13 34.62
CA CYS A 321 -11.50 -14.14 34.54
C CYS A 321 -12.85 -14.88 34.46
N GLN A 322 -12.83 -16.04 33.80
CA GLN A 322 -14.03 -16.88 33.76
C GLN A 322 -14.32 -17.47 35.14
N LEU A 323 -13.30 -17.89 35.86
CA LEU A 323 -13.47 -18.46 37.18
C LEU A 323 -13.97 -17.42 38.18
N LEU A 324 -13.49 -16.17 38.01
CA LEU A 324 -13.93 -15.05 38.83
C LEU A 324 -15.40 -14.74 38.52
N ARG A 325 -15.81 -14.70 37.25
CA ARG A 325 -17.23 -14.54 36.89
C ARG A 325 -18.09 -15.60 37.57
N LEU A 326 -17.61 -16.84 37.63
CA LEU A 326 -18.34 -17.90 38.32
C LEU A 326 -18.37 -17.65 39.83
N THR A 327 -17.23 -17.26 40.39
CA THR A 327 -17.13 -16.92 41.80
C THR A 327 -18.12 -15.80 42.16
N GLU A 328 -18.19 -14.73 41.34
CA GLU A 328 -19.09 -13.62 41.54
C GLU A 328 -20.55 -14.09 41.60
N LEU A 329 -20.93 -15.09 40.78
CA LEU A 329 -22.29 -15.63 40.81
C LEU A 329 -22.59 -16.36 42.12
N VAL A 330 -21.70 -17.25 42.54
CA VAL A 330 -21.83 -17.98 43.78
C VAL A 330 -21.91 -17.00 44.94
N ALA A 331 -21.10 -15.93 44.87
CA ALA A 331 -21.05 -14.89 45.89
C ALA A 331 -22.36 -14.09 45.95
N SER A 332 -23.06 -13.98 44.81
CA SER A 332 -24.26 -13.18 44.75
C SER A 332 -25.46 -13.92 45.37
N LYS A 333 -25.37 -15.23 45.60
CA LYS A 333 -26.49 -16.00 46.12
C LYS A 333 -26.20 -16.56 47.52
N LEU A 334 -27.19 -17.26 48.06
CA LEU A 334 -27.15 -17.87 49.38
C LEU A 334 -25.97 -18.85 49.49
N LEU A 335 -25.32 -18.80 50.67
CA LEU A 335 -24.09 -19.53 50.89
C LEU A 335 -24.25 -20.57 52.01
N THR B 2 3.90 22.97 22.37
CA THR B 2 4.00 21.65 21.70
C THR B 2 5.11 21.68 20.66
N ILE B 3 6.12 20.83 20.83
CA ILE B 3 7.14 20.62 19.81
C ILE B 3 6.77 19.40 18.97
N ARG B 4 6.97 19.53 17.66
CA ARG B 4 6.57 18.53 16.69
C ARG B 4 7.78 17.68 16.33
N VAL B 5 7.57 16.35 16.41
CA VAL B 5 8.60 15.36 16.19
C VAL B 5 8.29 14.51 14.97
N GLY B 6 9.35 14.14 14.24
CA GLY B 6 9.31 13.18 13.16
C GLY B 6 10.12 11.95 13.57
N ILE B 7 9.72 10.76 13.07
CA ILE B 7 10.51 9.57 13.33
C ILE B 7 10.92 8.96 11.99
N ASN B 8 12.23 8.82 11.80
CA ASN B 8 12.76 8.13 10.65
C ASN B 8 13.24 6.75 11.07
N GLY B 9 12.52 5.73 10.58
CA GLY B 9 12.77 4.37 11.00
C GLY B 9 11.80 3.94 12.10
N PHE B 10 10.62 3.43 11.68
CA PHE B 10 9.55 3.13 12.63
C PHE B 10 9.65 1.68 13.10
N GLY B 11 10.78 1.34 13.72
CA GLY B 11 11.13 -0.01 14.11
C GLY B 11 10.94 -0.25 15.61
N ARG B 12 11.72 -1.16 16.19
CA ARG B 12 11.59 -1.40 17.62
C ARG B 12 11.74 -0.05 18.36
N ILE B 13 12.86 0.64 18.13
CA ILE B 13 13.12 1.88 18.85
C ILE B 13 12.14 2.97 18.40
N GLY B 14 11.87 3.12 17.10
CA GLY B 14 10.94 4.13 16.61
C GLY B 14 9.56 4.02 17.25
N ARG B 15 9.04 2.79 17.38
CA ARG B 15 7.69 2.58 17.90
C ARG B 15 7.71 2.65 19.42
N ASN B 16 8.79 2.18 20.04
CA ASN B 16 8.96 2.42 21.47
C ASN B 16 8.91 3.93 21.73
N PHE B 17 9.60 4.70 20.91
CA PHE B 17 9.68 6.16 21.07
C PHE B 17 8.30 6.81 20.87
N PHE B 18 7.56 6.35 19.85
CA PHE B 18 6.21 6.83 19.60
C PHE B 18 5.35 6.64 20.86
N ARG B 19 5.33 5.44 21.43
CA ARG B 19 4.54 5.16 22.60
C ARG B 19 5.06 5.91 23.83
N ALA B 20 6.39 6.07 23.95
CA ALA B 20 6.98 6.83 25.06
C ALA B 20 6.47 8.28 25.01
N VAL B 21 6.45 8.88 23.82
CA VAL B 21 5.97 10.24 23.66
C VAL B 21 4.52 10.32 24.07
N LEU B 22 3.69 9.44 23.50
CA LEU B 22 2.26 9.48 23.71
C LEU B 22 1.98 9.29 25.20
N GLU B 23 2.74 8.42 25.85
CA GLU B 23 2.37 8.01 27.17
C GLU B 23 2.97 8.95 28.22
N ARG B 24 4.14 9.52 27.95
CA ARG B 24 4.94 10.16 28.99
C ARG B 24 5.08 11.68 28.86
N SER B 25 4.91 12.25 27.67
CA SER B 25 5.29 13.63 27.36
C SER B 25 4.04 14.51 27.36
N ASP B 26 4.18 15.70 27.93
CA ASP B 26 3.14 16.70 27.99
C ASP B 26 3.35 17.72 26.88
N ASP B 27 4.46 17.66 26.13
CA ASP B 27 4.83 18.82 25.35
C ASP B 27 5.41 18.44 23.98
N LEU B 28 5.38 17.16 23.62
CA LEU B 28 5.84 16.69 22.32
C LEU B 28 4.70 15.96 21.64
N GLU B 29 4.64 16.03 20.31
CA GLU B 29 3.76 15.13 19.59
C GLU B 29 4.48 14.67 18.34
N VAL B 30 4.23 13.41 18.01
CA VAL B 30 4.79 12.87 16.79
C VAL B 30 3.76 13.13 15.70
N VAL B 31 4.22 13.74 14.60
CA VAL B 31 3.30 14.16 13.55
C VAL B 31 3.66 13.59 12.18
N ALA B 32 4.83 12.96 12.03
CA ALA B 32 5.15 12.31 10.78
C ALA B 32 6.14 11.17 11.02
N VAL B 33 6.05 10.12 10.22
CA VAL B 33 6.99 9.01 10.32
C VAL B 33 7.33 8.50 8.92
N ASN B 34 8.54 7.96 8.81
CA ASN B 34 9.00 7.35 7.58
C ASN B 34 9.50 5.93 7.83
N ASP B 35 9.15 5.00 6.94
CA ASP B 35 9.69 3.64 7.00
C ASP B 35 9.78 3.12 5.55
N LEU B 36 9.60 1.81 5.38
CA LEU B 36 9.72 1.14 4.08
C LEU B 36 8.53 0.23 3.85
N THR B 37 7.34 0.61 4.30
CA THR B 37 6.23 -0.32 4.18
C THR B 37 4.95 0.48 3.99
N ASP B 38 3.83 -0.22 3.92
CA ASP B 38 2.57 0.43 3.69
C ASP B 38 1.92 0.72 5.05
N ASN B 39 0.81 1.45 4.99
CA ASN B 39 0.17 2.03 6.17
C ASN B 39 -0.65 0.97 6.88
N LYS B 40 -1.22 0.03 6.13
CA LYS B 40 -1.82 -1.13 6.76
C LYS B 40 -0.80 -1.86 7.66
N THR B 41 0.41 -2.12 7.14
CA THR B 41 1.45 -2.83 7.89
C THR B 41 1.91 -2.03 9.10
N LEU B 42 2.24 -0.76 8.88
CA LEU B 42 2.79 0.09 9.92
C LEU B 42 1.79 0.36 11.03
N SER B 43 0.50 0.55 10.71
CA SER B 43 -0.48 0.73 11.75
C SER B 43 -0.65 -0.56 12.58
N THR B 44 -0.58 -1.72 11.91
CA THR B 44 -0.74 -3.01 12.59
C THR B 44 0.37 -3.18 13.63
N LEU B 45 1.61 -2.89 13.20
CA LEU B 45 2.76 -3.02 14.08
C LEU B 45 2.71 -2.01 15.24
N LEU B 46 2.06 -0.86 15.02
CA LEU B 46 1.89 0.16 16.07
C LEU B 46 0.87 -0.33 17.09
N LYS B 47 -0.21 -0.91 16.58
CA LYS B 47 -1.35 -1.33 17.38
C LYS B 47 -0.97 -2.56 18.21
N PHE B 48 -0.23 -3.49 17.62
CA PHE B 48 0.06 -4.75 18.29
C PHE B 48 1.56 -4.90 18.48
N ASP B 49 1.97 -5.26 19.70
CA ASP B 49 3.40 -5.33 19.99
C ASP B 49 3.67 -6.58 20.82
N SER B 50 4.61 -7.43 20.36
CA SER B 50 4.86 -8.69 21.05
C SER B 50 5.48 -8.51 22.42
N ILE B 51 6.00 -7.31 22.67
CA ILE B 51 6.67 -6.97 23.93
C ILE B 51 5.79 -6.06 24.77
N MET B 52 5.28 -4.98 24.16
CA MET B 52 4.62 -3.92 24.88
C MET B 52 3.12 -4.17 25.03
N GLY B 53 2.56 -5.16 24.32
CA GLY B 53 1.13 -5.34 24.32
C GLY B 53 0.42 -4.37 23.38
N ARG B 54 -0.92 -4.42 23.39
CA ARG B 54 -1.75 -3.59 22.54
C ARG B 54 -1.66 -2.13 22.97
N LEU B 55 -1.63 -1.26 21.97
CA LEU B 55 -1.76 0.17 22.19
C LEU B 55 -3.18 0.39 22.70
N GLY B 56 -3.33 1.14 23.77
CA GLY B 56 -4.66 1.37 24.31
C GLY B 56 -5.33 2.61 23.70
N GLN B 57 -5.08 2.90 22.42
CA GLN B 57 -5.85 3.91 21.71
C GLN B 57 -6.25 3.37 20.36
N GLU B 58 -7.27 4.00 19.74
CA GLU B 58 -7.76 3.58 18.43
C GLU B 58 -6.73 3.91 17.36
N VAL B 59 -6.57 3.00 16.41
CA VAL B 59 -5.59 3.18 15.34
C VAL B 59 -6.29 2.85 14.03
N GLU B 60 -6.33 3.83 13.14
CA GLU B 60 -6.90 3.68 11.81
C GLU B 60 -5.81 4.04 10.82
N TYR B 61 -6.03 3.74 9.52
CA TYR B 61 -5.10 4.17 8.50
C TYR B 61 -5.83 4.42 7.19
N ASP B 62 -5.15 5.12 6.29
CA ASP B 62 -5.63 5.29 4.94
C ASP B 62 -4.38 5.37 4.09
N ASP B 63 -4.50 5.81 2.83
CA ASP B 63 -3.39 5.61 1.91
C ASP B 63 -2.36 6.74 2.09
N ASP B 64 -2.59 7.64 3.04
CA ASP B 64 -1.79 8.83 3.24
C ASP B 64 -1.18 8.92 4.66
N SER B 65 -1.75 8.17 5.61
CA SER B 65 -1.64 8.53 7.01
C SER B 65 -2.02 7.37 7.90
N ILE B 66 -1.64 7.51 9.19
CA ILE B 66 -2.28 6.73 10.24
C ILE B 66 -2.82 7.71 11.28
N THR B 67 -3.94 7.33 11.88
CA THR B 67 -4.61 8.15 12.86
C THR B 67 -4.63 7.41 14.19
N VAL B 68 -4.11 8.07 15.22
CA VAL B 68 -4.01 7.45 16.53
C VAL B 68 -4.75 8.31 17.53
N GLY B 69 -5.77 7.75 18.19
CA GLY B 69 -6.59 8.51 19.14
C GLY B 69 -7.12 9.80 18.51
N GLY B 70 -7.42 9.72 17.21
CA GLY B 70 -8.02 10.83 16.50
C GLY B 70 -7.00 11.84 15.98
N LYS B 71 -5.71 11.59 16.16
CA LYS B 71 -4.70 12.53 15.68
C LYS B 71 -3.99 11.97 14.45
N ARG B 72 -4.03 12.71 13.34
CA ARG B 72 -3.51 12.24 12.06
C ARG B 72 -1.99 12.38 12.02
N ILE B 73 -1.33 11.27 11.67
CA ILE B 73 0.11 11.21 11.51
C ILE B 73 0.41 11.00 10.04
N ALA B 74 1.26 11.84 9.41
CA ALA B 74 1.67 11.60 8.03
C ALA B 74 2.68 10.46 7.94
N VAL B 75 2.56 9.61 6.91
CA VAL B 75 3.47 8.48 6.76
C VAL B 75 4.13 8.52 5.40
N TYR B 76 5.45 8.27 5.38
CA TYR B 76 6.23 8.16 4.16
C TYR B 76 6.92 6.79 4.08
N ALA B 77 7.39 6.48 2.87
CA ALA B 77 8.19 5.28 2.66
C ALA B 77 9.33 5.62 1.69
N GLU B 78 10.20 6.55 2.14
CA GLU B 78 11.35 7.01 1.38
C GLU B 78 12.62 6.45 2.01
N ARG B 79 13.30 5.63 1.21
CA ARG B 79 14.53 4.95 1.57
C ARG B 79 15.62 6.00 1.81
N ASP B 80 15.55 7.08 1.04
CA ASP B 80 16.56 8.12 1.06
C ASP B 80 15.95 9.36 1.69
N PRO B 81 16.48 9.85 2.84
CA PRO B 81 15.87 10.97 3.55
C PRO B 81 15.85 12.26 2.72
N LYS B 82 16.71 12.31 1.69
CA LYS B 82 16.72 13.38 0.71
C LYS B 82 15.34 13.62 0.12
N ASN B 83 14.53 12.55 0.02
CA ASN B 83 13.20 12.63 -0.58
C ASN B 83 12.12 12.99 0.44
N LEU B 84 12.49 13.25 1.70
CA LEU B 84 11.51 13.62 2.72
C LEU B 84 11.36 15.13 2.72
N ASP B 85 10.24 15.60 3.26
CA ASP B 85 10.03 17.00 3.57
C ASP B 85 9.42 17.12 4.96
N TRP B 86 10.29 17.29 5.95
CA TRP B 86 9.87 17.47 7.33
C TRP B 86 9.14 18.82 7.55
N ALA B 87 9.55 19.87 6.81
CA ALA B 87 9.04 21.22 7.03
C ALA B 87 7.55 21.31 6.65
N ALA B 88 7.12 20.42 5.75
CA ALA B 88 5.73 20.35 5.32
C ALA B 88 4.81 20.01 6.50
N HIS B 89 5.37 19.51 7.61
CA HIS B 89 4.57 19.18 8.78
C HIS B 89 5.03 19.99 9.99
N ASN B 90 5.77 21.08 9.73
CA ASN B 90 6.30 21.92 10.78
C ASN B 90 6.98 21.07 11.89
N VAL B 91 7.81 20.11 11.47
CA VAL B 91 8.53 19.24 12.39
C VAL B 91 9.80 19.93 12.88
N ASP B 92 9.98 19.94 14.19
CA ASP B 92 11.12 20.56 14.85
C ASP B 92 12.28 19.57 15.00
N ILE B 93 11.99 18.36 15.53
CA ILE B 93 13.00 17.34 15.88
C ILE B 93 12.69 16.03 15.17
N VAL B 94 13.74 15.44 14.57
CA VAL B 94 13.66 14.12 13.97
C VAL B 94 14.50 13.15 14.82
N ILE B 95 13.87 12.03 15.21
CA ILE B 95 14.55 10.85 15.69
C ILE B 95 14.99 9.99 14.51
N GLU B 96 16.28 9.70 14.42
CA GLU B 96 16.84 8.88 13.37
C GLU B 96 17.13 7.49 13.92
N SER B 97 16.21 6.58 13.64
CA SER B 97 16.16 5.26 14.24
C SER B 97 16.05 4.15 13.19
N THR B 98 16.54 4.35 11.96
CA THR B 98 16.59 3.29 10.96
C THR B 98 17.72 2.30 11.21
N GLY B 99 18.79 2.78 11.82
CA GLY B 99 19.99 1.99 11.94
C GLY B 99 20.91 2.16 10.73
N PHE B 100 20.47 2.90 9.71
CA PHE B 100 21.25 3.06 8.48
C PHE B 100 21.86 4.46 8.37
N PHE B 101 21.55 5.38 9.28
CA PHE B 101 22.01 6.75 9.12
C PHE B 101 22.72 7.21 10.39
N THR B 102 23.52 6.32 10.97
CA THR B 102 24.26 6.66 12.16
C THR B 102 25.45 7.58 11.83
N ASP B 103 25.78 7.73 10.53
CA ASP B 103 26.71 8.76 10.11
C ASP B 103 25.96 10.08 10.05
N ALA B 104 26.41 11.05 10.86
CA ALA B 104 25.77 12.35 10.93
C ALA B 104 25.81 13.09 9.61
N ASN B 105 26.76 12.77 8.71
CA ASN B 105 26.78 13.43 7.40
C ASN B 105 25.66 12.91 6.49
N ALA B 106 25.12 11.72 6.77
CA ALA B 106 23.93 11.20 6.10
C ALA B 106 22.68 11.67 6.82
N ALA B 107 22.71 11.66 8.17
CA ALA B 107 21.58 12.07 9.00
C ALA B 107 21.26 13.56 8.85
N LYS B 108 22.27 14.36 8.54
CA LYS B 108 22.05 15.80 8.37
C LYS B 108 21.09 16.09 7.20
N ALA B 109 20.85 15.10 6.32
CA ALA B 109 19.85 15.24 5.26
C ALA B 109 18.49 15.59 5.86
N HIS B 110 18.18 15.15 7.09
CA HIS B 110 16.93 15.53 7.73
C HIS B 110 16.82 17.05 7.92
N ILE B 111 17.96 17.68 8.25
CA ILE B 111 18.02 19.13 8.40
C ILE B 111 17.89 19.78 7.03
N GLU B 112 18.58 19.27 6.02
CA GLU B 112 18.38 19.78 4.66
C GLU B 112 16.90 19.65 4.28
N ALA B 113 16.22 18.60 4.78
CA ALA B 113 14.81 18.37 4.51
C ALA B 113 13.87 19.09 5.48
N GLY B 114 14.35 20.02 6.33
CA GLY B 114 13.44 20.94 7.02
C GLY B 114 13.43 20.85 8.55
N ALA B 115 13.99 19.81 9.15
CA ALA B 115 14.01 19.74 10.60
C ALA B 115 15.16 20.59 11.15
N LYS B 116 15.03 21.03 12.40
CA LYS B 116 16.04 21.83 13.07
C LYS B 116 17.06 20.95 13.79
N LYS B 117 16.62 19.79 14.29
CA LYS B 117 17.45 18.94 15.12
C LYS B 117 17.24 17.49 14.73
N VAL B 118 18.31 16.71 14.81
CA VAL B 118 18.27 15.28 14.57
C VAL B 118 18.88 14.59 15.79
N ILE B 119 18.20 13.56 16.33
CA ILE B 119 18.72 12.73 17.41
C ILE B 119 18.82 11.31 16.88
N ILE B 120 20.05 10.83 16.77
CA ILE B 120 20.39 9.49 16.35
C ILE B 120 20.30 8.56 17.56
N SER B 121 19.50 7.50 17.39
CA SER B 121 19.13 6.55 18.41
C SER B 121 20.21 5.48 18.54
N ALA B 122 21.47 5.90 18.51
CA ALA B 122 22.59 4.98 18.36
C ALA B 122 23.91 5.75 18.49
N PRO B 123 25.02 5.04 18.80
CA PRO B 123 26.34 5.63 18.60
C PRO B 123 26.43 6.11 17.15
N ALA B 124 26.97 7.32 16.94
CA ALA B 124 27.05 7.94 15.63
C ALA B 124 28.52 8.10 15.19
N SER B 125 28.72 8.45 13.92
CA SER B 125 29.97 9.03 13.47
C SER B 125 29.71 10.46 13.02
N ASN B 126 30.65 11.38 13.28
CA ASN B 126 30.63 12.73 12.73
C ASN B 126 29.57 13.57 13.42
N GLU B 127 29.03 13.11 14.56
CA GLU B 127 27.96 13.86 15.21
C GLU B 127 28.53 15.12 15.85
N ASP B 128 27.65 16.06 16.16
CA ASP B 128 28.02 17.27 16.86
C ASP B 128 28.35 16.94 18.31
N ALA B 129 27.65 15.94 18.88
CA ALA B 129 27.75 15.57 20.30
C ALA B 129 27.02 14.24 20.58
N THR B 130 27.52 13.54 21.61
CA THR B 130 26.88 12.33 22.13
C THR B 130 26.48 12.58 23.59
N PHE B 131 25.32 12.07 24.01
CA PHE B 131 24.80 12.32 25.33
C PHE B 131 24.17 11.07 25.95
N VAL B 132 24.47 10.87 27.23
CA VAL B 132 23.67 10.00 28.10
C VAL B 132 22.96 10.88 29.10
N TYR B 133 21.64 10.91 29.00
CA TYR B 133 20.87 11.74 29.90
C TYR B 133 21.17 11.37 31.34
N GLY B 134 21.39 12.42 32.14
CA GLY B 134 21.73 12.27 33.53
C GLY B 134 23.23 12.27 33.78
N VAL B 135 24.02 12.03 32.75
CA VAL B 135 25.47 11.92 32.87
C VAL B 135 26.10 13.20 32.30
N ASN B 136 25.78 13.58 31.06
CA ASN B 136 26.50 14.72 30.50
C ASN B 136 25.59 15.65 29.70
N HIS B 137 24.28 15.62 29.97
CA HIS B 137 23.35 16.42 29.19
C HIS B 137 23.49 17.92 29.43
N GLU B 138 24.13 18.32 30.54
CA GLU B 138 24.27 19.72 30.84
C GLU B 138 25.23 20.37 29.86
N SER B 139 26.09 19.60 29.18
CA SER B 139 26.95 20.18 28.16
C SER B 139 26.27 20.30 26.79
N TYR B 140 24.95 20.02 26.69
CA TYR B 140 24.21 20.27 25.44
C TYR B 140 24.27 21.77 25.11
N ASP B 141 24.67 22.04 23.87
CA ASP B 141 24.82 23.41 23.37
C ASP B 141 23.79 23.63 22.27
N PRO B 142 22.68 24.36 22.56
CA PRO B 142 21.56 24.44 21.62
C PRO B 142 21.79 25.20 20.33
N GLU B 143 22.89 25.99 20.25
CA GLU B 143 23.27 26.71 19.05
C GLU B 143 24.07 25.82 18.13
N ASN B 144 24.99 25.02 18.71
CA ASN B 144 25.96 24.25 17.94
C ASN B 144 25.68 22.74 17.93
N HIS B 145 24.78 22.24 18.77
CA HIS B 145 24.55 20.79 18.76
C HIS B 145 23.24 20.50 18.03
N ASN B 146 23.35 20.17 16.74
CA ASN B 146 22.18 20.01 15.88
C ASN B 146 21.94 18.57 15.45
N VAL B 147 22.99 17.81 15.13
CA VAL B 147 22.86 16.39 14.87
C VAL B 147 23.63 15.69 15.99
N ILE B 148 22.88 15.04 16.87
CA ILE B 148 23.41 14.48 18.11
C ILE B 148 23.05 12.99 18.17
N SER B 149 23.78 12.27 19.01
CA SER B 149 23.55 10.89 19.38
C SER B 149 23.03 10.78 20.81
N GLY B 150 22.10 9.85 21.06
CA GLY B 150 21.73 9.48 22.41
C GLY B 150 22.43 8.20 22.86
N ALA B 151 23.55 7.87 22.18
CA ALA B 151 24.40 6.74 22.52
C ALA B 151 23.65 5.41 22.37
N SER B 152 24.18 4.33 22.93
CA SER B 152 23.55 3.02 22.85
C SER B 152 22.79 2.66 24.13
N CYS B 153 22.02 1.58 24.07
CA CYS B 153 21.32 1.07 25.26
C CYS B 153 22.33 0.75 26.36
N THR B 154 23.42 0.05 26.00
CA THR B 154 24.39 -0.43 26.97
C THR B 154 25.15 0.76 27.57
N THR B 155 25.42 1.78 26.75
CA THR B 155 26.11 2.96 27.25
C THR B 155 25.26 3.68 28.30
N ASN B 156 23.95 3.82 28.05
CA ASN B 156 23.01 4.44 28.97
C ASN B 156 22.86 3.68 30.29
N CYS B 157 23.16 2.38 30.26
CA CYS B 157 23.21 1.56 31.45
C CYS B 157 24.57 1.73 32.16
N LEU B 158 25.68 1.65 31.41
CA LEU B 158 26.99 1.63 32.04
C LEU B 158 27.39 3.00 32.57
N ALA B 159 27.12 4.06 31.82
CA ALA B 159 27.74 5.34 32.11
C ALA B 159 27.30 5.88 33.46
N PRO B 160 25.99 5.79 33.81
CA PRO B 160 25.52 6.34 35.08
C PRO B 160 26.18 5.67 36.27
N MET B 161 26.27 4.34 36.22
CA MET B 161 26.96 3.53 37.22
C MET B 161 28.47 3.88 37.24
N ALA B 162 29.11 3.92 36.08
CA ALA B 162 30.56 4.20 36.03
C ALA B 162 30.87 5.58 36.61
N LYS B 163 30.02 6.57 36.35
CA LYS B 163 30.24 7.91 36.84
C LYS B 163 30.25 7.94 38.38
N VAL B 164 29.25 7.29 38.99
CA VAL B 164 29.09 7.28 40.45
C VAL B 164 30.29 6.58 41.10
N LEU B 165 30.69 5.45 40.52
CA LEU B 165 31.74 4.64 41.13
C LEU B 165 33.11 5.26 40.86
N ASN B 166 33.27 5.91 39.70
CA ASN B 166 34.55 6.52 39.40
C ASN B 166 34.72 7.76 40.27
N ASP B 167 33.70 8.60 40.37
CA ASP B 167 33.72 9.78 41.23
C ASP B 167 34.07 9.43 42.68
N LYS B 168 33.60 8.29 43.21
CA LYS B 168 33.75 8.02 44.63
C LYS B 168 35.10 7.37 44.92
N PHE B 169 35.54 6.49 44.03
CA PHE B 169 36.60 5.56 44.38
C PHE B 169 37.76 5.62 43.40
N GLY B 170 37.48 5.98 42.15
CA GLY B 170 38.51 5.92 41.12
C GLY B 170 38.57 4.57 40.44
N ILE B 171 38.10 4.55 39.19
CA ILE B 171 38.24 3.38 38.34
C ILE B 171 39.61 3.44 37.68
N GLU B 172 40.41 2.39 37.85
CA GLU B 172 41.72 2.34 37.21
C GLU B 172 41.57 1.82 35.80
N ASN B 173 41.03 0.59 35.67
CA ASN B 173 40.63 0.01 34.41
C ASN B 173 39.43 -0.88 34.72
N GLY B 174 38.60 -1.09 33.72
CA GLY B 174 37.46 -1.98 33.85
C GLY B 174 37.11 -2.64 32.53
N LEU B 175 36.65 -3.89 32.65
CA LEU B 175 36.19 -4.60 31.49
C LEU B 175 34.78 -5.09 31.73
N MET B 176 33.96 -4.96 30.69
CA MET B 176 32.52 -5.17 30.79
C MET B 176 32.07 -6.34 29.90
N THR B 177 31.08 -7.06 30.39
CA THR B 177 30.30 -8.00 29.58
C THR B 177 28.84 -7.64 29.75
N THR B 178 28.12 -7.34 28.67
CA THR B 178 26.68 -7.18 28.70
C THR B 178 26.03 -8.47 28.20
N VAL B 179 25.18 -9.07 29.04
CA VAL B 179 24.35 -10.20 28.71
C VAL B 179 23.00 -9.60 28.26
N HIS B 180 22.70 -9.73 26.98
CA HIS B 180 21.88 -8.78 26.27
C HIS B 180 20.85 -9.52 25.43
N ALA B 181 19.57 -9.08 25.53
CA ALA B 181 18.52 -9.57 24.67
C ALA B 181 18.96 -9.55 23.23
N TYR B 182 18.47 -10.51 22.45
CA TYR B 182 18.69 -10.46 21.03
C TYR B 182 17.99 -9.25 20.43
N THR B 183 18.53 -8.77 19.30
CA THR B 183 18.00 -7.65 18.55
C THR B 183 17.83 -8.02 17.06
N GLY B 184 17.18 -7.14 16.30
CA GLY B 184 16.81 -7.43 14.93
C GLY B 184 18.00 -7.44 13.97
N ASP B 185 19.19 -7.04 14.43
CA ASP B 185 20.43 -7.14 13.70
C ASP B 185 20.87 -8.61 13.59
N GLN B 186 20.37 -9.49 14.49
CA GLN B 186 20.74 -10.89 14.49
C GLN B 186 19.80 -11.71 13.58
N ARG B 187 20.22 -12.90 13.17
CA ARG B 187 19.42 -13.73 12.27
C ARG B 187 18.54 -14.71 13.04
N LEU B 188 17.32 -14.95 12.55
CA LEU B 188 16.46 -15.96 13.18
C LEU B 188 16.99 -17.38 12.95
N HIS B 189 17.51 -17.61 11.73
CA HIS B 189 18.12 -18.87 11.31
C HIS B 189 19.52 -18.57 10.78
N ASP B 190 20.46 -19.49 10.97
CA ASP B 190 21.83 -19.28 10.50
C ASP B 190 21.80 -18.72 9.09
N ALA B 191 22.40 -17.55 8.88
CA ALA B 191 22.37 -16.92 7.58
C ALA B 191 23.50 -15.90 7.49
N PRO B 192 23.94 -15.48 6.28
CA PRO B 192 25.04 -14.53 6.15
C PRO B 192 24.83 -13.24 6.94
N HIS B 193 25.89 -12.80 7.60
CA HIS B 193 25.95 -11.54 8.33
C HIS B 193 27.41 -11.12 8.27
N ARG B 194 27.72 -9.81 8.30
CA ARG B 194 29.12 -9.44 8.31
C ARG B 194 29.78 -9.93 9.59
N ASP B 195 29.00 -10.12 10.68
CA ASP B 195 29.51 -10.69 11.91
C ASP B 195 29.13 -12.17 11.96
N LEU B 196 30.14 -13.05 11.93
CA LEU B 196 29.96 -14.47 11.74
C LEU B 196 29.23 -15.11 12.90
N ARG B 197 29.20 -14.43 14.05
CA ARG B 197 28.51 -14.96 15.20
C ARG B 197 27.08 -14.44 15.24
N ARG B 198 26.82 -13.17 14.85
CA ARG B 198 25.45 -12.72 14.75
C ARG B 198 24.68 -13.36 13.58
N ALA B 199 25.43 -14.00 12.65
CA ALA B 199 24.89 -14.87 11.62
C ALA B 199 24.07 -16.02 12.20
N ARG B 200 24.27 -16.39 13.47
CA ARG B 200 23.75 -17.64 13.99
C ARG B 200 22.39 -17.45 14.71
N ALA B 201 21.50 -18.42 14.49
CA ALA B 201 20.17 -18.48 15.04
C ALA B 201 20.13 -17.85 16.43
N ALA B 202 19.49 -16.69 16.53
CA ALA B 202 19.54 -15.87 17.72
C ALA B 202 18.80 -16.47 18.91
N ALA B 203 17.69 -17.21 18.70
CA ALA B 203 16.88 -17.59 19.83
C ALA B 203 17.26 -18.96 20.40
N VAL B 204 18.35 -19.57 19.92
CA VAL B 204 18.82 -20.83 20.50
C VAL B 204 20.29 -20.77 20.82
N ASN B 205 20.88 -19.58 20.76
CA ASN B 205 22.32 -19.46 20.96
C ASN B 205 22.64 -18.37 21.98
N ILE B 206 23.73 -18.61 22.75
CA ILE B 206 24.53 -17.57 23.36
C ILE B 206 25.49 -17.09 22.29
N VAL B 207 25.37 -15.81 21.89
CA VAL B 207 26.11 -15.26 20.78
C VAL B 207 27.06 -14.17 21.27
N PRO B 208 28.38 -14.42 21.36
CA PRO B 208 29.35 -13.34 21.61
C PRO B 208 29.48 -12.37 20.43
N THR B 209 29.56 -11.09 20.75
CA THR B 209 29.67 -10.05 19.73
C THR B 209 30.17 -8.75 20.38
N SER B 210 30.40 -7.76 19.54
CA SER B 210 30.93 -6.50 20.02
C SER B 210 29.83 -5.59 20.58
N THR B 211 30.31 -4.61 21.34
CA THR B 211 29.57 -3.48 21.88
C THR B 211 30.61 -2.34 21.89
N GLY B 212 30.25 -1.17 21.38
CA GLY B 212 31.16 -0.04 21.47
C GLY B 212 30.89 0.74 22.76
N ALA B 213 30.01 0.18 23.60
CA ALA B 213 29.53 0.84 24.79
C ALA B 213 30.67 1.26 25.70
N ALA B 214 31.64 0.40 25.93
CA ALA B 214 32.63 0.72 26.97
C ALA B 214 33.53 1.89 26.55
N LYS B 215 33.98 1.91 25.30
CA LYS B 215 34.69 3.09 24.82
C LYS B 215 33.73 4.28 24.59
N ALA B 216 32.48 4.04 24.19
CA ALA B 216 31.49 5.10 24.08
C ALA B 216 31.20 5.76 25.42
N VAL B 217 31.33 5.00 26.52
CA VAL B 217 31.19 5.55 27.87
C VAL B 217 32.14 6.72 28.00
N ALA B 218 33.37 6.58 27.44
CA ALA B 218 34.40 7.62 27.56
C ALA B 218 34.07 8.86 26.72
N LEU B 219 33.18 8.76 25.71
CA LEU B 219 32.66 9.94 25.02
C LEU B 219 31.88 10.83 25.97
N VAL B 220 31.17 10.21 26.93
CA VAL B 220 30.34 11.03 27.81
C VAL B 220 31.05 11.24 29.14
N LEU B 221 32.05 10.42 29.47
CA LEU B 221 32.85 10.60 30.67
C LEU B 221 34.32 10.57 30.23
N PRO B 222 34.85 11.71 29.75
CA PRO B 222 36.20 11.75 29.19
C PRO B 222 37.28 11.25 30.15
N GLU B 223 37.02 11.39 31.45
CA GLU B 223 37.94 10.91 32.46
C GLU B 223 38.14 9.39 32.38
N LEU B 224 37.26 8.65 31.67
CA LEU B 224 37.43 7.21 31.61
C LEU B 224 38.05 6.79 30.27
N LYS B 225 38.59 7.75 29.51
CA LYS B 225 39.22 7.38 28.26
C LYS B 225 40.33 6.39 28.57
N GLY B 226 40.45 5.35 27.73
CA GLY B 226 41.51 4.37 27.81
C GLY B 226 41.29 3.35 28.92
N LYS B 227 40.22 3.50 29.72
CA LYS B 227 40.14 2.74 30.95
C LYS B 227 39.11 1.60 30.85
N LEU B 228 38.32 1.56 29.77
CA LEU B 228 37.23 0.61 29.66
C LEU B 228 37.26 -0.09 28.31
N ASP B 229 36.85 -1.37 28.31
CA ASP B 229 36.61 -2.12 27.10
C ASP B 229 35.62 -3.23 27.48
N GLY B 230 35.15 -3.98 26.49
CA GLY B 230 34.14 -5.00 26.78
C GLY B 230 33.49 -5.55 25.52
N TYR B 231 32.54 -6.45 25.74
CA TYR B 231 31.85 -7.15 24.67
C TYR B 231 30.44 -7.52 25.16
N ALA B 232 29.66 -8.15 24.26
CA ALA B 232 28.32 -8.61 24.55
C ALA B 232 28.22 -10.12 24.36
N LEU B 233 27.36 -10.76 25.18
CA LEU B 233 26.77 -12.07 24.94
C LEU B 233 25.30 -11.88 24.68
N ARG B 234 24.85 -12.02 23.42
CA ARG B 234 23.42 -11.95 23.14
C ARG B 234 22.83 -13.29 23.53
N VAL B 235 21.68 -13.31 24.23
CA VAL B 235 21.06 -14.54 24.71
C VAL B 235 19.57 -14.52 24.40
N PRO B 236 18.88 -15.69 24.43
CA PRO B 236 17.47 -15.78 24.04
C PRO B 236 16.45 -15.23 25.05
N VAL B 237 16.44 -13.90 25.25
CA VAL B 237 15.28 -13.18 25.74
C VAL B 237 14.99 -12.06 24.76
N ILE B 238 13.72 -11.70 24.61
CA ILE B 238 13.37 -10.75 23.55
C ILE B 238 13.69 -9.30 23.91
N THR B 239 13.76 -8.98 25.20
CA THR B 239 14.20 -7.68 25.68
C THR B 239 14.58 -7.88 27.13
N GLY B 240 15.44 -7.02 27.64
CA GLY B 240 15.91 -7.11 29.01
C GLY B 240 17.37 -7.53 28.95
N SER B 241 18.25 -6.78 29.62
CA SER B 241 19.68 -6.94 29.50
C SER B 241 20.36 -6.61 30.83
N ALA B 242 21.61 -7.06 31.02
CA ALA B 242 22.39 -6.72 32.22
C ALA B 242 23.81 -6.36 31.80
N THR B 243 24.37 -5.29 32.36
CA THR B 243 25.75 -4.92 32.16
C THR B 243 26.54 -5.29 33.40
N ASP B 244 27.60 -6.08 33.19
CA ASP B 244 28.46 -6.62 34.25
C ASP B 244 29.81 -5.97 34.06
N LEU B 245 30.23 -5.11 35.01
CA LEU B 245 31.51 -4.40 34.95
C LEU B 245 32.41 -4.91 36.07
N THR B 246 33.61 -5.35 35.68
CA THR B 246 34.66 -5.69 36.61
C THR B 246 35.76 -4.66 36.49
N PHE B 247 36.10 -3.98 37.59
CA PHE B 247 37.07 -2.89 37.55
C PHE B 247 37.98 -2.97 38.77
N ASN B 248 39.15 -2.34 38.63
CA ASN B 248 40.02 -2.10 39.77
C ASN B 248 39.99 -0.68 40.21
N THR B 249 40.33 -0.55 41.49
CA THR B 249 40.38 0.72 42.17
C THR B 249 41.56 0.65 43.14
N LYS B 250 42.20 1.80 43.34
CA LYS B 250 43.19 1.95 44.38
C LYS B 250 42.48 2.12 45.72
N SER B 251 41.22 2.59 45.72
CA SER B 251 40.51 2.79 46.97
C SER B 251 40.29 1.48 47.72
N GLU B 252 40.08 1.62 49.04
CA GLU B 252 39.72 0.51 49.90
C GLU B 252 38.21 0.40 49.87
N VAL B 253 37.70 -0.75 49.40
CA VAL B 253 36.27 -0.90 49.22
C VAL B 253 35.82 -2.26 49.74
N THR B 254 34.52 -2.32 49.98
CA THR B 254 33.80 -3.51 50.38
C THR B 254 32.53 -3.54 49.56
N VAL B 255 31.86 -4.70 49.50
CA VAL B 255 30.53 -4.80 48.92
C VAL B 255 29.66 -3.65 49.40
N GLU B 256 29.59 -3.45 50.74
CA GLU B 256 28.65 -2.52 51.34
C GLU B 256 28.93 -1.07 50.90
N SER B 257 30.19 -0.66 50.77
CA SER B 257 30.49 0.72 50.44
C SER B 257 30.33 0.98 48.93
N ILE B 258 30.63 -0.02 48.08
CA ILE B 258 30.27 0.10 46.66
C ILE B 258 28.77 0.34 46.53
N ASN B 259 27.97 -0.52 47.15
CA ASN B 259 26.52 -0.41 47.06
C ASN B 259 26.06 0.92 47.65
N ALA B 260 26.69 1.40 48.75
CA ALA B 260 26.22 2.66 49.36
C ALA B 260 26.41 3.85 48.43
N ALA B 261 27.52 3.81 47.67
CA ALA B 261 27.81 4.88 46.71
C ALA B 261 26.71 5.03 45.67
N ILE B 262 26.15 3.90 45.20
CA ILE B 262 25.08 3.98 44.22
C ILE B 262 23.79 4.48 44.88
N LYS B 263 23.44 3.90 46.02
CA LYS B 263 22.23 4.28 46.73
C LYS B 263 22.22 5.77 47.03
N GLU B 264 23.35 6.28 47.53
CA GLU B 264 23.50 7.70 47.79
C GLU B 264 23.27 8.57 46.56
N ALA B 265 23.76 8.14 45.38
CA ALA B 265 23.61 8.94 44.18
C ALA B 265 22.21 8.83 43.55
N ALA B 266 21.59 7.66 43.70
CA ALA B 266 20.40 7.35 42.89
C ALA B 266 19.17 8.00 43.51
N VAL B 267 19.11 9.33 43.43
CA VAL B 267 18.03 10.10 44.03
C VAL B 267 17.71 11.29 43.12
N GLY B 268 16.56 11.93 43.35
CA GLY B 268 16.27 13.16 42.63
C GLY B 268 16.15 12.88 41.14
N GLU B 269 16.48 13.87 40.32
CA GLU B 269 16.29 13.72 38.88
C GLU B 269 17.17 12.58 38.34
N PHE B 270 18.42 12.46 38.84
CA PHE B 270 19.36 11.45 38.38
C PHE B 270 18.78 10.05 38.61
N GLY B 271 18.05 9.87 39.73
CA GLY B 271 17.36 8.64 40.08
C GLY B 271 16.27 8.21 39.08
N GLU B 272 15.84 9.10 38.17
CA GLU B 272 15.05 8.67 37.04
C GLU B 272 15.95 7.94 36.03
N THR B 273 17.26 8.12 36.10
CA THR B 273 18.16 7.52 35.12
C THR B 273 18.72 6.24 35.74
N LEU B 274 19.15 6.35 37.02
CA LEU B 274 19.81 5.28 37.76
C LEU B 274 18.98 4.93 38.99
N ALA B 275 18.45 3.70 39.02
CA ALA B 275 17.76 3.19 40.18
C ALA B 275 18.70 2.27 40.95
N TYR B 276 18.43 2.15 42.26
CA TYR B 276 19.14 1.25 43.14
C TYR B 276 18.18 0.16 43.61
N SER B 277 18.56 -1.14 43.49
CA SER B 277 17.62 -2.19 43.88
C SER B 277 18.26 -3.21 44.78
N GLU B 278 17.49 -3.71 45.75
CA GLU B 278 17.88 -4.84 46.59
C GLU B 278 16.87 -5.98 46.41
N GLU B 279 16.16 -5.97 45.30
CA GLU B 279 15.17 -6.97 45.01
C GLU B 279 15.78 -8.19 44.33
N PRO B 280 15.08 -9.33 44.38
CA PRO B 280 15.52 -10.57 43.73
C PRO B 280 15.15 -10.58 42.25
N LEU B 281 15.83 -9.71 41.51
CA LEU B 281 15.43 -9.42 40.14
C LEU B 281 15.84 -10.53 39.15
N VAL B 282 14.95 -10.80 38.19
CA VAL B 282 15.29 -11.48 36.97
C VAL B 282 14.92 -10.58 35.81
N SER B 283 15.31 -10.93 34.58
CA SER B 283 15.14 -9.97 33.48
C SER B 283 13.67 -9.56 33.27
N THR B 284 12.72 -10.47 33.44
CA THR B 284 11.31 -10.09 33.22
C THR B 284 10.85 -8.99 34.18
N ASP B 285 11.46 -8.86 35.37
CA ASP B 285 11.12 -7.81 36.32
C ASP B 285 11.52 -6.41 35.88
N ILE B 286 12.47 -6.32 34.94
CA ILE B 286 12.92 -5.02 34.47
C ILE B 286 12.44 -4.66 33.08
N VAL B 287 11.66 -5.54 32.44
CA VAL B 287 10.98 -5.22 31.20
C VAL B 287 9.98 -4.11 31.48
N HIS B 288 9.97 -3.10 30.61
CA HIS B 288 9.16 -1.90 30.70
C HIS B 288 9.59 -1.02 31.89
N ASP B 289 10.79 -1.17 32.41
CA ASP B 289 11.30 -0.20 33.37
C ASP B 289 11.85 1.02 32.63
N SER B 290 11.51 2.24 33.11
CA SER B 290 11.89 3.49 32.45
C SER B 290 13.32 3.95 32.78
N HIS B 291 14.04 3.25 33.64
CA HIS B 291 15.38 3.69 33.97
C HIS B 291 16.38 3.28 32.88
N GLY B 292 17.45 4.08 32.75
CA GLY B 292 18.58 3.72 31.90
C GLY B 292 19.43 2.62 32.51
N SER B 293 19.38 2.50 33.85
CA SER B 293 20.31 1.68 34.59
C SER B 293 19.62 1.30 35.90
N ILE B 294 19.55 0.00 36.22
CA ILE B 294 18.98 -0.49 37.48
C ILE B 294 20.01 -1.38 38.18
N PHE B 295 20.71 -0.77 39.16
CA PHE B 295 21.82 -1.36 39.84
C PHE B 295 21.29 -2.44 40.78
N ASP B 296 21.95 -3.61 40.73
CA ASP B 296 21.48 -4.80 41.42
C ASP B 296 22.44 -5.04 42.58
N ALA B 297 22.09 -4.52 43.75
CA ALA B 297 23.02 -4.54 44.85
C ALA B 297 23.35 -5.96 45.29
N GLY B 298 22.42 -6.90 45.06
CA GLY B 298 22.70 -8.27 45.45
C GLY B 298 23.82 -8.93 44.63
N LEU B 299 24.23 -8.36 43.49
CA LEU B 299 25.22 -9.01 42.67
C LEU B 299 26.61 -8.40 42.87
N THR B 300 26.77 -7.43 43.78
CA THR B 300 28.11 -6.80 43.90
C THR B 300 29.12 -7.76 44.54
N LYS B 301 30.33 -7.87 43.97
CA LYS B 301 31.38 -8.69 44.56
C LYS B 301 32.66 -7.87 44.64
N VAL B 302 33.47 -8.20 45.66
CA VAL B 302 34.76 -7.56 45.87
C VAL B 302 35.81 -8.61 46.23
N SER B 303 36.93 -8.59 45.52
CA SER B 303 38.06 -9.46 45.83
C SER B 303 39.29 -8.58 45.76
N GLY B 304 39.79 -8.16 46.93
CA GLY B 304 40.95 -7.30 46.96
C GLY B 304 40.60 -5.89 46.53
N ASN B 305 41.22 -5.43 45.43
CA ASN B 305 40.83 -4.16 44.84
C ASN B 305 40.12 -4.36 43.49
N THR B 306 39.62 -5.57 43.23
CA THR B 306 38.82 -5.91 42.06
C THR B 306 37.33 -5.93 42.49
N VAL B 307 36.48 -5.19 41.77
CA VAL B 307 35.04 -5.04 42.04
C VAL B 307 34.24 -5.52 40.84
N LYS B 308 33.17 -6.30 41.09
CA LYS B 308 32.19 -6.60 40.05
C LYS B 308 30.84 -5.99 40.46
N VAL B 309 30.25 -5.22 39.53
CA VAL B 309 28.93 -4.68 39.72
C VAL B 309 28.10 -4.96 38.48
N VAL B 310 26.79 -5.01 38.67
CA VAL B 310 25.86 -5.42 37.63
C VAL B 310 24.64 -4.51 37.68
N SER B 311 24.22 -4.06 36.51
CA SER B 311 23.07 -3.20 36.36
C SER B 311 22.20 -3.69 35.22
N TRP B 312 20.87 -3.65 35.43
CA TRP B 312 19.92 -4.08 34.44
C TRP B 312 19.46 -2.91 33.60
N TYR B 313 18.88 -3.26 32.45
CA TYR B 313 18.28 -2.28 31.58
C TYR B 313 17.34 -2.95 30.58
N ASP B 314 16.16 -2.38 30.40
CA ASP B 314 15.32 -2.73 29.28
C ASP B 314 15.87 -1.99 28.06
N ASN B 315 16.59 -2.74 27.22
CA ASN B 315 17.33 -2.14 26.12
C ASN B 315 16.42 -1.46 25.12
N GLU B 316 15.11 -1.83 25.08
CA GLU B 316 14.12 -1.09 24.33
C GLU B 316 13.64 0.11 25.14
N TRP B 317 12.83 -0.15 26.18
CA TRP B 317 12.07 0.90 26.81
C TRP B 317 12.93 1.82 27.68
N GLY B 318 13.86 1.25 28.42
CA GLY B 318 14.78 2.02 29.27
C GLY B 318 15.56 3.04 28.43
N TYR B 319 16.14 2.52 27.36
CA TYR B 319 16.90 3.33 26.43
C TYR B 319 15.97 4.39 25.83
N THR B 320 14.76 3.99 25.44
CA THR B 320 13.84 4.91 24.80
C THR B 320 13.50 6.03 25.78
N CYS B 321 13.32 5.69 27.04
CA CYS B 321 12.96 6.72 28.00
C CYS B 321 14.12 7.71 28.19
N GLN B 322 15.35 7.20 28.16
CA GLN B 322 16.53 8.05 28.16
C GLN B 322 16.52 8.95 26.93
N LEU B 323 16.18 8.41 25.76
CA LEU B 323 16.18 9.18 24.54
C LEU B 323 15.10 10.26 24.60
N LEU B 324 13.93 9.93 25.16
CA LEU B 324 12.89 10.92 25.37
C LEU B 324 13.35 12.04 26.33
N ARG B 325 14.09 11.69 27.40
CA ARG B 325 14.62 12.72 28.31
C ARG B 325 15.54 13.66 27.53
N LEU B 326 16.45 13.11 26.74
CA LEU B 326 17.29 13.92 25.88
C LEU B 326 16.46 14.78 24.91
N THR B 327 15.43 14.20 24.28
CA THR B 327 14.57 14.90 23.34
C THR B 327 13.85 16.07 24.02
N GLU B 328 13.37 15.85 25.26
CA GLU B 328 12.67 16.87 26.01
C GLU B 328 13.59 18.06 26.28
N LEU B 329 14.86 17.77 26.58
CA LEU B 329 15.82 18.82 26.86
C LEU B 329 16.01 19.67 25.60
N VAL B 330 16.21 19.00 24.47
CA VAL B 330 16.44 19.68 23.21
C VAL B 330 15.27 20.59 22.96
N ALA B 331 14.07 20.05 23.16
CA ALA B 331 12.84 20.78 22.92
C ALA B 331 12.65 21.94 23.90
N SER B 332 13.25 21.86 25.10
CA SER B 332 13.13 22.90 26.10
C SER B 332 13.99 24.11 25.74
N LYS B 333 14.96 23.98 24.85
CA LYS B 333 15.85 25.10 24.59
C LYS B 333 15.60 25.62 23.17
N LEU B 334 16.51 26.44 22.66
CA LEU B 334 16.26 27.16 21.41
C LEU B 334 16.34 26.21 20.22
N LEU B 335 15.41 26.42 19.27
CA LEU B 335 15.23 25.62 18.06
C LEU B 335 15.30 24.13 18.41
N THR C 2 28.96 -41.12 -11.50
CA THR C 2 28.81 -39.84 -10.74
C THR C 2 28.04 -38.82 -11.58
N ILE C 3 26.91 -38.33 -11.07
CA ILE C 3 26.27 -37.19 -11.69
C ILE C 3 26.58 -35.96 -10.85
N ARG C 4 26.93 -34.84 -11.51
CA ARG C 4 27.42 -33.67 -10.81
C ARG C 4 26.27 -32.66 -10.60
N VAL C 5 26.18 -32.14 -9.38
CA VAL C 5 25.04 -31.33 -8.94
C VAL C 5 25.56 -29.95 -8.55
N GLY C 6 24.78 -28.90 -8.89
CA GLY C 6 25.01 -27.54 -8.40
C GLY C 6 23.90 -27.12 -7.45
N ILE C 7 24.22 -26.17 -6.54
CA ILE C 7 23.21 -25.61 -5.66
C ILE C 7 23.15 -24.08 -5.83
N ASN C 8 21.95 -23.57 -6.11
CA ASN C 8 21.72 -22.14 -6.18
C ASN C 8 20.92 -21.68 -4.94
N GLY C 9 21.57 -20.93 -4.04
CA GLY C 9 21.01 -20.60 -2.75
C GLY C 9 21.46 -21.57 -1.66
N PHE C 10 22.62 -21.26 -1.05
CA PHE C 10 23.24 -22.13 -0.06
C PHE C 10 22.77 -21.72 1.33
N GLY C 11 21.44 -21.81 1.54
CA GLY C 11 20.77 -21.44 2.79
C GLY C 11 20.50 -22.65 3.65
N ARG C 12 19.43 -22.62 4.44
CA ARG C 12 19.01 -23.76 5.23
C ARG C 12 18.90 -25.02 4.34
N ILE C 13 18.10 -24.94 3.26
CA ILE C 13 17.83 -26.10 2.43
C ILE C 13 19.06 -26.44 1.59
N GLY C 14 19.71 -25.43 0.99
CA GLY C 14 20.94 -25.62 0.24
C GLY C 14 22.01 -26.38 1.02
N ARG C 15 22.26 -25.98 2.27
CA ARG C 15 23.28 -26.61 3.10
C ARG C 15 22.82 -27.98 3.64
N ASN C 16 21.56 -28.08 4.03
CA ASN C 16 21.01 -29.39 4.31
C ASN C 16 21.24 -30.33 3.13
N PHE C 17 21.03 -29.83 1.92
CA PHE C 17 21.11 -30.68 0.74
C PHE C 17 22.54 -31.12 0.53
N PHE C 18 23.47 -30.20 0.74
CA PHE C 18 24.89 -30.48 0.61
C PHE C 18 25.26 -31.61 1.58
N ARG C 19 24.83 -31.51 2.83
CA ARG C 19 25.18 -32.52 3.81
C ARG C 19 24.49 -33.84 3.48
N ALA C 20 23.26 -33.80 2.98
CA ALA C 20 22.56 -35.06 2.70
C ALA C 20 23.24 -35.82 1.57
N VAL C 21 23.63 -35.09 0.53
CA VAL C 21 24.36 -35.71 -0.58
C VAL C 21 25.64 -36.35 -0.05
N LEU C 22 26.48 -35.55 0.64
CA LEU C 22 27.74 -36.05 1.20
C LEU C 22 27.52 -37.27 2.08
N GLU C 23 26.49 -37.24 2.95
CA GLU C 23 26.25 -38.30 3.92
C GLU C 23 25.53 -39.49 3.29
N ARG C 24 24.66 -39.28 2.30
CA ARG C 24 23.71 -40.34 1.93
C ARG C 24 23.91 -40.88 0.51
N SER C 25 24.50 -40.13 -0.41
CA SER C 25 24.49 -40.56 -1.81
C SER C 25 25.79 -41.26 -2.19
N ASP C 26 25.70 -42.30 -3.00
CA ASP C 26 26.89 -42.98 -3.52
C ASP C 26 27.14 -42.58 -4.96
N ASP C 27 26.32 -41.71 -5.58
CA ASP C 27 26.45 -41.48 -7.02
C ASP C 27 26.28 -40.02 -7.44
N LEU C 28 26.04 -39.10 -6.48
CA LEU C 28 26.00 -37.66 -6.75
C LEU C 28 27.14 -36.98 -6.00
N GLU C 29 27.59 -35.88 -6.57
CA GLU C 29 28.62 -35.05 -5.97
C GLU C 29 28.22 -33.60 -6.26
N VAL C 30 28.21 -32.75 -5.23
CA VAL C 30 27.97 -31.34 -5.38
C VAL C 30 29.31 -30.70 -5.68
N VAL C 31 29.43 -30.01 -6.81
CA VAL C 31 30.72 -29.51 -7.24
C VAL C 31 30.71 -28.00 -7.43
N ALA C 32 29.56 -27.32 -7.30
CA ALA C 32 29.49 -25.87 -7.47
C ALA C 32 28.28 -25.31 -6.73
N VAL C 33 28.47 -24.15 -6.08
CA VAL C 33 27.45 -23.49 -5.29
C VAL C 33 27.48 -22.00 -5.58
N ASN C 34 26.28 -21.37 -5.54
CA ASN C 34 26.11 -19.93 -5.67
C ASN C 34 25.28 -19.40 -4.50
N ASP C 35 25.72 -18.27 -3.92
CA ASP C 35 25.01 -17.56 -2.88
C ASP C 35 25.35 -16.08 -3.03
N LEU C 36 25.26 -15.32 -1.93
CA LEU C 36 25.40 -13.88 -2.05
C LEU C 36 26.44 -13.44 -1.03
N THR C 37 27.38 -14.31 -0.71
CA THR C 37 28.26 -13.87 0.34
C THR C 37 29.64 -14.34 -0.05
N ASP C 38 30.61 -14.01 0.79
CA ASP C 38 32.00 -14.36 0.56
C ASP C 38 32.21 -15.77 1.09
N ASN C 39 33.35 -16.33 0.73
CA ASN C 39 33.63 -17.71 1.01
C ASN C 39 33.94 -17.93 2.49
N LYS C 40 34.47 -16.90 3.17
CA LYS C 40 34.70 -17.00 4.59
C LYS C 40 33.36 -17.27 5.30
N THR C 41 32.37 -16.46 4.96
CA THR C 41 31.05 -16.56 5.57
C THR C 41 30.42 -17.90 5.21
N LEU C 42 30.37 -18.20 3.90
CA LEU C 42 29.72 -19.42 3.44
C LEU C 42 30.33 -20.65 4.09
N SER C 43 31.65 -20.68 4.21
CA SER C 43 32.29 -21.86 4.72
C SER C 43 32.08 -21.94 6.23
N THR C 44 31.96 -20.79 6.93
CA THR C 44 31.60 -20.83 8.36
C THR C 44 30.26 -21.50 8.57
N LEU C 45 29.27 -21.11 7.76
CA LEU C 45 27.92 -21.62 7.90
C LEU C 45 27.81 -23.08 7.48
N LEU C 46 28.69 -23.51 6.57
CA LEU C 46 28.80 -24.92 6.23
C LEU C 46 29.39 -25.73 7.39
N LYS C 47 30.44 -25.22 8.04
CA LYS C 47 31.17 -25.98 9.06
C LYS C 47 30.36 -26.04 10.37
N PHE C 48 29.67 -24.95 10.66
CA PHE C 48 28.99 -24.81 11.94
C PHE C 48 27.49 -24.65 11.72
N ASP C 49 26.68 -25.44 12.43
CA ASP C 49 25.25 -25.37 12.20
C ASP C 49 24.55 -25.47 13.53
N SER C 50 23.65 -24.50 13.81
CA SER C 50 22.92 -24.40 15.06
C SER C 50 21.93 -25.55 15.23
N ILE C 51 21.62 -26.28 14.13
CA ILE C 51 20.69 -27.38 14.20
C ILE C 51 21.38 -28.74 14.01
N MET C 52 22.17 -28.86 12.96
CA MET C 52 22.78 -30.14 12.58
C MET C 52 24.12 -30.39 13.28
N GLY C 53 24.70 -29.39 13.98
CA GLY C 53 26.02 -29.56 14.58
C GLY C 53 27.15 -29.35 13.58
N ARG C 54 28.38 -29.54 14.07
CA ARG C 54 29.59 -29.32 13.29
C ARG C 54 29.64 -30.33 12.16
N LEU C 55 30.06 -29.91 10.97
CA LEU C 55 30.35 -30.84 9.91
C LEU C 55 31.57 -31.65 10.31
N GLY C 56 31.47 -32.97 10.23
CA GLY C 56 32.58 -33.83 10.64
C GLY C 56 33.76 -33.88 9.65
N GLN C 57 33.85 -32.96 8.69
CA GLN C 57 34.97 -32.97 7.74
C GLN C 57 35.65 -31.60 7.76
N GLU C 58 36.93 -31.58 7.36
CA GLU C 58 37.69 -30.34 7.31
C GLU C 58 37.12 -29.42 6.24
N VAL C 59 37.06 -28.12 6.55
CA VAL C 59 36.49 -27.13 5.65
C VAL C 59 37.51 -26.01 5.50
N GLU C 60 38.00 -25.80 4.28
CA GLU C 60 38.86 -24.67 3.99
C GLU C 60 38.22 -23.87 2.89
N TYR C 61 38.73 -22.66 2.67
CA TYR C 61 38.22 -21.83 1.59
C TYR C 61 39.38 -21.01 1.00
N ASP C 62 39.09 -20.38 -0.14
CA ASP C 62 39.96 -19.40 -0.77
C ASP C 62 39.06 -18.45 -1.54
N ASP C 63 39.64 -17.69 -2.47
CA ASP C 63 38.88 -16.66 -3.16
C ASP C 63 37.90 -17.22 -4.16
N ASP C 64 37.99 -18.51 -4.52
CA ASP C 64 37.16 -19.04 -5.60
C ASP C 64 36.41 -20.30 -5.18
N SER C 65 36.70 -20.82 -3.99
CA SER C 65 36.24 -22.14 -3.65
C SER C 65 36.13 -22.34 -2.13
N ILE C 66 35.46 -23.45 -1.80
CA ILE C 66 35.44 -24.05 -0.49
C ILE C 66 35.82 -25.51 -0.70
N THR C 67 36.70 -26.04 0.18
CA THR C 67 37.17 -27.41 0.09
C THR C 67 36.69 -28.17 1.32
N VAL C 68 35.90 -29.21 1.07
CA VAL C 68 35.35 -30.03 2.12
C VAL C 68 35.97 -31.42 1.99
N GLY C 69 36.66 -31.88 3.04
CA GLY C 69 37.21 -33.23 3.06
C GLY C 69 38.15 -33.48 1.88
N GLY C 70 38.82 -32.40 1.44
CA GLY C 70 39.74 -32.46 0.35
C GLY C 70 39.06 -32.29 -1.00
N LYS C 71 37.73 -32.15 -1.04
CA LYS C 71 37.03 -32.00 -2.30
C LYS C 71 36.67 -30.53 -2.51
N ARG C 72 37.19 -29.98 -3.60
CA ARG C 72 37.03 -28.57 -3.95
C ARG C 72 35.67 -28.34 -4.60
N ILE C 73 34.96 -27.35 -4.06
CA ILE C 73 33.67 -26.93 -4.58
C ILE C 73 33.85 -25.54 -5.14
N ALA C 74 33.62 -25.27 -6.44
CA ALA C 74 33.68 -23.88 -6.90
C ALA C 74 32.53 -23.12 -6.23
N VAL C 75 32.74 -21.84 -5.90
CA VAL C 75 31.68 -21.05 -5.28
C VAL C 75 31.53 -19.73 -6.02
N TYR C 76 30.27 -19.28 -6.21
CA TYR C 76 29.97 -18.01 -6.88
C TYR C 76 29.06 -17.13 -6.03
N ALA C 77 28.98 -15.86 -6.46
CA ALA C 77 28.23 -14.88 -5.71
C ALA C 77 27.44 -14.00 -6.67
N GLU C 78 26.62 -14.67 -7.50
CA GLU C 78 25.94 -14.05 -8.62
C GLU C 78 24.44 -14.00 -8.33
N ARG C 79 23.91 -12.77 -8.24
CA ARG C 79 22.50 -12.56 -7.91
C ARG C 79 21.65 -12.98 -9.11
N ASP C 80 22.27 -12.90 -10.29
CA ASP C 80 21.66 -13.31 -11.53
C ASP C 80 22.24 -14.65 -11.97
N PRO C 81 21.47 -15.76 -12.07
CA PRO C 81 22.01 -17.08 -12.43
C PRO C 81 22.53 -17.23 -13.86
N LYS C 82 22.17 -16.24 -14.70
CA LYS C 82 22.70 -16.15 -16.05
C LYS C 82 24.19 -15.78 -16.04
N ASN C 83 24.69 -15.21 -14.94
CA ASN C 83 26.12 -14.92 -14.82
C ASN C 83 26.91 -16.15 -14.35
N LEU C 84 26.22 -17.29 -14.13
CA LEU C 84 26.86 -18.57 -13.83
C LEU C 84 27.06 -19.37 -15.10
N ASP C 85 27.86 -20.43 -14.99
CA ASP C 85 28.10 -21.38 -16.06
C ASP C 85 28.19 -22.79 -15.47
N TRP C 86 27.04 -23.49 -15.46
CA TRP C 86 26.95 -24.80 -14.84
C TRP C 86 27.66 -25.83 -15.71
N ALA C 87 27.56 -25.65 -17.04
CA ALA C 87 28.18 -26.49 -18.05
C ALA C 87 29.69 -26.58 -17.86
N ALA C 88 30.32 -25.46 -17.45
CA ALA C 88 31.77 -25.39 -17.22
C ALA C 88 32.22 -26.37 -16.15
N HIS C 89 31.33 -26.73 -15.20
CA HIS C 89 31.70 -27.68 -14.16
C HIS C 89 30.97 -29.00 -14.41
N ASN C 90 30.44 -29.17 -15.63
CA ASN C 90 29.76 -30.39 -16.04
C ASN C 90 28.57 -30.71 -15.10
N VAL C 91 27.87 -29.66 -14.63
CA VAL C 91 26.73 -29.86 -13.72
C VAL C 91 25.50 -30.20 -14.56
N ASP C 92 24.88 -31.35 -14.27
CA ASP C 92 23.65 -31.78 -14.94
C ASP C 92 22.37 -31.27 -14.24
N ILE C 93 22.37 -31.29 -12.90
CA ILE C 93 21.19 -30.98 -12.07
C ILE C 93 21.53 -29.83 -11.11
N VAL C 94 20.68 -28.78 -11.09
CA VAL C 94 20.82 -27.66 -10.17
C VAL C 94 19.64 -27.73 -9.21
N ILE C 95 19.93 -27.64 -7.92
CA ILE C 95 18.92 -27.44 -6.88
C ILE C 95 18.71 -25.95 -6.76
N GLU C 96 17.46 -25.51 -6.95
CA GLU C 96 17.13 -24.09 -6.90
C GLU C 96 16.49 -23.83 -5.54
N SER C 97 17.29 -23.28 -4.61
CA SER C 97 16.89 -23.16 -3.22
C SER C 97 17.15 -21.75 -2.68
N THR C 98 17.15 -20.72 -3.55
CA THR C 98 17.22 -19.35 -3.06
C THR C 98 15.90 -18.86 -2.44
N GLY C 99 14.76 -19.36 -2.96
CA GLY C 99 13.46 -18.84 -2.58
C GLY C 99 12.98 -17.72 -3.52
N PHE C 100 13.83 -17.29 -4.45
CA PHE C 100 13.54 -16.18 -5.35
C PHE C 100 13.24 -16.64 -6.78
N PHE C 101 13.44 -17.92 -7.12
CA PHE C 101 13.23 -18.40 -8.48
C PHE C 101 12.23 -19.57 -8.50
N THR C 102 11.11 -19.42 -7.78
CA THR C 102 10.14 -20.48 -7.72
C THR C 102 9.24 -20.45 -8.95
N ASP C 103 9.26 -19.32 -9.69
CA ASP C 103 8.70 -19.31 -11.02
C ASP C 103 9.66 -20.04 -11.94
N ALA C 104 9.18 -21.15 -12.53
CA ALA C 104 9.98 -21.99 -13.40
C ALA C 104 10.57 -21.21 -14.57
N ASN C 105 9.87 -20.16 -15.05
CA ASN C 105 10.37 -19.39 -16.17
C ASN C 105 11.42 -18.39 -15.71
N ALA C 106 11.60 -18.21 -14.40
CA ALA C 106 12.79 -17.54 -13.87
C ALA C 106 13.88 -18.58 -13.58
N ALA C 107 13.49 -19.75 -13.04
CA ALA C 107 14.45 -20.81 -12.74
C ALA C 107 15.11 -21.37 -14.01
N LYS C 108 14.51 -21.18 -15.18
CA LYS C 108 15.10 -21.74 -16.40
C LYS C 108 16.39 -20.99 -16.78
N ALA C 109 16.67 -19.84 -16.16
CA ALA C 109 17.99 -19.21 -16.26
C ALA C 109 19.13 -20.21 -16.02
N HIS C 110 18.92 -21.21 -15.16
CA HIS C 110 19.93 -22.26 -14.96
C HIS C 110 20.20 -23.04 -16.24
N ILE C 111 19.13 -23.44 -16.96
CA ILE C 111 19.23 -24.18 -18.20
C ILE C 111 20.00 -23.32 -19.21
N GLU C 112 19.62 -22.03 -19.31
CA GLU C 112 20.35 -21.07 -20.14
C GLU C 112 21.84 -21.15 -19.79
N ALA C 113 22.18 -21.14 -18.49
CA ALA C 113 23.57 -21.22 -18.05
C ALA C 113 24.15 -22.63 -18.16
N GLY C 114 23.51 -23.56 -18.89
CA GLY C 114 24.14 -24.82 -19.22
C GLY C 114 23.68 -26.04 -18.39
N ALA C 115 22.78 -25.86 -17.41
CA ALA C 115 22.24 -27.03 -16.73
C ALA C 115 21.22 -27.73 -17.62
N LYS C 116 21.02 -29.04 -17.36
CA LYS C 116 20.02 -29.83 -18.05
C LYS C 116 18.74 -30.02 -17.25
N LYS C 117 18.81 -29.92 -15.91
CA LYS C 117 17.65 -30.16 -15.04
C LYS C 117 17.66 -29.16 -13.89
N VAL C 118 16.49 -28.61 -13.56
CA VAL C 118 16.38 -27.77 -12.38
C VAL C 118 15.31 -28.39 -11.48
N ILE C 119 15.65 -28.50 -10.17
CA ILE C 119 14.71 -28.92 -9.15
C ILE C 119 14.57 -27.79 -8.14
N ILE C 120 13.38 -27.17 -8.15
CA ILE C 120 13.01 -26.07 -7.26
C ILE C 120 12.61 -26.65 -5.90
N SER C 121 13.22 -26.12 -4.83
CA SER C 121 13.03 -26.64 -3.49
C SER C 121 11.85 -26.01 -2.78
N ALA C 122 10.70 -25.97 -3.47
CA ALA C 122 9.52 -25.26 -3.03
C ALA C 122 8.41 -25.48 -4.07
N PRO C 123 7.15 -25.21 -3.70
CA PRO C 123 6.07 -25.05 -4.67
C PRO C 123 6.46 -24.04 -5.74
N ALA C 124 6.16 -24.38 -7.00
CA ALA C 124 6.61 -23.61 -8.13
C ALA C 124 5.39 -23.05 -8.87
N SER C 125 5.65 -22.13 -9.79
CA SER C 125 4.70 -21.72 -10.83
C SER C 125 5.35 -21.98 -12.19
N ASN C 126 4.51 -22.33 -13.17
CA ASN C 126 4.90 -22.53 -14.57
C ASN C 126 5.80 -23.77 -14.70
N GLU C 127 5.78 -24.65 -13.71
CA GLU C 127 6.74 -25.75 -13.70
C GLU C 127 6.29 -26.87 -14.65
N ASP C 128 7.25 -27.70 -15.07
CA ASP C 128 6.97 -28.87 -15.91
C ASP C 128 6.22 -29.91 -15.10
N ALA C 129 6.63 -30.10 -13.85
CA ALA C 129 5.96 -31.06 -12.98
C ALA C 129 6.38 -30.84 -11.53
N THR C 130 5.57 -31.43 -10.65
CA THR C 130 5.74 -31.33 -9.20
C THR C 130 5.67 -32.74 -8.64
N PHE C 131 6.62 -33.07 -7.75
CA PHE C 131 6.72 -34.41 -7.18
C PHE C 131 6.88 -34.40 -5.66
N VAL C 132 6.16 -35.34 -5.04
CA VAL C 132 6.46 -35.86 -3.72
C VAL C 132 6.92 -37.29 -3.91
N TYR C 133 8.21 -37.51 -3.63
CA TYR C 133 8.82 -38.80 -3.80
C TYR C 133 8.09 -39.82 -2.95
N GLY C 134 7.80 -40.96 -3.56
CA GLY C 134 7.05 -42.01 -2.94
C GLY C 134 5.58 -41.94 -3.30
N VAL C 135 5.10 -40.77 -3.75
CA VAL C 135 3.68 -40.58 -4.00
C VAL C 135 3.41 -40.60 -5.51
N ASN C 136 4.12 -39.79 -6.29
CA ASN C 136 3.85 -39.73 -7.71
C ASN C 136 5.10 -39.64 -8.56
N HIS C 137 6.27 -40.04 -8.05
CA HIS C 137 7.50 -39.89 -8.80
C HIS C 137 7.57 -40.83 -10.01
N GLU C 138 6.84 -41.95 -10.00
CA GLU C 138 6.75 -42.83 -11.16
C GLU C 138 6.16 -42.10 -12.38
N SER C 139 5.52 -40.93 -12.19
CA SER C 139 5.06 -40.11 -13.30
C SER C 139 6.16 -39.22 -13.89
N TYR C 140 7.40 -39.28 -13.37
CA TYR C 140 8.46 -38.44 -13.88
C TYR C 140 8.76 -38.78 -15.34
N ASP C 141 8.80 -37.75 -16.20
CA ASP C 141 9.07 -37.91 -17.63
C ASP C 141 10.43 -37.30 -17.97
N PRO C 142 11.48 -38.14 -18.13
CA PRO C 142 12.84 -37.65 -18.33
C PRO C 142 13.03 -36.73 -19.53
N GLU C 143 12.20 -36.88 -20.57
CA GLU C 143 12.31 -36.03 -21.75
C GLU C 143 11.61 -34.69 -21.52
N ASN C 144 10.44 -34.69 -20.86
CA ASN C 144 9.61 -33.49 -20.82
C ASN C 144 9.68 -32.71 -19.49
N HIS C 145 10.14 -33.35 -18.41
CA HIS C 145 10.15 -32.71 -17.11
C HIS C 145 11.57 -32.24 -16.80
N ASN C 146 11.85 -30.96 -17.13
CA ASN C 146 13.21 -30.43 -17.03
C ASN C 146 13.33 -29.41 -15.88
N VAL C 147 12.27 -28.61 -15.64
CA VAL C 147 12.24 -27.71 -14.50
C VAL C 147 11.05 -28.14 -13.64
N ILE C 148 11.37 -28.75 -12.48
CA ILE C 148 10.40 -29.45 -11.67
C ILE C 148 10.43 -28.93 -10.24
N SER C 149 9.37 -29.23 -9.49
CA SER C 149 9.28 -28.82 -8.09
C SER C 149 9.28 -30.06 -7.21
N GLY C 150 9.95 -29.98 -6.06
CA GLY C 150 9.90 -31.02 -5.04
C GLY C 150 8.83 -30.73 -3.99
N ALA C 151 7.96 -29.78 -4.31
CA ALA C 151 6.88 -29.36 -3.45
C ALA C 151 7.45 -28.77 -2.14
N SER C 152 6.65 -28.75 -1.08
CA SER C 152 7.06 -28.18 0.20
C SER C 152 7.22 -29.28 1.25
N CYS C 153 7.87 -28.92 2.36
CA CYS C 153 7.98 -29.80 3.52
C CYS C 153 6.61 -30.35 3.88
N THR C 154 5.63 -29.46 4.04
CA THR C 154 4.35 -29.87 4.56
C THR C 154 3.69 -30.80 3.54
N THR C 155 3.86 -30.50 2.24
CA THR C 155 3.21 -31.35 1.25
C THR C 155 3.78 -32.76 1.30
N ASN C 156 5.10 -32.84 1.50
CA ASN C 156 5.82 -34.10 1.55
C ASN C 156 5.46 -34.90 2.79
N CYS C 157 4.95 -34.22 3.82
CA CYS C 157 4.42 -34.88 5.00
C CYS C 157 3.00 -35.38 4.75
N LEU C 158 2.17 -34.46 4.23
CA LEU C 158 0.74 -34.73 4.10
C LEU C 158 0.44 -35.76 3.01
N ALA C 159 1.04 -35.61 1.82
CA ALA C 159 0.61 -36.41 0.69
C ALA C 159 0.78 -37.93 0.91
N PRO C 160 1.92 -38.44 1.47
CA PRO C 160 2.05 -39.89 1.73
C PRO C 160 0.90 -40.41 2.58
N MET C 161 0.64 -39.71 3.67
CA MET C 161 -0.42 -40.12 4.57
C MET C 161 -1.78 -40.08 3.88
N ALA C 162 -2.05 -39.00 3.14
CA ALA C 162 -3.35 -38.79 2.51
C ALA C 162 -3.60 -39.86 1.45
N LYS C 163 -2.55 -40.18 0.68
CA LYS C 163 -2.67 -41.22 -0.32
C LYS C 163 -3.07 -42.56 0.30
N VAL C 164 -2.38 -42.99 1.37
CA VAL C 164 -2.65 -44.29 1.98
C VAL C 164 -4.09 -44.28 2.47
N LEU C 165 -4.49 -43.22 3.16
CA LEU C 165 -5.80 -43.17 3.77
C LEU C 165 -6.90 -43.02 2.73
N ASN C 166 -6.68 -42.16 1.73
CA ASN C 166 -7.67 -41.95 0.68
C ASN C 166 -7.90 -43.26 -0.09
N ASP C 167 -6.80 -43.94 -0.45
CA ASP C 167 -6.85 -45.19 -1.17
C ASP C 167 -7.66 -46.24 -0.40
N LYS C 168 -7.49 -46.31 0.92
CA LYS C 168 -8.13 -47.37 1.69
C LYS C 168 -9.57 -47.01 2.04
N PHE C 169 -9.88 -45.76 2.36
CA PHE C 169 -11.18 -45.49 2.97
C PHE C 169 -11.96 -44.40 2.24
N GLY C 170 -11.26 -43.60 1.45
CA GLY C 170 -11.88 -42.48 0.77
C GLY C 170 -12.00 -41.27 1.68
N ILE C 171 -11.25 -40.22 1.31
CA ILE C 171 -11.40 -38.93 1.96
C ILE C 171 -12.44 -38.15 1.17
N GLU C 172 -13.51 -37.72 1.83
CA GLU C 172 -14.50 -36.82 1.26
C GLU C 172 -13.93 -35.41 1.23
N ASN C 173 -13.66 -34.85 2.42
CA ASN C 173 -13.00 -33.57 2.56
C ASN C 173 -12.14 -33.61 3.81
N GLY C 174 -11.07 -32.84 3.81
CA GLY C 174 -10.26 -32.76 5.00
C GLY C 174 -9.74 -31.36 5.16
N LEU C 175 -9.44 -31.04 6.42
CA LEU C 175 -8.87 -29.75 6.76
C LEU C 175 -7.71 -29.98 7.71
N MET C 176 -6.59 -29.33 7.39
CA MET C 176 -5.32 -29.60 8.08
C MET C 176 -4.80 -28.36 8.80
N THR C 177 -4.11 -28.63 9.92
CA THR C 177 -3.34 -27.63 10.64
C THR C 177 -1.95 -28.22 10.80
N THR C 178 -0.94 -27.50 10.27
CA THR C 178 0.45 -27.85 10.58
C THR C 178 0.95 -26.96 11.71
N VAL C 179 1.41 -27.63 12.77
CA VAL C 179 2.11 -26.98 13.86
C VAL C 179 3.59 -27.12 13.55
N HIS C 180 4.18 -25.96 13.21
CA HIS C 180 5.34 -25.91 12.35
C HIS C 180 6.44 -25.05 12.96
N ALA C 181 7.68 -25.52 12.90
CA ALA C 181 8.86 -24.77 13.33
C ALA C 181 8.93 -23.44 12.59
N TYR C 182 9.51 -22.42 13.22
CA TYR C 182 9.65 -21.15 12.52
C TYR C 182 10.73 -21.30 11.45
N THR C 183 10.62 -20.54 10.37
CA THR C 183 11.60 -20.55 9.29
C THR C 183 12.09 -19.13 9.06
N GLY C 184 13.06 -18.99 8.15
CA GLY C 184 13.82 -17.77 7.97
C GLY C 184 13.03 -16.71 7.23
N ASP C 185 11.85 -17.07 6.78
CA ASP C 185 10.90 -16.14 6.20
C ASP C 185 10.27 -15.23 7.28
N GLN C 186 10.22 -15.71 8.52
CA GLN C 186 9.59 -14.98 9.63
C GLN C 186 10.59 -14.01 10.25
N ARG C 187 10.11 -13.13 11.12
CA ARG C 187 10.90 -12.01 11.66
C ARG C 187 11.24 -12.34 13.11
N LEU C 188 12.49 -12.05 13.50
CA LEU C 188 12.94 -12.28 14.86
C LEU C 188 12.31 -11.28 15.82
N HIS C 189 12.27 -10.01 15.39
CA HIS C 189 11.52 -8.97 16.07
C HIS C 189 10.39 -8.50 15.15
N ASP C 190 9.28 -8.05 15.75
CA ASP C 190 8.18 -7.46 15.01
C ASP C 190 8.69 -6.43 14.01
N ALA C 191 8.44 -6.66 12.72
CA ALA C 191 9.00 -5.86 11.65
C ALA C 191 8.14 -6.07 10.40
N PRO C 192 8.19 -5.17 9.38
CA PRO C 192 7.37 -5.35 8.19
C PRO C 192 7.55 -6.65 7.41
N HIS C 193 6.43 -7.15 6.90
CA HIS C 193 6.34 -8.39 6.17
C HIS C 193 5.03 -8.34 5.41
N ARG C 194 5.02 -8.96 4.22
CA ARG C 194 3.82 -9.07 3.40
C ARG C 194 2.71 -9.80 4.13
N ASP C 195 3.05 -10.64 5.11
CA ASP C 195 2.07 -11.33 5.94
C ASP C 195 2.13 -10.72 7.33
N LEU C 196 1.06 -10.02 7.73
CA LEU C 196 0.99 -9.26 8.97
C LEU C 196 1.21 -10.10 10.23
N ARG C 197 1.03 -11.42 10.15
CA ARG C 197 1.28 -12.30 11.28
C ARG C 197 2.73 -12.83 11.26
N ARG C 198 3.28 -13.15 10.08
CA ARG C 198 4.68 -13.55 10.02
C ARG C 198 5.59 -12.37 10.36
N ALA C 199 5.06 -11.14 10.35
CA ALA C 199 5.75 -9.93 10.83
C ALA C 199 6.13 -10.01 12.30
N ARG C 200 5.51 -10.94 13.06
CA ARG C 200 5.61 -10.89 14.51
C ARG C 200 6.68 -11.85 15.05
N ALA C 201 7.44 -11.35 16.04
CA ALA C 201 8.55 -12.04 16.69
C ALA C 201 8.30 -13.54 16.76
N ALA C 202 9.06 -14.30 15.97
CA ALA C 202 8.79 -15.70 15.69
C ALA C 202 8.98 -16.58 16.92
N ALA C 203 9.97 -16.25 17.77
CA ALA C 203 10.36 -17.18 18.83
C ALA C 203 9.62 -16.95 20.12
N VAL C 204 8.62 -16.04 20.16
CA VAL C 204 7.81 -15.84 21.35
C VAL C 204 6.33 -15.88 20.98
N ASN C 205 6.00 -16.32 19.76
CA ASN C 205 4.62 -16.26 19.30
C ASN C 205 4.17 -17.59 18.69
N ILE C 206 2.92 -17.94 18.93
CA ILE C 206 2.19 -18.80 18.00
C ILE C 206 1.69 -17.91 16.87
N VAL C 207 2.12 -18.21 15.63
CA VAL C 207 1.88 -17.37 14.46
C VAL C 207 1.03 -18.11 13.41
N PRO C 208 -0.26 -17.78 13.24
CA PRO C 208 -1.03 -18.38 12.14
C PRO C 208 -0.63 -17.79 10.80
N THR C 209 -0.64 -18.66 9.79
CA THR C 209 -0.23 -18.26 8.45
C THR C 209 -0.61 -19.38 7.48
N SER C 210 -0.29 -19.14 6.21
CA SER C 210 -0.50 -20.07 5.11
C SER C 210 0.47 -21.24 5.14
N THR C 211 0.04 -22.35 4.49
CA THR C 211 0.92 -23.46 4.17
C THR C 211 0.74 -23.80 2.69
N GLY C 212 1.86 -24.21 2.06
CA GLY C 212 1.87 -24.75 0.69
C GLY C 212 0.93 -25.95 0.53
N ALA C 213 0.99 -26.85 1.50
CA ALA C 213 0.37 -28.15 1.37
C ALA C 213 -1.08 -28.06 0.95
N ALA C 214 -1.76 -27.00 1.42
CA ALA C 214 -3.21 -26.88 1.37
C ALA C 214 -3.77 -27.40 0.05
N LYS C 215 -3.35 -26.75 -1.03
CA LYS C 215 -3.87 -27.07 -2.35
C LYS C 215 -2.90 -27.96 -3.13
N ALA C 216 -1.58 -27.84 -2.83
CA ALA C 216 -0.49 -28.47 -3.59
C ALA C 216 -0.55 -30.00 -3.59
N VAL C 217 -1.14 -30.58 -2.55
CA VAL C 217 -1.38 -32.01 -2.53
C VAL C 217 -2.12 -32.42 -3.81
N ALA C 218 -3.01 -31.56 -4.33
CA ALA C 218 -3.76 -31.86 -5.55
C ALA C 218 -2.87 -31.94 -6.77
N LEU C 219 -1.69 -31.32 -6.76
CA LEU C 219 -0.74 -31.48 -7.83
C LEU C 219 -0.17 -32.89 -7.88
N VAL C 220 -0.04 -33.57 -6.74
CA VAL C 220 0.59 -34.88 -6.78
C VAL C 220 -0.47 -35.97 -6.60
N LEU C 221 -1.68 -35.58 -6.16
CA LEU C 221 -2.81 -36.48 -5.92
C LEU C 221 -4.06 -35.80 -6.49
N PRO C 222 -4.26 -35.82 -7.81
CA PRO C 222 -5.30 -35.00 -8.42
C PRO C 222 -6.68 -35.42 -7.95
N GLU C 223 -6.81 -36.66 -7.45
CA GLU C 223 -8.08 -37.19 -6.99
C GLU C 223 -8.50 -36.46 -5.70
N LEU C 224 -7.62 -35.66 -5.11
CA LEU C 224 -8.00 -34.87 -3.95
C LEU C 224 -8.12 -33.39 -4.29
N LYS C 225 -8.15 -33.03 -5.56
CA LYS C 225 -8.38 -31.64 -5.92
C LYS C 225 -9.71 -31.17 -5.35
N GLY C 226 -9.69 -30.03 -4.66
CA GLY C 226 -10.88 -29.46 -4.04
C GLY C 226 -11.26 -30.10 -2.72
N LYS C 227 -10.53 -31.12 -2.25
CA LYS C 227 -11.03 -31.82 -1.08
C LYS C 227 -10.23 -31.53 0.19
N LEU C 228 -9.19 -30.72 0.07
CA LEU C 228 -8.31 -30.47 1.20
C LEU C 228 -8.03 -28.97 1.26
N ASP C 229 -7.79 -28.49 2.47
CA ASP C 229 -7.35 -27.12 2.69
C ASP C 229 -6.80 -27.07 4.10
N GLY C 230 -6.25 -25.93 4.50
CA GLY C 230 -5.65 -25.85 5.83
C GLY C 230 -4.71 -24.67 5.94
N TYR C 231 -4.00 -24.63 7.09
CA TYR C 231 -3.17 -23.48 7.44
C TYR C 231 -2.10 -23.99 8.39
N ALA C 232 -1.22 -23.07 8.81
CA ALA C 232 -0.11 -23.37 9.68
C ALA C 232 -0.17 -22.49 10.93
N LEU C 233 0.19 -23.10 12.05
CA LEU C 233 0.57 -22.39 13.26
C LEU C 233 2.08 -22.54 13.43
N ARG C 234 2.84 -21.47 13.17
CA ARG C 234 4.28 -21.45 13.41
C ARG C 234 4.50 -21.26 14.90
N VAL C 235 5.38 -22.07 15.50
CA VAL C 235 5.55 -22.06 16.96
C VAL C 235 7.04 -22.06 17.25
N PRO C 236 7.46 -21.70 18.49
CA PRO C 236 8.88 -21.56 18.80
C PRO C 236 9.69 -22.84 19.00
N VAL C 237 9.93 -23.56 17.89
CA VAL C 237 10.99 -24.55 17.82
C VAL C 237 11.73 -24.29 16.52
N ILE C 238 13.05 -24.56 16.51
CA ILE C 238 13.91 -24.18 15.41
C ILE C 238 13.72 -25.10 14.20
N THR C 239 13.38 -26.36 14.45
CA THR C 239 12.97 -27.28 13.39
C THR C 239 12.16 -28.40 14.02
N GLY C 240 11.41 -29.10 13.16
CA GLY C 240 10.46 -30.09 13.61
C GLY C 240 9.02 -29.56 13.59
N SER C 241 8.12 -30.31 12.93
CA SER C 241 6.76 -29.90 12.64
C SER C 241 5.84 -31.10 12.70
N ALA C 242 4.52 -30.85 12.79
CA ALA C 242 3.54 -31.93 12.80
C ALA C 242 2.34 -31.49 11.96
N THR C 243 1.90 -32.35 11.02
CA THR C 243 0.71 -32.08 10.24
C THR C 243 -0.47 -32.83 10.85
N ASP C 244 -1.50 -32.06 11.20
CA ASP C 244 -2.70 -32.58 11.84
C ASP C 244 -3.86 -32.47 10.84
N LEU C 245 -4.35 -33.61 10.34
CA LEU C 245 -5.38 -33.68 9.30
C LEU C 245 -6.67 -34.27 9.87
N THR C 246 -7.75 -33.50 9.73
CA THR C 246 -9.05 -33.98 10.18
C THR C 246 -9.90 -34.10 8.92
N PHE C 247 -10.42 -35.30 8.69
CA PHE C 247 -11.15 -35.54 7.47
C PHE C 247 -12.41 -36.37 7.76
N ASN C 248 -13.33 -36.33 6.79
CA ASN C 248 -14.49 -37.21 6.74
C ASN C 248 -14.28 -38.31 5.73
N THR C 249 -14.85 -39.47 6.05
CA THR C 249 -14.90 -40.60 5.14
C THR C 249 -16.28 -41.22 5.25
N LYS C 250 -16.75 -41.84 4.16
CA LYS C 250 -17.98 -42.62 4.18
C LYS C 250 -17.75 -43.97 4.84
N SER C 251 -16.49 -44.42 4.92
CA SER C 251 -16.18 -45.71 5.52
C SER C 251 -16.44 -45.71 7.02
N GLU C 252 -16.86 -46.87 7.49
CA GLU C 252 -16.84 -47.20 8.91
C GLU C 252 -15.39 -47.52 9.30
N VAL C 253 -14.84 -46.72 10.23
CA VAL C 253 -13.44 -46.85 10.59
C VAL C 253 -13.31 -46.77 12.11
N THR C 254 -12.19 -47.27 12.65
CA THR C 254 -11.83 -47.14 14.05
C THR C 254 -10.41 -46.59 14.12
N VAL C 255 -9.98 -46.20 15.33
CA VAL C 255 -8.60 -45.80 15.49
C VAL C 255 -7.70 -46.91 14.96
N GLU C 256 -8.13 -48.15 15.22
CA GLU C 256 -7.27 -49.28 14.95
C GLU C 256 -7.12 -49.49 13.44
N SER C 257 -8.23 -49.38 12.71
CA SER C 257 -8.17 -49.64 11.28
C SER C 257 -7.44 -48.50 10.57
N ILE C 258 -7.59 -47.27 11.07
CA ILE C 258 -6.83 -46.16 10.49
C ILE C 258 -5.35 -46.43 10.65
N ASN C 259 -4.93 -46.81 11.86
CA ASN C 259 -3.51 -47.03 12.16
C ASN C 259 -2.97 -48.21 11.35
N ALA C 260 -3.76 -49.30 11.27
CA ALA C 260 -3.35 -50.47 10.52
C ALA C 260 -3.14 -50.13 9.04
N ALA C 261 -3.93 -49.24 8.42
CA ALA C 261 -3.71 -48.89 7.02
C ALA C 261 -2.32 -48.30 6.85
N ILE C 262 -1.88 -47.45 7.81
CA ILE C 262 -0.59 -46.80 7.65
C ILE C 262 0.50 -47.86 7.84
N LYS C 263 0.37 -48.63 8.91
CA LYS C 263 1.42 -49.59 9.19
C LYS C 263 1.63 -50.54 8.01
N GLU C 264 0.55 -50.94 7.32
CA GLU C 264 0.69 -51.93 6.25
C GLU C 264 1.31 -51.26 5.03
N ALA C 265 1.11 -49.95 4.85
CA ALA C 265 1.73 -49.29 3.71
C ALA C 265 3.17 -48.89 3.97
N ALA C 266 3.52 -48.57 5.22
CA ALA C 266 4.84 -48.03 5.51
C ALA C 266 5.89 -49.14 5.60
N VAL C 267 6.28 -49.68 4.43
CA VAL C 267 7.18 -50.82 4.30
C VAL C 267 7.93 -50.63 2.99
N GLY C 268 9.09 -51.27 2.87
CA GLY C 268 9.82 -51.24 1.62
C GLY C 268 10.28 -49.84 1.26
N GLU C 269 10.42 -49.57 -0.04
CA GLU C 269 10.93 -48.29 -0.49
C GLU C 269 10.06 -47.15 0.08
N PHE C 270 8.74 -47.33 -0.01
CA PHE C 270 7.77 -46.30 0.38
C PHE C 270 7.90 -46.01 1.88
N GLY C 271 8.25 -47.04 2.67
CA GLY C 271 8.68 -46.94 4.06
C GLY C 271 9.82 -45.95 4.36
N GLU C 272 10.62 -45.60 3.34
CA GLU C 272 11.65 -44.58 3.48
C GLU C 272 11.03 -43.17 3.46
N THR C 273 9.84 -43.03 2.85
CA THR C 273 9.11 -41.77 2.78
C THR C 273 8.18 -41.63 3.99
N LEU C 274 7.47 -42.72 4.31
CA LEU C 274 6.46 -42.71 5.34
C LEU C 274 6.76 -43.80 6.38
N ALA C 275 6.94 -43.38 7.64
CA ALA C 275 7.16 -44.26 8.77
C ALA C 275 5.91 -44.27 9.61
N TYR C 276 5.78 -45.35 10.40
CA TYR C 276 4.73 -45.59 11.34
C TYR C 276 5.38 -45.68 12.72
N SER C 277 4.96 -44.85 13.68
CA SER C 277 5.50 -44.89 15.05
C SER C 277 4.40 -45.11 16.08
N GLU C 278 4.74 -45.86 17.13
CA GLU C 278 3.95 -45.99 18.34
C GLU C 278 4.81 -45.51 19.52
N GLU C 279 5.80 -44.66 19.25
CA GLU C 279 6.69 -44.14 20.28
C GLU C 279 6.09 -42.86 20.91
N PRO C 280 6.50 -42.52 22.16
CA PRO C 280 5.98 -41.30 22.77
C PRO C 280 6.74 -40.07 22.28
N LEU C 281 6.53 -39.72 21.01
CA LEU C 281 7.33 -38.75 20.29
C LEU C 281 7.05 -37.30 20.72
N VAL C 282 8.13 -36.50 20.87
CA VAL C 282 8.05 -35.04 20.93
C VAL C 282 8.93 -34.53 19.81
N SER C 283 8.83 -33.24 19.48
CA SER C 283 9.45 -32.74 18.26
C SER C 283 10.93 -33.05 18.18
N THR C 284 11.65 -32.91 19.30
CA THR C 284 13.10 -33.15 19.27
C THR C 284 13.42 -34.60 18.89
N ASP C 285 12.49 -35.55 19.05
CA ASP C 285 12.76 -36.93 18.65
C ASP C 285 12.79 -37.12 17.13
N ILE C 286 12.18 -36.21 16.38
CA ILE C 286 12.11 -36.37 14.93
C ILE C 286 13.02 -35.40 14.18
N VAL C 287 13.77 -34.58 14.93
CA VAL C 287 14.82 -33.78 14.32
C VAL C 287 15.85 -34.75 13.72
N HIS C 288 16.33 -34.45 12.51
CA HIS C 288 17.28 -35.22 11.72
C HIS C 288 16.74 -36.61 11.32
N ASP C 289 15.41 -36.78 11.27
CA ASP C 289 14.81 -38.00 10.74
C ASP C 289 14.65 -37.87 9.22
N SER C 290 15.05 -38.91 8.48
CA SER C 290 15.15 -38.83 7.02
C SER C 290 13.79 -39.00 6.33
N HIS C 291 12.73 -39.31 7.08
CA HIS C 291 11.42 -39.57 6.48
C HIS C 291 10.71 -38.28 6.12
N GLY C 292 9.89 -38.32 5.07
CA GLY C 292 9.03 -37.20 4.72
C GLY C 292 7.88 -37.04 5.71
N SER C 293 7.47 -38.15 6.32
CA SER C 293 6.23 -38.21 7.06
C SER C 293 6.38 -39.31 8.09
N ILE C 294 6.20 -38.98 9.37
CA ILE C 294 6.32 -39.91 10.48
C ILE C 294 5.00 -39.98 11.22
N PHE C 295 4.18 -41.00 10.89
CA PHE C 295 2.84 -41.10 11.37
C PHE C 295 2.82 -41.49 12.85
N ASP C 296 2.06 -40.75 13.64
CA ASP C 296 2.08 -40.97 15.07
C ASP C 296 0.79 -41.67 15.47
N ALA C 297 0.86 -42.98 15.74
CA ALA C 297 -0.34 -43.78 15.86
C ALA C 297 -1.04 -43.46 17.17
N GLY C 298 -0.30 -42.96 18.15
CA GLY C 298 -0.86 -42.55 19.42
C GLY C 298 -1.83 -41.37 19.30
N LEU C 299 -1.79 -40.58 18.22
CA LEU C 299 -2.59 -39.37 18.19
C LEU C 299 -3.85 -39.57 17.34
N THR C 300 -4.07 -40.77 16.76
CA THR C 300 -5.23 -40.98 15.91
C THR C 300 -6.50 -40.91 16.76
N LYS C 301 -7.49 -40.16 16.25
CA LYS C 301 -8.79 -40.08 16.88
C LYS C 301 -9.91 -40.25 15.85
N VAL C 302 -11.04 -40.83 16.26
CA VAL C 302 -12.18 -41.07 15.38
C VAL C 302 -13.45 -40.79 16.18
N SER C 303 -14.37 -40.01 15.61
CA SER C 303 -15.67 -39.67 16.20
C SER C 303 -16.69 -39.75 15.06
N GLY C 304 -17.62 -40.72 15.15
CA GLY C 304 -18.51 -41.04 14.03
C GLY C 304 -17.75 -41.25 12.71
N ASN C 305 -17.96 -40.37 11.71
CA ASN C 305 -17.23 -40.48 10.46
C ASN C 305 -16.17 -39.37 10.33
N THR C 306 -15.75 -38.78 11.45
CA THR C 306 -14.72 -37.73 11.49
C THR C 306 -13.44 -38.37 12.06
N VAL C 307 -12.30 -38.18 11.37
CA VAL C 307 -11.03 -38.81 11.69
C VAL C 307 -9.91 -37.78 11.85
N LYS C 308 -9.07 -37.88 12.89
CA LYS C 308 -7.91 -37.00 13.04
C LYS C 308 -6.64 -37.86 13.08
N VAL C 309 -5.68 -37.50 12.21
CA VAL C 309 -4.42 -38.20 12.10
C VAL C 309 -3.31 -37.14 12.11
N VAL C 310 -2.18 -37.53 12.69
CA VAL C 310 -1.08 -36.59 12.87
C VAL C 310 0.22 -37.22 12.41
N SER C 311 1.02 -36.50 11.63
CA SER C 311 2.30 -37.00 11.17
C SER C 311 3.38 -35.95 11.40
N TRP C 312 4.53 -36.41 11.89
CA TRP C 312 5.67 -35.53 12.13
C TRP C 312 6.53 -35.43 10.89
N TYR C 313 7.37 -34.39 10.87
CA TYR C 313 8.40 -34.20 9.87
C TYR C 313 9.42 -33.17 10.36
N ASP C 314 10.71 -33.46 10.11
CA ASP C 314 11.74 -32.47 10.21
C ASP C 314 11.64 -31.68 8.92
N ASN C 315 11.03 -30.49 9.00
CA ASN C 315 10.78 -29.67 7.80
C ASN C 315 12.09 -29.28 7.10
N GLU C 316 13.27 -29.40 7.76
CA GLU C 316 14.53 -29.25 7.07
C GLU C 316 14.98 -30.60 6.49
N TRP C 317 15.45 -31.49 7.35
CA TRP C 317 16.16 -32.69 6.93
C TRP C 317 15.21 -33.63 6.18
N GLY C 318 14.01 -33.83 6.71
CA GLY C 318 13.03 -34.73 6.12
C GLY C 318 12.75 -34.36 4.67
N TYR C 319 12.40 -33.10 4.49
CA TYR C 319 12.14 -32.57 3.17
C TYR C 319 13.39 -32.74 2.32
N THR C 320 14.56 -32.43 2.89
CA THR C 320 15.80 -32.56 2.16
C THR C 320 16.05 -33.99 1.67
N CYS C 321 15.84 -34.98 2.54
CA CYS C 321 15.99 -36.37 2.14
C CYS C 321 15.02 -36.75 1.02
N GLN C 322 13.81 -36.17 1.03
CA GLN C 322 12.84 -36.35 -0.03
C GLN C 322 13.35 -35.76 -1.35
N LEU C 323 13.94 -34.57 -1.28
CA LEU C 323 14.46 -33.89 -2.46
C LEU C 323 15.64 -34.68 -3.02
N LEU C 324 16.47 -35.23 -2.13
CA LEU C 324 17.57 -36.09 -2.54
C LEU C 324 17.02 -37.35 -3.26
N ARG C 325 15.94 -37.93 -2.77
CA ARG C 325 15.33 -39.07 -3.47
C ARG C 325 14.90 -38.67 -4.88
N LEU C 326 14.22 -37.54 -4.99
CA LEU C 326 13.83 -37.06 -6.30
C LEU C 326 15.04 -36.79 -7.20
N THR C 327 16.12 -36.24 -6.65
CA THR C 327 17.31 -35.92 -7.41
C THR C 327 17.97 -37.20 -7.92
N GLU C 328 18.03 -38.20 -7.06
CA GLU C 328 18.54 -39.52 -7.40
C GLU C 328 17.79 -40.10 -8.60
N LEU C 329 16.45 -40.03 -8.58
CA LEU C 329 15.62 -40.52 -9.69
C LEU C 329 15.95 -39.79 -10.99
N VAL C 330 15.99 -38.47 -10.94
CA VAL C 330 16.35 -37.65 -12.10
C VAL C 330 17.76 -38.03 -12.60
N ALA C 331 18.67 -38.26 -11.68
CA ALA C 331 20.01 -38.64 -12.06
C ALA C 331 20.08 -40.07 -12.59
N SER C 332 19.08 -40.92 -12.33
CA SER C 332 19.15 -42.30 -12.76
C SER C 332 18.63 -42.44 -14.20
N LYS C 333 18.03 -41.39 -14.77
CA LYS C 333 17.40 -41.50 -16.07
C LYS C 333 18.09 -40.51 -17.00
N LEU C 334 17.56 -40.36 -18.22
CA LEU C 334 18.26 -39.62 -19.27
C LEU C 334 18.33 -38.13 -18.96
N LEU C 335 19.57 -37.59 -19.16
CA LEU C 335 19.89 -36.18 -19.08
C LEU C 335 20.42 -35.72 -20.44
N GLU C 336 19.52 -35.21 -21.29
CA GLU C 336 19.84 -34.68 -22.62
C GLU C 336 19.71 -33.16 -22.58
N THR D 2 36.69 -55.53 33.90
CA THR D 2 35.57 -54.56 33.89
C THR D 2 35.28 -54.12 35.31
N ILE D 3 35.24 -52.80 35.51
CA ILE D 3 34.86 -52.22 36.77
C ILE D 3 33.39 -51.88 36.66
N ARG D 4 32.65 -52.17 37.73
CA ARG D 4 31.20 -52.10 37.72
C ARG D 4 30.76 -50.83 38.47
N VAL D 5 29.86 -50.07 37.84
CA VAL D 5 29.41 -48.76 38.27
C VAL D 5 27.92 -48.76 38.51
N GLY D 6 27.52 -48.13 39.62
CA GLY D 6 26.14 -47.78 39.94
C GLY D 6 25.93 -46.29 39.83
N ILE D 7 24.72 -45.88 39.46
CA ILE D 7 24.41 -44.46 39.40
C ILE D 7 23.23 -44.15 40.31
N ASN D 8 23.45 -43.27 41.28
CA ASN D 8 22.40 -42.83 42.16
C ASN D 8 21.92 -41.46 41.68
N GLY D 9 20.69 -41.42 41.13
CA GLY D 9 20.15 -40.24 40.49
C GLY D 9 20.36 -40.31 38.99
N PHE D 10 19.41 -40.92 38.26
CA PHE D 10 19.57 -41.17 36.84
C PHE D 10 18.88 -40.05 36.07
N GLY D 11 19.38 -38.82 36.29
CA GLY D 11 18.85 -37.59 35.75
C GLY D 11 19.67 -37.16 34.55
N ARG D 12 19.82 -35.83 34.36
CA ARG D 12 20.56 -35.31 33.23
C ARG D 12 21.99 -35.84 33.29
N ILE D 13 22.65 -35.67 34.45
CA ILE D 13 24.06 -36.03 34.54
C ILE D 13 24.20 -37.55 34.59
N GLY D 14 23.29 -38.22 35.31
CA GLY D 14 23.29 -39.68 35.37
C GLY D 14 23.23 -40.33 33.98
N ARG D 15 22.35 -39.77 33.13
CA ARG D 15 22.07 -40.37 31.83
C ARG D 15 23.13 -39.95 30.81
N ASN D 16 23.66 -38.73 30.94
CA ASN D 16 24.85 -38.35 30.18
C ASN D 16 25.97 -39.35 30.51
N PHE D 17 26.17 -39.66 31.78
CA PHE D 17 27.27 -40.52 32.21
C PHE D 17 27.14 -41.91 31.57
N PHE D 18 25.91 -42.43 31.59
CA PHE D 18 25.61 -43.73 31.03
C PHE D 18 25.97 -43.74 29.55
N ARG D 19 25.56 -42.71 28.82
CA ARG D 19 25.90 -42.64 27.41
C ARG D 19 27.41 -42.49 27.18
N ALA D 20 28.07 -41.68 28.02
CA ALA D 20 29.49 -41.46 27.91
C ALA D 20 30.21 -42.80 28.13
N VAL D 21 29.73 -43.61 29.08
CA VAL D 21 30.36 -44.90 29.36
C VAL D 21 30.29 -45.77 28.10
N LEU D 22 29.10 -45.85 27.48
CA LEU D 22 28.90 -46.66 26.28
C LEU D 22 29.79 -46.17 25.17
N GLU D 23 29.89 -44.85 24.97
CA GLU D 23 30.60 -44.29 23.84
C GLU D 23 32.13 -44.26 24.07
N ARG D 24 32.59 -44.12 25.31
CA ARG D 24 33.95 -43.67 25.53
C ARG D 24 34.77 -44.64 26.40
N SER D 25 34.14 -45.65 27.00
CA SER D 25 34.85 -46.56 27.89
C SER D 25 34.87 -47.98 27.33
N ASP D 26 36.01 -48.64 27.56
CA ASP D 26 36.19 -50.04 27.27
C ASP D 26 36.38 -50.85 28.55
N ASP D 27 36.32 -50.24 29.74
CA ASP D 27 36.58 -51.00 30.94
C ASP D 27 35.57 -50.76 32.05
N LEU D 28 34.53 -49.94 31.82
CA LEU D 28 33.50 -49.70 32.83
C LEU D 28 32.17 -50.25 32.36
N GLU D 29 31.31 -50.64 33.30
CA GLU D 29 29.98 -51.06 32.94
C GLU D 29 29.02 -50.54 34.00
N VAL D 30 27.99 -49.81 33.55
CA VAL D 30 26.89 -49.45 34.42
C VAL D 30 25.96 -50.66 34.57
N VAL D 31 25.75 -51.13 35.81
CA VAL D 31 24.99 -52.35 36.07
C VAL D 31 23.81 -52.07 36.99
N ALA D 32 23.77 -50.92 37.66
CA ALA D 32 22.55 -50.59 38.36
C ALA D 32 22.39 -49.09 38.53
N VAL D 33 21.13 -48.67 38.63
CA VAL D 33 20.78 -47.27 38.80
C VAL D 33 19.67 -47.17 39.85
N ASN D 34 19.56 -45.98 40.48
CA ASN D 34 18.49 -45.67 41.42
C ASN D 34 17.90 -44.29 41.09
N ASP D 35 16.57 -44.19 41.14
CA ASP D 35 15.88 -42.93 40.88
C ASP D 35 14.57 -43.00 41.67
N LEU D 36 13.55 -42.23 41.25
CA LEU D 36 12.31 -42.13 42.02
C LEU D 36 11.13 -42.37 41.10
N THR D 37 11.22 -43.38 40.24
CA THR D 37 10.24 -43.51 39.18
C THR D 37 10.13 -44.96 38.77
N ASP D 38 9.24 -45.25 37.82
CA ASP D 38 9.04 -46.62 37.37
C ASP D 38 9.90 -46.81 36.12
N ASN D 39 9.99 -48.08 35.66
CA ASN D 39 10.98 -48.45 34.65
C ASN D 39 10.49 -48.13 33.25
N LYS D 40 9.18 -48.03 33.08
CA LYS D 40 8.63 -47.56 31.80
C LYS D 40 9.10 -46.12 31.58
N THR D 41 9.00 -45.31 32.64
CA THR D 41 9.35 -43.89 32.56
C THR D 41 10.86 -43.74 32.39
N LEU D 42 11.64 -44.40 33.24
CA LEU D 42 13.09 -44.24 33.20
C LEU D 42 13.68 -44.79 31.91
N SER D 43 13.13 -45.92 31.37
CA SER D 43 13.64 -46.45 30.11
C SER D 43 13.32 -45.49 28.96
N THR D 44 12.17 -44.84 29.00
CA THR D 44 11.81 -43.89 27.95
C THR D 44 12.79 -42.74 27.92
N LEU D 45 13.11 -42.17 29.10
CA LEU D 45 14.05 -41.08 29.26
C LEU D 45 15.46 -41.47 28.82
N LEU D 46 15.85 -42.74 29.06
CA LEU D 46 17.12 -43.24 28.59
C LEU D 46 17.15 -43.30 27.06
N LYS D 47 16.06 -43.77 26.45
CA LYS D 47 15.99 -43.96 25.02
C LYS D 47 15.91 -42.66 24.25
N PHE D 48 15.02 -41.75 24.69
CA PHE D 48 14.75 -40.53 23.96
C PHE D 48 15.27 -39.35 24.76
N ASP D 49 16.06 -38.49 24.13
CA ASP D 49 16.72 -37.42 24.84
C ASP D 49 16.56 -36.16 24.00
N SER D 50 16.02 -35.10 24.61
CA SER D 50 15.76 -33.87 23.87
C SER D 50 17.04 -33.17 23.45
N ILE D 51 18.16 -33.50 24.11
CA ILE D 51 19.43 -32.89 23.76
C ILE D 51 20.29 -33.87 22.94
N MET D 52 20.41 -35.12 23.39
CA MET D 52 21.41 -36.05 22.84
C MET D 52 20.80 -36.91 21.72
N GLY D 53 19.48 -36.87 21.56
CA GLY D 53 18.82 -37.65 20.54
C GLY D 53 18.59 -39.10 20.96
N ARG D 54 18.19 -39.91 19.98
CA ARG D 54 17.82 -41.29 20.22
C ARG D 54 19.05 -42.14 20.58
N LEU D 55 18.94 -42.98 21.59
CA LEU D 55 19.97 -43.95 21.89
C LEU D 55 19.96 -45.01 20.80
N GLY D 56 21.13 -45.36 20.29
CA GLY D 56 21.20 -46.27 19.15
C GLY D 56 21.06 -47.73 19.56
N GLN D 57 20.98 -48.01 20.87
CA GLN D 57 20.74 -49.35 21.39
C GLN D 57 19.25 -49.62 21.59
N GLU D 58 18.90 -50.90 21.53
CA GLU D 58 17.57 -51.34 21.91
C GLU D 58 17.40 -51.27 23.42
N VAL D 59 16.23 -50.74 23.84
CA VAL D 59 15.90 -50.56 25.23
C VAL D 59 14.58 -51.29 25.50
N GLU D 60 14.59 -52.16 26.52
CA GLU D 60 13.36 -52.74 27.06
C GLU D 60 13.34 -52.56 28.57
N TYR D 61 12.24 -52.94 29.21
CA TYR D 61 12.15 -52.82 30.65
C TYR D 61 11.17 -53.87 31.21
N ASP D 62 11.28 -54.14 32.50
CA ASP D 62 10.30 -54.96 33.19
C ASP D 62 10.18 -54.34 34.58
N ASP D 63 9.74 -55.08 35.58
CA ASP D 63 9.39 -54.37 36.80
C ASP D 63 10.59 -54.23 37.72
N ASP D 64 11.81 -54.65 37.34
CA ASP D 64 12.93 -54.35 38.23
C ASP D 64 14.20 -54.02 37.47
N SER D 65 14.08 -53.75 36.17
CA SER D 65 15.27 -53.59 35.37
C SER D 65 14.96 -52.79 34.12
N ILE D 66 16.03 -52.33 33.48
CA ILE D 66 16.01 -51.88 32.12
C ILE D 66 17.12 -52.63 31.38
N THR D 67 16.84 -53.07 30.15
CA THR D 67 17.82 -53.80 29.35
C THR D 67 18.24 -52.93 28.18
N VAL D 68 19.54 -52.72 28.05
CA VAL D 68 20.07 -51.86 26.99
C VAL D 68 21.07 -52.65 26.18
N GLY D 69 20.79 -52.75 24.88
CA GLY D 69 21.67 -53.49 23.99
C GLY D 69 21.92 -54.91 24.48
N GLY D 70 20.91 -55.50 25.10
CA GLY D 70 21.02 -56.86 25.62
C GLY D 70 21.56 -56.95 27.05
N LYS D 71 22.00 -55.84 27.64
CA LYS D 71 22.57 -55.87 28.98
C LYS D 71 21.55 -55.40 29.99
N ARG D 72 21.29 -56.23 30.99
CA ARG D 72 20.29 -55.96 31.99
C ARG D 72 20.87 -55.06 33.08
N ILE D 73 20.20 -53.95 33.34
CA ILE D 73 20.55 -53.00 34.37
C ILE D 73 19.44 -53.01 35.42
N ALA D 74 19.81 -53.39 36.64
CA ALA D 74 18.92 -53.31 37.79
C ALA D 74 18.54 -51.85 38.07
N VAL D 75 17.28 -51.65 38.45
CA VAL D 75 16.77 -50.31 38.76
C VAL D 75 16.19 -50.33 40.16
N TYR D 76 16.55 -49.34 40.98
CA TYR D 76 15.98 -49.19 42.32
C TYR D 76 15.18 -47.90 42.35
N ALA D 77 14.31 -47.79 43.35
CA ALA D 77 13.58 -46.56 43.59
C ALA D 77 13.58 -46.24 45.08
N GLU D 78 14.77 -46.02 45.66
CA GLU D 78 14.93 -45.78 47.10
C GLU D 78 15.31 -44.32 47.33
N ARG D 79 14.42 -43.53 47.97
CA ARG D 79 14.70 -42.12 48.23
C ARG D 79 15.88 -42.00 49.21
N ASP D 80 15.99 -43.00 50.10
CA ASP D 80 17.01 -43.05 51.14
C ASP D 80 18.15 -44.01 50.77
N PRO D 81 19.38 -43.50 50.52
CA PRO D 81 20.51 -44.35 50.16
C PRO D 81 20.79 -45.55 51.08
N LYS D 82 20.39 -45.45 52.35
CA LYS D 82 20.70 -46.52 53.29
C LYS D 82 19.88 -47.77 52.98
N ASN D 83 18.77 -47.62 52.23
CA ASN D 83 17.95 -48.76 51.84
C ASN D 83 18.43 -49.43 50.55
N LEU D 84 19.57 -48.99 49.98
CA LEU D 84 20.13 -49.57 48.75
C LEU D 84 21.04 -50.74 49.09
N ASP D 85 21.21 -51.68 48.15
CA ASP D 85 22.20 -52.72 48.28
C ASP D 85 23.04 -52.83 47.01
N TRP D 86 24.18 -52.12 46.98
CA TRP D 86 25.08 -52.09 45.82
C TRP D 86 25.90 -53.37 45.69
N ALA D 87 26.00 -54.13 46.77
CA ALA D 87 26.72 -55.40 46.77
C ALA D 87 25.93 -56.45 45.98
N ALA D 88 24.59 -56.38 46.03
CA ALA D 88 23.72 -57.27 45.27
C ALA D 88 24.24 -57.42 43.85
N HIS D 89 24.67 -56.30 43.24
CA HIS D 89 25.06 -56.34 41.83
C HIS D 89 26.55 -56.07 41.68
N ASN D 90 27.32 -56.26 42.77
CA ASN D 90 28.77 -56.25 42.72
C ASN D 90 29.31 -54.90 42.21
N VAL D 91 28.76 -53.78 42.70
CA VAL D 91 29.13 -52.46 42.22
C VAL D 91 30.38 -51.99 42.96
N ASP D 92 31.37 -51.51 42.19
CA ASP D 92 32.62 -50.96 42.67
C ASP D 92 32.50 -49.47 42.97
N ILE D 93 32.00 -48.70 41.98
CA ILE D 93 32.01 -47.24 42.03
C ILE D 93 30.57 -46.74 41.88
N VAL D 94 30.12 -45.86 42.78
CA VAL D 94 28.83 -45.20 42.66
C VAL D 94 29.04 -43.74 42.29
N ILE D 95 28.42 -43.33 41.18
CA ILE D 95 28.21 -41.95 40.83
C ILE D 95 26.99 -41.46 41.59
N GLU D 96 27.24 -40.45 42.43
CA GLU D 96 26.19 -39.83 43.21
C GLU D 96 25.76 -38.54 42.51
N SER D 97 24.61 -38.62 41.81
CA SER D 97 24.17 -37.55 40.93
C SER D 97 22.69 -37.21 41.15
N THR D 98 22.23 -37.32 42.42
CA THR D 98 20.89 -36.86 42.75
C THR D 98 20.79 -35.36 42.97
N GLY D 99 21.86 -34.76 43.48
CA GLY D 99 21.77 -33.39 43.98
C GLY D 99 21.49 -33.30 45.47
N PHE D 100 21.14 -34.41 46.12
CA PHE D 100 20.65 -34.37 47.50
C PHE D 100 21.68 -34.95 48.46
N PHE D 101 22.77 -35.57 47.94
CA PHE D 101 23.72 -36.21 48.84
C PHE D 101 25.14 -35.70 48.61
N THR D 102 25.29 -34.37 48.56
CA THR D 102 26.59 -33.76 48.33
C THR D 102 27.39 -33.70 49.63
N ASP D 103 26.72 -33.89 50.76
CA ASP D 103 27.41 -34.05 52.02
C ASP D 103 27.95 -35.47 52.03
N ALA D 104 29.27 -35.61 52.12
CA ALA D 104 29.94 -36.90 52.06
C ALA D 104 29.49 -37.79 53.21
N ASN D 105 29.04 -37.19 54.31
CA ASN D 105 28.57 -37.96 55.46
C ASN D 105 27.23 -38.63 55.17
N ALA D 106 26.44 -38.07 54.24
CA ALA D 106 25.28 -38.76 53.69
C ALA D 106 25.68 -39.64 52.51
N ALA D 107 26.56 -39.17 51.59
CA ALA D 107 26.95 -39.96 50.44
C ALA D 107 27.67 -41.24 50.86
N LYS D 108 28.32 -41.26 52.04
CA LYS D 108 29.08 -42.44 52.43
C LYS D 108 28.14 -43.64 52.68
N ALA D 109 26.81 -43.40 52.78
CA ALA D 109 25.85 -44.49 52.92
C ALA D 109 25.98 -45.49 51.78
N HIS D 110 26.50 -45.04 50.62
CA HIS D 110 26.75 -45.91 49.47
C HIS D 110 27.85 -46.92 49.80
N ILE D 111 28.86 -46.47 50.54
CA ILE D 111 29.96 -47.34 50.96
C ILE D 111 29.45 -48.42 51.92
N GLU D 112 28.58 -48.01 52.87
CA GLU D 112 27.94 -48.94 53.79
C GLU D 112 27.01 -49.89 53.04
N ALA D 113 26.49 -49.44 51.89
CA ALA D 113 25.57 -50.28 51.14
C ALA D 113 26.32 -51.21 50.21
N GLY D 114 27.67 -51.22 50.24
CA GLY D 114 28.39 -52.22 49.46
C GLY D 114 29.39 -51.66 48.44
N ALA D 115 29.32 -50.36 48.10
CA ALA D 115 30.25 -49.80 47.12
C ALA D 115 31.59 -49.53 47.78
N LYS D 116 32.66 -49.39 46.98
CA LYS D 116 34.01 -49.13 47.47
C LYS D 116 34.42 -47.67 47.34
N LYS D 117 33.83 -46.99 46.35
CA LYS D 117 34.14 -45.60 46.02
C LYS D 117 32.87 -44.85 45.65
N VAL D 118 32.77 -43.58 46.05
CA VAL D 118 31.64 -42.75 45.65
C VAL D 118 32.24 -41.51 44.99
N ILE D 119 31.76 -41.21 43.78
CA ILE D 119 32.10 -39.97 43.11
C ILE D 119 30.84 -39.09 43.05
N ILE D 120 30.90 -37.96 43.75
CA ILE D 120 29.81 -37.01 43.82
C ILE D 120 29.95 -36.03 42.65
N SER D 121 28.87 -35.89 41.90
CA SER D 121 28.91 -35.20 40.62
C SER D 121 28.69 -33.71 40.86
N ALA D 122 29.28 -33.18 41.94
CA ALA D 122 29.04 -31.80 42.30
C ALA D 122 30.05 -31.40 43.37
N PRO D 123 30.18 -30.10 43.70
CA PRO D 123 30.95 -29.73 44.89
C PRO D 123 30.30 -30.37 46.11
N ALA D 124 31.14 -30.81 47.03
CA ALA D 124 30.71 -31.61 48.17
C ALA D 124 31.08 -30.89 49.45
N SER D 125 30.63 -31.45 50.59
CA SER D 125 31.03 -31.04 51.93
C SER D 125 31.51 -32.29 52.68
N ASN D 126 32.59 -32.16 53.46
CA ASN D 126 33.07 -33.25 54.28
C ASN D 126 33.70 -34.37 53.45
N GLU D 127 34.08 -34.09 52.18
CA GLU D 127 34.59 -35.09 51.27
C GLU D 127 36.05 -35.39 51.57
N ASP D 128 36.57 -36.51 51.04
CA ASP D 128 37.96 -36.87 51.20
C ASP D 128 38.83 -36.02 50.29
N ALA D 129 38.31 -35.61 49.13
CA ALA D 129 39.09 -34.84 48.17
C ALA D 129 38.16 -34.40 47.05
N THR D 130 38.58 -33.39 46.28
CA THR D 130 37.87 -32.83 45.14
C THR D 130 38.84 -32.77 43.95
N PHE D 131 38.36 -33.11 42.74
CA PHE D 131 39.20 -33.24 41.55
C PHE D 131 38.57 -32.54 40.35
N VAL D 132 39.41 -31.80 39.66
CA VAL D 132 39.20 -31.47 38.28
C VAL D 132 40.23 -32.21 37.47
N TYR D 133 39.77 -33.19 36.70
CA TYR D 133 40.64 -33.94 35.86
C TYR D 133 41.47 -33.01 34.97
N GLY D 134 42.75 -33.37 34.85
CA GLY D 134 43.69 -32.58 34.10
C GLY D 134 44.33 -31.50 34.97
N VAL D 135 43.80 -31.22 36.14
CA VAL D 135 44.33 -30.13 36.93
C VAL D 135 45.03 -30.71 38.17
N ASN D 136 44.37 -31.61 38.89
CA ASN D 136 44.92 -32.09 40.14
C ASN D 136 44.65 -33.59 40.34
N HIS D 137 44.37 -34.35 39.26
CA HIS D 137 43.99 -35.75 39.46
C HIS D 137 45.20 -36.56 39.90
N GLU D 138 46.40 -36.04 39.68
CA GLU D 138 47.60 -36.74 40.11
C GLU D 138 47.70 -36.81 41.63
N SER D 139 46.88 -36.04 42.37
CA SER D 139 46.97 -36.09 43.81
C SER D 139 46.02 -37.15 44.36
N TYR D 140 45.29 -37.86 43.48
CA TYR D 140 44.34 -38.88 43.91
C TYR D 140 45.03 -39.98 44.71
N ASP D 141 44.45 -40.33 45.86
CA ASP D 141 45.06 -41.30 46.76
C ASP D 141 44.09 -42.45 46.91
N PRO D 142 44.34 -43.61 46.25
CA PRO D 142 43.40 -44.73 46.27
C PRO D 142 43.15 -45.37 47.63
N GLU D 143 44.04 -45.11 48.60
CA GLU D 143 43.85 -45.69 49.93
C GLU D 143 42.82 -44.87 50.71
N ASN D 144 42.97 -43.56 50.58
CA ASN D 144 42.40 -42.57 51.49
C ASN D 144 41.29 -41.74 50.83
N HIS D 145 41.22 -41.68 49.50
CA HIS D 145 40.18 -40.92 48.82
C HIS D 145 39.11 -41.88 48.34
N ASN D 146 38.05 -42.05 49.14
CA ASN D 146 37.00 -43.04 48.91
C ASN D 146 35.65 -42.37 48.60
N VAL D 147 35.38 -41.23 49.21
CA VAL D 147 34.21 -40.45 48.87
C VAL D 147 34.70 -39.10 48.38
N ILE D 148 34.63 -38.92 47.04
CA ILE D 148 35.26 -37.77 46.42
C ILE D 148 34.24 -37.00 45.58
N SER D 149 34.62 -35.78 45.23
CA SER D 149 33.85 -34.88 44.37
C SER D 149 34.57 -34.68 43.05
N GLY D 150 33.82 -34.72 41.95
CA GLY D 150 34.36 -34.23 40.70
C GLY D 150 34.07 -32.74 40.43
N ALA D 151 33.71 -31.98 41.48
CA ALA D 151 33.47 -30.54 41.35
C ALA D 151 32.24 -30.24 40.48
N SER D 152 32.12 -29.00 40.02
CA SER D 152 31.00 -28.55 39.22
C SER D 152 31.46 -28.41 37.76
N CYS D 153 30.47 -28.31 36.87
CA CYS D 153 30.66 -27.96 35.48
C CYS D 153 31.54 -26.70 35.36
N THR D 154 31.16 -25.64 36.08
CA THR D 154 31.85 -24.37 35.98
C THR D 154 33.29 -24.49 36.48
N THR D 155 33.49 -25.20 37.58
CA THR D 155 34.85 -25.41 38.10
C THR D 155 35.73 -26.13 37.07
N ASN D 156 35.17 -27.14 36.37
CA ASN D 156 35.94 -27.91 35.39
C ASN D 156 36.28 -27.07 34.17
N CYS D 157 35.46 -26.05 33.89
CA CYS D 157 35.74 -25.09 32.86
C CYS D 157 36.76 -24.05 33.35
N LEU D 158 36.56 -23.52 34.55
CA LEU D 158 37.40 -22.39 35.00
C LEU D 158 38.81 -22.85 35.37
N ALA D 159 38.92 -23.98 36.08
CA ALA D 159 40.16 -24.36 36.72
C ALA D 159 41.28 -24.63 35.73
N PRO D 160 41.07 -25.36 34.61
CA PRO D 160 42.14 -25.56 33.63
C PRO D 160 42.72 -24.27 33.06
N MET D 161 41.82 -23.33 32.74
CA MET D 161 42.19 -22.05 32.17
C MET D 161 42.93 -21.21 33.22
N ALA D 162 42.43 -21.23 34.47
CA ALA D 162 43.02 -20.45 35.55
C ALA D 162 44.42 -20.98 35.90
N LYS D 163 44.59 -22.30 35.84
CA LYS D 163 45.89 -22.90 36.10
C LYS D 163 46.93 -22.33 35.13
N VAL D 164 46.62 -22.38 33.82
CA VAL D 164 47.56 -21.92 32.82
C VAL D 164 47.84 -20.42 32.96
N LEU D 165 46.81 -19.59 33.17
CA LEU D 165 47.04 -18.15 33.19
C LEU D 165 47.72 -17.75 34.50
N ASN D 166 47.36 -18.41 35.60
CA ASN D 166 48.09 -18.20 36.84
C ASN D 166 49.54 -18.67 36.69
N ASP D 167 49.80 -19.85 36.13
CA ASP D 167 51.16 -20.34 35.99
C ASP D 167 52.02 -19.36 35.19
N LYS D 168 51.48 -18.83 34.08
CA LYS D 168 52.28 -18.04 33.15
C LYS D 168 52.36 -16.56 33.51
N PHE D 169 51.27 -15.99 34.07
CA PHE D 169 51.13 -14.54 34.24
C PHE D 169 50.84 -14.14 35.68
N GLY D 170 50.19 -15.04 36.42
CA GLY D 170 49.89 -14.85 37.82
C GLY D 170 48.57 -14.10 37.99
N ILE D 171 47.64 -14.73 38.69
CA ILE D 171 46.36 -14.11 39.04
C ILE D 171 46.49 -13.48 40.44
N GLU D 172 46.29 -12.16 40.53
CA GLU D 172 46.27 -11.45 41.80
C GLU D 172 44.93 -11.62 42.49
N ASN D 173 43.87 -11.18 41.80
CA ASN D 173 42.49 -11.53 42.12
C ASN D 173 41.72 -11.62 40.81
N GLY D 174 40.58 -12.32 40.86
CA GLY D 174 39.69 -12.46 39.72
C GLY D 174 38.23 -12.63 40.15
N LEU D 175 37.33 -12.18 39.28
CA LEU D 175 35.90 -12.34 39.50
C LEU D 175 35.25 -12.87 38.22
N MET D 176 34.44 -13.91 38.38
CA MET D 176 33.90 -14.59 37.22
C MET D 176 32.38 -14.36 37.12
N THR D 177 31.89 -14.34 35.88
CA THR D 177 30.49 -14.53 35.58
C THR D 177 30.36 -15.71 34.63
N THR D 178 29.56 -16.72 34.99
CA THR D 178 29.20 -17.76 34.02
C THR D 178 27.79 -17.49 33.51
N VAL D 179 27.67 -17.43 32.17
CA VAL D 179 26.42 -17.37 31.45
C VAL D 179 26.13 -18.84 31.09
N HIS D 180 25.11 -19.38 31.75
CA HIS D 180 24.94 -20.80 31.91
C HIS D 180 23.55 -21.22 31.50
N ALA D 181 23.49 -22.36 30.82
CA ALA D 181 22.23 -22.97 30.44
C ALA D 181 21.37 -23.21 31.68
N TYR D 182 20.06 -23.17 31.51
CA TYR D 182 19.20 -23.49 32.65
C TYR D 182 19.37 -24.97 32.97
N THR D 183 19.13 -25.29 34.23
CA THR D 183 19.19 -26.67 34.73
C THR D 183 17.87 -27.04 35.42
N GLY D 184 17.72 -28.35 35.70
CA GLY D 184 16.48 -28.95 36.16
C GLY D 184 16.13 -28.53 37.59
N ASP D 185 17.04 -27.91 38.34
CA ASP D 185 16.65 -27.39 39.62
C ASP D 185 15.98 -25.99 39.52
N GLN D 186 15.89 -25.39 38.33
CA GLN D 186 15.15 -24.15 38.12
C GLN D 186 13.70 -24.48 37.78
N ARG D 187 12.79 -23.51 37.89
CA ARG D 187 11.37 -23.73 37.71
C ARG D 187 10.96 -23.33 36.31
N LEU D 188 10.08 -24.10 35.68
CA LEU D 188 9.56 -23.79 34.37
C LEU D 188 8.61 -22.59 34.42
N HIS D 189 7.74 -22.62 35.41
CA HIS D 189 6.84 -21.52 35.75
C HIS D 189 7.21 -21.03 37.16
N ASP D 190 6.98 -19.72 37.38
CA ASP D 190 7.34 -19.12 38.67
C ASP D 190 6.75 -19.95 39.81
N ALA D 191 7.57 -20.48 40.71
CA ALA D 191 7.10 -21.40 41.73
C ALA D 191 8.08 -21.41 42.89
N PRO D 192 7.72 -21.96 44.09
CA PRO D 192 8.62 -21.95 45.24
C PRO D 192 9.98 -22.59 44.98
N HIS D 193 11.02 -21.90 45.44
CA HIS D 193 12.39 -22.38 45.38
C HIS D 193 13.11 -21.75 46.56
N ARG D 194 14.11 -22.44 47.12
CA ARG D 194 14.96 -21.90 48.16
C ARG D 194 15.63 -20.61 47.67
N ASP D 195 16.02 -20.58 46.40
CA ASP D 195 16.64 -19.41 45.78
C ASP D 195 15.52 -18.63 45.10
N LEU D 196 15.32 -17.36 45.47
CA LEU D 196 14.15 -16.59 45.02
C LEU D 196 14.26 -16.18 43.56
N ARG D 197 15.45 -16.28 42.97
CA ARG D 197 15.57 -15.98 41.54
C ARG D 197 15.36 -17.26 40.74
N ARG D 198 15.92 -18.39 41.21
CA ARG D 198 15.79 -19.68 40.55
C ARG D 198 14.34 -20.16 40.60
N ALA D 199 13.53 -19.53 41.48
CA ALA D 199 12.07 -19.64 41.49
C ALA D 199 11.36 -19.22 40.20
N ARG D 200 12.02 -18.40 39.39
CA ARG D 200 11.40 -17.65 38.30
C ARG D 200 11.59 -18.40 36.97
N ALA D 201 10.51 -18.38 36.18
CA ALA D 201 10.38 -19.12 34.92
C ALA D 201 11.68 -19.11 34.13
N ALA D 202 12.26 -20.32 33.96
CA ALA D 202 13.67 -20.38 33.58
C ALA D 202 13.83 -20.05 32.11
N ALA D 203 12.80 -20.33 31.29
CA ALA D 203 13.01 -20.30 29.87
C ALA D 203 12.71 -18.91 29.31
N VAL D 204 12.28 -17.96 30.13
CA VAL D 204 12.03 -16.59 29.68
C VAL D 204 12.84 -15.56 30.45
N ASN D 205 13.79 -15.97 31.28
CA ASN D 205 14.50 -15.03 32.14
C ASN D 205 15.99 -15.19 32.09
N ILE D 206 16.69 -14.05 32.27
CA ILE D 206 18.05 -14.08 32.75
C ILE D 206 17.98 -14.11 34.28
N VAL D 207 18.57 -15.16 34.88
CA VAL D 207 18.40 -15.48 36.29
C VAL D 207 19.76 -15.47 36.97
N PRO D 208 20.09 -14.42 37.72
CA PRO D 208 21.31 -14.41 38.52
C PRO D 208 21.25 -15.39 39.68
N THR D 209 22.33 -16.12 39.94
CA THR D 209 22.31 -17.04 41.06
C THR D 209 23.75 -17.31 41.47
N SER D 210 23.91 -17.96 42.60
CA SER D 210 25.26 -18.15 43.11
C SER D 210 25.95 -19.28 42.37
N THR D 211 27.26 -19.36 42.60
CA THR D 211 28.07 -20.51 42.24
C THR D 211 29.26 -20.53 43.20
N GLY D 212 29.52 -21.67 43.81
CA GLY D 212 30.70 -21.80 44.65
C GLY D 212 31.93 -22.04 43.78
N ALA D 213 31.70 -22.04 42.46
CA ALA D 213 32.69 -22.59 41.55
C ALA D 213 34.01 -21.83 41.66
N ALA D 214 34.00 -20.52 41.81
CA ALA D 214 35.30 -19.85 41.76
C ALA D 214 36.06 -20.06 43.07
N LYS D 215 35.34 -20.16 44.21
CA LYS D 215 35.97 -20.55 45.45
C LYS D 215 36.32 -22.05 45.51
N ALA D 216 35.56 -22.94 44.83
CA ALA D 216 35.95 -24.35 44.69
C ALA D 216 37.19 -24.55 43.81
N VAL D 217 37.49 -23.63 42.89
CA VAL D 217 38.74 -23.66 42.16
C VAL D 217 39.88 -23.77 43.18
N ALA D 218 39.70 -23.15 44.36
CA ALA D 218 40.75 -23.10 45.36
C ALA D 218 40.95 -24.47 46.00
N LEU D 219 39.96 -25.36 45.89
CA LEU D 219 40.14 -26.72 46.35
C LEU D 219 41.06 -27.52 45.42
N VAL D 220 41.10 -27.18 44.13
CA VAL D 220 41.92 -27.96 43.22
C VAL D 220 43.19 -27.21 42.87
N LEU D 221 43.22 -25.88 43.10
CA LEU D 221 44.38 -25.05 42.93
C LEU D 221 44.57 -24.21 44.19
N PRO D 222 45.16 -24.74 45.27
CA PRO D 222 45.18 -24.02 46.55
C PRO D 222 45.91 -22.68 46.49
N GLU D 223 46.83 -22.51 45.54
CA GLU D 223 47.50 -21.23 45.31
C GLU D 223 46.49 -20.12 44.99
N LEU D 224 45.25 -20.46 44.61
CA LEU D 224 44.25 -19.45 44.29
C LEU D 224 43.24 -19.26 45.42
N LYS D 225 43.51 -19.81 46.60
CA LYS D 225 42.62 -19.60 47.73
C LYS D 225 42.53 -18.12 48.06
N GLY D 226 41.31 -17.61 48.19
CA GLY D 226 41.08 -16.22 48.56
C GLY D 226 41.12 -15.26 47.38
N LYS D 227 41.34 -15.75 46.16
CA LYS D 227 41.63 -14.85 45.05
C LYS D 227 40.56 -14.84 43.97
N LEU D 228 39.53 -15.71 44.08
CA LEU D 228 38.47 -15.74 43.08
C LEU D 228 37.11 -15.71 43.78
N ASP D 229 36.14 -15.08 43.11
CA ASP D 229 34.73 -15.15 43.47
C ASP D 229 33.95 -14.88 42.19
N GLY D 230 32.61 -14.98 42.26
CA GLY D 230 31.82 -14.85 41.06
C GLY D 230 30.39 -15.28 41.29
N TYR D 231 29.63 -15.36 40.18
CA TYR D 231 28.22 -15.71 40.22
C TYR D 231 27.86 -16.23 38.83
N ALA D 232 26.60 -16.64 38.68
CA ALA D 232 26.10 -17.20 37.44
C ALA D 232 24.89 -16.37 37.00
N LEU D 233 24.77 -16.21 35.68
CA LEU D 233 23.52 -15.82 35.05
C LEU D 233 22.99 -17.02 34.28
N ARG D 234 21.89 -17.62 34.74
CA ARG D 234 21.22 -18.67 33.97
C ARG D 234 20.39 -18.04 32.86
N VAL D 235 20.51 -18.57 31.61
CA VAL D 235 19.86 -17.97 30.47
C VAL D 235 19.16 -19.05 29.66
N PRO D 236 18.17 -18.69 28.81
CA PRO D 236 17.37 -19.71 28.10
C PRO D 236 18.05 -20.40 26.92
N VAL D 237 19.08 -21.22 27.22
CA VAL D 237 19.46 -22.30 26.32
C VAL D 237 19.48 -23.57 27.18
N ILE D 238 19.14 -24.71 26.55
CA ILE D 238 18.93 -25.94 27.31
C ILE D 238 20.24 -26.58 27.78
N THR D 239 21.35 -26.35 27.05
CA THR D 239 22.70 -26.75 27.50
C THR D 239 23.71 -25.91 26.73
N GLY D 240 24.91 -25.78 27.27
CA GLY D 240 25.93 -24.92 26.70
C GLY D 240 26.08 -23.66 27.55
N SER D 241 27.32 -23.40 27.98
CA SER D 241 27.59 -22.35 28.94
C SER D 241 28.93 -21.70 28.61
N ALA D 242 29.18 -20.52 29.19
CA ALA D 242 30.46 -19.86 29.00
C ALA D 242 30.90 -19.26 30.33
N THR D 243 32.19 -19.41 30.68
CA THR D 243 32.73 -18.81 31.88
C THR D 243 33.57 -17.58 31.49
N ASP D 244 33.23 -16.42 32.02
CA ASP D 244 33.88 -15.17 31.69
C ASP D 244 34.68 -14.75 32.94
N LEU D 245 36.02 -14.79 32.88
CA LEU D 245 36.82 -14.41 34.04
C LEU D 245 37.53 -13.10 33.74
N THR D 246 37.43 -12.17 34.71
CA THR D 246 38.13 -10.89 34.69
C THR D 246 39.07 -10.84 35.88
N PHE D 247 40.38 -10.72 35.61
CA PHE D 247 41.37 -10.82 36.64
C PHE D 247 42.45 -9.75 36.45
N ASN D 248 43.09 -9.41 37.58
CA ASN D 248 44.30 -8.58 37.57
C ASN D 248 45.53 -9.47 37.60
N THR D 249 46.41 -9.15 36.65
CA THR D 249 47.56 -9.96 36.37
C THR D 249 48.75 -9.44 37.19
N LYS D 250 49.64 -10.36 37.55
CA LYS D 250 50.80 -9.97 38.32
C LYS D 250 51.84 -9.35 37.40
N SER D 251 51.84 -9.75 36.12
CA SER D 251 52.74 -9.26 35.09
C SER D 251 51.96 -8.62 33.93
N GLU D 252 52.62 -7.75 33.17
CA GLU D 252 52.08 -7.15 31.96
C GLU D 252 51.87 -8.22 30.89
N VAL D 253 50.75 -8.14 30.17
CA VAL D 253 50.42 -9.13 29.16
C VAL D 253 49.72 -8.44 28.00
N THR D 254 49.67 -9.14 26.86
CA THR D 254 48.87 -8.72 25.73
C THR D 254 47.83 -9.81 25.45
N VAL D 255 46.81 -9.41 24.70
CA VAL D 255 45.86 -10.35 24.13
C VAL D 255 46.62 -11.49 23.48
N GLU D 256 47.65 -11.18 22.65
CA GLU D 256 48.32 -12.22 21.90
C GLU D 256 49.06 -13.17 22.84
N SER D 257 49.67 -12.64 23.90
CA SER D 257 50.46 -13.53 24.75
C SER D 257 49.56 -14.39 25.64
N ILE D 258 48.43 -13.85 26.11
CA ILE D 258 47.42 -14.65 26.80
C ILE D 258 46.96 -15.80 25.90
N ASN D 259 46.61 -15.49 24.67
CA ASN D 259 46.10 -16.47 23.72
C ASN D 259 47.18 -17.52 23.44
N ALA D 260 48.44 -17.08 23.28
CA ALA D 260 49.52 -18.00 22.96
C ALA D 260 49.70 -19.01 24.09
N ALA D 261 49.54 -18.55 25.34
CA ALA D 261 49.82 -19.39 26.49
C ALA D 261 48.83 -20.55 26.51
N ILE D 262 47.56 -20.24 26.27
CA ILE D 262 46.55 -21.29 26.25
C ILE D 262 46.86 -22.23 25.10
N LYS D 263 47.08 -21.71 23.88
CA LYS D 263 47.30 -22.58 22.74
C LYS D 263 48.49 -23.53 23.01
N GLU D 264 49.55 -22.99 23.63
CA GLU D 264 50.73 -23.79 23.96
C GLU D 264 50.39 -24.89 24.96
N ALA D 265 49.47 -24.63 25.90
CA ALA D 265 49.22 -25.65 26.90
C ALA D 265 48.21 -26.69 26.43
N ALA D 266 47.32 -26.31 25.50
CA ALA D 266 46.20 -27.15 25.11
C ALA D 266 46.61 -28.23 24.10
N VAL D 267 47.41 -29.21 24.54
CA VAL D 267 48.00 -30.22 23.66
C VAL D 267 48.03 -31.47 24.50
N GLY D 268 48.20 -32.64 23.89
CA GLY D 268 48.43 -33.86 24.68
C GLY D 268 47.22 -34.17 25.57
N GLU D 269 47.43 -34.91 26.64
CA GLU D 269 46.32 -35.32 27.48
C GLU D 269 45.60 -34.10 28.05
N PHE D 270 46.35 -33.10 28.50
CA PHE D 270 45.73 -31.90 29.07
C PHE D 270 44.74 -31.29 28.08
N GLY D 271 45.11 -31.34 26.81
CA GLY D 271 44.30 -30.81 25.73
C GLY D 271 43.01 -31.59 25.52
N GLU D 272 42.87 -32.77 26.14
CA GLU D 272 41.57 -33.41 26.13
C GLU D 272 40.64 -32.72 27.15
N THR D 273 41.20 -32.00 28.14
CA THR D 273 40.45 -31.21 29.11
C THR D 273 40.23 -29.79 28.59
N LEU D 274 41.31 -29.15 28.11
CA LEU D 274 41.29 -27.75 27.69
C LEU D 274 41.64 -27.65 26.21
N ALA D 275 40.70 -27.09 25.44
CA ALA D 275 40.87 -26.83 24.01
C ALA D 275 41.10 -25.35 23.80
N TYR D 276 41.72 -25.02 22.67
CA TYR D 276 41.97 -23.65 22.25
C TYR D 276 41.23 -23.46 20.93
N SER D 277 40.40 -22.42 20.84
CA SER D 277 39.68 -22.11 19.62
C SER D 277 39.86 -20.65 19.17
N GLU D 278 40.01 -20.50 17.85
CA GLU D 278 39.92 -19.21 17.19
C GLU D 278 38.71 -19.17 16.26
N GLU D 279 37.76 -20.09 16.45
CA GLU D 279 36.56 -20.21 15.63
C GLU D 279 35.49 -19.23 16.13
N PRO D 280 34.55 -18.82 15.23
CA PRO D 280 33.52 -17.86 15.60
C PRO D 280 32.39 -18.55 16.36
N LEU D 281 32.71 -19.05 17.57
CA LEU D 281 31.84 -20.02 18.24
C LEU D 281 30.60 -19.34 18.81
N VAL D 282 29.46 -20.08 18.78
CA VAL D 282 28.28 -19.77 19.59
C VAL D 282 27.96 -21.03 20.36
N SER D 283 27.00 -20.95 21.30
CA SER D 283 26.77 -22.05 22.24
C SER D 283 26.46 -23.39 21.54
N THR D 284 25.59 -23.37 20.50
CA THR D 284 25.21 -24.61 19.82
C THR D 284 26.44 -25.34 19.23
N ASP D 285 27.56 -24.62 19.04
CA ASP D 285 28.77 -25.19 18.50
C ASP D 285 29.51 -26.04 19.51
N ILE D 286 29.33 -25.76 20.82
CA ILE D 286 30.05 -26.48 21.83
C ILE D 286 29.16 -27.51 22.53
N VAL D 287 27.88 -27.66 22.12
CA VAL D 287 27.05 -28.77 22.58
C VAL D 287 27.65 -30.09 22.12
N HIS D 288 27.76 -31.04 23.06
CA HIS D 288 28.32 -32.36 22.85
C HIS D 288 29.84 -32.31 22.63
N ASP D 289 30.54 -31.25 23.08
CA ASP D 289 32.01 -31.22 23.06
C ASP D 289 32.49 -31.92 24.33
N SER D 290 33.53 -32.75 24.19
CA SER D 290 34.05 -33.61 25.24
C SER D 290 35.06 -32.90 26.16
N HIS D 291 35.40 -31.63 25.87
CA HIS D 291 36.30 -30.87 26.73
C HIS D 291 35.60 -30.28 27.96
N GLY D 292 36.34 -30.17 29.05
CA GLY D 292 35.84 -29.40 30.19
C GLY D 292 35.83 -27.89 29.97
N SER D 293 36.71 -27.39 29.10
CA SER D 293 36.96 -25.97 28.90
C SER D 293 37.39 -25.73 27.44
N ILE D 294 36.66 -24.87 26.71
CA ILE D 294 37.00 -24.51 25.34
C ILE D 294 37.29 -23.02 25.28
N PHE D 295 38.59 -22.68 25.31
CA PHE D 295 39.02 -21.30 25.44
C PHE D 295 38.78 -20.55 24.13
N ASP D 296 38.10 -19.40 24.19
CA ASP D 296 37.71 -18.66 23.02
C ASP D 296 38.66 -17.47 22.84
N ALA D 297 39.63 -17.63 21.94
CA ALA D 297 40.70 -16.64 21.79
C ALA D 297 40.16 -15.31 21.31
N GLY D 298 39.06 -15.35 20.53
CA GLY D 298 38.53 -14.11 19.97
C GLY D 298 37.92 -13.20 21.04
N LEU D 299 37.67 -13.69 22.27
CA LEU D 299 36.99 -12.87 23.25
C LEU D 299 37.97 -12.34 24.32
N THR D 300 39.26 -12.69 24.24
CA THR D 300 40.26 -12.15 25.15
C THR D 300 40.35 -10.62 25.01
N LYS D 301 40.30 -9.92 26.15
CA LYS D 301 40.53 -8.48 26.19
C LYS D 301 41.49 -8.13 27.33
N VAL D 302 42.21 -7.02 27.14
CA VAL D 302 43.16 -6.50 28.10
C VAL D 302 43.05 -4.98 28.15
N SER D 303 42.97 -4.45 29.38
CA SER D 303 43.06 -3.02 29.67
C SER D 303 43.97 -2.84 30.87
N GLY D 304 45.16 -2.26 30.65
CA GLY D 304 46.17 -2.17 31.70
C GLY D 304 46.57 -3.56 32.18
N ASN D 305 46.38 -3.82 33.48
CA ASN D 305 46.68 -5.12 34.07
C ASN D 305 45.39 -5.86 34.39
N THR D 306 44.30 -5.45 33.75
CA THR D 306 43.05 -6.16 33.81
C THR D 306 42.85 -6.97 32.53
N VAL D 307 42.45 -8.24 32.70
CA VAL D 307 42.34 -9.22 31.64
C VAL D 307 40.98 -9.90 31.71
N LYS D 308 40.32 -10.02 30.54
CA LYS D 308 39.08 -10.78 30.48
C LYS D 308 39.32 -11.94 29.52
N VAL D 309 39.00 -13.16 30.00
CA VAL D 309 39.04 -14.37 29.20
C VAL D 309 37.70 -15.09 29.30
N VAL D 310 37.39 -15.84 28.22
CA VAL D 310 36.14 -16.57 28.14
C VAL D 310 36.40 -17.98 27.64
N SER D 311 35.82 -18.96 28.35
CA SER D 311 35.90 -20.32 27.92
C SER D 311 34.53 -20.99 27.97
N TRP D 312 34.27 -21.79 26.95
CA TRP D 312 33.02 -22.50 26.77
C TRP D 312 33.04 -23.85 27.48
N TYR D 313 31.84 -24.35 27.80
CA TYR D 313 31.66 -25.72 28.24
C TYR D 313 30.25 -26.18 28.00
N ASP D 314 30.11 -27.44 27.54
CA ASP D 314 28.83 -28.13 27.61
C ASP D 314 28.70 -28.63 29.04
N ASN D 315 27.84 -27.94 29.80
CA ASN D 315 27.73 -28.22 31.22
C ASN D 315 27.22 -29.62 31.53
N GLU D 316 26.50 -30.25 30.57
CA GLU D 316 26.16 -31.65 30.65
C GLU D 316 27.33 -32.52 30.17
N TRP D 317 27.53 -32.56 28.84
CA TRP D 317 28.41 -33.54 28.22
C TRP D 317 29.89 -33.35 28.58
N GLY D 318 30.41 -32.13 28.48
CA GLY D 318 31.80 -31.83 28.79
C GLY D 318 32.16 -32.16 30.23
N TYR D 319 31.29 -31.75 31.15
CA TYR D 319 31.50 -32.05 32.55
C TYR D 319 31.45 -33.56 32.78
N THR D 320 30.50 -34.21 32.10
CA THR D 320 30.36 -35.65 32.19
C THR D 320 31.62 -36.33 31.66
N CYS D 321 32.19 -35.85 30.54
CA CYS D 321 33.43 -36.43 30.04
C CYS D 321 34.57 -36.25 31.07
N GLN D 322 34.57 -35.12 31.81
CA GLN D 322 35.53 -34.88 32.87
C GLN D 322 35.35 -35.87 34.00
N LEU D 323 34.09 -36.07 34.36
CA LEU D 323 33.71 -37.00 35.42
C LEU D 323 34.14 -38.42 35.03
N LEU D 324 33.98 -38.80 33.76
CA LEU D 324 34.32 -40.13 33.31
C LEU D 324 35.86 -40.33 33.34
N ARG D 325 36.61 -39.31 32.94
CA ARG D 325 38.06 -39.34 33.05
C ARG D 325 38.45 -39.65 34.50
N LEU D 326 37.81 -38.94 35.43
CA LEU D 326 38.10 -39.14 36.86
C LEU D 326 37.71 -40.55 37.28
N THR D 327 36.57 -41.02 36.75
CA THR D 327 36.11 -42.37 37.04
C THR D 327 37.11 -43.42 36.54
N GLU D 328 37.65 -43.21 35.34
CA GLU D 328 38.60 -44.14 34.75
C GLU D 328 39.83 -44.24 35.66
N LEU D 329 40.24 -43.10 36.21
CA LEU D 329 41.41 -43.07 37.06
C LEU D 329 41.17 -43.86 38.34
N VAL D 330 40.06 -43.61 38.99
CA VAL D 330 39.68 -44.41 40.15
C VAL D 330 39.63 -45.90 39.78
N ALA D 331 39.09 -46.22 38.60
CA ALA D 331 38.92 -47.60 38.19
C ALA D 331 40.25 -48.28 37.88
N SER D 332 41.27 -47.51 37.51
CA SER D 332 42.57 -48.05 37.12
C SER D 332 43.41 -48.45 38.33
N LYS D 333 42.94 -48.13 39.53
CA LYS D 333 43.75 -48.29 40.73
C LYS D 333 42.96 -49.05 41.79
N LEU D 334 43.55 -49.12 42.97
CA LEU D 334 43.17 -50.03 44.03
C LEU D 334 41.74 -49.71 44.49
N LEU D 335 40.90 -50.76 44.56
CA LEU D 335 39.57 -50.80 45.16
C LEU D 335 38.56 -50.02 44.30
N THR E 2 10.17 -17.26 -25.28
CA THR E 2 9.56 -16.11 -24.58
C THR E 2 10.67 -15.25 -23.96
N ILE E 3 10.78 -13.99 -24.39
CA ILE E 3 11.73 -13.09 -23.75
C ILE E 3 10.97 -12.26 -22.72
N ARG E 4 11.61 -12.05 -21.56
CA ARG E 4 10.99 -11.48 -20.40
C ARG E 4 11.36 -9.99 -20.28
N VAL E 5 10.32 -9.17 -20.09
CA VAL E 5 10.44 -7.72 -20.14
C VAL E 5 10.05 -7.12 -18.80
N GLY E 6 10.77 -6.08 -18.40
CA GLY E 6 10.39 -5.21 -17.30
C GLY E 6 10.12 -3.78 -17.77
N ILE E 7 9.28 -3.07 -17.03
CA ILE E 7 8.94 -1.69 -17.38
C ILE E 7 9.29 -0.85 -16.16
N ASN E 8 10.14 0.16 -16.36
CA ASN E 8 10.42 1.17 -15.35
C ASN E 8 9.69 2.45 -15.76
N GLY E 9 8.69 2.81 -14.96
CA GLY E 9 7.84 3.94 -15.26
C GLY E 9 6.56 3.46 -15.93
N PHE E 10 5.55 3.14 -15.12
CA PHE E 10 4.35 2.48 -15.60
C PHE E 10 3.28 3.55 -15.81
N GLY E 11 3.57 4.52 -16.69
CA GLY E 11 2.72 5.66 -16.96
C GLY E 11 1.95 5.49 -18.27
N ARG E 12 1.74 6.60 -19.00
CA ARG E 12 0.99 6.50 -20.25
C ARG E 12 1.70 5.54 -21.18
N ILE E 13 2.99 5.78 -21.44
CA ILE E 13 3.73 4.94 -22.37
C ILE E 13 3.94 3.55 -21.76
N GLY E 14 4.26 3.49 -20.48
CA GLY E 14 4.49 2.21 -19.82
C GLY E 14 3.27 1.29 -19.93
N ARG E 15 2.10 1.84 -19.61
CA ARG E 15 0.87 1.05 -19.64
C ARG E 15 0.42 0.79 -21.08
N ASN E 16 0.63 1.74 -21.99
CA ASN E 16 0.40 1.45 -23.41
C ASN E 16 1.25 0.25 -23.80
N PHE E 17 2.50 0.28 -23.38
CA PHE E 17 3.42 -0.78 -23.76
C PHE E 17 2.98 -2.13 -23.23
N PHE E 18 2.57 -2.17 -21.95
CA PHE E 18 2.08 -3.40 -21.35
C PHE E 18 0.96 -3.98 -22.20
N ARG E 19 -0.01 -3.12 -22.58
CA ARG E 19 -1.16 -3.56 -23.33
C ARG E 19 -0.77 -3.98 -24.74
N ALA E 20 0.19 -3.26 -25.35
CA ALA E 20 0.68 -3.64 -26.67
C ALA E 20 1.34 -5.03 -26.62
N VAL E 21 2.12 -5.34 -25.58
CA VAL E 21 2.75 -6.64 -25.51
C VAL E 21 1.66 -7.71 -25.35
N LEU E 22 0.74 -7.44 -24.44
CA LEU E 22 -0.32 -8.37 -24.14
C LEU E 22 -1.14 -8.64 -25.39
N GLU E 23 -1.50 -7.59 -26.14
CA GLU E 23 -2.42 -7.72 -27.25
C GLU E 23 -1.70 -8.15 -28.53
N ARG E 24 -0.42 -7.83 -28.70
CA ARG E 24 0.17 -7.97 -30.02
C ARG E 24 1.32 -8.98 -30.11
N SER E 25 2.06 -9.24 -29.02
CA SER E 25 3.27 -10.06 -29.10
C SER E 25 2.95 -11.52 -28.82
N ASP E 26 3.63 -12.40 -29.57
CA ASP E 26 3.55 -13.83 -29.35
C ASP E 26 4.80 -14.33 -28.61
N ASP E 27 5.81 -13.48 -28.40
CA ASP E 27 7.04 -14.03 -27.85
C ASP E 27 7.64 -13.17 -26.73
N LEU E 28 6.91 -12.15 -26.25
CA LEU E 28 7.36 -11.35 -25.13
C LEU E 28 6.35 -11.47 -24.00
N GLU E 29 6.83 -11.35 -22.77
CA GLU E 29 5.92 -11.14 -21.65
C GLU E 29 6.54 -10.21 -20.63
N VAL E 30 5.67 -9.38 -20.05
CA VAL E 30 6.07 -8.42 -19.03
C VAL E 30 5.95 -9.09 -17.68
N VAL E 31 7.02 -9.10 -16.89
CA VAL E 31 7.04 -9.88 -15.66
C VAL E 31 7.33 -9.05 -14.42
N ALA E 32 7.71 -7.79 -14.59
CA ALA E 32 7.98 -6.95 -13.44
C ALA E 32 7.89 -5.50 -13.90
N VAL E 33 7.29 -4.67 -13.04
CA VAL E 33 7.21 -3.25 -13.32
C VAL E 33 7.61 -2.49 -12.06
N ASN E 34 8.07 -1.25 -12.30
CA ASN E 34 8.39 -0.30 -11.23
C ASN E 34 7.69 1.03 -11.51
N ASP E 35 7.20 1.64 -10.43
CA ASP E 35 6.60 2.96 -10.45
C ASP E 35 6.79 3.58 -9.05
N LEU E 36 5.86 4.43 -8.61
CA LEU E 36 5.99 5.16 -7.35
C LEU E 36 4.68 5.12 -6.61
N THR E 37 3.95 4.01 -6.68
CA THR E 37 2.64 3.96 -6.06
C THR E 37 2.39 2.57 -5.49
N ASP E 38 1.20 2.35 -5.00
CA ASP E 38 0.87 1.05 -4.41
C ASP E 38 0.15 0.22 -5.47
N ASN E 39 -0.13 -1.04 -5.12
CA ASN E 39 -0.55 -2.03 -6.09
C ASN E 39 -2.04 -1.85 -6.40
N LYS E 40 -2.82 -1.37 -5.41
CA LYS E 40 -4.21 -1.03 -5.64
C LYS E 40 -4.32 0.06 -6.72
N THR E 41 -3.49 1.08 -6.59
CA THR E 41 -3.55 2.19 -7.53
C THR E 41 -3.07 1.73 -8.89
N LEU E 42 -1.92 1.05 -8.91
CA LEU E 42 -1.30 0.68 -10.17
C LEU E 42 -2.20 -0.31 -10.91
N SER E 43 -2.88 -1.21 -10.17
CA SER E 43 -3.75 -2.18 -10.82
C SER E 43 -5.00 -1.50 -11.37
N THR E 44 -5.50 -0.50 -10.66
CA THR E 44 -6.67 0.27 -11.07
C THR E 44 -6.36 0.99 -12.39
N LEU E 45 -5.19 1.63 -12.47
CA LEU E 45 -4.81 2.33 -13.70
C LEU E 45 -4.59 1.37 -14.86
N LEU E 46 -4.21 0.13 -14.58
CA LEU E 46 -3.99 -0.81 -15.66
C LEU E 46 -5.34 -1.26 -16.20
N LYS E 47 -6.30 -1.51 -15.28
CA LYS E 47 -7.60 -2.06 -15.61
C LYS E 47 -8.47 -1.02 -16.30
N PHE E 48 -8.42 0.25 -15.84
CA PHE E 48 -9.28 1.29 -16.34
C PHE E 48 -8.47 2.38 -17.03
N ASP E 49 -8.78 2.69 -18.29
CA ASP E 49 -7.98 3.66 -19.02
C ASP E 49 -8.91 4.63 -19.75
N SER E 50 -8.69 5.92 -19.48
CA SER E 50 -9.53 6.99 -20.02
C SER E 50 -9.47 7.06 -21.55
N ILE E 51 -8.40 6.49 -22.15
CA ILE E 51 -8.22 6.54 -23.58
C ILE E 51 -8.46 5.18 -24.23
N MET E 52 -7.86 4.13 -23.68
CA MET E 52 -7.88 2.80 -24.28
C MET E 52 -9.08 2.00 -23.76
N GLY E 53 -9.76 2.46 -22.72
CA GLY E 53 -10.89 1.71 -22.21
C GLY E 53 -10.45 0.56 -21.31
N ARG E 54 -11.38 -0.33 -20.95
CA ARG E 54 -11.07 -1.37 -19.97
C ARG E 54 -10.15 -2.42 -20.57
N LEU E 55 -9.25 -2.94 -19.73
CA LEU E 55 -8.48 -4.13 -20.10
C LEU E 55 -9.45 -5.31 -20.21
N GLY E 56 -9.28 -6.13 -21.22
CA GLY E 56 -10.13 -7.30 -21.40
C GLY E 56 -9.91 -8.37 -20.33
N GLN E 57 -8.74 -8.38 -19.70
CA GLN E 57 -8.40 -9.50 -18.85
C GLN E 57 -8.66 -9.19 -17.38
N GLU E 58 -8.79 -10.24 -16.55
CA GLU E 58 -8.93 -10.07 -15.11
C GLU E 58 -7.66 -9.47 -14.53
N VAL E 59 -7.86 -8.55 -13.57
CA VAL E 59 -6.77 -7.88 -12.87
C VAL E 59 -7.03 -7.98 -11.36
N GLU E 60 -6.07 -8.55 -10.64
CA GLU E 60 -6.09 -8.61 -9.20
C GLU E 60 -4.74 -8.08 -8.71
N TYR E 61 -4.66 -7.81 -7.40
CA TYR E 61 -3.41 -7.38 -6.82
C TYR E 61 -3.25 -7.89 -5.39
N ASP E 62 -2.01 -7.94 -4.92
CA ASP E 62 -1.76 -8.17 -3.51
C ASP E 62 -0.65 -7.22 -3.12
N ASP E 63 0.03 -7.45 -1.98
CA ASP E 63 0.88 -6.38 -1.50
C ASP E 63 2.27 -6.50 -2.12
N ASP E 64 2.58 -7.51 -2.94
CA ASP E 64 3.83 -7.40 -3.71
C ASP E 64 3.68 -7.73 -5.20
N SER E 65 2.44 -7.79 -5.73
CA SER E 65 2.24 -8.12 -7.14
C SER E 65 0.91 -7.62 -7.66
N ILE E 66 0.79 -7.68 -8.99
CA ILE E 66 -0.48 -7.63 -9.70
C ILE E 66 -0.59 -8.92 -10.52
N THR E 67 -1.80 -9.43 -10.72
CA THR E 67 -2.01 -10.61 -11.53
C THR E 67 -2.94 -10.26 -12.69
N VAL E 68 -2.52 -10.57 -13.92
CA VAL E 68 -3.28 -10.22 -15.10
C VAL E 68 -3.51 -11.50 -15.89
N GLY E 69 -4.78 -11.85 -16.08
CA GLY E 69 -5.15 -13.09 -16.72
C GLY E 69 -4.46 -14.30 -16.09
N GLY E 70 -4.33 -14.26 -14.77
CA GLY E 70 -3.73 -15.35 -14.01
C GLY E 70 -2.21 -15.33 -14.03
N LYS E 71 -1.57 -14.37 -14.69
CA LYS E 71 -0.11 -14.30 -14.66
C LYS E 71 0.35 -13.21 -13.69
N ARG E 72 1.27 -13.57 -12.78
CA ARG E 72 1.68 -12.73 -11.68
C ARG E 72 2.81 -11.83 -12.17
N ILE E 73 2.65 -10.53 -11.94
CA ILE E 73 3.63 -9.49 -12.30
C ILE E 73 4.15 -8.90 -11.00
N ALA E 74 5.46 -8.96 -10.78
CA ALA E 74 6.07 -8.35 -9.60
C ALA E 74 6.05 -6.84 -9.77
N VAL E 75 5.90 -6.11 -8.66
CA VAL E 75 5.78 -4.66 -8.70
C VAL E 75 6.71 -4.05 -7.66
N TYR E 76 7.43 -3.02 -8.07
CA TYR E 76 8.32 -2.28 -7.20
C TYR E 76 7.86 -0.82 -7.11
N ALA E 77 8.30 -0.15 -6.04
CA ALA E 77 8.11 1.28 -5.94
C ALA E 77 9.42 1.93 -5.50
N GLU E 78 10.40 1.89 -6.41
CA GLU E 78 11.74 2.40 -6.14
C GLU E 78 12.09 3.54 -7.09
N ARG E 79 12.14 4.74 -6.50
CA ARG E 79 12.56 5.99 -7.12
C ARG E 79 13.93 5.85 -7.79
N ASP E 80 14.82 5.08 -7.18
CA ASP E 80 16.16 4.94 -7.71
C ASP E 80 16.37 3.53 -8.24
N PRO E 81 16.63 3.38 -9.55
CA PRO E 81 16.74 2.07 -10.19
C PRO E 81 17.89 1.20 -9.69
N LYS E 82 18.84 1.79 -8.95
CA LYS E 82 19.93 1.02 -8.37
C LYS E 82 19.36 0.08 -7.31
N ASN E 83 18.19 0.43 -6.76
CA ASN E 83 17.47 -0.36 -5.75
C ASN E 83 16.60 -1.46 -6.37
N LEU E 84 16.59 -1.63 -7.70
CA LEU E 84 15.85 -2.71 -8.33
C LEU E 84 16.75 -3.93 -8.50
N ASP E 85 16.12 -5.08 -8.74
CA ASP E 85 16.81 -6.29 -9.15
C ASP E 85 15.98 -6.95 -10.25
N TRP E 86 16.32 -6.62 -11.51
CA TRP E 86 15.65 -7.24 -12.64
C TRP E 86 16.03 -8.71 -12.76
N ALA E 87 17.22 -9.08 -12.28
CA ALA E 87 17.65 -10.47 -12.36
C ALA E 87 16.79 -11.35 -11.45
N ALA E 88 16.23 -10.77 -10.38
CA ALA E 88 15.33 -11.52 -9.50
C ALA E 88 14.17 -12.13 -10.30
N HIS E 89 13.90 -11.62 -11.52
CA HIS E 89 12.78 -12.09 -12.34
C HIS E 89 13.19 -12.56 -13.73
N ASN E 90 14.48 -12.80 -13.92
CA ASN E 90 15.02 -13.25 -15.19
C ASN E 90 14.53 -12.32 -16.31
N VAL E 91 14.63 -11.00 -16.09
CA VAL E 91 14.24 -10.03 -17.11
C VAL E 91 15.38 -9.81 -18.10
N ASP E 92 15.05 -9.81 -19.41
CA ASP E 92 16.02 -9.68 -20.48
C ASP E 92 16.14 -8.22 -20.94
N ILE E 93 15.00 -7.51 -21.05
CA ILE E 93 14.90 -6.17 -21.63
C ILE E 93 14.06 -5.33 -20.69
N VAL E 94 14.54 -4.11 -20.39
CA VAL E 94 13.79 -3.14 -19.59
C VAL E 94 13.39 -2.00 -20.52
N ILE E 95 12.10 -1.62 -20.48
CA ILE E 95 11.65 -0.38 -21.08
C ILE E 95 11.78 0.71 -20.05
N GLU E 96 12.49 1.79 -20.40
CA GLU E 96 12.68 2.92 -19.51
C GLU E 96 11.78 4.08 -19.92
N SER E 97 10.68 4.26 -19.17
CA SER E 97 9.60 5.16 -19.56
C SER E 97 9.10 6.01 -18.39
N THR E 98 10.00 6.32 -17.43
CA THR E 98 9.67 7.26 -16.37
C THR E 98 9.80 8.69 -16.89
N GLY E 99 10.67 8.93 -17.88
CA GLY E 99 10.97 10.28 -18.30
C GLY E 99 12.16 10.89 -17.55
N PHE E 100 12.66 10.20 -16.52
CA PHE E 100 13.69 10.75 -15.65
C PHE E 100 15.08 10.16 -15.93
N PHE E 101 15.18 9.10 -16.73
CA PHE E 101 16.47 8.46 -16.99
C PHE E 101 16.74 8.38 -18.49
N THR E 102 16.52 9.49 -19.19
CA THR E 102 16.85 9.56 -20.61
C THR E 102 18.36 9.69 -20.83
N ASP E 103 19.12 10.06 -19.80
CA ASP E 103 20.58 9.93 -19.83
C ASP E 103 20.92 8.45 -19.66
N ALA E 104 21.51 7.86 -20.73
CA ALA E 104 21.96 6.48 -20.74
C ALA E 104 22.93 6.20 -19.60
N ASN E 105 23.58 7.24 -19.07
CA ASN E 105 24.48 7.07 -17.93
C ASN E 105 23.68 6.74 -16.69
N ALA E 106 22.43 7.21 -16.60
CA ALA E 106 21.54 6.83 -15.53
C ALA E 106 20.83 5.51 -15.86
N ALA E 107 20.29 5.37 -17.09
CA ALA E 107 19.51 4.21 -17.49
C ALA E 107 20.31 2.92 -17.33
N LYS E 108 21.64 2.98 -17.47
CA LYS E 108 22.43 1.75 -17.46
C LYS E 108 22.42 1.13 -16.05
N ALA E 109 21.90 1.84 -15.04
CA ALA E 109 21.67 1.23 -13.75
C ALA E 109 20.81 -0.02 -13.90
N HIS E 110 19.91 0.00 -14.90
CA HIS E 110 19.10 -1.18 -15.18
C HIS E 110 19.93 -2.41 -15.49
N ILE E 111 21.00 -2.21 -16.27
CA ILE E 111 21.86 -3.30 -16.66
C ILE E 111 22.60 -3.80 -15.44
N GLU E 112 23.10 -2.86 -14.61
CA GLU E 112 23.77 -3.20 -13.36
C GLU E 112 22.79 -4.00 -12.48
N ALA E 113 21.51 -3.66 -12.53
CA ALA E 113 20.50 -4.35 -11.74
C ALA E 113 20.03 -5.64 -12.40
N GLY E 114 20.63 -6.00 -13.55
CA GLY E 114 20.59 -7.34 -14.11
C GLY E 114 19.86 -7.48 -15.45
N ALA E 115 19.26 -6.40 -15.97
CA ALA E 115 18.73 -6.45 -17.32
C ALA E 115 19.90 -6.50 -18.30
N LYS E 116 19.66 -7.05 -19.49
CA LYS E 116 20.67 -7.12 -20.55
C LYS E 116 20.51 -5.97 -21.55
N LYS E 117 19.26 -5.56 -21.80
CA LYS E 117 18.97 -4.45 -22.70
C LYS E 117 18.06 -3.44 -22.03
N VAL E 118 18.29 -2.16 -22.34
CA VAL E 118 17.46 -1.05 -21.91
C VAL E 118 17.04 -0.27 -23.17
N ILE E 119 15.73 -0.03 -23.30
CA ILE E 119 15.19 0.78 -24.38
C ILE E 119 14.49 1.98 -23.73
N ILE E 120 15.04 3.16 -23.98
CA ILE E 120 14.51 4.41 -23.47
C ILE E 120 13.40 4.87 -24.41
N SER E 121 12.23 5.19 -23.83
CA SER E 121 11.02 5.48 -24.58
C SER E 121 10.94 6.97 -24.94
N ALA E 122 12.05 7.55 -25.42
CA ALA E 122 12.22 8.99 -25.54
C ALA E 122 13.61 9.27 -26.09
N PRO E 123 13.86 10.47 -26.64
CA PRO E 123 15.20 10.90 -27.04
C PRO E 123 16.11 10.75 -25.84
N ALA E 124 17.33 10.25 -26.06
CA ALA E 124 18.25 9.99 -24.96
C ALA E 124 19.48 10.88 -25.11
N SER E 125 20.30 10.95 -24.05
CA SER E 125 21.68 11.40 -24.17
C SER E 125 22.61 10.24 -23.84
N ASN E 126 23.82 10.24 -24.45
CA ASN E 126 24.89 9.29 -24.13
C ASN E 126 24.51 7.86 -24.51
N GLU E 127 23.49 7.67 -25.35
CA GLU E 127 23.01 6.34 -25.67
C GLU E 127 23.97 5.65 -26.64
N ASP E 128 23.96 4.32 -26.64
CA ASP E 128 24.63 3.56 -27.67
C ASP E 128 24.04 3.80 -29.07
N ALA E 129 22.72 4.03 -29.20
CA ALA E 129 22.07 4.17 -30.51
C ALA E 129 20.60 4.59 -30.38
N THR E 130 20.09 5.22 -31.44
CA THR E 130 18.71 5.67 -31.53
C THR E 130 18.07 5.08 -32.77
N PHE E 131 16.83 4.61 -32.64
CA PHE E 131 16.13 3.96 -33.73
C PHE E 131 14.74 4.53 -33.91
N VAL E 132 14.38 4.68 -35.19
CA VAL E 132 12.99 4.74 -35.59
C VAL E 132 12.75 3.48 -36.39
N TYR E 133 11.97 2.56 -35.82
CA TYR E 133 11.72 1.30 -36.50
C TYR E 133 11.14 1.58 -37.89
N GLY E 134 11.72 0.91 -38.87
CA GLY E 134 11.30 1.00 -40.25
C GLY E 134 12.24 1.92 -41.04
N VAL E 135 13.01 2.74 -40.31
CA VAL E 135 13.88 3.73 -40.91
C VAL E 135 15.34 3.31 -40.77
N ASN E 136 15.80 3.00 -39.54
CA ASN E 136 17.20 2.67 -39.37
C ASN E 136 17.45 1.49 -38.41
N HIS E 137 16.44 0.63 -38.18
CA HIS E 137 16.58 -0.52 -37.29
C HIS E 137 17.60 -1.54 -37.82
N GLU E 138 17.80 -1.58 -39.14
CA GLU E 138 18.75 -2.51 -39.72
C GLU E 138 20.16 -2.27 -39.22
N SER E 139 20.49 -1.11 -38.66
CA SER E 139 21.84 -0.89 -38.14
C SER E 139 21.97 -1.28 -36.66
N TYR E 140 20.98 -1.96 -36.08
CA TYR E 140 21.02 -2.39 -34.68
C TYR E 140 22.14 -3.43 -34.50
N ASP E 141 23.00 -3.22 -33.49
CA ASP E 141 24.17 -4.06 -33.22
C ASP E 141 23.89 -4.82 -31.91
N PRO E 142 23.49 -6.11 -31.97
CA PRO E 142 23.12 -6.87 -30.77
C PRO E 142 24.19 -6.90 -29.69
N GLU E 143 25.47 -6.76 -30.12
CA GLU E 143 26.62 -6.92 -29.26
C GLU E 143 26.90 -5.60 -28.55
N ASN E 144 26.82 -4.50 -29.28
CA ASN E 144 27.28 -3.21 -28.81
C ASN E 144 26.14 -2.23 -28.50
N HIS E 145 24.92 -2.47 -28.99
CA HIS E 145 23.80 -1.57 -28.67
C HIS E 145 22.95 -2.14 -27.52
N ASN E 146 23.23 -1.67 -26.30
CA ASN E 146 22.69 -2.27 -25.09
C ASN E 146 21.76 -1.31 -24.34
N VAL E 147 22.12 -0.02 -24.32
CA VAL E 147 21.23 1.04 -23.87
C VAL E 147 20.89 1.95 -25.06
N ILE E 148 19.62 1.86 -25.54
CA ILE E 148 19.22 2.50 -26.78
C ILE E 148 17.99 3.38 -26.58
N SER E 149 17.75 4.23 -27.59
CA SER E 149 16.57 5.09 -27.63
C SER E 149 15.64 4.64 -28.76
N GLY E 150 14.33 4.69 -28.49
CA GLY E 150 13.33 4.52 -29.53
C GLY E 150 12.81 5.87 -30.06
N ALA E 151 13.51 6.95 -29.71
CA ALA E 151 13.22 8.33 -30.12
C ALA E 151 11.88 8.81 -29.52
N SER E 152 11.31 9.87 -30.11
CA SER E 152 10.05 10.44 -29.68
C SER E 152 8.93 9.96 -30.61
N CYS E 153 7.69 10.29 -30.22
CA CYS E 153 6.51 10.07 -31.04
C CYS E 153 6.62 10.86 -32.34
N THR E 154 6.95 12.15 -32.24
CA THR E 154 6.99 13.00 -33.41
C THR E 154 8.11 12.55 -34.37
N THR E 155 9.28 12.18 -33.84
CA THR E 155 10.35 11.66 -34.68
C THR E 155 9.95 10.37 -35.38
N ASN E 156 9.14 9.49 -34.74
CA ASN E 156 8.66 8.28 -35.39
C ASN E 156 7.59 8.56 -36.44
N CYS E 157 6.95 9.73 -36.36
CA CYS E 157 6.03 10.19 -37.41
C CYS E 157 6.78 10.80 -38.59
N LEU E 158 7.65 11.75 -38.28
CA LEU E 158 8.38 12.51 -39.29
C LEU E 158 9.39 11.64 -40.07
N ALA E 159 10.19 10.80 -39.39
CA ALA E 159 11.33 10.18 -40.07
C ALA E 159 10.89 9.28 -41.23
N PRO E 160 9.88 8.38 -41.09
CA PRO E 160 9.44 7.58 -42.23
C PRO E 160 9.12 8.43 -43.45
N MET E 161 8.30 9.45 -43.25
CA MET E 161 7.88 10.34 -44.31
C MET E 161 9.10 11.08 -44.91
N ALA E 162 9.98 11.61 -44.05
CA ALA E 162 11.09 12.42 -44.54
C ALA E 162 12.07 11.53 -45.32
N LYS E 163 12.25 10.29 -44.89
CA LYS E 163 13.15 9.39 -45.60
C LYS E 163 12.63 9.13 -47.02
N VAL E 164 11.32 8.90 -47.13
CA VAL E 164 10.75 8.50 -48.41
C VAL E 164 10.93 9.66 -49.38
N LEU E 165 10.60 10.87 -48.92
CA LEU E 165 10.55 12.03 -49.78
C LEU E 165 11.97 12.53 -50.12
N ASN E 166 12.88 12.49 -49.13
CA ASN E 166 14.30 12.77 -49.32
C ASN E 166 14.89 11.79 -50.34
N ASP E 167 14.64 10.50 -50.19
CA ASP E 167 15.18 9.49 -51.08
C ASP E 167 14.75 9.75 -52.52
N LYS E 168 13.53 10.30 -52.70
CA LYS E 168 12.91 10.37 -54.02
C LYS E 168 13.28 11.67 -54.72
N PHE E 169 13.26 12.77 -53.96
CA PHE E 169 13.22 14.11 -54.52
C PHE E 169 14.35 14.98 -53.94
N GLY E 170 14.87 14.59 -52.76
CA GLY E 170 15.92 15.32 -52.05
C GLY E 170 15.35 16.50 -51.26
N ILE E 171 15.42 16.43 -49.91
CA ILE E 171 14.98 17.56 -49.11
C ILE E 171 16.17 18.50 -48.93
N GLU E 172 16.01 19.78 -49.29
CA GLU E 172 17.07 20.78 -49.14
C GLU E 172 17.03 21.36 -47.73
N ASN E 173 15.85 21.83 -47.31
CA ASN E 173 15.65 22.31 -45.96
C ASN E 173 14.19 22.09 -45.65
N GLY E 174 13.80 22.13 -44.38
CA GLY E 174 12.40 22.01 -44.01
C GLY E 174 12.14 22.40 -42.57
N LEU E 175 10.94 22.95 -42.32
CA LEU E 175 10.51 23.39 -41.00
C LEU E 175 9.15 22.77 -40.69
N MET E 176 9.00 22.34 -39.43
CA MET E 176 7.93 21.44 -39.02
C MET E 176 7.13 22.13 -37.92
N THR E 177 5.81 21.93 -37.97
CA THR E 177 4.93 22.20 -36.85
C THR E 177 4.18 20.93 -36.55
N THR E 178 4.28 20.44 -35.32
CA THR E 178 3.43 19.34 -34.92
C THR E 178 2.28 19.89 -34.07
N VAL E 179 1.07 19.54 -34.47
CA VAL E 179 -0.11 19.89 -33.71
C VAL E 179 -0.48 18.63 -32.94
N HIS E 180 -0.32 18.70 -31.62
CA HIS E 180 0.02 17.56 -30.80
C HIS E 180 -0.92 17.51 -29.61
N ALA E 181 -1.47 16.33 -29.27
CA ALA E 181 -2.25 16.18 -28.04
C ALA E 181 -1.44 16.61 -26.83
N TYR E 182 -2.14 17.09 -25.78
CA TYR E 182 -1.46 17.43 -24.54
C TYR E 182 -0.93 16.17 -23.86
N THR E 183 0.13 16.34 -23.07
CA THR E 183 0.80 15.24 -22.38
C THR E 183 0.98 15.60 -20.90
N GLY E 184 1.38 14.59 -20.09
CA GLY E 184 1.44 14.72 -18.64
C GLY E 184 2.49 15.69 -18.10
N ASP E 185 3.41 16.18 -18.94
CA ASP E 185 4.35 17.23 -18.53
C ASP E 185 3.70 18.61 -18.54
N GLN E 186 2.50 18.75 -19.12
CA GLN E 186 1.77 20.01 -19.08
C GLN E 186 0.91 20.11 -17.82
N ARG E 187 0.59 21.35 -17.43
CA ARG E 187 -0.22 21.67 -16.27
C ARG E 187 -1.71 21.66 -16.60
N LEU E 188 -2.55 21.14 -15.67
CA LEU E 188 -4.01 21.18 -15.82
C LEU E 188 -4.52 22.60 -15.57
N HIS E 189 -3.95 23.23 -14.55
CA HIS E 189 -4.23 24.62 -14.21
C HIS E 189 -2.91 25.38 -14.25
N ASP E 190 -2.94 26.66 -14.60
CA ASP E 190 -1.71 27.46 -14.63
C ASP E 190 -0.93 27.27 -13.34
N ALA E 191 0.33 26.85 -13.47
CA ALA E 191 1.19 26.47 -12.36
C ALA E 191 2.65 26.51 -12.81
N PRO E 192 3.65 26.61 -11.88
CA PRO E 192 5.06 26.65 -12.27
C PRO E 192 5.52 25.48 -13.14
N HIS E 193 6.38 25.80 -14.07
CA HIS E 193 6.96 24.86 -15.00
C HIS E 193 8.16 25.56 -15.61
N ARG E 194 9.24 24.82 -15.84
CA ARG E 194 10.45 25.34 -16.48
C ARG E 194 10.11 26.03 -17.80
N ASP E 195 9.14 25.50 -18.55
CA ASP E 195 8.63 26.11 -19.79
C ASP E 195 7.35 26.89 -19.46
N LEU E 196 7.43 28.22 -19.65
CA LEU E 196 6.42 29.18 -19.22
C LEU E 196 5.12 29.02 -19.99
N ARG E 197 5.19 28.35 -21.15
CA ARG E 197 3.97 28.07 -21.89
C ARG E 197 3.35 26.75 -21.43
N ARG E 198 4.19 25.73 -21.17
CA ARG E 198 3.67 24.46 -20.70
C ARG E 198 3.12 24.61 -19.27
N ALA E 199 3.46 25.73 -18.61
CA ALA E 199 2.85 26.10 -17.34
C ALA E 199 1.34 26.27 -17.42
N ARG E 200 0.80 26.55 -18.63
CA ARG E 200 -0.54 27.09 -18.77
C ARG E 200 -1.57 25.99 -19.03
N ALA E 201 -2.73 26.13 -18.39
CA ALA E 201 -3.79 25.13 -18.39
C ALA E 201 -3.95 24.47 -19.76
N ALA E 202 -3.61 23.18 -19.81
CA ALA E 202 -3.41 22.47 -21.06
C ALA E 202 -4.70 22.30 -21.84
N ALA E 203 -5.84 22.18 -21.13
CA ALA E 203 -7.05 21.69 -21.79
C ALA E 203 -7.89 22.84 -22.34
N VAL E 204 -7.47 24.11 -22.12
CA VAL E 204 -8.18 25.27 -22.63
C VAL E 204 -7.26 26.11 -23.54
N ASN E 205 -6.02 25.64 -23.82
CA ASN E 205 -5.03 26.43 -24.55
C ASN E 205 -4.39 25.70 -25.73
N ILE E 206 -4.11 26.48 -26.82
CA ILE E 206 -3.05 26.21 -27.77
C ILE E 206 -1.75 26.70 -27.13
N VAL E 207 -0.81 25.76 -26.96
CA VAL E 207 0.42 25.94 -26.19
C VAL E 207 1.58 25.65 -27.12
N PRO E 208 2.25 26.71 -27.65
CA PRO E 208 3.52 26.52 -28.36
C PRO E 208 4.64 26.00 -27.45
N THR E 209 5.44 25.07 -27.96
CA THR E 209 6.52 24.50 -27.19
C THR E 209 7.52 23.85 -28.13
N SER E 210 8.68 23.50 -27.58
CA SER E 210 9.76 22.91 -28.35
C SER E 210 9.43 21.45 -28.63
N THR E 211 10.12 20.90 -29.64
CA THR E 211 10.26 19.48 -29.93
C THR E 211 11.65 19.34 -30.55
N GLY E 212 12.42 18.36 -30.08
CA GLY E 212 13.75 18.13 -30.61
C GLY E 212 13.69 17.35 -31.92
N ALA E 213 12.45 16.99 -32.30
CA ALA E 213 12.18 15.89 -33.20
C ALA E 213 12.80 16.18 -34.57
N ALA E 214 12.81 17.45 -34.98
CA ALA E 214 13.37 17.84 -36.26
C ALA E 214 14.89 17.75 -36.25
N LYS E 215 15.54 18.17 -35.15
CA LYS E 215 16.96 17.92 -35.01
C LYS E 215 17.23 16.41 -34.87
N ALA E 216 16.46 15.73 -34.01
CA ALA E 216 16.58 14.30 -33.75
C ALA E 216 16.46 13.41 -34.98
N VAL E 217 15.74 13.84 -36.03
CA VAL E 217 15.62 13.05 -37.26
C VAL E 217 17.00 12.72 -37.81
N ALA E 218 17.95 13.64 -37.63
CA ALA E 218 19.32 13.46 -38.06
C ALA E 218 19.96 12.24 -37.42
N LEU E 219 19.60 11.93 -36.16
CA LEU E 219 20.16 10.76 -35.49
C LEU E 219 19.84 9.49 -36.25
N VAL E 220 18.70 9.44 -36.96
CA VAL E 220 18.29 8.20 -37.61
C VAL E 220 18.45 8.35 -39.12
N LEU E 221 18.56 9.59 -39.61
CA LEU E 221 18.78 9.89 -41.03
C LEU E 221 19.88 10.95 -41.10
N PRO E 222 21.17 10.58 -40.95
CA PRO E 222 22.26 11.56 -40.87
C PRO E 222 22.31 12.54 -42.04
N GLU E 223 21.84 12.10 -43.23
CA GLU E 223 21.76 12.93 -44.42
C GLU E 223 20.85 14.15 -44.22
N LEU E 224 20.05 14.22 -43.13
CA LEU E 224 19.27 15.42 -42.87
C LEU E 224 19.83 16.25 -41.72
N LYS E 225 21.09 16.00 -41.31
CA LYS E 225 21.70 16.85 -40.30
C LYS E 225 21.69 18.31 -40.75
N GLY E 226 21.21 19.19 -39.85
CA GLY E 226 21.18 20.62 -40.10
C GLY E 226 20.07 21.05 -41.05
N LYS E 227 19.30 20.14 -41.61
CA LYS E 227 18.38 20.53 -42.65
C LYS E 227 16.94 20.76 -42.15
N LEU E 228 16.67 20.38 -40.89
CA LEU E 228 15.31 20.37 -40.36
C LEU E 228 15.28 21.03 -38.99
N ASP E 229 14.19 21.77 -38.74
CA ASP E 229 13.89 22.36 -37.45
C ASP E 229 12.36 22.49 -37.33
N GLY E 230 11.86 22.70 -36.10
CA GLY E 230 10.43 22.79 -35.88
C GLY E 230 10.06 23.03 -34.42
N TYR E 231 8.75 23.06 -34.17
CA TYR E 231 8.20 23.29 -32.86
C TYR E 231 6.85 22.58 -32.78
N ALA E 232 6.20 22.68 -31.61
CA ALA E 232 4.96 21.99 -31.36
C ALA E 232 3.94 23.00 -30.93
N LEU E 233 2.68 22.77 -31.34
CA LEU E 233 1.52 23.38 -30.73
C LEU E 233 0.74 22.28 -30.03
N ARG E 234 0.76 22.28 -28.69
CA ARG E 234 -0.08 21.39 -27.89
C ARG E 234 -1.52 21.91 -27.90
N VAL E 235 -2.49 21.05 -28.18
CA VAL E 235 -3.88 21.47 -28.30
C VAL E 235 -4.78 20.55 -27.48
N PRO E 236 -5.99 21.00 -27.10
CA PRO E 236 -6.84 20.16 -26.23
C PRO E 236 -7.50 18.95 -26.90
N VAL E 237 -6.69 17.94 -27.26
CA VAL E 237 -7.18 16.58 -27.44
C VAL E 237 -6.28 15.68 -26.62
N ILE E 238 -6.85 14.59 -26.06
CA ILE E 238 -6.13 13.82 -25.07
C ILE E 238 -5.08 12.90 -25.71
N THR E 239 -5.29 12.50 -26.99
CA THR E 239 -4.27 11.79 -27.73
C THR E 239 -4.57 12.00 -29.21
N GLY E 240 -3.52 11.88 -30.02
CA GLY E 240 -3.67 12.06 -31.45
C GLY E 240 -2.98 13.35 -31.85
N SER E 241 -2.18 13.29 -32.91
CA SER E 241 -1.26 14.37 -33.23
C SER E 241 -1.06 14.40 -34.75
N ALA E 242 -0.55 15.54 -35.23
CA ALA E 242 -0.23 15.61 -36.66
C ALA E 242 1.05 16.42 -36.85
N THR E 243 1.94 15.89 -37.69
CA THR E 243 3.17 16.55 -38.05
C THR E 243 2.99 17.17 -39.43
N ASP E 244 3.21 18.48 -39.51
CA ASP E 244 3.07 19.28 -40.73
C ASP E 244 4.48 19.76 -41.09
N LEU E 245 5.01 19.23 -42.19
CA LEU E 245 6.37 19.53 -42.62
C LEU E 245 6.31 20.30 -43.95
N THR E 246 6.97 21.47 -43.96
CA THR E 246 7.12 22.27 -45.17
C THR E 246 8.60 22.31 -45.54
N PHE E 247 8.93 21.88 -46.77
CA PHE E 247 10.30 21.66 -47.18
C PHE E 247 10.51 22.11 -48.62
N ASN E 248 11.79 22.37 -48.93
CA ASN E 248 12.25 22.74 -50.27
C ASN E 248 12.96 21.56 -50.92
N THR E 249 12.73 21.43 -52.21
CA THR E 249 13.42 20.44 -53.00
C THR E 249 13.83 21.08 -54.31
N LYS E 250 14.88 20.51 -54.90
CA LYS E 250 15.32 20.95 -56.21
C LYS E 250 14.56 20.16 -57.27
N SER E 251 13.88 19.07 -56.88
CA SER E 251 13.14 18.30 -57.86
C SER E 251 11.95 19.12 -58.31
N GLU E 252 11.45 18.78 -59.50
CA GLU E 252 10.18 19.27 -60.00
C GLU E 252 9.11 18.31 -59.49
N VAL E 253 8.16 18.82 -58.71
CA VAL E 253 7.20 17.95 -58.06
C VAL E 253 5.82 18.56 -58.21
N THR E 254 4.84 17.70 -58.01
CA THR E 254 3.44 18.08 -57.91
C THR E 254 2.84 17.37 -56.69
N VAL E 255 1.63 17.80 -56.36
CA VAL E 255 0.82 17.19 -55.32
C VAL E 255 0.73 15.69 -55.59
N GLU E 256 0.49 15.39 -56.86
CA GLU E 256 0.28 14.02 -57.30
C GLU E 256 1.57 13.19 -57.16
N SER E 257 2.74 13.78 -57.51
CA SER E 257 3.96 12.98 -57.50
C SER E 257 4.46 12.81 -56.07
N ILE E 258 4.25 13.83 -55.22
CA ILE E 258 4.56 13.74 -53.80
C ILE E 258 3.76 12.60 -53.17
N ASN E 259 2.45 12.61 -53.42
CA ASN E 259 1.58 11.59 -52.86
C ASN E 259 1.99 10.20 -53.36
N ALA E 260 2.40 10.08 -54.65
CA ALA E 260 2.65 8.78 -55.24
C ALA E 260 3.93 8.17 -54.65
N ALA E 261 4.88 9.01 -54.25
CA ALA E 261 6.10 8.54 -53.59
C ALA E 261 5.76 7.87 -52.26
N ILE E 262 4.82 8.47 -51.49
CA ILE E 262 4.42 7.83 -50.24
C ILE E 262 3.66 6.53 -50.54
N LYS E 263 2.66 6.58 -51.43
CA LYS E 263 1.84 5.41 -51.68
C LYS E 263 2.72 4.23 -52.12
N GLU E 264 3.72 4.49 -52.97
CA GLU E 264 4.59 3.44 -53.50
C GLU E 264 5.49 2.83 -52.43
N ALA E 265 5.86 3.60 -51.41
CA ALA E 265 6.73 3.14 -50.34
C ALA E 265 5.94 2.46 -49.22
N ALA E 266 4.63 2.75 -49.12
CA ALA E 266 3.91 2.39 -47.91
C ALA E 266 3.34 0.99 -48.09
N VAL E 267 4.24 0.01 -48.26
CA VAL E 267 3.86 -1.35 -48.61
C VAL E 267 4.73 -2.28 -47.76
N GLY E 268 4.36 -3.56 -47.66
CA GLY E 268 5.21 -4.53 -47.00
C GLY E 268 5.33 -4.30 -45.50
N GLU E 269 6.49 -4.66 -44.95
CA GLU E 269 6.79 -4.44 -43.55
C GLU E 269 6.85 -2.95 -43.24
N PHE E 270 7.46 -2.14 -44.13
CA PHE E 270 7.59 -0.70 -43.87
C PHE E 270 6.20 -0.05 -43.78
N GLY E 271 5.22 -0.67 -44.45
CA GLY E 271 3.81 -0.28 -44.39
C GLY E 271 3.12 -0.43 -43.03
N GLU E 272 3.71 -1.20 -42.12
CA GLU E 272 3.23 -1.26 -40.75
C GLU E 272 3.68 -0.03 -39.94
N THR E 273 4.72 0.65 -40.41
CA THR E 273 5.23 1.87 -39.80
C THR E 273 4.59 3.09 -40.48
N LEU E 274 4.50 3.06 -41.83
CA LEU E 274 4.03 4.19 -42.62
C LEU E 274 2.82 3.77 -43.45
N ALA E 275 1.67 4.38 -43.14
CA ALA E 275 0.44 4.18 -43.87
C ALA E 275 0.21 5.36 -44.77
N TYR E 276 -0.49 5.11 -45.88
CA TYR E 276 -0.88 6.11 -46.87
C TYR E 276 -2.39 6.19 -46.84
N SER E 277 -3.00 7.38 -46.64
CA SER E 277 -4.44 7.46 -46.55
C SER E 277 -4.97 8.57 -47.44
N GLU E 278 -6.12 8.31 -48.09
CA GLU E 278 -6.89 9.33 -48.79
C GLU E 278 -8.26 9.53 -48.14
N GLU E 279 -8.39 9.13 -46.86
CA GLU E 279 -9.67 9.16 -46.16
C GLU E 279 -9.92 10.56 -45.60
N PRO E 280 -11.16 10.92 -45.27
CA PRO E 280 -11.43 12.21 -44.62
C PRO E 280 -11.14 12.23 -43.11
N LEU E 281 -9.86 12.08 -42.75
CA LEU E 281 -9.46 11.82 -41.37
C LEU E 281 -9.60 13.06 -40.49
N VAL E 282 -10.02 12.81 -39.24
CA VAL E 282 -9.86 13.74 -38.14
C VAL E 282 -9.15 12.97 -37.03
N SER E 283 -8.74 13.66 -35.96
CA SER E 283 -7.82 13.03 -35.02
C SER E 283 -8.43 11.75 -34.41
N THR E 284 -9.74 11.74 -34.16
CA THR E 284 -10.32 10.59 -33.48
C THR E 284 -10.21 9.34 -34.35
N ASP E 285 -10.10 9.50 -35.68
CA ASP E 285 -9.96 8.34 -36.55
C ASP E 285 -8.58 7.70 -36.41
N ILE E 286 -7.56 8.41 -35.94
CA ILE E 286 -6.25 7.77 -35.87
C ILE E 286 -5.88 7.38 -34.44
N VAL E 287 -6.76 7.62 -33.48
CA VAL E 287 -6.58 7.10 -32.13
C VAL E 287 -6.61 5.57 -32.22
N HIS E 288 -5.65 4.93 -31.52
CA HIS E 288 -5.45 3.48 -31.48
C HIS E 288 -4.94 2.91 -32.83
N ASP E 289 -4.37 3.76 -33.69
CA ASP E 289 -3.78 3.28 -34.93
C ASP E 289 -2.36 2.85 -34.61
N SER E 290 -1.96 1.67 -35.09
CA SER E 290 -0.66 1.08 -34.76
C SER E 290 0.52 1.61 -35.61
N HIS E 291 0.25 2.47 -36.60
CA HIS E 291 1.31 3.03 -37.44
C HIS E 291 2.07 4.11 -36.69
N GLY E 292 3.37 4.25 -36.99
CA GLY E 292 4.10 5.40 -36.46
C GLY E 292 3.78 6.68 -37.22
N SER E 293 3.29 6.56 -38.47
CA SER E 293 3.10 7.69 -39.36
C SER E 293 1.97 7.35 -40.31
N ILE E 294 0.99 8.24 -40.38
CA ILE E 294 -0.17 8.03 -41.24
C ILE E 294 -0.29 9.22 -42.17
N PHE E 295 0.22 9.05 -43.40
CA PHE E 295 0.31 10.15 -44.34
C PHE E 295 -1.06 10.54 -44.88
N ASP E 296 -1.40 11.84 -44.83
CA ASP E 296 -2.71 12.33 -45.28
C ASP E 296 -2.60 13.02 -46.64
N ALA E 297 -2.95 12.26 -47.68
CA ALA E 297 -2.71 12.70 -49.06
C ALA E 297 -3.55 13.91 -49.40
N GLY E 298 -4.66 14.10 -48.67
CA GLY E 298 -5.58 15.18 -48.96
C GLY E 298 -5.02 16.53 -48.50
N LEU E 299 -3.97 16.53 -47.66
CA LEU E 299 -3.43 17.77 -47.14
C LEU E 299 -2.16 18.22 -47.87
N THR E 300 -1.67 17.41 -48.80
CA THR E 300 -0.43 17.73 -49.50
C THR E 300 -0.67 19.01 -50.31
N LYS E 301 0.23 20.00 -50.19
CA LYS E 301 0.21 21.16 -51.09
C LYS E 301 1.60 21.43 -51.64
N VAL E 302 1.64 22.03 -52.85
CA VAL E 302 2.87 22.41 -53.54
C VAL E 302 2.72 23.81 -54.14
N SER E 303 3.66 24.70 -53.81
CA SER E 303 3.77 26.02 -54.42
C SER E 303 5.21 26.15 -54.89
N GLY E 304 5.44 26.04 -56.20
CA GLY E 304 6.78 26.14 -56.77
C GLY E 304 7.67 24.93 -56.44
N ASN E 305 8.78 25.17 -55.72
CA ASN E 305 9.62 24.10 -55.21
C ASN E 305 9.39 23.87 -53.71
N THR E 306 8.35 24.51 -53.14
CA THR E 306 8.00 24.36 -51.73
C THR E 306 6.82 23.39 -51.59
N VAL E 307 6.97 22.40 -50.68
CA VAL E 307 5.97 21.33 -50.50
C VAL E 307 5.51 21.29 -49.03
N LYS E 308 4.21 21.12 -48.78
CA LYS E 308 3.72 20.90 -47.42
C LYS E 308 3.10 19.50 -47.34
N VAL E 309 3.55 18.68 -46.38
CA VAL E 309 2.96 17.35 -46.18
C VAL E 309 2.59 17.18 -44.72
N VAL E 310 1.58 16.34 -44.46
CA VAL E 310 1.03 16.21 -43.12
C VAL E 310 0.85 14.72 -42.84
N SER E 311 1.34 14.28 -41.69
CA SER E 311 1.15 12.89 -41.30
C SER E 311 0.65 12.80 -39.86
N TRP E 312 -0.29 11.88 -39.62
CA TRP E 312 -0.94 11.71 -38.32
C TRP E 312 -0.18 10.68 -37.50
N TYR E 313 -0.36 10.73 -36.16
CA TYR E 313 0.13 9.69 -35.28
C TYR E 313 -0.67 9.74 -33.98
N ASP E 314 -0.99 8.56 -33.45
CA ASP E 314 -1.39 8.45 -32.05
C ASP E 314 -0.10 8.45 -31.26
N ASN E 315 0.20 9.61 -30.65
CA ASN E 315 1.45 9.80 -29.95
C ASN E 315 1.56 8.81 -28.78
N GLU E 316 0.45 8.19 -28.36
CA GLU E 316 0.51 7.11 -27.38
C GLU E 316 0.69 5.79 -28.06
N TRP E 317 -0.35 5.30 -28.72
CA TRP E 317 -0.38 3.93 -29.20
C TRP E 317 0.49 3.68 -30.44
N GLY E 318 0.54 4.64 -31.35
CA GLY E 318 1.38 4.47 -32.53
C GLY E 318 2.86 4.36 -32.16
N TYR E 319 3.31 5.30 -31.33
CA TYR E 319 4.68 5.30 -30.84
C TYR E 319 4.94 3.98 -30.13
N THR E 320 4.00 3.54 -29.30
CA THR E 320 4.19 2.34 -28.50
C THR E 320 4.36 1.13 -29.41
N CYS E 321 3.57 1.07 -30.48
CA CYS E 321 3.69 -0.04 -31.41
C CYS E 321 5.04 -0.01 -32.13
N GLN E 322 5.58 1.18 -32.40
CA GLN E 322 6.92 1.34 -32.95
C GLN E 322 7.94 0.82 -31.94
N LEU E 323 7.74 1.19 -30.67
CA LEU E 323 8.66 0.79 -29.62
C LEU E 323 8.63 -0.73 -29.47
N LEU E 324 7.45 -1.33 -29.67
CA LEU E 324 7.30 -2.77 -29.55
C LEU E 324 8.01 -3.48 -30.73
N ARG E 325 7.82 -2.99 -31.96
CA ARG E 325 8.59 -3.48 -33.10
C ARG E 325 10.10 -3.47 -32.79
N LEU E 326 10.62 -2.36 -32.28
CA LEU E 326 12.02 -2.31 -31.88
C LEU E 326 12.35 -3.39 -30.84
N THR E 327 11.50 -3.52 -29.80
CA THR E 327 11.72 -4.48 -28.72
C THR E 327 11.76 -5.90 -29.25
N GLU E 328 10.85 -6.18 -30.21
CA GLU E 328 10.76 -7.48 -30.86
C GLU E 328 12.07 -7.77 -31.58
N LEU E 329 12.60 -6.75 -32.28
CA LEU E 329 13.89 -6.89 -32.95
C LEU E 329 14.99 -7.22 -31.95
N VAL E 330 15.02 -6.50 -30.83
CA VAL E 330 16.01 -6.70 -29.79
C VAL E 330 15.89 -8.13 -29.23
N ALA E 331 14.66 -8.60 -29.05
CA ALA E 331 14.41 -9.92 -28.48
C ALA E 331 14.82 -11.02 -29.46
N SER E 332 14.68 -10.77 -30.77
CA SER E 332 14.91 -11.78 -31.79
C SER E 332 16.40 -12.10 -31.94
N LYS E 333 17.27 -11.23 -31.40
CA LYS E 333 18.70 -11.44 -31.52
C LYS E 333 19.25 -11.74 -30.13
N LEU E 334 20.41 -11.16 -29.79
CA LEU E 334 21.10 -11.59 -28.58
C LEU E 334 22.08 -10.50 -28.17
N THR F 2 -35.72 -13.89 -41.09
CA THR F 2 -35.30 -12.93 -40.04
C THR F 2 -35.93 -11.57 -40.35
N ILE F 3 -36.03 -10.74 -39.31
CA ILE F 3 -36.97 -9.62 -39.34
C ILE F 3 -36.23 -8.37 -39.80
N ARG F 4 -36.93 -7.60 -40.64
CA ARG F 4 -36.29 -6.62 -41.48
C ARG F 4 -36.58 -5.25 -40.89
N VAL F 5 -35.53 -4.45 -40.68
CA VAL F 5 -35.69 -3.19 -39.96
C VAL F 5 -35.34 -2.02 -40.86
N GLY F 6 -36.12 -0.93 -40.75
CA GLY F 6 -35.78 0.37 -41.30
C GLY F 6 -35.46 1.37 -40.19
N ILE F 7 -34.58 2.34 -40.47
CA ILE F 7 -34.25 3.41 -39.55
C ILE F 7 -34.60 4.73 -40.21
N ASN F 8 -35.46 5.53 -39.54
CA ASN F 8 -35.79 6.88 -39.97
C ASN F 8 -34.99 7.83 -39.09
N GLY F 9 -33.98 8.49 -39.68
CA GLY F 9 -33.11 9.38 -38.95
C GLY F 9 -31.81 8.68 -38.51
N PHE F 10 -30.79 8.74 -39.38
CA PHE F 10 -29.59 7.94 -39.25
C PHE F 10 -28.50 8.82 -38.63
N GLY F 11 -28.79 9.32 -37.41
CA GLY F 11 -27.90 10.17 -36.61
C GLY F 11 -27.15 9.35 -35.56
N ARG F 12 -26.88 9.98 -34.41
CA ARG F 12 -26.16 9.31 -33.35
C ARG F 12 -26.91 8.01 -33.02
N ILE F 13 -28.20 8.09 -32.68
CA ILE F 13 -28.91 6.90 -32.22
C ILE F 13 -29.18 5.93 -33.39
N GLY F 14 -29.65 6.43 -34.54
CA GLY F 14 -29.82 5.59 -35.72
C GLY F 14 -28.56 4.78 -36.08
N ARG F 15 -27.39 5.41 -36.02
CA ARG F 15 -26.15 4.73 -36.42
C ARG F 15 -25.63 3.81 -35.31
N ASN F 16 -25.82 4.20 -34.04
CA ASN F 16 -25.53 3.32 -32.91
C ASN F 16 -26.34 2.04 -33.09
N PHE F 17 -27.64 2.20 -33.38
CA PHE F 17 -28.57 1.11 -33.58
C PHE F 17 -28.12 0.16 -34.67
N PHE F 18 -27.71 0.71 -35.80
CA PHE F 18 -27.19 -0.11 -36.88
C PHE F 18 -25.99 -0.94 -36.42
N ARG F 19 -25.01 -0.31 -35.76
CA ARG F 19 -23.84 -1.03 -35.30
C ARG F 19 -24.22 -2.06 -34.25
N ALA F 20 -25.19 -1.72 -33.40
CA ALA F 20 -25.64 -2.66 -32.38
C ALA F 20 -26.22 -3.94 -32.99
N VAL F 21 -27.01 -3.81 -34.06
CA VAL F 21 -27.56 -4.95 -34.79
C VAL F 21 -26.42 -5.84 -35.28
N LEU F 22 -25.45 -5.21 -35.98
CA LEU F 22 -24.37 -5.97 -36.57
C LEU F 22 -23.64 -6.74 -35.48
N GLU F 23 -23.38 -6.09 -34.33
CA GLU F 23 -22.56 -6.65 -33.27
C GLU F 23 -23.35 -7.69 -32.46
N ARG F 24 -24.65 -7.46 -32.27
CA ARG F 24 -25.35 -8.10 -31.18
C ARG F 24 -26.58 -8.92 -31.59
N SER F 25 -26.96 -8.90 -32.86
CA SER F 25 -28.13 -9.65 -33.30
C SER F 25 -27.75 -10.59 -34.43
N ASP F 26 -28.48 -11.72 -34.54
CA ASP F 26 -28.43 -12.46 -35.77
C ASP F 26 -29.83 -12.94 -36.19
N ASP F 27 -30.89 -12.18 -35.85
CA ASP F 27 -32.21 -12.35 -36.46
C ASP F 27 -32.83 -11.03 -36.91
N LEU F 28 -32.06 -9.93 -36.90
CA LEU F 28 -32.52 -8.63 -37.37
C LEU F 28 -31.59 -8.16 -38.49
N GLU F 29 -32.13 -7.50 -39.49
CA GLU F 29 -31.35 -6.91 -40.56
C GLU F 29 -31.95 -5.55 -40.92
N VAL F 30 -31.12 -4.50 -40.85
CA VAL F 30 -31.47 -3.20 -41.38
C VAL F 30 -31.32 -3.23 -42.90
N VAL F 31 -32.41 -2.92 -43.63
CA VAL F 31 -32.45 -3.04 -45.08
C VAL F 31 -32.77 -1.70 -45.75
N ALA F 32 -33.21 -0.68 -45.00
CA ALA F 32 -33.44 0.64 -45.56
C ALA F 32 -33.31 1.72 -44.50
N VAL F 33 -32.89 2.90 -44.94
CA VAL F 33 -32.61 4.03 -44.06
C VAL F 33 -33.15 5.28 -44.73
N ASN F 34 -33.55 6.26 -43.91
CA ASN F 34 -33.91 7.58 -44.36
C ASN F 34 -33.18 8.64 -43.52
N ASP F 35 -32.58 9.65 -44.21
CA ASP F 35 -32.01 10.83 -43.58
C ASP F 35 -32.18 12.04 -44.51
N LEU F 36 -31.34 13.05 -44.36
CA LEU F 36 -31.47 14.29 -45.11
C LEU F 36 -30.15 14.62 -45.78
N THR F 37 -29.39 13.59 -46.16
CA THR F 37 -28.11 13.88 -46.75
C THR F 37 -27.95 12.99 -47.98
N ASP F 38 -26.82 13.14 -48.67
CA ASP F 38 -26.45 12.24 -49.75
C ASP F 38 -25.77 11.02 -49.17
N ASN F 39 -25.49 10.05 -50.02
CA ASN F 39 -25.07 8.73 -49.60
C ASN F 39 -23.56 8.73 -49.37
N LYS F 40 -22.83 9.59 -50.10
CA LYS F 40 -21.43 9.79 -49.82
C LYS F 40 -21.25 10.24 -48.35
N THR F 41 -22.06 11.22 -47.94
CA THR F 41 -22.02 11.77 -46.60
C THR F 41 -22.49 10.75 -45.57
N LEU F 42 -23.63 10.09 -45.83
CA LEU F 42 -24.18 9.11 -44.91
C LEU F 42 -23.23 7.91 -44.76
N SER F 43 -22.59 7.48 -45.85
CA SER F 43 -21.68 6.35 -45.81
C SER F 43 -20.39 6.72 -45.08
N THR F 44 -19.96 7.98 -45.18
CA THR F 44 -18.76 8.43 -44.48
C THR F 44 -18.97 8.41 -42.96
N LEU F 45 -20.09 8.97 -42.50
CA LEU F 45 -20.45 9.01 -41.09
C LEU F 45 -20.60 7.62 -40.50
N LEU F 46 -21.14 6.67 -41.28
CA LEU F 46 -21.28 5.29 -40.81
C LEU F 46 -19.90 4.69 -40.60
N LYS F 47 -18.99 4.95 -41.54
CA LYS F 47 -17.69 4.30 -41.57
C LYS F 47 -16.80 4.79 -40.44
N PHE F 48 -16.75 6.11 -40.28
CA PHE F 48 -15.92 6.78 -39.28
C PHE F 48 -16.78 7.40 -38.19
N ASP F 49 -16.39 7.18 -36.93
CA ASP F 49 -17.18 7.61 -35.80
C ASP F 49 -16.23 8.11 -34.72
N SER F 50 -16.41 9.35 -34.30
CA SER F 50 -15.58 9.98 -33.30
C SER F 50 -15.68 9.33 -31.92
N ILE F 51 -16.71 8.52 -31.67
CA ILE F 51 -16.85 7.81 -30.40
C ILE F 51 -16.55 6.33 -30.61
N MET F 52 -17.08 5.74 -31.69
CA MET F 52 -17.10 4.28 -31.80
C MET F 52 -15.96 3.75 -32.68
N GLY F 53 -15.21 4.63 -33.34
CA GLY F 53 -14.11 4.18 -34.18
C GLY F 53 -14.60 3.68 -35.54
N ARG F 54 -13.66 3.11 -36.33
CA ARG F 54 -13.90 2.69 -37.70
C ARG F 54 -14.88 1.52 -37.73
N LEU F 55 -15.87 1.54 -38.61
CA LEU F 55 -16.69 0.35 -38.80
C LEU F 55 -15.82 -0.78 -39.39
N GLY F 56 -15.95 -1.97 -38.83
CA GLY F 56 -15.12 -3.10 -39.25
C GLY F 56 -15.63 -3.83 -40.50
N GLN F 57 -16.65 -3.31 -41.17
CA GLN F 57 -17.16 -3.81 -42.43
C GLN F 57 -16.79 -2.85 -43.56
N GLU F 58 -16.67 -3.41 -44.76
CA GLU F 58 -16.48 -2.61 -45.96
C GLU F 58 -17.75 -1.82 -46.23
N VAL F 59 -17.60 -0.54 -46.61
CA VAL F 59 -18.71 0.31 -46.94
C VAL F 59 -18.48 0.92 -48.32
N GLU F 60 -19.51 0.83 -49.17
CA GLU F 60 -19.58 1.47 -50.48
C GLU F 60 -20.94 2.16 -50.58
N TYR F 61 -21.11 3.03 -51.58
CA TYR F 61 -22.38 3.71 -51.82
C TYR F 61 -22.59 3.96 -53.31
N ASP F 62 -23.85 4.13 -53.71
CA ASP F 62 -24.15 4.64 -55.04
C ASP F 62 -25.30 5.63 -54.89
N ASP F 63 -25.98 5.94 -56.00
CA ASP F 63 -27.06 6.92 -56.02
C ASP F 63 -28.23 6.51 -55.15
N ASP F 64 -28.50 5.23 -54.91
CA ASP F 64 -29.72 4.93 -54.18
C ASP F 64 -29.48 4.03 -52.99
N SER F 65 -28.23 3.85 -52.55
CA SER F 65 -27.91 2.80 -51.57
C SER F 65 -26.53 3.00 -50.96
N ILE F 66 -26.35 2.28 -49.84
CA ILE F 66 -25.07 2.03 -49.21
C ILE F 66 -24.98 0.51 -49.07
N THR F 67 -23.82 -0.07 -49.37
CA THR F 67 -23.60 -1.49 -49.21
C THR F 67 -22.63 -1.70 -48.06
N VAL F 68 -23.10 -2.41 -47.02
CA VAL F 68 -22.30 -2.65 -45.83
C VAL F 68 -22.01 -4.13 -45.72
N GLY F 69 -20.72 -4.50 -45.73
CA GLY F 69 -20.29 -5.88 -45.73
C GLY F 69 -21.01 -6.72 -46.79
N GLY F 70 -21.20 -6.13 -47.96
CA GLY F 70 -21.81 -6.82 -49.09
C GLY F 70 -23.33 -6.83 -49.06
N LYS F 71 -23.95 -6.17 -48.06
CA LYS F 71 -25.39 -6.10 -47.95
C LYS F 71 -25.87 -4.73 -48.41
N ARG F 72 -26.70 -4.68 -49.46
CA ARG F 72 -27.21 -3.45 -50.07
C ARG F 72 -28.32 -2.87 -49.18
N ILE F 73 -28.12 -1.64 -48.72
CA ILE F 73 -29.11 -0.96 -47.90
C ILE F 73 -29.67 0.20 -48.72
N ALA F 74 -30.98 0.18 -48.99
CA ALA F 74 -31.69 1.29 -49.63
C ALA F 74 -31.62 2.57 -48.79
N VAL F 75 -31.29 3.72 -49.40
CA VAL F 75 -31.28 4.98 -48.67
C VAL F 75 -32.23 5.99 -49.32
N TYR F 76 -32.89 6.78 -48.45
CA TYR F 76 -33.82 7.85 -48.86
C TYR F 76 -33.43 9.15 -48.18
N ALA F 77 -34.06 10.23 -48.65
CA ALA F 77 -33.81 11.56 -48.13
C ALA F 77 -35.12 12.35 -48.12
N GLU F 78 -36.17 11.74 -47.55
CA GLU F 78 -37.51 12.34 -47.43
C GLU F 78 -37.66 12.99 -46.07
N ARG F 79 -37.75 14.33 -46.08
CA ARG F 79 -38.03 15.13 -44.89
C ARG F 79 -39.36 14.69 -44.27
N ASP F 80 -40.28 14.24 -45.13
CA ASP F 80 -41.65 13.91 -44.75
C ASP F 80 -41.83 12.40 -44.89
N PRO F 81 -42.11 11.64 -43.80
CA PRO F 81 -42.24 10.17 -43.87
C PRO F 81 -43.41 9.62 -44.68
N LYS F 82 -44.33 10.49 -45.10
CA LYS F 82 -45.49 10.07 -45.87
C LYS F 82 -44.99 9.73 -47.28
N ASN F 83 -43.81 10.24 -47.64
CA ASN F 83 -43.26 10.02 -48.98
C ASN F 83 -42.31 8.83 -48.98
N LEU F 84 -42.15 8.16 -47.82
CA LEU F 84 -41.41 6.92 -47.72
C LEU F 84 -42.33 5.78 -48.14
N ASP F 85 -41.72 4.66 -48.49
CA ASP F 85 -42.43 3.42 -48.72
C ASP F 85 -41.58 2.27 -48.18
N TRP F 86 -41.88 1.83 -46.95
CA TRP F 86 -41.22 0.70 -46.29
C TRP F 86 -41.71 -0.65 -46.83
N ALA F 87 -42.93 -0.71 -47.35
CA ALA F 87 -43.43 -1.97 -47.91
C ALA F 87 -42.54 -2.40 -49.08
N ALA F 88 -41.98 -1.41 -49.78
CA ALA F 88 -41.11 -1.68 -50.92
C ALA F 88 -39.93 -2.56 -50.51
N HIS F 89 -39.43 -2.44 -49.27
CA HIS F 89 -38.27 -3.22 -48.86
C HIS F 89 -38.66 -4.37 -47.91
N ASN F 90 -39.97 -4.60 -47.71
CA ASN F 90 -40.50 -5.63 -46.80
C ASN F 90 -40.09 -5.39 -45.35
N VAL F 91 -40.09 -4.11 -44.95
CA VAL F 91 -39.65 -3.71 -43.62
C VAL F 91 -40.76 -3.95 -42.61
N ASP F 92 -40.42 -4.67 -41.54
CA ASP F 92 -41.33 -4.98 -40.45
C ASP F 92 -41.36 -3.88 -39.39
N ILE F 93 -40.18 -3.51 -38.87
CA ILE F 93 -40.05 -2.57 -37.77
C ILE F 93 -39.28 -1.35 -38.27
N VAL F 94 -39.85 -0.14 -38.08
CA VAL F 94 -39.13 1.10 -38.29
C VAL F 94 -38.73 1.70 -36.94
N ILE F 95 -37.41 1.94 -36.77
CA ILE F 95 -36.87 2.75 -35.67
C ILE F 95 -37.06 4.21 -36.08
N GLU F 96 -37.83 4.97 -35.29
CA GLU F 96 -38.02 6.40 -35.54
C GLU F 96 -37.10 7.22 -34.63
N SER F 97 -35.97 7.69 -35.19
CA SER F 97 -34.88 8.31 -34.45
C SER F 97 -34.45 9.62 -35.11
N THR F 98 -35.39 10.32 -35.73
CA THR F 98 -35.08 11.66 -36.23
C THR F 98 -35.14 12.68 -35.11
N GLY F 99 -36.06 12.47 -34.15
CA GLY F 99 -36.28 13.47 -33.12
C GLY F 99 -37.47 14.39 -33.43
N PHE F 100 -38.08 14.22 -34.62
CA PHE F 100 -39.11 15.15 -35.07
C PHE F 100 -40.47 14.45 -35.17
N PHE F 101 -40.52 13.12 -34.95
CA PHE F 101 -41.77 12.38 -35.04
C PHE F 101 -42.05 11.59 -33.76
N THR F 102 -41.87 12.26 -32.63
CA THR F 102 -42.09 11.66 -31.33
C THR F 102 -43.58 11.73 -30.97
N ASP F 103 -44.38 12.52 -31.71
CA ASP F 103 -45.83 12.39 -31.61
C ASP F 103 -46.27 11.19 -32.47
N ALA F 104 -46.92 10.21 -31.85
CA ALA F 104 -47.26 8.96 -32.51
C ALA F 104 -48.26 9.18 -33.63
N ASN F 105 -48.99 10.30 -33.61
CA ASN F 105 -49.87 10.58 -34.72
C ASN F 105 -49.03 10.89 -35.98
N ALA F 106 -47.89 11.55 -35.82
CA ALA F 106 -46.98 11.79 -36.93
C ALA F 106 -46.19 10.53 -37.30
N ALA F 107 -45.84 9.72 -36.29
CA ALA F 107 -44.96 8.57 -36.48
C ALA F 107 -45.72 7.41 -37.11
N LYS F 108 -47.06 7.44 -37.00
CA LYS F 108 -47.90 6.40 -37.59
C LYS F 108 -47.81 6.42 -39.12
N ALA F 109 -47.34 7.55 -39.68
CA ALA F 109 -47.05 7.67 -41.11
C ALA F 109 -46.24 6.47 -41.61
N HIS F 110 -45.33 5.94 -40.77
CA HIS F 110 -44.49 4.80 -41.13
C HIS F 110 -45.33 3.55 -41.36
N ILE F 111 -46.39 3.39 -40.54
CA ILE F 111 -47.32 2.26 -40.63
C ILE F 111 -48.13 2.38 -41.91
N GLU F 112 -48.71 3.56 -42.10
CA GLU F 112 -49.43 3.87 -43.32
C GLU F 112 -48.52 3.55 -44.51
N ALA F 113 -47.22 3.82 -44.40
CA ALA F 113 -46.31 3.68 -45.53
C ALA F 113 -45.72 2.29 -45.63
N GLY F 114 -46.30 1.29 -44.95
CA GLY F 114 -45.95 -0.10 -45.17
C GLY F 114 -45.39 -0.84 -43.95
N ALA F 115 -44.97 -0.11 -42.90
CA ALA F 115 -44.34 -0.78 -41.76
C ALA F 115 -45.44 -1.45 -40.92
N LYS F 116 -45.05 -2.45 -40.12
CA LYS F 116 -45.95 -3.10 -39.18
C LYS F 116 -45.84 -2.49 -37.78
N LYS F 117 -44.60 -2.14 -37.37
CA LYS F 117 -44.30 -1.64 -36.03
C LYS F 117 -43.41 -0.41 -36.13
N VAL F 118 -43.60 0.55 -35.20
CA VAL F 118 -42.73 1.71 -35.05
C VAL F 118 -42.25 1.80 -33.61
N ILE F 119 -40.92 1.84 -33.42
CA ILE F 119 -40.29 2.12 -32.14
C ILE F 119 -39.63 3.50 -32.19
N ILE F 120 -40.24 4.44 -31.44
CA ILE F 120 -39.76 5.80 -31.26
C ILE F 120 -38.63 5.79 -30.24
N SER F 121 -37.49 6.38 -30.63
CA SER F 121 -36.25 6.31 -29.85
C SER F 121 -36.20 7.47 -28.84
N ALA F 122 -37.33 7.75 -28.21
CA ALA F 122 -37.46 8.88 -27.30
C ALA F 122 -38.81 8.79 -26.59
N PRO F 123 -39.03 9.56 -25.49
CA PRO F 123 -40.38 9.81 -24.98
C PRO F 123 -41.29 10.26 -26.13
N ALA F 124 -42.51 9.75 -26.15
CA ALA F 124 -43.44 10.01 -27.24
C ALA F 124 -44.68 10.70 -26.69
N SER F 125 -45.58 11.13 -27.57
CA SER F 125 -46.93 11.51 -27.17
C SER F 125 -47.91 10.74 -28.04
N ASN F 126 -49.07 10.40 -27.46
CA ASN F 126 -50.17 9.78 -28.17
C ASN F 126 -49.82 8.35 -28.56
N GLU F 127 -48.86 7.75 -27.85
CA GLU F 127 -48.32 6.45 -28.24
C GLU F 127 -49.17 5.32 -27.65
N ASP F 128 -49.05 4.11 -28.24
CA ASP F 128 -49.76 2.93 -27.74
C ASP F 128 -49.15 2.47 -26.41
N ALA F 129 -47.83 2.70 -26.19
CA ALA F 129 -47.15 2.15 -25.03
C ALA F 129 -45.70 2.64 -24.99
N THR F 130 -45.10 2.60 -23.79
CA THR F 130 -43.73 3.02 -23.52
C THR F 130 -43.02 1.94 -22.69
N PHE F 131 -41.80 1.60 -23.08
CA PHE F 131 -41.07 0.52 -22.47
C PHE F 131 -39.66 0.93 -22.08
N VAL F 132 -39.26 0.43 -20.91
CA VAL F 132 -37.87 0.24 -20.57
C VAL F 132 -37.67 -1.26 -20.47
N TYR F 133 -36.82 -1.81 -21.32
CA TYR F 133 -36.55 -3.23 -21.29
C TYR F 133 -36.00 -3.60 -19.90
N GLY F 134 -36.48 -4.73 -19.35
CA GLY F 134 -36.11 -5.20 -18.03
C GLY F 134 -37.02 -4.64 -16.92
N VAL F 135 -37.79 -3.60 -17.21
CA VAL F 135 -38.67 -3.01 -16.23
C VAL F 135 -40.13 -3.38 -16.50
N ASN F 136 -40.64 -3.17 -17.72
CA ASN F 136 -42.06 -3.34 -17.98
C ASN F 136 -42.34 -3.97 -19.36
N HIS F 137 -41.30 -4.57 -19.97
CA HIS F 137 -41.43 -5.13 -21.31
C HIS F 137 -42.40 -6.32 -21.31
N GLU F 138 -42.64 -6.94 -20.16
CA GLU F 138 -43.61 -8.04 -20.11
C GLU F 138 -45.04 -7.56 -20.30
N SER F 139 -45.32 -6.25 -20.22
CA SER F 139 -46.63 -5.74 -20.58
C SER F 139 -46.80 -5.53 -22.09
N TYR F 140 -45.78 -5.87 -22.90
CA TYR F 140 -45.87 -5.63 -24.34
C TYR F 140 -46.97 -6.51 -24.95
N ASP F 141 -47.90 -5.87 -25.68
CA ASP F 141 -49.02 -6.55 -26.33
C ASP F 141 -48.86 -6.56 -27.86
N PRO F 142 -48.48 -7.69 -28.50
CA PRO F 142 -48.27 -7.73 -29.94
C PRO F 142 -49.46 -7.28 -30.79
N GLU F 143 -50.69 -7.45 -30.28
CA GLU F 143 -51.86 -7.04 -31.04
C GLU F 143 -52.04 -5.52 -31.04
N ASN F 144 -51.91 -4.88 -29.88
CA ASN F 144 -52.36 -3.51 -29.69
C ASN F 144 -51.21 -2.50 -29.64
N HIS F 145 -49.98 -2.95 -29.39
CA HIS F 145 -48.84 -2.05 -29.23
C HIS F 145 -48.03 -1.98 -30.53
N ASN F 146 -48.30 -0.95 -31.34
CA ASN F 146 -47.81 -0.87 -32.71
C ASN F 146 -46.88 0.31 -32.92
N VAL F 147 -47.22 1.46 -32.33
CA VAL F 147 -46.37 2.63 -32.33
C VAL F 147 -45.97 2.88 -30.87
N ILE F 148 -44.73 2.48 -30.55
CA ILE F 148 -44.29 2.45 -29.17
C ILE F 148 -43.03 3.30 -28.99
N SER F 149 -42.76 3.65 -27.72
CA SER F 149 -41.63 4.45 -27.27
C SER F 149 -40.65 3.56 -26.50
N GLY F 150 -39.36 3.75 -26.76
CA GLY F 150 -38.32 3.10 -25.98
C GLY F 150 -37.84 4.00 -24.84
N ALA F 151 -38.58 5.10 -24.61
CA ALA F 151 -38.28 6.12 -23.60
C ALA F 151 -36.94 6.80 -23.91
N SER F 152 -36.34 7.41 -22.89
CA SER F 152 -35.09 8.16 -23.06
C SER F 152 -33.92 7.39 -22.43
N CYS F 153 -32.71 7.86 -22.72
CA CYS F 153 -31.49 7.33 -22.13
C CYS F 153 -31.60 7.40 -20.60
N THR F 154 -31.97 8.58 -20.08
CA THR F 154 -32.02 8.77 -18.62
C THR F 154 -33.10 7.89 -17.98
N THR F 155 -34.23 7.70 -18.68
CA THR F 155 -35.28 6.80 -18.19
C THR F 155 -34.80 5.36 -18.06
N ASN F 156 -34.03 4.89 -19.05
CA ASN F 156 -33.48 3.55 -19.09
C ASN F 156 -32.38 3.35 -18.04
N CYS F 157 -31.81 4.45 -17.53
CA CYS F 157 -30.88 4.38 -16.41
C CYS F 157 -31.64 4.39 -15.07
N LEU F 158 -32.54 5.35 -14.90
CA LEU F 158 -33.25 5.54 -13.64
C LEU F 158 -34.22 4.40 -13.33
N ALA F 159 -35.02 4.00 -14.33
CA ALA F 159 -36.16 3.14 -14.04
C ALA F 159 -35.71 1.79 -13.46
N PRO F 160 -34.66 1.11 -13.97
CA PRO F 160 -34.26 -0.18 -13.40
C PRO F 160 -33.84 -0.10 -11.92
N MET F 161 -33.08 0.93 -11.59
CA MET F 161 -32.63 1.22 -10.25
C MET F 161 -33.83 1.54 -9.34
N ALA F 162 -34.70 2.45 -9.81
CA ALA F 162 -35.91 2.84 -9.09
C ALA F 162 -36.86 1.67 -8.87
N LYS F 163 -37.02 0.82 -9.88
CA LYS F 163 -37.83 -0.36 -9.72
C LYS F 163 -37.35 -1.23 -8.55
N VAL F 164 -36.05 -1.56 -8.50
CA VAL F 164 -35.54 -2.40 -7.42
C VAL F 164 -35.75 -1.71 -6.06
N LEU F 165 -35.35 -0.44 -5.95
CA LEU F 165 -35.44 0.24 -4.67
C LEU F 165 -36.89 0.46 -4.23
N ASN F 166 -37.79 0.71 -5.19
CA ASN F 166 -39.19 0.96 -4.88
C ASN F 166 -39.86 -0.35 -4.46
N ASP F 167 -39.45 -1.45 -5.07
CA ASP F 167 -39.97 -2.78 -4.76
C ASP F 167 -39.54 -3.20 -3.36
N LYS F 168 -38.30 -2.87 -2.98
CA LYS F 168 -37.73 -3.43 -1.77
C LYS F 168 -37.87 -2.47 -0.59
N PHE F 169 -37.98 -1.16 -0.82
CA PHE F 169 -37.97 -0.20 0.28
C PHE F 169 -39.13 0.77 0.14
N GLY F 170 -39.47 1.18 -1.08
CA GLY F 170 -40.56 2.12 -1.28
C GLY F 170 -40.01 3.52 -1.49
N ILE F 171 -40.36 4.12 -2.63
CA ILE F 171 -39.99 5.50 -2.90
C ILE F 171 -41.22 6.37 -2.64
N GLU F 172 -41.12 7.21 -1.61
CA GLU F 172 -42.18 8.14 -1.29
C GLU F 172 -42.20 9.28 -2.30
N ASN F 173 -41.08 9.98 -2.37
CA ASN F 173 -40.87 11.08 -3.30
C ASN F 173 -39.38 11.13 -3.61
N GLY F 174 -39.04 11.55 -4.82
CA GLY F 174 -37.66 11.54 -5.28
C GLY F 174 -37.41 12.72 -6.22
N LEU F 175 -36.20 13.28 -6.14
CA LEU F 175 -35.78 14.36 -7.04
C LEU F 175 -34.39 14.01 -7.60
N MET F 176 -34.27 13.98 -8.95
CA MET F 176 -33.08 13.50 -9.63
C MET F 176 -32.34 14.65 -10.32
N THR F 177 -31.00 14.49 -10.41
CA THR F 177 -30.13 15.31 -11.22
C THR F 177 -29.37 14.33 -12.08
N THR F 178 -29.44 14.53 -13.40
CA THR F 178 -28.60 13.78 -14.32
C THR F 178 -27.47 14.68 -14.80
N VAL F 179 -26.25 14.15 -14.68
CA VAL F 179 -25.09 14.84 -15.18
C VAL F 179 -24.72 14.10 -16.46
N HIS F 180 -25.01 14.78 -17.56
CA HIS F 180 -25.27 14.15 -18.83
C HIS F 180 -24.34 14.72 -19.90
N ALA F 181 -23.85 13.85 -20.79
CA ALA F 181 -23.02 14.28 -21.89
C ALA F 181 -23.81 15.21 -22.78
N TYR F 182 -23.12 16.06 -23.54
CA TYR F 182 -23.82 16.93 -24.47
C TYR F 182 -24.30 16.11 -25.66
N THR F 183 -25.41 16.52 -26.26
CA THR F 183 -26.01 15.84 -27.38
C THR F 183 -26.06 16.78 -28.60
N GLY F 184 -26.53 16.23 -29.72
CA GLY F 184 -26.41 16.92 -31.00
C GLY F 184 -27.39 18.07 -31.09
N ASP F 185 -28.34 18.13 -30.17
CA ASP F 185 -29.30 19.21 -30.28
C ASP F 185 -28.80 20.42 -29.51
N GLN F 186 -27.68 20.33 -28.78
CA GLN F 186 -27.11 21.53 -28.16
C GLN F 186 -26.29 22.28 -29.20
N ARG F 187 -25.78 23.46 -28.85
CA ARG F 187 -25.05 24.30 -29.79
C ARG F 187 -23.57 24.31 -29.45
N LEU F 188 -22.73 24.24 -30.49
CA LEU F 188 -21.29 24.30 -30.31
C LEU F 188 -20.91 25.70 -29.84
N HIS F 189 -21.53 26.70 -30.52
CA HIS F 189 -21.35 28.10 -30.19
C HIS F 189 -22.72 28.64 -29.84
N ASP F 190 -22.74 29.61 -28.92
CA ASP F 190 -23.97 30.31 -28.54
C ASP F 190 -24.77 30.65 -29.78
N ALA F 191 -25.99 30.09 -29.88
CA ALA F 191 -26.81 30.19 -31.09
C ALA F 191 -28.26 29.91 -30.73
N PRO F 192 -29.23 30.31 -31.59
CA PRO F 192 -30.64 30.12 -31.29
C PRO F 192 -31.03 28.68 -30.98
N HIS F 193 -31.88 28.54 -29.95
CA HIS F 193 -32.45 27.24 -29.60
C HIS F 193 -33.66 27.56 -28.73
N ARG F 194 -34.66 26.68 -28.80
CA ARG F 194 -35.90 26.84 -28.08
C ARG F 194 -35.63 26.91 -26.57
N ASP F 195 -34.69 26.10 -26.08
CA ASP F 195 -34.23 26.15 -24.71
C ASP F 195 -33.08 27.14 -24.63
N LEU F 196 -33.23 28.19 -23.80
CA LEU F 196 -32.30 29.33 -23.71
C LEU F 196 -30.95 28.94 -23.11
N ARG F 197 -30.90 27.83 -22.38
CA ARG F 197 -29.65 27.36 -21.81
C ARG F 197 -28.94 26.41 -22.78
N ARG F 198 -29.70 25.52 -23.43
CA ARG F 198 -29.17 24.66 -24.48
C ARG F 198 -28.69 25.48 -25.68
N ALA F 199 -29.11 26.75 -25.75
CA ALA F 199 -28.56 27.67 -26.75
C ALA F 199 -27.07 27.94 -26.56
N ARG F 200 -26.50 27.58 -25.40
CA ARG F 200 -25.19 28.08 -25.01
C ARG F 200 -24.09 27.03 -25.28
N ALA F 201 -22.91 27.51 -25.72
CA ALA F 201 -21.75 26.71 -26.12
C ALA F 201 -21.56 25.47 -25.23
N ALA F 202 -21.76 24.29 -25.81
CA ALA F 202 -22.01 23.07 -25.05
C ALA F 202 -20.72 22.54 -24.44
N ALA F 203 -19.59 22.79 -25.10
CA ALA F 203 -18.38 22.13 -24.70
C ALA F 203 -17.59 22.98 -23.72
N VAL F 204 -18.11 24.16 -23.29
CA VAL F 204 -17.44 25.00 -22.31
C VAL F 204 -18.38 25.38 -21.20
N ASN F 205 -19.58 24.76 -21.16
CA ASN F 205 -20.58 25.10 -20.16
C ASN F 205 -21.15 23.86 -19.47
N ILE F 206 -21.43 24.05 -18.18
CA ILE F 206 -22.43 23.26 -17.47
C ILE F 206 -23.78 23.89 -17.79
N VAL F 207 -24.70 23.11 -18.37
CA VAL F 207 -25.93 23.67 -18.94
C VAL F 207 -27.14 23.00 -18.28
N PRO F 208 -27.83 23.68 -17.35
CA PRO F 208 -29.08 23.17 -16.78
C PRO F 208 -30.20 23.09 -17.82
N THR F 209 -30.93 21.98 -17.81
CA THR F 209 -32.03 21.77 -18.75
C THR F 209 -32.93 20.65 -18.22
N SER F 210 -33.97 20.33 -19.01
CA SER F 210 -34.94 19.27 -18.75
C SER F 210 -34.35 17.88 -18.99
N THR F 211 -34.90 16.84 -18.33
CA THR F 211 -34.61 15.48 -18.77
C THR F 211 -35.88 14.78 -19.25
N GLY F 212 -36.97 14.84 -18.48
CA GLY F 212 -38.14 14.05 -18.83
C GLY F 212 -37.86 12.53 -18.86
N ALA F 213 -36.85 12.08 -18.11
CA ALA F 213 -36.99 10.89 -17.29
C ALA F 213 -37.90 11.30 -16.14
N ALA F 214 -37.86 12.61 -15.86
CA ALA F 214 -38.81 13.33 -15.03
C ALA F 214 -40.21 12.77 -15.19
N LYS F 215 -40.69 12.71 -16.45
CA LYS F 215 -42.05 12.30 -16.81
C LYS F 215 -42.10 10.82 -17.15
N ALA F 216 -41.09 10.36 -17.91
CA ALA F 216 -41.18 9.09 -18.59
C ALA F 216 -41.08 7.95 -17.57
N VAL F 217 -40.46 8.15 -16.40
CA VAL F 217 -40.27 7.00 -15.52
C VAL F 217 -41.61 6.49 -15.02
N ALA F 218 -42.58 7.39 -14.79
CA ALA F 218 -43.90 6.99 -14.32
C ALA F 218 -44.64 6.19 -15.39
N LEU F 219 -44.28 6.39 -16.67
CA LEU F 219 -44.93 5.65 -17.74
C LEU F 219 -44.53 4.18 -17.65
N VAL F 220 -43.37 3.85 -17.08
CA VAL F 220 -42.94 2.47 -17.04
C VAL F 220 -43.03 1.94 -15.61
N LEU F 221 -43.11 2.84 -14.62
CA LEU F 221 -43.30 2.49 -13.22
C LEU F 221 -44.40 3.37 -12.67
N PRO F 222 -45.66 3.05 -12.99
CA PRO F 222 -46.79 3.96 -12.75
C PRO F 222 -47.06 4.25 -11.28
N GLU F 223 -46.61 3.37 -10.40
CA GLU F 223 -46.70 3.64 -8.98
C GLU F 223 -45.91 4.90 -8.59
N LEU F 224 -44.99 5.34 -9.47
CA LEU F 224 -44.19 6.53 -9.21
C LEU F 224 -44.80 7.79 -9.81
N LYS F 225 -46.00 7.71 -10.38
CA LYS F 225 -46.68 8.87 -10.94
C LYS F 225 -46.77 9.97 -9.88
N GLY F 226 -46.29 11.17 -10.24
CA GLY F 226 -46.39 12.31 -9.34
C GLY F 226 -45.37 12.26 -8.20
N LYS F 227 -44.58 11.19 -8.12
CA LYS F 227 -43.64 11.01 -7.03
C LYS F 227 -42.21 11.43 -7.41
N LEU F 228 -41.90 11.60 -8.72
CA LEU F 228 -40.55 11.97 -9.14
C LEU F 228 -40.54 13.29 -9.88
N ASP F 229 -39.41 14.00 -9.78
CA ASP F 229 -39.10 15.09 -10.67
C ASP F 229 -37.58 15.31 -10.65
N GLY F 230 -37.12 16.27 -11.45
CA GLY F 230 -35.71 16.65 -11.51
C GLY F 230 -35.31 17.18 -12.89
N TYR F 231 -33.99 17.31 -13.10
CA TYR F 231 -33.45 18.09 -14.21
C TYR F 231 -32.10 17.50 -14.61
N ALA F 232 -31.54 18.04 -15.71
CA ALA F 232 -30.25 17.63 -16.22
C ALA F 232 -29.24 18.78 -16.11
N LEU F 233 -27.97 18.43 -15.89
CA LEU F 233 -26.86 19.34 -16.15
C LEU F 233 -26.05 18.69 -17.29
N ARG F 234 -26.07 19.35 -18.45
CA ARG F 234 -25.28 18.92 -19.58
C ARG F 234 -23.86 19.43 -19.40
N VAL F 235 -22.91 18.52 -19.55
CA VAL F 235 -21.52 18.86 -19.25
C VAL F 235 -20.63 18.41 -20.42
N PRO F 236 -19.43 19.02 -20.55
CA PRO F 236 -18.55 18.71 -21.68
C PRO F 236 -17.83 17.37 -21.58
N VAL F 237 -18.60 16.29 -21.78
CA VAL F 237 -18.07 15.03 -22.25
C VAL F 237 -18.97 14.62 -23.42
N ILE F 238 -18.44 13.85 -24.37
CA ILE F 238 -19.17 13.64 -25.62
C ILE F 238 -20.17 12.50 -25.49
N THR F 239 -19.90 11.56 -24.57
CA THR F 239 -20.86 10.55 -24.18
C THR F 239 -20.52 10.07 -22.78
N GLY F 240 -21.53 9.44 -22.16
CA GLY F 240 -21.46 9.00 -20.77
C GLY F 240 -22.08 10.01 -19.82
N SER F 241 -22.88 9.45 -18.91
CA SER F 241 -23.74 10.23 -18.04
C SER F 241 -23.93 9.48 -16.71
N ALA F 242 -24.36 10.22 -15.67
CA ALA F 242 -24.79 9.66 -14.40
C ALA F 242 -26.12 10.29 -13.95
N THR F 243 -26.99 9.44 -13.42
CA THR F 243 -28.24 9.87 -12.80
C THR F 243 -28.11 9.72 -11.28
N ASP F 244 -28.34 10.83 -10.59
CA ASP F 244 -28.26 10.96 -9.14
C ASP F 244 -29.69 11.22 -8.65
N LEU F 245 -30.25 10.22 -7.97
CA LEU F 245 -31.59 10.28 -7.42
C LEU F 245 -31.52 10.36 -5.90
N THR F 246 -32.26 11.31 -5.35
CA THR F 246 -32.37 11.49 -3.92
C THR F 246 -33.83 11.32 -3.56
N PHE F 247 -34.12 10.39 -2.63
CA PHE F 247 -35.49 10.02 -2.33
C PHE F 247 -35.72 9.78 -0.84
N ASN F 248 -36.97 9.93 -0.41
CA ASN F 248 -37.39 9.53 0.93
C ASN F 248 -38.05 8.17 0.87
N THR F 249 -37.95 7.42 1.96
CA THR F 249 -38.60 6.11 2.06
C THR F 249 -39.20 5.97 3.45
N LYS F 250 -40.23 5.12 3.59
CA LYS F 250 -40.76 4.81 4.90
C LYS F 250 -40.07 3.59 5.48
N SER F 251 -39.12 2.95 4.76
CA SER F 251 -38.39 1.81 5.28
C SER F 251 -37.18 2.29 6.08
N GLU F 252 -36.64 1.43 6.95
CA GLU F 252 -35.33 1.75 7.55
C GLU F 252 -34.28 1.21 6.60
N VAL F 253 -33.30 2.03 6.26
CA VAL F 253 -32.34 1.70 5.21
C VAL F 253 -30.96 2.08 5.72
N THR F 254 -29.96 1.37 5.20
CA THR F 254 -28.56 1.71 5.41
C THR F 254 -27.89 1.71 4.03
N VAL F 255 -26.72 2.35 3.94
CA VAL F 255 -25.96 2.32 2.70
C VAL F 255 -25.86 0.87 2.27
N GLU F 256 -25.54 0.04 3.26
CA GLU F 256 -25.25 -1.37 3.03
C GLU F 256 -26.48 -2.07 2.47
N SER F 257 -27.66 -1.79 3.02
CA SER F 257 -28.90 -2.48 2.64
C SER F 257 -29.39 -1.96 1.27
N ILE F 258 -29.25 -0.65 1.01
CA ILE F 258 -29.52 -0.15 -0.34
C ILE F 258 -28.64 -0.89 -1.37
N ASN F 259 -27.33 -0.95 -1.13
CA ASN F 259 -26.41 -1.52 -2.09
C ASN F 259 -26.71 -3.00 -2.26
N ALA F 260 -27.09 -3.70 -1.17
CA ALA F 260 -27.23 -5.14 -1.24
C ALA F 260 -28.43 -5.50 -2.10
N ALA F 261 -29.47 -4.66 -2.04
CA ALA F 261 -30.68 -4.89 -2.82
C ALA F 261 -30.36 -4.74 -4.30
N ILE F 262 -29.54 -3.76 -4.69
CA ILE F 262 -29.15 -3.67 -6.10
C ILE F 262 -28.33 -4.89 -6.50
N LYS F 263 -27.33 -5.25 -5.71
CA LYS F 263 -26.48 -6.37 -6.06
C LYS F 263 -27.26 -7.66 -6.22
N GLU F 264 -28.29 -7.83 -5.38
CA GLU F 264 -29.17 -9.00 -5.39
C GLU F 264 -29.96 -9.08 -6.68
N ALA F 265 -30.40 -7.93 -7.21
CA ALA F 265 -31.26 -7.88 -8.36
C ALA F 265 -30.47 -7.96 -9.66
N ALA F 266 -29.23 -7.47 -9.64
CA ALA F 266 -28.43 -7.33 -10.86
C ALA F 266 -27.84 -8.67 -11.25
N VAL F 267 -28.70 -9.60 -11.65
CA VAL F 267 -28.28 -10.93 -12.03
C VAL F 267 -29.19 -11.38 -13.18
N GLY F 268 -28.81 -12.46 -13.88
CA GLY F 268 -29.72 -13.02 -14.87
C GLY F 268 -29.98 -12.03 -16.00
N GLU F 269 -31.15 -12.17 -16.65
CA GLU F 269 -31.53 -11.32 -17.77
C GLU F 269 -31.60 -9.86 -17.33
N PHE F 270 -32.12 -9.63 -16.11
CA PHE F 270 -32.28 -8.27 -15.62
C PHE F 270 -30.89 -7.63 -15.44
N GLY F 271 -29.90 -8.45 -15.10
CA GLY F 271 -28.52 -8.02 -14.94
C GLY F 271 -27.86 -7.53 -16.24
N GLU F 272 -28.45 -7.80 -17.41
CA GLU F 272 -27.94 -7.25 -18.67
C GLU F 272 -28.39 -5.79 -18.85
N THR F 273 -29.48 -5.42 -18.18
CA THR F 273 -30.00 -4.06 -18.14
C THR F 273 -29.35 -3.28 -16.98
N LEU F 274 -29.35 -3.88 -15.78
CA LEU F 274 -28.82 -3.20 -14.60
C LEU F 274 -27.57 -3.91 -14.08
N ALA F 275 -26.46 -3.17 -14.02
CA ALA F 275 -25.21 -3.67 -13.49
C ALA F 275 -24.96 -3.08 -12.12
N TYR F 276 -24.15 -3.79 -11.34
CA TYR F 276 -23.79 -3.40 -9.99
C TYR F 276 -22.28 -3.31 -9.92
N SER F 277 -21.77 -2.15 -9.49
CA SER F 277 -20.33 -1.94 -9.45
C SER F 277 -19.85 -1.43 -8.10
N GLU F 278 -18.67 -1.93 -7.69
CA GLU F 278 -17.94 -1.33 -6.59
C GLU F 278 -16.61 -0.75 -7.06
N GLU F 279 -16.48 -0.47 -8.36
CA GLU F 279 -15.19 -0.07 -8.92
C GLU F 279 -15.04 1.45 -8.86
N PRO F 280 -13.81 2.00 -9.00
CA PRO F 280 -13.60 3.44 -8.94
C PRO F 280 -13.89 4.11 -10.29
N LEU F 281 -15.16 4.06 -10.71
CA LEU F 281 -15.60 4.43 -12.04
C LEU F 281 -15.59 5.93 -12.25
N VAL F 282 -15.17 6.31 -13.47
CA VAL F 282 -15.38 7.64 -14.03
C VAL F 282 -16.04 7.45 -15.40
N SER F 283 -16.55 8.54 -16.02
CA SER F 283 -17.43 8.43 -17.17
C SER F 283 -16.78 7.65 -18.30
N THR F 284 -15.46 7.75 -18.48
CA THR F 284 -14.86 7.11 -19.63
C THR F 284 -14.91 5.59 -19.47
N ASP F 285 -15.06 5.10 -18.23
CA ASP F 285 -15.11 3.69 -17.89
C ASP F 285 -16.40 3.05 -18.38
N ILE F 286 -17.47 3.84 -18.53
CA ILE F 286 -18.75 3.30 -18.94
C ILE F 286 -19.10 3.60 -20.40
N VAL F 287 -18.23 4.32 -21.10
CA VAL F 287 -18.39 4.45 -22.54
C VAL F 287 -18.37 3.06 -23.16
N HIS F 288 -19.35 2.79 -24.04
CA HIS F 288 -19.56 1.55 -24.76
C HIS F 288 -20.05 0.44 -23.83
N ASP F 289 -20.67 0.75 -22.68
CA ASP F 289 -21.22 -0.29 -21.83
C ASP F 289 -22.62 -0.61 -22.34
N SER F 290 -22.95 -1.89 -22.38
CA SER F 290 -24.20 -2.34 -22.96
C SER F 290 -25.33 -2.30 -21.93
N HIS F 291 -25.03 -1.96 -20.66
CA HIS F 291 -26.09 -1.82 -19.65
C HIS F 291 -26.89 -0.52 -19.80
N GLY F 292 -28.18 -0.61 -19.52
CA GLY F 292 -28.99 0.58 -19.38
C GLY F 292 -28.61 1.40 -18.15
N SER F 293 -28.07 0.72 -17.13
CA SER F 293 -27.91 1.32 -15.79
C SER F 293 -26.76 0.63 -15.08
N ILE F 294 -25.76 1.38 -14.65
CA ILE F 294 -24.62 0.79 -13.95
C ILE F 294 -24.53 1.43 -12.57
N PHE F 295 -25.06 0.73 -11.58
CA PHE F 295 -25.17 1.30 -10.23
C PHE F 295 -23.81 1.38 -9.56
N ASP F 296 -23.50 2.57 -9.02
CA ASP F 296 -22.21 2.84 -8.37
C ASP F 296 -22.38 2.80 -6.85
N ALA F 297 -22.00 1.68 -6.26
CA ALA F 297 -22.23 1.38 -4.86
C ALA F 297 -21.43 2.34 -4.00
N GLY F 298 -20.36 2.87 -4.57
CA GLY F 298 -19.48 3.76 -3.83
C GLY F 298 -20.04 5.15 -3.58
N LEU F 299 -21.16 5.50 -4.25
CA LEU F 299 -21.70 6.84 -4.16
C LEU F 299 -22.99 6.89 -3.32
N THR F 300 -23.46 5.71 -2.89
CA THR F 300 -24.65 5.64 -2.07
C THR F 300 -24.44 6.41 -0.76
N LYS F 301 -25.44 7.22 -0.41
CA LYS F 301 -25.52 7.83 0.90
C LYS F 301 -26.91 7.75 1.52
N VAL F 302 -26.94 7.74 2.85
CA VAL F 302 -28.17 7.67 3.61
C VAL F 302 -28.05 8.65 4.78
N SER F 303 -29.08 9.47 4.93
CA SER F 303 -29.21 10.37 6.07
C SER F 303 -30.64 10.26 6.56
N GLY F 304 -30.81 9.58 7.70
CA GLY F 304 -32.12 9.19 8.20
C GLY F 304 -32.88 8.32 7.20
N ASN F 305 -34.01 8.86 6.68
CA ASN F 305 -34.84 8.13 5.72
C ASN F 305 -34.69 8.74 4.32
N THR F 306 -33.64 9.55 4.14
CA THR F 306 -33.31 10.11 2.84
C THR F 306 -32.11 9.40 2.25
N VAL F 307 -32.21 9.04 0.96
CA VAL F 307 -31.25 8.19 0.28
C VAL F 307 -30.79 8.88 -1.01
N LYS F 308 -29.49 8.77 -1.28
CA LYS F 308 -28.90 9.24 -2.52
C LYS F 308 -28.23 8.05 -3.17
N VAL F 309 -28.65 7.76 -4.43
CA VAL F 309 -28.03 6.73 -5.26
C VAL F 309 -27.73 7.29 -6.64
N VAL F 310 -26.74 6.65 -7.27
CA VAL F 310 -26.16 7.15 -8.50
C VAL F 310 -25.87 5.97 -9.42
N SER F 311 -26.38 6.07 -10.64
CA SER F 311 -26.13 5.08 -11.67
C SER F 311 -25.61 5.76 -12.92
N TRP F 312 -24.64 5.10 -13.55
CA TRP F 312 -24.09 5.53 -14.82
C TRP F 312 -24.83 4.92 -16.01
N TYR F 313 -24.63 5.56 -17.18
CA TYR F 313 -25.05 5.04 -18.47
C TYR F 313 -24.27 5.73 -19.59
N ASP F 314 -23.84 4.95 -20.59
CA ASP F 314 -23.56 5.48 -21.92
C ASP F 314 -24.87 5.80 -22.64
N ASN F 315 -25.21 7.09 -22.68
CA ASN F 315 -26.49 7.58 -23.15
C ASN F 315 -26.67 7.31 -24.63
N GLU F 316 -25.55 7.00 -25.32
CA GLU F 316 -25.59 6.51 -26.69
C GLU F 316 -25.75 4.98 -26.69
N TRP F 317 -24.70 4.26 -26.31
CA TRP F 317 -24.62 2.82 -26.54
C TRP F 317 -25.54 2.01 -25.62
N GLY F 318 -25.62 2.42 -24.36
CA GLY F 318 -26.40 1.68 -23.38
C GLY F 318 -27.89 1.76 -23.71
N TYR F 319 -28.35 2.98 -24.03
CA TYR F 319 -29.72 3.22 -24.47
C TYR F 319 -29.98 2.42 -25.73
N THR F 320 -29.03 2.44 -26.67
CA THR F 320 -29.13 1.68 -27.90
C THR F 320 -29.30 0.19 -27.63
N CYS F 321 -28.50 -0.37 -26.72
CA CYS F 321 -28.61 -1.78 -26.40
C CYS F 321 -29.97 -2.06 -25.75
N GLN F 322 -30.51 -1.09 -25.00
CA GLN F 322 -31.84 -1.26 -24.41
C GLN F 322 -32.89 -1.25 -25.51
N LEU F 323 -32.74 -0.35 -26.48
CA LEU F 323 -33.68 -0.24 -27.60
C LEU F 323 -33.62 -1.50 -28.49
N LEU F 324 -32.44 -2.12 -28.63
CA LEU F 324 -32.30 -3.35 -29.40
C LEU F 324 -32.95 -4.52 -28.66
N ARG F 325 -32.72 -4.62 -27.35
CA ARG F 325 -33.41 -5.62 -26.54
C ARG F 325 -34.91 -5.55 -26.81
N LEU F 326 -35.49 -4.34 -26.76
CA LEU F 326 -36.90 -4.10 -27.02
C LEU F 326 -37.26 -4.43 -28.47
N THR F 327 -36.39 -4.09 -29.43
CA THR F 327 -36.63 -4.47 -30.82
C THR F 327 -36.62 -6.01 -30.97
N GLU F 328 -35.81 -6.74 -30.21
CA GLU F 328 -35.74 -8.19 -30.36
C GLU F 328 -37.02 -8.83 -29.86
N LEU F 329 -37.61 -8.25 -28.80
CA LEU F 329 -38.89 -8.68 -28.28
C LEU F 329 -40.01 -8.46 -29.30
N VAL F 330 -40.10 -7.27 -29.89
CA VAL F 330 -41.13 -7.04 -30.88
C VAL F 330 -40.98 -8.05 -32.01
N ALA F 331 -39.73 -8.29 -32.42
CA ALA F 331 -39.41 -9.15 -33.55
C ALA F 331 -39.74 -10.61 -33.25
N SER F 332 -39.73 -11.00 -31.97
CA SER F 332 -39.93 -12.37 -31.54
C SER F 332 -41.41 -12.74 -31.47
N LYS F 333 -42.32 -11.77 -31.69
CA LYS F 333 -43.74 -12.02 -31.50
C LYS F 333 -44.51 -11.65 -32.77
N LEU F 334 -45.80 -12.00 -32.81
CA LEU F 334 -46.66 -11.73 -33.94
C LEU F 334 -46.91 -10.20 -34.06
N THR G 2 -3.76 50.93 5.70
CA THR G 2 -2.86 49.87 5.17
C THR G 2 -2.58 48.85 6.28
N ILE G 3 -3.36 47.76 6.31
CA ILE G 3 -2.87 46.52 6.89
C ILE G 3 -2.09 45.78 5.80
N ARG G 4 -0.91 45.27 6.18
CA ARG G 4 -0.03 44.56 5.26
C ARG G 4 -0.35 43.06 5.35
N VAL G 5 -0.40 42.41 4.20
CA VAL G 5 -0.80 41.02 4.07
C VAL G 5 0.29 40.27 3.32
N GLY G 6 0.56 39.03 3.75
CA GLY G 6 1.39 38.13 2.96
C GLY G 6 0.56 36.96 2.43
N ILE G 7 1.05 36.33 1.36
CA ILE G 7 0.44 35.13 0.82
C ILE G 7 1.46 34.00 0.83
N ASN G 8 1.11 32.87 1.45
CA ASN G 8 1.93 31.68 1.35
C ASN G 8 1.28 30.71 0.37
N GLY G 9 2.00 30.49 -0.74
CA GLY G 9 1.47 29.72 -1.86
C GLY G 9 0.71 30.60 -2.85
N PHE G 10 1.41 30.98 -3.92
CA PHE G 10 0.91 31.93 -4.89
C PHE G 10 0.45 31.13 -6.10
N GLY G 11 -0.55 30.26 -5.85
CA GLY G 11 -1.18 29.45 -6.88
C GLY G 11 -2.51 30.06 -7.31
N ARG G 12 -3.47 29.22 -7.74
CA ARG G 12 -4.76 29.72 -8.19
C ARG G 12 -5.38 30.60 -7.12
N ILE G 13 -5.52 30.11 -5.88
CA ILE G 13 -6.23 30.89 -4.88
C ILE G 13 -5.41 32.11 -4.46
N GLY G 14 -4.09 31.93 -4.36
CA GLY G 14 -3.18 32.98 -3.94
C GLY G 14 -3.16 34.17 -4.90
N ARG G 15 -3.10 33.85 -6.19
CA ARG G 15 -3.10 34.85 -7.24
C ARG G 15 -4.49 35.46 -7.40
N ASN G 16 -5.56 34.66 -7.30
CA ASN G 16 -6.90 35.23 -7.21
C ASN G 16 -6.96 36.28 -6.08
N PHE G 17 -6.40 35.93 -4.91
CA PHE G 17 -6.44 36.78 -3.74
C PHE G 17 -5.73 38.11 -4.00
N PHE G 18 -4.60 38.06 -4.70
CA PHE G 18 -3.83 39.26 -5.00
C PHE G 18 -4.67 40.22 -5.85
N ARG G 19 -5.38 39.67 -6.83
CA ARG G 19 -6.11 40.47 -7.78
C ARG G 19 -7.39 41.02 -7.15
N ALA G 20 -8.02 40.23 -6.24
CA ALA G 20 -9.15 40.67 -5.45
C ALA G 20 -8.78 41.85 -4.54
N VAL G 21 -7.55 41.83 -3.99
CA VAL G 21 -7.06 42.94 -3.17
C VAL G 21 -6.89 44.19 -4.03
N LEU G 22 -6.27 44.07 -5.21
CA LEU G 22 -6.03 45.22 -6.06
C LEU G 22 -7.36 45.84 -6.47
N GLU G 23 -8.33 44.98 -6.73
CA GLU G 23 -9.56 45.40 -7.35
C GLU G 23 -10.55 45.89 -6.30
N ARG G 24 -10.58 45.25 -5.11
CA ARG G 24 -11.75 45.41 -4.25
C ARG G 24 -11.41 46.01 -2.89
N SER G 25 -10.14 46.08 -2.50
CA SER G 25 -9.80 46.62 -1.20
C SER G 25 -9.19 47.99 -1.37
N ASP G 26 -9.47 48.90 -0.43
CA ASP G 26 -8.56 50.02 -0.20
C ASP G 26 -8.33 50.13 1.31
N ASP G 27 -7.80 49.06 1.92
CA ASP G 27 -7.14 49.12 3.21
C ASP G 27 -6.10 48.00 3.38
N LEU G 28 -6.04 47.05 2.43
CA LEU G 28 -5.07 45.97 2.48
C LEU G 28 -4.03 46.16 1.39
N GLU G 29 -2.80 45.75 1.67
CA GLU G 29 -1.78 45.70 0.66
C GLU G 29 -1.01 44.40 0.86
N VAL G 30 -0.76 43.70 -0.25
CA VAL G 30 0.04 42.49 -0.29
C VAL G 30 1.48 42.92 -0.53
N VAL G 31 2.37 42.60 0.41
CA VAL G 31 3.69 43.19 0.35
C VAL G 31 4.75 42.11 0.23
N ALA G 32 4.35 40.84 0.45
CA ALA G 32 5.27 39.73 0.41
C ALA G 32 4.51 38.44 0.07
N VAL G 33 5.15 37.59 -0.74
CA VAL G 33 4.58 36.37 -1.26
C VAL G 33 5.65 35.27 -1.17
N ASN G 34 5.22 34.00 -0.97
CA ASN G 34 6.14 32.86 -0.96
C ASN G 34 5.61 31.75 -1.87
N ASP G 35 6.48 31.17 -2.72
CA ASP G 35 6.13 30.01 -3.52
C ASP G 35 7.36 29.10 -3.64
N LEU G 36 7.47 28.33 -4.73
CA LEU G 36 8.50 27.31 -4.88
C LEU G 36 9.15 27.49 -6.24
N THR G 37 9.21 28.74 -6.70
CA THR G 37 9.64 28.99 -8.06
C THR G 37 10.31 30.36 -8.07
N ASP G 38 10.94 30.63 -9.21
CA ASP G 38 11.67 31.86 -9.45
C ASP G 38 10.67 32.94 -9.85
N ASN G 39 11.21 34.16 -9.90
CA ASN G 39 10.39 35.36 -9.96
C ASN G 39 9.93 35.55 -11.40
N LYS G 40 10.68 35.00 -12.35
CA LYS G 40 10.29 35.08 -13.75
C LYS G 40 9.02 34.27 -13.97
N THR G 41 9.00 33.04 -13.44
CA THR G 41 7.84 32.18 -13.49
C THR G 41 6.68 32.83 -12.73
N LEU G 42 6.90 33.25 -11.47
CA LEU G 42 5.77 33.74 -10.69
C LEU G 42 5.18 34.97 -11.39
N SER G 43 6.03 35.86 -11.88
CA SER G 43 5.55 37.09 -12.49
C SER G 43 4.79 36.78 -13.76
N THR G 44 5.27 35.81 -14.54
CA THR G 44 4.53 35.39 -15.73
C THR G 44 3.11 34.93 -15.37
N LEU G 45 2.98 34.11 -14.32
CA LEU G 45 1.69 33.56 -13.94
C LEU G 45 0.79 34.66 -13.35
N LEU G 46 1.38 35.73 -12.84
CA LEU G 46 0.59 36.82 -12.27
C LEU G 46 0.10 37.70 -13.41
N LYS G 47 0.94 37.91 -14.41
CA LYS G 47 0.60 38.78 -15.53
C LYS G 47 -0.47 38.14 -16.42
N PHE G 48 -0.29 36.86 -16.74
CA PHE G 48 -1.12 36.17 -17.71
C PHE G 48 -1.91 35.06 -17.04
N ASP G 49 -3.23 34.98 -17.28
CA ASP G 49 -4.02 33.97 -16.58
C ASP G 49 -5.05 33.40 -17.53
N SER G 50 -5.07 32.07 -17.70
CA SER G 50 -5.99 31.37 -18.60
C SER G 50 -7.47 31.55 -18.25
N ILE G 51 -7.79 31.99 -17.01
CA ILE G 51 -9.16 32.15 -16.56
C ILE G 51 -9.52 33.63 -16.46
N MET G 52 -8.64 34.42 -15.84
CA MET G 52 -8.96 35.80 -15.48
C MET G 52 -8.47 36.79 -16.53
N GLY G 53 -7.62 36.35 -17.47
CA GLY G 53 -7.05 37.23 -18.47
C GLY G 53 -5.85 38.00 -17.94
N ARG G 54 -5.36 38.90 -18.78
CA ARG G 54 -4.17 39.68 -18.55
C ARG G 54 -4.37 40.59 -17.33
N LEU G 55 -3.38 40.71 -16.45
CA LEU G 55 -3.40 41.75 -15.44
C LEU G 55 -3.23 43.11 -16.12
N GLY G 56 -4.11 44.09 -15.85
CA GLY G 56 -4.00 45.38 -16.52
C GLY G 56 -3.04 46.34 -15.80
N GLN G 57 -1.91 45.81 -15.30
CA GLN G 57 -0.92 46.61 -14.60
C GLN G 57 0.47 46.09 -14.93
N GLU G 58 1.42 47.01 -15.01
CA GLU G 58 2.78 46.66 -15.35
C GLU G 58 3.30 45.67 -14.30
N VAL G 59 4.08 44.67 -14.73
CA VAL G 59 4.64 43.69 -13.82
C VAL G 59 6.12 43.53 -14.13
N GLU G 60 6.97 43.68 -13.12
CA GLU G 60 8.40 43.43 -13.30
C GLU G 60 8.92 42.56 -12.19
N TYR G 61 10.17 42.10 -12.36
CA TYR G 61 10.79 41.24 -11.37
C TYR G 61 12.30 41.50 -11.31
N ASP G 62 12.85 41.30 -10.11
CA ASP G 62 14.27 41.13 -9.90
C ASP G 62 14.43 39.83 -9.10
N ASP G 63 15.66 39.58 -8.64
CA ASP G 63 16.00 38.33 -7.97
C ASP G 63 15.34 38.25 -6.60
N ASP G 64 14.78 39.35 -6.12
CA ASP G 64 14.28 39.44 -4.77
C ASP G 64 12.79 39.76 -4.71
N SER G 65 12.16 40.12 -5.84
CA SER G 65 10.87 40.80 -5.78
C SER G 65 10.08 40.75 -7.10
N ILE G 66 8.80 41.16 -6.99
CA ILE G 66 7.96 41.43 -8.14
C ILE G 66 7.29 42.79 -7.92
N THR G 67 7.31 43.64 -8.97
CA THR G 67 6.77 44.98 -8.87
C THR G 67 5.53 45.06 -9.74
N VAL G 68 4.42 45.49 -9.15
CA VAL G 68 3.13 45.50 -9.82
C VAL G 68 2.64 46.94 -9.81
N GLY G 69 2.70 47.58 -10.99
CA GLY G 69 2.40 49.00 -11.14
C GLY G 69 3.12 49.83 -10.08
N GLY G 70 4.46 49.74 -10.06
CA GLY G 70 5.31 50.55 -9.19
C GLY G 70 5.35 50.07 -7.74
N LYS G 71 4.47 49.13 -7.37
CA LYS G 71 4.42 48.65 -6.00
C LYS G 71 5.23 47.36 -5.89
N ARG G 72 6.26 47.37 -5.03
CA ARG G 72 7.17 46.25 -4.85
C ARG G 72 6.56 45.16 -3.94
N ILE G 73 6.69 43.89 -4.35
CA ILE G 73 6.33 42.73 -3.54
C ILE G 73 7.61 41.93 -3.29
N ALA G 74 7.97 41.63 -2.04
CA ALA G 74 9.12 40.75 -1.82
C ALA G 74 8.66 39.31 -2.05
N VAL G 75 9.52 38.49 -2.67
CA VAL G 75 9.13 37.15 -3.08
C VAL G 75 10.13 36.15 -2.54
N TYR G 76 9.63 35.06 -1.93
CA TYR G 76 10.48 33.99 -1.45
C TYR G 76 10.15 32.65 -2.11
N ALA G 77 11.09 31.72 -1.94
CA ALA G 77 10.90 30.33 -2.35
C ALA G 77 11.30 29.43 -1.18
N GLU G 78 10.64 29.65 -0.02
CA GLU G 78 10.96 28.94 1.21
C GLU G 78 9.99 27.79 1.43
N ARG G 79 10.53 26.56 1.34
CA ARG G 79 9.80 25.33 1.55
C ARG G 79 9.24 25.28 2.97
N ASP G 80 10.03 25.83 3.90
CA ASP G 80 9.70 25.91 5.31
C ASP G 80 9.29 27.33 5.68
N PRO G 81 8.04 27.62 6.13
CA PRO G 81 7.63 29.00 6.42
C PRO G 81 8.32 29.64 7.62
N LYS G 82 9.01 28.84 8.43
CA LYS G 82 9.81 29.36 9.52
C LYS G 82 11.04 30.10 8.97
N ASN G 83 11.39 29.86 7.70
CA ASN G 83 12.49 30.55 7.04
C ASN G 83 12.04 31.88 6.40
N LEU G 84 10.78 32.26 6.59
CA LEU G 84 10.28 33.57 6.21
C LEU G 84 10.34 34.50 7.43
N ASP G 85 10.22 35.80 7.16
CA ASP G 85 10.15 36.79 8.22
C ASP G 85 9.05 37.79 7.87
N TRP G 86 7.81 37.38 8.19
CA TRP G 86 6.65 38.24 8.03
C TRP G 86 6.85 39.52 8.83
N ALA G 87 7.54 39.41 9.98
CA ALA G 87 7.75 40.58 10.82
C ALA G 87 8.64 41.58 10.09
N ALA G 88 9.66 41.10 9.37
CA ALA G 88 10.56 41.95 8.63
C ALA G 88 9.80 42.94 7.75
N HIS G 89 8.76 42.46 7.03
CA HIS G 89 8.01 43.31 6.11
C HIS G 89 6.73 43.82 6.78
N ASN G 90 6.66 43.74 8.11
CA ASN G 90 5.56 44.29 8.88
C ASN G 90 4.20 43.72 8.44
N VAL G 91 4.16 42.42 8.09
CA VAL G 91 2.93 41.75 7.68
C VAL G 91 2.12 41.36 8.91
N ASP G 92 0.83 41.70 8.95
CA ASP G 92 -0.06 41.34 10.05
C ASP G 92 -0.77 40.01 9.77
N ILE G 93 -1.19 39.80 8.51
CA ILE G 93 -2.08 38.71 8.16
C ILE G 93 -1.41 37.88 7.07
N VAL G 94 -1.49 36.56 7.23
CA VAL G 94 -0.95 35.67 6.21
C VAL G 94 -2.09 34.80 5.68
N ILE G 95 -2.19 34.78 4.35
CA ILE G 95 -3.08 33.88 3.66
C ILE G 95 -2.29 32.61 3.35
N GLU G 96 -2.74 31.50 3.93
CA GLU G 96 -2.08 30.22 3.76
C GLU G 96 -2.85 29.45 2.69
N SER G 97 -2.32 29.49 1.46
CA SER G 97 -3.01 29.00 0.28
C SER G 97 -2.16 27.97 -0.48
N THR G 98 -1.17 27.33 0.18
CA THR G 98 -0.35 26.30 -0.47
C THR G 98 -1.08 24.97 -0.64
N GLY G 99 -1.98 24.67 0.29
CA GLY G 99 -2.66 23.38 0.33
C GLY G 99 -1.97 22.36 1.23
N PHE G 100 -0.80 22.73 1.81
CA PHE G 100 0.05 21.82 2.59
C PHE G 100 0.07 22.21 4.06
N PHE G 101 -0.55 23.33 4.42
CA PHE G 101 -0.53 23.73 5.81
C PHE G 101 -1.95 23.91 6.33
N THR G 102 -2.85 22.97 6.03
CA THR G 102 -4.25 23.07 6.47
C THR G 102 -4.44 22.55 7.90
N ASP G 103 -3.43 21.88 8.44
CA ASP G 103 -3.34 21.67 9.88
C ASP G 103 -2.81 22.96 10.50
N ALA G 104 -3.65 23.60 11.31
CA ALA G 104 -3.32 24.85 11.98
C ALA G 104 -2.02 24.74 12.76
N ASN G 105 -1.76 23.56 13.37
CA ASN G 105 -0.54 23.36 14.13
C ASN G 105 0.69 23.34 13.23
N ALA G 106 0.47 23.21 11.92
CA ALA G 106 1.53 23.41 10.94
C ALA G 106 1.56 24.86 10.45
N ALA G 107 0.38 25.46 10.28
CA ALA G 107 0.24 26.80 9.72
C ALA G 107 0.67 27.82 10.76
N LYS G 108 0.72 27.39 12.03
CA LYS G 108 1.29 28.17 13.11
C LYS G 108 2.74 28.58 12.84
N ALA G 109 3.37 27.95 11.85
CA ALA G 109 4.75 28.30 11.49
C ALA G 109 4.87 29.78 11.10
N HIS G 110 3.78 30.33 10.52
CA HIS G 110 3.73 31.75 10.13
C HIS G 110 3.75 32.65 11.37
N ILE G 111 3.06 32.26 12.44
CA ILE G 111 3.05 33.08 13.64
C ILE G 111 4.43 33.01 14.34
N GLU G 112 5.11 31.85 14.25
CA GLU G 112 6.49 31.73 14.70
C GLU G 112 7.39 32.67 13.88
N ALA G 113 7.08 32.83 12.58
CA ALA G 113 7.88 33.65 11.67
C ALA G 113 7.42 35.11 11.69
N GLY G 114 6.57 35.44 12.69
CA GLY G 114 6.37 36.81 13.12
C GLY G 114 5.05 37.43 12.65
N ALA G 115 4.12 36.61 12.15
CA ALA G 115 2.81 37.11 11.73
C ALA G 115 1.84 37.06 12.91
N LYS G 116 0.70 37.76 12.79
CA LYS G 116 -0.27 37.82 13.88
C LYS G 116 -1.50 36.95 13.64
N LYS G 117 -1.86 36.76 12.36
CA LYS G 117 -3.09 36.08 11.98
C LYS G 117 -2.79 35.22 10.78
N VAL G 118 -3.38 34.02 10.74
CA VAL G 118 -3.26 33.13 9.60
C VAL G 118 -4.68 32.73 9.21
N ILE G 119 -4.98 32.89 7.92
CA ILE G 119 -6.25 32.52 7.34
C ILE G 119 -5.98 31.44 6.31
N ILE G 120 -6.40 30.22 6.65
CA ILE G 120 -6.16 29.04 5.85
C ILE G 120 -7.26 29.00 4.79
N SER G 121 -6.87 28.92 3.51
CA SER G 121 -7.81 29.03 2.40
C SER G 121 -8.43 27.68 2.05
N ALA G 122 -8.88 26.95 3.07
CA ALA G 122 -9.33 25.58 2.93
C ALA G 122 -9.89 25.12 4.26
N PRO G 123 -10.71 24.04 4.31
CA PRO G 123 -11.05 23.39 5.56
C PRO G 123 -9.73 23.04 6.27
N ALA G 124 -9.72 23.15 7.60
CA ALA G 124 -8.50 22.98 8.37
C ALA G 124 -8.69 21.86 9.39
N SER G 125 -7.61 21.55 10.11
CA SER G 125 -7.71 20.81 11.36
C SER G 125 -6.98 21.60 12.45
N ASN G 126 -7.40 21.39 13.69
CA ASN G 126 -6.79 22.00 14.87
C ASN G 126 -6.88 23.53 14.82
N GLU G 127 -7.81 24.09 14.03
CA GLU G 127 -7.92 25.53 13.87
C GLU G 127 -8.65 26.19 15.05
N ASP G 128 -8.42 27.50 15.23
CA ASP G 128 -9.11 28.26 16.26
C ASP G 128 -10.59 28.41 15.92
N ALA G 129 -10.93 28.61 14.63
CA ALA G 129 -12.33 28.71 14.21
C ALA G 129 -12.41 28.64 12.70
N THR G 130 -13.62 28.38 12.19
CA THR G 130 -13.88 28.26 10.76
C THR G 130 -15.05 29.17 10.38
N PHE G 131 -14.93 29.94 9.30
CA PHE G 131 -15.92 30.96 8.97
C PHE G 131 -16.31 30.94 7.49
N VAL G 132 -17.63 31.01 7.25
CA VAL G 132 -18.19 31.42 5.98
C VAL G 132 -18.72 32.84 6.16
N TYR G 133 -18.13 33.80 5.45
CA TYR G 133 -18.52 35.19 5.64
C TYR G 133 -20.02 35.32 5.31
N GLY G 134 -20.75 36.02 6.19
CA GLY G 134 -22.18 36.26 6.06
C GLY G 134 -23.02 35.24 6.80
N VAL G 135 -22.43 34.12 7.20
CA VAL G 135 -23.13 33.07 7.92
C VAL G 135 -22.75 33.17 9.40
N ASN G 136 -21.45 33.16 9.72
CA ASN G 136 -21.09 33.10 11.14
C ASN G 136 -19.92 34.01 11.47
N HIS G 137 -19.59 35.01 10.63
CA HIS G 137 -18.40 35.81 10.86
C HIS G 137 -18.53 36.72 12.08
N GLU G 138 -19.75 36.92 12.58
CA GLU G 138 -19.92 37.75 13.76
C GLU G 138 -19.42 37.02 15.02
N SER G 139 -19.17 35.70 14.93
CA SER G 139 -18.64 34.97 16.08
C SER G 139 -17.13 35.08 16.14
N TYR G 140 -16.53 35.85 15.22
CA TYR G 140 -15.09 36.05 15.17
C TYR G 140 -14.65 36.71 16.48
N ASP G 141 -13.49 36.26 17.00
CA ASP G 141 -12.95 36.66 18.29
C ASP G 141 -11.53 37.18 18.07
N PRO G 142 -11.34 38.52 18.01
CA PRO G 142 -10.03 39.10 17.75
C PRO G 142 -8.92 38.63 18.68
N GLU G 143 -9.29 38.31 19.94
CA GLU G 143 -8.33 37.88 20.95
C GLU G 143 -7.91 36.42 20.69
N ASN G 144 -8.88 35.50 20.52
CA ASN G 144 -8.58 34.08 20.56
C ASN G 144 -8.56 33.39 19.19
N HIS G 145 -9.01 34.07 18.12
CA HIS G 145 -9.04 33.46 16.79
C HIS G 145 -7.89 33.98 15.94
N ASN G 146 -6.80 33.18 15.90
CA ASN G 146 -5.53 33.63 15.35
C ASN G 146 -5.14 32.85 14.11
N VAL G 147 -5.36 31.52 14.14
CA VAL G 147 -5.25 30.67 12.96
C VAL G 147 -6.64 30.12 12.67
N ILE G 148 -7.26 30.64 11.59
CA ILE G 148 -8.66 30.35 11.28
C ILE G 148 -8.81 29.73 9.89
N SER G 149 -9.99 29.15 9.60
CA SER G 149 -10.32 28.59 8.29
C SER G 149 -11.35 29.49 7.60
N GLY G 150 -11.10 29.78 6.31
CA GLY G 150 -12.15 30.32 5.45
C GLY G 150 -13.05 29.25 4.82
N ALA G 151 -12.91 28.00 5.28
CA ALA G 151 -13.69 26.87 4.76
C ALA G 151 -13.38 26.66 3.27
N SER G 152 -14.26 25.94 2.55
CA SER G 152 -14.04 25.58 1.16
C SER G 152 -15.00 26.37 0.25
N CYS G 153 -14.70 26.37 -1.05
CA CYS G 153 -15.57 27.00 -2.03
C CYS G 153 -16.97 26.44 -1.87
N THR G 154 -17.10 25.11 -1.76
CA THR G 154 -18.41 24.48 -1.73
C THR G 154 -19.15 24.82 -0.44
N THR G 155 -18.41 24.91 0.67
CA THR G 155 -19.07 25.28 1.92
C THR G 155 -19.62 26.70 1.81
N ASN G 156 -18.84 27.57 1.17
CA ASN G 156 -19.21 28.96 1.07
C ASN G 156 -20.44 29.15 0.19
N CYS G 157 -20.67 28.22 -0.76
CA CYS G 157 -21.88 28.19 -1.57
C CYS G 157 -23.09 27.66 -0.78
N LEU G 158 -22.91 26.53 -0.11
CA LEU G 158 -23.99 25.77 0.51
C LEU G 158 -24.49 26.43 1.81
N ALA G 159 -23.56 26.87 2.68
CA ALA G 159 -23.92 27.42 3.97
C ALA G 159 -24.90 28.60 3.87
N PRO G 160 -24.67 29.63 3.03
CA PRO G 160 -25.60 30.76 3.01
C PRO G 160 -26.99 30.28 2.65
N MET G 161 -27.07 29.38 1.66
CA MET G 161 -28.34 28.86 1.20
C MET G 161 -28.98 28.00 2.28
N ALA G 162 -28.18 27.13 2.94
CA ALA G 162 -28.74 26.23 3.94
C ALA G 162 -29.31 26.99 5.14
N LYS G 163 -28.61 28.03 5.58
CA LYS G 163 -29.07 28.83 6.71
C LYS G 163 -30.42 29.51 6.43
N VAL G 164 -30.54 30.17 5.27
CA VAL G 164 -31.71 30.97 4.99
C VAL G 164 -32.91 30.06 4.99
N LEU G 165 -32.73 28.90 4.35
CA LEU G 165 -33.79 27.91 4.23
C LEU G 165 -34.02 27.14 5.54
N ASN G 166 -32.96 27.00 6.34
CA ASN G 166 -33.09 26.31 7.61
C ASN G 166 -33.83 27.20 8.60
N ASP G 167 -33.43 28.47 8.67
CA ASP G 167 -34.07 29.47 9.48
C ASP G 167 -35.55 29.60 9.11
N LYS G 168 -35.87 29.54 7.81
CA LYS G 168 -37.23 29.78 7.34
C LYS G 168 -38.11 28.56 7.55
N PHE G 169 -37.62 27.38 7.16
CA PHE G 169 -38.48 26.21 7.01
C PHE G 169 -38.01 25.03 7.85
N GLY G 170 -36.79 25.12 8.41
CA GLY G 170 -36.22 23.98 9.13
C GLY G 170 -35.81 22.81 8.24
N ILE G 171 -34.52 22.46 8.27
CA ILE G 171 -34.03 21.31 7.51
C ILE G 171 -33.94 20.09 8.44
N GLU G 172 -34.53 18.97 8.01
CA GLU G 172 -34.50 17.69 8.72
C GLU G 172 -33.25 16.89 8.35
N ASN G 173 -33.20 16.34 7.13
CA ASN G 173 -31.98 15.80 6.55
C ASN G 173 -31.74 16.53 5.21
N GLY G 174 -30.56 16.35 4.63
CA GLY G 174 -30.34 16.69 3.24
C GLY G 174 -29.05 16.11 2.68
N LEU G 175 -29.03 15.89 1.35
CA LEU G 175 -27.91 15.28 0.70
C LEU G 175 -27.57 16.09 -0.54
N MET G 176 -26.29 16.42 -0.72
CA MET G 176 -25.88 17.35 -1.75
C MET G 176 -24.99 16.69 -2.79
N THR G 177 -25.00 17.25 -4.00
CA THR G 177 -24.06 16.89 -5.05
C THR G 177 -23.50 18.19 -5.62
N THR G 178 -22.20 18.42 -5.57
CA THR G 178 -21.65 19.58 -6.26
C THR G 178 -21.08 19.11 -7.59
N VAL G 179 -21.51 19.77 -8.65
CA VAL G 179 -20.98 19.52 -9.97
C VAL G 179 -20.01 20.66 -10.24
N HIS G 180 -18.73 20.30 -10.30
CA HIS G 180 -17.66 21.17 -9.88
C HIS G 180 -16.58 21.17 -10.95
N ALA G 181 -16.07 22.36 -11.31
CA ALA G 181 -14.95 22.46 -12.23
C ALA G 181 -13.77 21.64 -11.71
N TYR G 182 -12.88 21.24 -12.61
CA TYR G 182 -11.70 20.52 -12.13
C TYR G 182 -10.75 21.50 -11.46
N THR G 183 -9.88 20.95 -10.60
CA THR G 183 -8.90 21.71 -9.87
C THR G 183 -7.51 21.11 -10.08
N GLY G 184 -6.48 21.82 -9.59
CA GLY G 184 -5.11 21.42 -9.82
C GLY G 184 -4.71 20.15 -9.07
N ASP G 185 -5.50 19.74 -8.08
CA ASP G 185 -5.38 18.45 -7.40
C ASP G 185 -5.62 17.28 -8.34
N GLN G 186 -6.50 17.42 -9.35
CA GLN G 186 -6.79 16.32 -10.28
C GLN G 186 -5.70 16.15 -11.33
N ARG G 187 -5.65 14.99 -11.99
CA ARG G 187 -4.60 14.72 -12.95
C ARG G 187 -5.08 15.02 -14.37
N LEU G 188 -4.18 15.52 -15.23
CA LEU G 188 -4.50 15.81 -16.63
C LEU G 188 -4.60 14.50 -17.41
N HIS G 189 -3.66 13.59 -17.15
CA HIS G 189 -3.67 12.26 -17.71
C HIS G 189 -3.73 11.26 -16.56
N ASP G 190 -4.36 10.11 -16.79
CA ASP G 190 -4.43 9.03 -15.79
C ASP G 190 -3.07 8.81 -15.10
N ALA G 191 -3.00 9.01 -13.78
CA ALA G 191 -1.74 8.94 -13.05
C ALA G 191 -2.02 8.68 -11.59
N PRO G 192 -1.01 8.22 -10.82
CA PRO G 192 -1.23 7.93 -9.40
C PRO G 192 -1.76 9.13 -8.62
N HIS G 193 -2.72 8.86 -7.74
CA HIS G 193 -3.30 9.82 -6.84
C HIS G 193 -3.85 9.03 -5.66
N ARG G 194 -3.93 9.63 -4.48
CA ARG G 194 -4.47 8.96 -3.31
C ARG G 194 -5.94 8.66 -3.49
N ASP G 195 -6.60 9.41 -4.37
CA ASP G 195 -8.00 9.20 -4.72
C ASP G 195 -8.02 8.58 -6.12
N LEU G 196 -8.53 7.35 -6.21
CA LEU G 196 -8.43 6.54 -7.42
C LEU G 196 -9.28 7.11 -8.56
N ARG G 197 -10.27 7.93 -8.24
CA ARG G 197 -11.06 8.59 -9.26
C ARG G 197 -10.38 9.90 -9.69
N ARG G 198 -9.86 10.67 -8.72
CA ARG G 198 -9.16 11.92 -9.05
C ARG G 198 -7.86 11.65 -9.83
N ALA G 199 -7.39 10.38 -9.81
CA ALA G 199 -6.30 9.92 -10.65
C ALA G 199 -6.57 10.03 -12.16
N ARG G 200 -7.85 10.23 -12.55
CA ARG G 200 -8.26 10.04 -13.94
C ARG G 200 -8.37 11.38 -14.69
N ALA G 201 -7.93 11.35 -15.95
CA ALA G 201 -7.80 12.53 -16.80
C ALA G 201 -9.00 13.46 -16.63
N ALA G 202 -8.73 14.66 -16.06
CA ALA G 202 -9.76 15.54 -15.54
C ALA G 202 -10.61 16.16 -16.65
N ALA G 203 -10.00 16.44 -17.81
CA ALA G 203 -10.68 17.21 -18.84
C ALA G 203 -11.50 16.31 -19.78
N VAL G 204 -11.54 14.98 -19.57
CA VAL G 204 -12.38 14.11 -20.40
C VAL G 204 -13.31 13.23 -19.55
N ASN G 205 -13.41 13.50 -18.25
CA ASN G 205 -14.15 12.60 -17.37
C ASN G 205 -15.08 13.38 -16.46
N ILE G 206 -16.22 12.74 -16.18
CA ILE G 206 -17.00 13.05 -15.00
C ILE G 206 -16.37 12.24 -13.88
N VAL G 207 -15.98 12.93 -12.81
CA VAL G 207 -15.17 12.28 -11.78
C VAL G 207 -15.84 12.43 -10.40
N PRO G 208 -16.44 11.35 -9.84
CA PRO G 208 -16.99 11.40 -8.49
C PRO G 208 -15.88 11.44 -7.47
N THR G 209 -16.06 12.28 -6.45
CA THR G 209 -15.07 12.42 -5.39
C THR G 209 -15.74 13.07 -4.19
N SER G 210 -14.97 13.23 -3.11
CA SER G 210 -15.54 13.69 -1.86
C SER G 210 -15.43 15.22 -1.82
N THR G 211 -16.23 15.85 -0.95
CA THR G 211 -16.26 17.30 -0.84
C THR G 211 -16.15 17.81 0.60
N GLY G 212 -16.68 17.04 1.58
CA GLY G 212 -16.51 17.35 3.01
C GLY G 212 -17.24 18.62 3.44
N ALA G 213 -17.52 19.49 2.46
CA ALA G 213 -18.27 20.72 2.63
C ALA G 213 -19.55 20.49 3.42
N ALA G 214 -20.29 19.42 3.15
CA ALA G 214 -21.58 19.23 3.82
C ALA G 214 -21.40 19.01 5.33
N LYS G 215 -20.36 18.26 5.73
CA LYS G 215 -20.01 18.15 7.13
C LYS G 215 -19.27 19.40 7.63
N ALA G 216 -18.47 20.09 6.80
CA ALA G 216 -17.86 21.34 7.22
C ALA G 216 -18.94 22.41 7.46
N VAL G 217 -20.11 22.27 6.82
CA VAL G 217 -21.23 23.18 7.03
C VAL G 217 -21.59 23.20 8.52
N ALA G 218 -21.48 22.04 9.19
CA ALA G 218 -21.88 21.92 10.58
C ALA G 218 -20.95 22.74 11.48
N LEU G 219 -19.73 23.06 11.01
CA LEU G 219 -18.82 23.91 11.75
C LEU G 219 -19.28 25.37 11.79
N VAL G 220 -20.06 25.81 10.80
CA VAL G 220 -20.46 27.20 10.73
C VAL G 220 -21.94 27.32 11.13
N LEU G 221 -22.70 26.23 10.95
CA LEU G 221 -24.10 26.13 11.33
C LEU G 221 -24.26 24.86 12.17
N PRO G 222 -23.94 24.89 13.48
CA PRO G 222 -23.93 23.68 14.30
C PRO G 222 -25.32 23.03 14.39
N GLU G 223 -26.37 23.84 14.24
CA GLU G 223 -27.75 23.35 14.24
C GLU G 223 -27.96 22.30 13.15
N LEU G 224 -27.00 22.18 12.22
CA LEU G 224 -27.11 21.24 11.11
C LEU G 224 -26.16 20.05 11.26
N LYS G 225 -25.56 19.84 12.44
CA LYS G 225 -24.66 18.70 12.62
C LYS G 225 -25.40 17.38 12.42
N GLY G 226 -24.80 16.48 11.63
CA GLY G 226 -25.35 15.18 11.29
C GLY G 226 -26.58 15.21 10.37
N LYS G 227 -26.92 16.36 9.76
CA LYS G 227 -28.10 16.46 8.92
C LYS G 227 -27.76 16.60 7.44
N LEU G 228 -26.48 16.83 7.12
CA LEU G 228 -26.04 17.10 5.77
C LEU G 228 -24.88 16.19 5.42
N ASP G 229 -24.94 15.62 4.21
CA ASP G 229 -23.78 14.97 3.62
C ASP G 229 -23.88 15.16 2.11
N GLY G 230 -22.88 14.66 1.39
CA GLY G 230 -22.82 14.89 -0.05
C GLY G 230 -21.46 14.56 -0.63
N TYR G 231 -21.36 14.70 -1.96
CA TYR G 231 -20.16 14.33 -2.69
C TYR G 231 -20.06 15.26 -3.90
N ALA G 232 -19.00 15.07 -4.68
CA ALA G 232 -18.72 15.94 -5.80
C ALA G 232 -18.62 15.11 -7.06
N LEU G 233 -19.02 15.72 -8.17
CA LEU G 233 -18.73 15.29 -9.53
C LEU G 233 -17.92 16.39 -10.20
N ARG G 234 -16.63 16.15 -10.38
CA ARG G 234 -15.77 17.04 -11.13
C ARG G 234 -16.00 16.79 -12.61
N VAL G 235 -16.18 17.91 -13.35
CA VAL G 235 -16.55 17.88 -14.75
C VAL G 235 -15.66 18.83 -15.53
N PRO G 236 -15.52 18.61 -16.84
CA PRO G 236 -14.57 19.39 -17.62
C PRO G 236 -14.97 20.82 -17.94
N VAL G 237 -15.00 21.67 -16.92
CA VAL G 237 -14.87 23.11 -17.11
C VAL G 237 -13.75 23.60 -16.19
N ILE G 238 -13.08 24.70 -16.58
CA ILE G 238 -11.89 25.12 -15.83
C ILE G 238 -12.24 25.84 -14.51
N THR G 239 -13.40 26.50 -14.43
CA THR G 239 -13.90 27.10 -13.20
C THR G 239 -15.40 27.28 -13.38
N GLY G 240 -16.14 27.38 -12.27
CA GLY G 240 -17.59 27.39 -12.36
C GLY G 240 -18.16 26.08 -11.84
N SER G 241 -18.97 26.18 -10.77
CA SER G 241 -19.53 25.01 -10.11
C SER G 241 -20.96 25.32 -9.67
N ALA G 242 -21.72 24.25 -9.36
CA ALA G 242 -23.06 24.35 -8.83
C ALA G 242 -23.26 23.30 -7.73
N THR G 243 -23.82 23.76 -6.59
CA THR G 243 -24.18 22.89 -5.48
C THR G 243 -25.68 22.64 -5.51
N ASP G 244 -26.04 21.34 -5.56
CA ASP G 244 -27.38 20.84 -5.74
C ASP G 244 -27.73 20.10 -4.45
N LEU G 245 -28.61 20.70 -3.64
CA LEU G 245 -28.99 20.18 -2.33
C LEU G 245 -30.43 19.71 -2.40
N THR G 246 -30.69 18.44 -2.02
CA THR G 246 -32.01 17.90 -1.85
C THR G 246 -32.25 17.66 -0.36
N PHE G 247 -33.30 18.27 0.23
CA PHE G 247 -33.52 18.20 1.66
C PHE G 247 -35.00 17.99 2.00
N ASN G 248 -35.25 17.64 3.27
CA ASN G 248 -36.58 17.49 3.81
C ASN G 248 -36.89 18.54 4.85
N THR G 249 -38.17 18.93 4.84
CA THR G 249 -38.70 19.88 5.79
C THR G 249 -40.07 19.40 6.20
N LYS G 250 -40.52 19.87 7.35
CA LYS G 250 -41.85 19.56 7.82
C LYS G 250 -42.76 20.71 7.44
N SER G 251 -42.18 21.86 7.08
CA SER G 251 -42.91 22.94 6.45
C SER G 251 -43.62 22.43 5.19
N GLU G 252 -44.79 22.99 4.90
CA GLU G 252 -45.41 22.82 3.59
C GLU G 252 -44.78 23.90 2.71
N VAL G 253 -44.12 23.49 1.63
CA VAL G 253 -43.37 24.44 0.83
C VAL G 253 -43.86 24.40 -0.61
N THR G 254 -43.60 25.48 -1.37
CA THR G 254 -43.75 25.45 -2.81
C THR G 254 -42.45 25.89 -3.44
N VAL G 255 -42.29 25.62 -4.74
CA VAL G 255 -41.25 26.26 -5.51
C VAL G 255 -41.22 27.76 -5.18
N GLU G 256 -42.39 28.40 -5.18
CA GLU G 256 -42.44 29.85 -5.08
C GLU G 256 -41.95 30.31 -3.71
N SER G 257 -42.30 29.57 -2.66
CA SER G 257 -42.06 30.01 -1.30
C SER G 257 -40.61 29.70 -0.92
N ILE G 258 -40.09 28.59 -1.42
CA ILE G 258 -38.65 28.33 -1.34
C ILE G 258 -37.91 29.48 -2.00
N ASN G 259 -38.31 29.85 -3.22
CA ASN G 259 -37.59 30.90 -3.94
C ASN G 259 -37.72 32.25 -3.26
N ALA G 260 -38.93 32.56 -2.76
CA ALA G 260 -39.21 33.82 -2.09
C ALA G 260 -38.34 33.98 -0.83
N ALA G 261 -38.11 32.86 -0.12
CA ALA G 261 -37.24 32.88 1.07
C ALA G 261 -35.85 33.38 0.73
N ILE G 262 -35.29 32.87 -0.39
CA ILE G 262 -33.95 33.27 -0.77
C ILE G 262 -33.95 34.74 -1.20
N LYS G 263 -34.91 35.12 -2.06
CA LYS G 263 -34.87 36.47 -2.59
C LYS G 263 -35.02 37.46 -1.43
N GLU G 264 -35.93 37.15 -0.50
CA GLU G 264 -36.20 38.06 0.60
C GLU G 264 -34.92 38.24 1.43
N ALA G 265 -34.11 37.17 1.62
CA ALA G 265 -32.90 37.26 2.44
C ALA G 265 -31.71 37.80 1.65
N ALA G 266 -31.73 37.70 0.33
CA ALA G 266 -30.57 38.09 -0.45
C ALA G 266 -30.48 39.60 -0.64
N VAL G 267 -30.19 40.33 0.43
CA VAL G 267 -30.21 41.78 0.42
C VAL G 267 -29.17 42.31 1.41
N GLY G 268 -28.85 43.61 1.28
CA GLY G 268 -27.95 44.27 2.20
C GLY G 268 -26.60 43.59 2.14
N GLU G 269 -25.89 43.53 3.27
CA GLU G 269 -24.54 43.01 3.24
C GLU G 269 -24.58 41.52 2.89
N PHE G 270 -25.65 40.81 3.30
CA PHE G 270 -25.71 39.37 3.10
C PHE G 270 -25.84 39.05 1.61
N GLY G 271 -26.42 39.98 0.85
CA GLY G 271 -26.56 39.87 -0.61
C GLY G 271 -25.23 39.95 -1.35
N GLU G 272 -24.17 40.36 -0.66
CA GLU G 272 -22.85 40.32 -1.25
C GLU G 272 -22.37 38.86 -1.28
N THR G 273 -22.89 38.04 -0.37
CA THR G 273 -22.53 36.64 -0.22
C THR G 273 -23.47 35.74 -1.02
N LEU G 274 -24.79 36.02 -0.93
CA LEU G 274 -25.80 35.19 -1.57
C LEU G 274 -26.61 36.07 -2.51
N ALA G 275 -26.59 35.71 -3.80
CA ALA G 275 -27.38 36.38 -4.81
C ALA G 275 -28.57 35.50 -5.18
N TYR G 276 -29.58 36.11 -5.81
CA TYR G 276 -30.78 35.42 -6.25
C TYR G 276 -30.97 35.72 -7.74
N SER G 277 -31.11 34.68 -8.57
CA SER G 277 -31.22 34.90 -10.00
C SER G 277 -32.41 34.12 -10.56
N GLU G 278 -33.11 34.75 -11.51
CA GLU G 278 -34.12 34.09 -12.32
C GLU G 278 -33.63 34.06 -13.78
N GLU G 279 -32.32 34.22 -13.99
CA GLU G 279 -31.78 34.28 -15.35
C GLU G 279 -31.44 32.88 -15.87
N PRO G 280 -31.33 32.71 -17.21
CA PRO G 280 -31.04 31.40 -17.80
C PRO G 280 -29.54 31.09 -17.80
N LEU G 281 -29.00 30.87 -16.60
CA LEU G 281 -27.57 30.81 -16.35
C LEU G 281 -26.98 29.49 -16.83
N VAL G 282 -25.77 29.56 -17.37
CA VAL G 282 -24.91 28.42 -17.55
C VAL G 282 -23.59 28.77 -16.86
N SER G 283 -22.69 27.79 -16.71
CA SER G 283 -21.51 28.03 -15.87
C SER G 283 -20.74 29.27 -16.32
N THR G 284 -20.47 29.44 -17.62
CA THR G 284 -19.68 30.60 -18.05
C THR G 284 -20.33 31.91 -17.61
N ASP G 285 -21.63 31.98 -17.34
CA ASP G 285 -22.24 33.24 -16.93
C ASP G 285 -21.84 33.64 -15.50
N ILE G 286 -21.32 32.68 -14.70
CA ILE G 286 -21.11 32.96 -13.30
C ILE G 286 -19.61 32.98 -13.02
N VAL G 287 -18.81 32.82 -14.07
CA VAL G 287 -17.38 33.02 -13.98
C VAL G 287 -17.09 34.47 -13.58
N HIS G 288 -16.23 34.66 -12.57
CA HIS G 288 -15.84 35.97 -12.03
C HIS G 288 -16.97 36.70 -11.31
N ASP G 289 -18.02 36.00 -10.86
CA ASP G 289 -18.99 36.62 -9.98
C ASP G 289 -18.46 36.59 -8.55
N SER G 290 -18.61 37.69 -7.82
CA SER G 290 -18.05 37.91 -6.49
C SER G 290 -18.86 37.25 -5.37
N HIS G 291 -19.97 36.60 -5.69
CA HIS G 291 -20.81 36.01 -4.67
C HIS G 291 -20.28 34.64 -4.24
N GLY G 292 -20.52 34.29 -2.98
CA GLY G 292 -20.29 32.93 -2.53
C GLY G 292 -21.29 31.96 -3.12
N SER G 293 -22.49 32.45 -3.38
CA SER G 293 -23.62 31.60 -3.66
C SER G 293 -24.59 32.37 -4.55
N ILE G 294 -24.89 31.83 -5.74
CA ILE G 294 -25.79 32.46 -6.69
C ILE G 294 -26.92 31.48 -6.92
N PHE G 295 -28.00 31.71 -6.18
CA PHE G 295 -29.14 30.81 -6.15
C PHE G 295 -29.90 30.89 -7.46
N ASP G 296 -30.21 29.74 -8.06
CA ASP G 296 -30.86 29.67 -9.35
C ASP G 296 -32.33 29.26 -9.14
N ALA G 297 -33.23 30.25 -9.18
CA ALA G 297 -34.63 30.02 -8.84
C ALA G 297 -35.30 29.12 -9.87
N GLY G 298 -34.83 29.16 -11.12
CA GLY G 298 -35.34 28.30 -12.17
C GLY G 298 -35.14 26.80 -11.97
N LEU G 299 -34.22 26.39 -11.08
CA LEU G 299 -33.91 24.98 -10.91
C LEU G 299 -34.57 24.42 -9.66
N THR G 300 -35.25 25.26 -8.90
CA THR G 300 -35.90 24.81 -7.67
C THR G 300 -36.99 23.83 -8.03
N LYS G 301 -36.97 22.63 -7.41
CA LYS G 301 -38.01 21.63 -7.55
C LYS G 301 -38.53 21.23 -6.17
N VAL G 302 -39.83 20.89 -6.07
CA VAL G 302 -40.41 20.39 -4.82
C VAL G 302 -41.33 19.22 -5.14
N SER G 303 -41.20 18.12 -4.38
CA SER G 303 -42.07 16.96 -4.46
C SER G 303 -42.43 16.51 -3.04
N GLY G 304 -43.73 16.42 -2.73
CA GLY G 304 -44.12 16.14 -1.35
C GLY G 304 -43.47 17.14 -0.40
N ASN G 305 -42.56 16.65 0.46
CA ASN G 305 -41.77 17.50 1.34
C ASN G 305 -40.27 17.34 1.09
N THR G 306 -39.90 16.82 -0.09
CA THR G 306 -38.55 16.88 -0.61
C THR G 306 -38.37 18.15 -1.45
N VAL G 307 -37.36 18.97 -1.13
CA VAL G 307 -36.98 20.17 -1.86
C VAL G 307 -35.60 19.99 -2.50
N LYS G 308 -35.47 20.42 -3.76
CA LYS G 308 -34.19 20.45 -4.48
C LYS G 308 -33.87 21.90 -4.84
N VAL G 309 -32.71 22.40 -4.38
CA VAL G 309 -32.27 23.73 -4.72
C VAL G 309 -30.84 23.67 -5.26
N VAL G 310 -30.55 24.64 -6.13
CA VAL G 310 -29.29 24.71 -6.84
C VAL G 310 -28.75 26.13 -6.78
N SER G 311 -27.46 26.22 -6.43
CA SER G 311 -26.77 27.50 -6.33
C SER G 311 -25.41 27.36 -7.00
N TRP G 312 -25.05 28.40 -7.76
CA TRP G 312 -23.81 28.45 -8.51
C TRP G 312 -22.74 29.13 -7.69
N TYR G 313 -21.50 28.91 -8.11
CA TYR G 313 -20.36 29.59 -7.55
C TYR G 313 -19.18 29.43 -8.50
N ASP G 314 -18.43 30.53 -8.68
CA ASP G 314 -17.09 30.51 -9.20
C ASP G 314 -16.20 30.11 -8.03
N ASN G 315 -15.82 28.84 -8.07
CA ASN G 315 -15.07 28.21 -6.98
C ASN G 315 -13.75 28.94 -6.81
N GLU G 316 -13.29 29.67 -7.83
CA GLU G 316 -12.07 30.42 -7.66
C GLU G 316 -12.42 31.80 -7.08
N TRP G 317 -13.08 32.62 -7.91
CA TRP G 317 -13.26 34.03 -7.61
C TRP G 317 -14.30 34.25 -6.51
N GLY G 318 -15.38 33.49 -6.51
CA GLY G 318 -16.42 33.63 -5.50
C GLY G 318 -15.86 33.38 -4.10
N TYR G 319 -15.14 32.24 -3.96
CA TYR G 319 -14.50 31.86 -2.72
C TYR G 319 -13.52 32.94 -2.26
N THR G 320 -12.72 33.41 -3.23
CA THR G 320 -11.70 34.42 -2.97
C THR G 320 -12.33 35.69 -2.43
N CYS G 321 -13.49 36.12 -2.95
CA CYS G 321 -14.18 37.33 -2.52
C CYS G 321 -14.75 37.13 -1.11
N GLN G 322 -15.14 35.89 -0.80
CA GLN G 322 -15.53 35.52 0.56
C GLN G 322 -14.29 35.59 1.48
N LEU G 323 -13.15 35.12 1.00
CA LEU G 323 -11.95 35.07 1.80
C LEU G 323 -11.47 36.49 2.04
N LEU G 324 -11.67 37.40 1.06
CA LEU G 324 -11.30 38.80 1.23
C LEU G 324 -12.21 39.46 2.26
N ARG G 325 -13.52 39.21 2.20
CA ARG G 325 -14.43 39.73 3.21
C ARG G 325 -14.02 39.32 4.64
N LEU G 326 -13.56 38.07 4.81
CA LEU G 326 -13.11 37.59 6.11
C LEU G 326 -11.84 38.34 6.55
N THR G 327 -10.91 38.45 5.60
CA THR G 327 -9.65 39.13 5.83
C THR G 327 -9.92 40.58 6.22
N GLU G 328 -10.92 41.22 5.58
CA GLU G 328 -11.19 42.63 5.83
C GLU G 328 -11.65 42.81 7.27
N LEU G 329 -12.49 41.90 7.74
CA LEU G 329 -12.97 41.86 9.12
C LEU G 329 -11.82 41.63 10.11
N VAL G 330 -10.89 40.72 9.81
CA VAL G 330 -9.77 40.47 10.73
C VAL G 330 -8.94 41.74 10.76
N ALA G 331 -8.69 42.29 9.58
CA ALA G 331 -7.92 43.51 9.42
C ALA G 331 -8.57 44.70 10.13
N SER G 332 -9.83 44.63 10.51
CA SER G 332 -10.47 45.79 11.07
C SER G 332 -10.39 45.81 12.60
N LYS G 333 -9.85 44.74 13.24
CA LYS G 333 -9.83 44.60 14.71
C LYS G 333 -8.40 44.24 15.16
N LEU G 334 -8.17 43.86 16.44
CA LEU G 334 -6.78 43.75 16.91
C LEU G 334 -6.11 42.55 16.24
N THR H 2 -24.38 60.72 -36.60
CA THR H 2 -24.41 59.25 -36.39
C THR H 2 -24.76 58.55 -37.70
N ILE H 3 -23.92 57.59 -38.08
CA ILE H 3 -24.21 56.70 -39.18
C ILE H 3 -24.86 55.46 -38.59
N ARG H 4 -25.95 55.04 -39.23
CA ARG H 4 -26.84 53.99 -38.71
C ARG H 4 -26.54 52.68 -39.42
N VAL H 5 -26.47 51.60 -38.61
CA VAL H 5 -26.02 50.28 -39.03
C VAL H 5 -27.09 49.24 -38.77
N GLY H 6 -27.31 48.40 -39.81
CA GLY H 6 -28.06 47.17 -39.75
C GLY H 6 -27.11 45.96 -39.76
N ILE H 7 -27.43 44.91 -38.99
CA ILE H 7 -26.66 43.66 -39.06
C ILE H 7 -27.57 42.55 -39.56
N ASN H 8 -27.18 41.91 -40.66
CA ASN H 8 -27.86 40.76 -41.17
C ASN H 8 -27.10 39.50 -40.75
N GLY H 9 -27.70 38.74 -39.82
CA GLY H 9 -27.07 37.58 -39.21
C GLY H 9 -26.49 37.93 -37.84
N PHE H 10 -27.31 37.82 -36.78
CA PHE H 10 -26.88 38.32 -35.47
C PHE H 10 -26.23 37.17 -34.70
N GLY H 11 -25.15 36.62 -35.26
CA GLY H 11 -24.46 35.46 -34.71
C GLY H 11 -23.17 35.87 -34.00
N ARG H 12 -22.14 35.01 -34.03
CA ARG H 12 -20.95 35.33 -33.26
C ARG H 12 -20.40 36.66 -33.77
N ILE H 13 -20.21 36.78 -35.10
CA ILE H 13 -19.58 37.99 -35.62
C ILE H 13 -20.52 39.20 -35.50
N GLY H 14 -21.82 39.02 -35.74
CA GLY H 14 -22.76 40.11 -35.58
C GLY H 14 -22.79 40.63 -34.15
N ARG H 15 -22.72 39.71 -33.17
CA ARG H 15 -22.88 40.07 -31.76
C ARG H 15 -21.57 40.63 -31.22
N ASN H 16 -20.42 40.14 -31.72
CA ASN H 16 -19.13 40.78 -31.47
C ASN H 16 -19.14 42.23 -32.00
N PHE H 17 -19.63 42.37 -33.23
CA PHE H 17 -19.68 43.64 -33.93
C PHE H 17 -20.50 44.64 -33.13
N PHE H 18 -21.68 44.21 -32.71
CA PHE H 18 -22.54 45.02 -31.88
C PHE H 18 -21.78 45.54 -30.65
N ARG H 19 -21.12 44.64 -29.91
CA ARG H 19 -20.45 45.00 -28.67
C ARG H 19 -19.21 45.87 -28.94
N ALA H 20 -18.56 45.65 -30.09
CA ALA H 20 -17.44 46.46 -30.50
C ALA H 20 -17.88 47.90 -30.77
N VAL H 21 -19.06 48.07 -31.39
CA VAL H 21 -19.56 49.42 -31.67
C VAL H 21 -19.83 50.13 -30.33
N LEU H 22 -20.46 49.42 -29.39
CA LEU H 22 -20.84 50.03 -28.12
C LEU H 22 -19.62 50.55 -27.39
N GLU H 23 -18.55 49.76 -27.45
CA GLU H 23 -17.34 49.93 -26.66
C GLU H 23 -16.38 50.87 -27.37
N ARG H 24 -16.37 50.86 -28.72
CA ARG H 24 -15.23 51.42 -29.43
C ARG H 24 -15.64 52.50 -30.45
N SER H 25 -16.93 52.68 -30.78
CA SER H 25 -17.32 53.70 -31.76
C SER H 25 -18.07 54.86 -31.10
N ASP H 26 -17.84 56.08 -31.58
CA ASP H 26 -18.59 57.23 -31.11
C ASP H 26 -19.50 57.78 -32.21
N ASP H 27 -19.48 57.19 -33.41
CA ASP H 27 -20.25 57.79 -34.49
C ASP H 27 -21.14 56.78 -35.20
N LEU H 28 -21.14 55.50 -34.78
CA LEU H 28 -21.98 54.46 -35.37
C LEU H 28 -23.06 54.04 -34.37
N GLU H 29 -24.19 53.60 -34.92
CA GLU H 29 -25.26 53.08 -34.08
C GLU H 29 -25.92 51.93 -34.82
N VAL H 30 -26.03 50.76 -34.15
CA VAL H 30 -26.81 49.65 -34.69
C VAL H 30 -28.28 49.86 -34.31
N VAL H 31 -29.16 49.87 -35.33
CA VAL H 31 -30.55 50.28 -35.18
C VAL H 31 -31.49 49.16 -35.60
N ALA H 32 -31.00 48.14 -36.34
CA ALA H 32 -31.82 47.04 -36.81
C ALA H 32 -30.95 45.80 -36.96
N VAL H 33 -31.55 44.63 -36.73
CA VAL H 33 -30.85 43.38 -36.94
C VAL H 33 -31.85 42.41 -37.57
N ASN H 34 -31.28 41.40 -38.24
CA ASN H 34 -32.07 40.32 -38.78
C ASN H 34 -31.43 38.98 -38.42
N ASP H 35 -32.26 37.99 -38.12
CA ASP H 35 -31.80 36.64 -37.83
C ASP H 35 -32.98 35.71 -38.08
N LEU H 36 -33.01 34.55 -37.42
CA LEU H 36 -34.01 33.55 -37.74
C LEU H 36 -34.61 33.04 -36.44
N THR H 37 -34.76 33.90 -35.46
CA THR H 37 -35.27 33.43 -34.19
C THR H 37 -36.22 34.47 -33.61
N ASP H 38 -36.69 34.24 -32.39
CA ASP H 38 -37.61 35.13 -31.72
C ASP H 38 -36.78 36.02 -30.81
N ASN H 39 -37.40 37.09 -30.30
CA ASN H 39 -36.65 38.15 -29.63
C ASN H 39 -36.29 37.78 -28.19
N LYS H 40 -37.07 36.91 -27.56
CA LYS H 40 -36.66 36.36 -26.28
C LYS H 40 -35.28 35.70 -26.43
N THR H 41 -35.15 34.85 -27.47
CA THR H 41 -33.94 34.09 -27.71
C THR H 41 -32.78 35.00 -28.07
N LEU H 42 -32.99 35.92 -29.00
CA LEU H 42 -31.92 36.76 -29.50
C LEU H 42 -31.47 37.76 -28.43
N SER H 43 -32.41 38.27 -27.62
CA SER H 43 -32.01 39.17 -26.54
C SER H 43 -31.19 38.41 -25.49
N THR H 44 -31.55 37.14 -25.21
CA THR H 44 -30.77 36.35 -24.27
C THR H 44 -29.33 36.18 -24.76
N LEU H 45 -29.17 35.83 -26.03
CA LEU H 45 -27.85 35.63 -26.61
C LEU H 45 -27.04 36.92 -26.57
N LEU H 46 -27.69 38.07 -26.74
CA LEU H 46 -26.97 39.33 -26.71
C LEU H 46 -26.52 39.64 -25.29
N LYS H 47 -27.40 39.40 -24.32
CA LYS H 47 -27.16 39.72 -22.92
C LYS H 47 -26.02 38.86 -22.35
N PHE H 48 -26.12 37.56 -22.58
CA PHE H 48 -25.21 36.58 -21.99
C PHE H 48 -24.34 35.95 -23.08
N ASP H 49 -23.03 35.92 -22.86
CA ASP H 49 -22.12 35.43 -23.88
C ASP H 49 -21.08 34.52 -23.22
N SER H 50 -20.94 33.28 -23.73
CA SER H 50 -20.01 32.31 -23.16
C SER H 50 -18.56 32.74 -23.28
N ILE H 51 -18.25 33.69 -24.18
CA ILE H 51 -16.88 34.15 -24.37
C ILE H 51 -16.66 35.57 -23.82
N MET H 52 -17.58 36.50 -24.11
CA MET H 52 -17.41 37.91 -23.78
C MET H 52 -18.00 38.24 -22.41
N GLY H 53 -18.79 37.35 -21.82
CA GLY H 53 -19.38 37.63 -20.53
C GLY H 53 -20.66 38.46 -20.67
N ARG H 54 -21.16 38.94 -19.55
CA ARG H 54 -22.45 39.59 -19.45
C ARG H 54 -22.41 40.99 -20.08
N LEU H 55 -23.43 41.36 -20.86
CA LEU H 55 -23.50 42.74 -21.32
C LEU H 55 -23.90 43.62 -20.13
N GLY H 56 -23.17 44.74 -19.99
CA GLY H 56 -23.37 45.67 -18.91
C GLY H 56 -24.67 46.45 -19.02
N GLN H 57 -25.16 46.60 -20.25
CA GLN H 57 -26.39 47.32 -20.56
C GLN H 57 -27.61 46.49 -20.18
N GLU H 58 -28.69 47.20 -19.85
CA GLU H 58 -29.99 46.60 -19.62
C GLU H 58 -30.60 46.22 -20.96
N VAL H 59 -31.17 45.02 -20.98
CA VAL H 59 -31.70 44.43 -22.19
C VAL H 59 -33.15 44.01 -21.94
N GLU H 60 -34.07 44.53 -22.76
CA GLU H 60 -35.47 44.08 -22.85
C GLU H 60 -35.84 43.69 -24.30
N TYR H 61 -37.05 43.14 -24.48
CA TYR H 61 -37.51 42.67 -25.77
C TYR H 61 -39.04 42.68 -25.81
N ASP H 62 -39.59 42.67 -27.02
CA ASP H 62 -41.03 42.49 -27.21
C ASP H 62 -41.22 41.75 -28.53
N ASP H 63 -42.43 41.77 -29.13
CA ASP H 63 -42.63 40.93 -30.30
C ASP H 63 -41.99 41.54 -31.56
N ASP H 64 -41.36 42.72 -31.53
CA ASP H 64 -40.69 43.13 -32.76
C ASP H 64 -39.42 43.94 -32.53
N SER H 65 -38.89 43.95 -31.30
CA SER H 65 -37.70 44.73 -31.00
C SER H 65 -36.92 44.10 -29.85
N ILE H 66 -35.70 44.63 -29.68
CA ILE H 66 -34.88 44.39 -28.51
C ILE H 66 -34.34 45.76 -28.09
N THR H 67 -34.51 46.09 -26.82
CA THR H 67 -34.09 47.39 -26.32
C THR H 67 -32.84 47.19 -25.46
N VAL H 68 -31.80 47.97 -25.74
CA VAL H 68 -30.49 47.82 -25.12
C VAL H 68 -30.01 49.16 -24.61
N GLY H 69 -29.76 49.24 -23.31
CA GLY H 69 -29.49 50.52 -22.66
C GLY H 69 -30.50 51.61 -23.06
N GLY H 70 -31.79 51.27 -23.20
CA GLY H 70 -32.84 52.25 -23.46
C GLY H 70 -33.04 52.56 -24.95
N LYS H 71 -32.14 52.08 -25.84
CA LYS H 71 -32.28 52.24 -27.28
C LYS H 71 -33.02 51.06 -27.91
N ARG H 72 -34.06 51.35 -28.68
CA ARG H 72 -34.88 50.33 -29.30
C ARG H 72 -34.25 49.92 -30.62
N ILE H 73 -33.98 48.63 -30.77
CA ILE H 73 -33.47 48.07 -32.01
C ILE H 73 -34.54 47.23 -32.69
N ALA H 74 -34.83 47.50 -33.98
CA ALA H 74 -35.79 46.67 -34.69
C ALA H 74 -35.18 45.30 -34.97
N VAL H 75 -35.99 44.23 -34.86
CA VAL H 75 -35.54 42.88 -35.13
C VAL H 75 -36.43 42.26 -36.20
N TYR H 76 -35.79 41.70 -37.24
CA TYR H 76 -36.50 41.01 -38.31
C TYR H 76 -36.15 39.52 -38.23
N ALA H 77 -36.98 38.69 -38.85
CA ALA H 77 -36.71 37.28 -39.04
C ALA H 77 -37.09 36.85 -40.46
N GLU H 78 -36.29 37.31 -41.44
CA GLU H 78 -36.47 37.04 -42.87
C GLU H 78 -35.30 36.20 -43.41
N ARG H 79 -35.58 34.92 -43.70
CA ARG H 79 -34.69 34.02 -44.42
C ARG H 79 -34.13 34.66 -45.69
N ASP H 80 -34.98 35.40 -46.43
CA ASP H 80 -34.60 35.94 -47.73
C ASP H 80 -34.42 37.45 -47.62
N PRO H 81 -33.18 37.97 -47.86
CA PRO H 81 -32.88 39.40 -47.67
C PRO H 81 -33.70 40.37 -48.53
N LYS H 82 -34.31 39.84 -49.60
CA LYS H 82 -35.24 40.60 -50.43
C LYS H 82 -36.39 41.15 -49.60
N ASN H 83 -36.80 40.44 -48.53
CA ASN H 83 -37.99 40.78 -47.78
C ASN H 83 -37.69 41.79 -46.66
N LEU H 84 -36.44 42.23 -46.56
CA LEU H 84 -36.04 43.21 -45.58
C LEU H 84 -36.43 44.60 -46.08
N ASP H 85 -36.48 45.57 -45.16
CA ASP H 85 -36.54 46.99 -45.50
C ASP H 85 -35.66 47.80 -44.55
N TRP H 86 -34.39 48.06 -44.97
CA TRP H 86 -33.41 48.85 -44.21
C TRP H 86 -33.73 50.35 -44.21
N ALA H 87 -34.53 50.78 -45.20
CA ALA H 87 -34.91 52.18 -45.36
C ALA H 87 -35.89 52.61 -44.25
N ALA H 88 -36.77 51.68 -43.83
CA ALA H 88 -37.68 51.91 -42.71
C ALA H 88 -36.93 52.50 -41.51
N HIS H 89 -35.69 52.05 -41.28
CA HIS H 89 -34.94 52.49 -40.11
C HIS H 89 -33.81 53.44 -40.48
N ASN H 90 -33.77 53.89 -41.76
CA ASN H 90 -32.80 54.87 -42.21
C ASN H 90 -31.37 54.36 -41.99
N VAL H 91 -31.15 53.09 -42.37
CA VAL H 91 -29.87 52.42 -42.24
C VAL H 91 -29.00 52.74 -43.45
N ASP H 92 -27.74 53.06 -43.18
CA ASP H 92 -26.74 53.42 -44.18
C ASP H 92 -25.88 52.20 -44.57
N ILE H 93 -25.36 51.47 -43.56
CA ILE H 93 -24.42 50.36 -43.75
C ILE H 93 -25.02 49.09 -43.15
N VAL H 94 -25.06 48.00 -43.95
CA VAL H 94 -25.43 46.66 -43.51
C VAL H 94 -24.18 45.77 -43.41
N ILE H 95 -23.99 45.17 -42.23
CA ILE H 95 -23.03 44.09 -42.05
C ILE H 95 -23.70 42.78 -42.44
N GLU H 96 -23.16 42.12 -43.46
CA GLU H 96 -23.69 40.86 -43.92
C GLU H 96 -22.87 39.73 -43.28
N SER H 97 -23.41 39.17 -42.19
CA SER H 97 -22.68 38.21 -41.39
C SER H 97 -23.51 36.96 -41.06
N THR H 98 -24.38 36.54 -42.01
CA THR H 98 -25.13 35.30 -41.88
C THR H 98 -24.31 34.11 -42.35
N GLY H 99 -23.37 34.35 -43.27
CA GLY H 99 -22.60 33.27 -43.89
C GLY H 99 -23.18 32.78 -45.23
N PHE H 100 -24.41 33.19 -45.57
CA PHE H 100 -25.08 32.60 -46.72
C PHE H 100 -25.15 33.55 -47.90
N PHE H 101 -24.74 34.81 -47.75
CA PHE H 101 -24.83 35.80 -48.83
C PHE H 101 -23.47 36.42 -49.12
N THR H 102 -22.46 35.56 -49.30
CA THR H 102 -21.11 36.05 -49.56
C THR H 102 -20.94 36.32 -51.04
N ASP H 103 -21.96 35.94 -51.83
CA ASP H 103 -22.03 36.34 -53.23
C ASP H 103 -22.63 37.73 -53.26
N ALA H 104 -21.84 38.69 -53.75
CA ALA H 104 -22.22 40.09 -53.75
C ALA H 104 -23.52 40.28 -54.52
N ASN H 105 -23.80 39.36 -55.46
CA ASN H 105 -25.00 39.44 -56.27
C ASN H 105 -26.25 39.12 -55.46
N ALA H 106 -26.10 38.33 -54.39
CA ALA H 106 -27.16 38.10 -53.42
C ALA H 106 -27.12 39.19 -52.35
N ALA H 107 -25.93 39.51 -51.83
CA ALA H 107 -25.79 40.53 -50.79
C ALA H 107 -26.34 41.87 -51.22
N LYS H 108 -26.33 42.12 -52.55
CA LYS H 108 -26.77 43.37 -53.13
C LYS H 108 -28.27 43.61 -52.90
N ALA H 109 -29.00 42.54 -52.54
CA ALA H 109 -30.37 42.66 -52.06
C ALA H 109 -30.51 43.67 -50.91
N HIS H 110 -29.45 43.89 -50.11
CA HIS H 110 -29.46 44.86 -49.03
C HIS H 110 -29.57 46.29 -49.56
N ILE H 111 -28.92 46.56 -50.71
CA ILE H 111 -28.90 47.85 -51.39
C ILE H 111 -30.30 48.16 -51.91
N GLU H 112 -30.87 47.17 -52.60
CA GLU H 112 -32.23 47.21 -53.14
C GLU H 112 -33.27 47.42 -52.04
N ALA H 113 -32.96 47.00 -50.80
CA ALA H 113 -33.90 47.17 -49.70
C ALA H 113 -33.53 48.39 -48.85
N GLY H 114 -32.64 49.27 -49.34
CA GLY H 114 -32.54 50.61 -48.77
C GLY H 114 -31.16 50.96 -48.17
N ALA H 115 -30.28 49.98 -48.02
CA ALA H 115 -28.96 50.25 -47.48
C ALA H 115 -28.14 50.96 -48.55
N LYS H 116 -27.13 51.75 -48.17
CA LYS H 116 -26.24 52.36 -49.16
C LYS H 116 -24.95 51.55 -49.34
N LYS H 117 -24.44 50.96 -48.26
CA LYS H 117 -23.23 50.17 -48.31
C LYS H 117 -23.46 48.82 -47.65
N VAL H 118 -22.79 47.77 -48.15
CA VAL H 118 -22.85 46.45 -47.55
C VAL H 118 -21.43 45.96 -47.35
N ILE H 119 -21.14 45.47 -46.13
CA ILE H 119 -19.84 44.89 -45.82
C ILE H 119 -20.06 43.43 -45.42
N ILE H 120 -19.53 42.53 -46.24
CA ILE H 120 -19.64 41.10 -46.04
C ILE H 120 -18.52 40.69 -45.09
N SER H 121 -18.86 39.92 -44.04
CA SER H 121 -17.96 39.64 -42.94
C SER H 121 -17.16 38.37 -43.23
N ALA H 122 -16.68 38.25 -44.47
CA ALA H 122 -16.11 37.02 -44.98
C ALA H 122 -15.53 37.30 -46.36
N PRO H 123 -14.71 36.37 -46.92
CA PRO H 123 -14.37 36.40 -48.34
C PRO H 123 -15.65 36.34 -49.15
N ALA H 124 -15.70 37.15 -50.22
CA ALA H 124 -16.89 37.24 -51.06
C ALA H 124 -16.59 36.77 -52.49
N SER H 125 -17.65 36.63 -53.30
CA SER H 125 -17.51 36.55 -54.76
C SER H 125 -18.32 37.65 -55.42
N ASN H 126 -17.78 38.21 -56.51
CA ASN H 126 -18.45 39.23 -57.33
C ASN H 126 -18.48 40.57 -56.63
N GLU H 127 -17.62 40.78 -55.61
CA GLU H 127 -17.65 41.99 -54.79
C GLU H 127 -17.01 43.16 -55.53
N ASP H 128 -17.34 44.39 -55.11
CA ASP H 128 -16.68 45.56 -55.64
C ASP H 128 -15.22 45.63 -55.17
N ALA H 129 -14.90 45.01 -54.03
CA ALA H 129 -13.53 45.09 -53.51
C ALA H 129 -13.43 44.37 -52.18
N THR H 130 -12.19 44.02 -51.79
CA THR H 130 -11.88 43.30 -50.56
C THR H 130 -10.79 44.06 -49.82
N PHE H 131 -10.99 44.24 -48.51
CA PHE H 131 -10.04 44.99 -47.70
C PHE H 131 -9.59 44.25 -46.44
N VAL H 132 -8.28 44.36 -46.17
CA VAL H 132 -7.76 44.17 -44.84
C VAL H 132 -7.35 45.51 -44.29
N TYR H 133 -7.99 45.91 -43.21
CA TYR H 133 -7.70 47.20 -42.63
C TYR H 133 -6.24 47.22 -42.23
N GLY H 134 -5.60 48.34 -42.58
CA GLY H 134 -4.19 48.56 -42.30
C GLY H 134 -3.28 48.02 -43.39
N VAL H 135 -3.85 47.30 -44.36
CA VAL H 135 -3.05 46.78 -45.45
C VAL H 135 -3.40 47.47 -46.77
N ASN H 136 -4.69 47.58 -47.14
CA ASN H 136 -5.05 48.16 -48.44
C ASN H 136 -6.35 48.98 -48.38
N HIS H 137 -6.69 49.51 -47.20
CA HIS H 137 -7.94 50.22 -47.07
C HIS H 137 -7.87 51.58 -47.78
N GLU H 138 -6.65 52.06 -48.02
CA GLU H 138 -6.43 53.36 -48.61
C GLU H 138 -6.76 53.33 -50.09
N SER H 139 -7.10 52.14 -50.61
CA SER H 139 -7.67 51.99 -51.94
C SER H 139 -9.20 52.03 -51.92
N TYR H 140 -9.84 52.24 -50.74
CA TYR H 140 -11.30 52.27 -50.71
C TYR H 140 -11.79 53.46 -51.54
N ASP H 141 -12.74 53.18 -52.44
CA ASP H 141 -13.33 54.17 -53.33
C ASP H 141 -14.79 54.40 -52.97
N PRO H 142 -15.11 55.51 -52.29
CA PRO H 142 -16.46 55.70 -51.75
C PRO H 142 -17.56 55.73 -52.80
N GLU H 143 -17.18 55.96 -54.06
CA GLU H 143 -18.12 56.03 -55.17
C GLU H 143 -18.39 54.65 -55.75
N ASN H 144 -17.35 53.83 -55.87
CA ASN H 144 -17.45 52.61 -56.67
C ASN H 144 -17.53 51.37 -55.81
N HIS H 145 -17.15 51.48 -54.54
CA HIS H 145 -17.08 50.31 -53.67
C HIS H 145 -18.25 50.34 -52.70
N ASN H 146 -19.28 49.55 -53.03
CA ASN H 146 -20.57 49.67 -52.36
C ASN H 146 -20.95 48.37 -51.65
N VAL H 147 -20.61 47.24 -52.27
CA VAL H 147 -20.75 45.89 -51.72
C VAL H 147 -19.32 45.35 -51.64
N ILE H 148 -18.75 45.34 -50.42
CA ILE H 148 -17.34 45.04 -50.21
C ILE H 148 -17.18 43.85 -49.24
N SER H 149 -15.96 43.29 -49.14
CA SER H 149 -15.65 42.23 -48.20
C SER H 149 -14.57 42.71 -47.22
N GLY H 150 -14.72 42.39 -45.92
CA GLY H 150 -13.65 42.59 -44.94
C GLY H 150 -12.73 41.37 -44.80
N ALA H 151 -12.86 40.43 -45.75
CA ALA H 151 -12.06 39.22 -45.82
C ALA H 151 -12.33 38.32 -44.61
N SER H 152 -11.42 37.37 -44.38
CA SER H 152 -11.55 36.38 -43.31
C SER H 152 -10.66 36.76 -42.15
N CYS H 153 -10.93 36.13 -40.99
CA CYS H 153 -10.12 36.30 -39.80
C CYS H 153 -8.66 36.00 -40.15
N THR H 154 -8.45 34.86 -40.82
CA THR H 154 -7.11 34.38 -41.15
C THR H 154 -6.39 35.33 -42.11
N THR H 155 -7.11 35.90 -43.11
CA THR H 155 -6.52 36.88 -44.01
C THR H 155 -6.06 38.12 -43.23
N ASN H 156 -6.89 38.55 -42.26
CA ASN H 156 -6.59 39.73 -41.48
C ASN H 156 -5.39 39.49 -40.57
N CYS H 157 -5.10 38.21 -40.30
CA CYS H 157 -3.93 37.86 -39.52
C CYS H 157 -2.69 37.78 -40.43
N LEU H 158 -2.88 37.15 -41.58
CA LEU H 158 -1.74 36.84 -42.43
C LEU H 158 -1.34 38.06 -43.27
N ALA H 159 -2.32 38.82 -43.77
CA ALA H 159 -1.97 39.87 -44.75
C ALA H 159 -0.97 40.85 -44.16
N PRO H 160 -1.20 41.39 -42.95
CA PRO H 160 -0.28 42.39 -42.38
C PRO H 160 1.15 41.93 -42.20
N MET H 161 1.31 40.72 -41.61
CA MET H 161 2.60 40.10 -41.47
C MET H 161 3.24 39.78 -42.84
N ALA H 162 2.43 39.32 -43.81
CA ALA H 162 2.94 39.00 -45.14
C ALA H 162 3.44 40.26 -45.86
N LYS H 163 2.71 41.38 -45.70
CA LYS H 163 3.08 42.64 -46.33
C LYS H 163 4.47 43.10 -45.85
N VAL H 164 4.66 43.07 -44.53
CA VAL H 164 5.85 43.58 -43.89
C VAL H 164 7.06 42.81 -44.40
N LEU H 165 6.93 41.48 -44.42
CA LEU H 165 8.02 40.57 -44.70
C LEU H 165 8.26 40.52 -46.19
N ASN H 166 7.18 40.61 -46.97
CA ASN H 166 7.38 40.69 -48.41
C ASN H 166 8.12 41.97 -48.77
N ASP H 167 7.70 43.10 -48.19
CA ASP H 167 8.32 44.38 -48.47
C ASP H 167 9.80 44.38 -48.09
N LYS H 168 10.17 43.86 -46.91
CA LYS H 168 11.54 43.96 -46.45
C LYS H 168 12.41 42.90 -47.14
N PHE H 169 11.91 41.66 -47.32
CA PHE H 169 12.74 40.55 -47.75
C PHE H 169 12.24 39.92 -49.03
N GLY H 170 11.00 40.20 -49.42
CA GLY H 170 10.42 39.49 -50.56
C GLY H 170 10.14 38.01 -50.28
N ILE H 171 8.89 37.62 -50.53
CA ILE H 171 8.40 36.26 -50.39
C ILE H 171 8.35 35.64 -51.78
N GLU H 172 9.09 34.54 -52.01
CA GLU H 172 9.04 33.84 -53.29
C GLU H 172 7.81 32.94 -53.32
N ASN H 173 7.67 32.03 -52.34
CA ASN H 173 6.52 31.16 -52.24
C ASN H 173 6.26 30.96 -50.75
N GLY H 174 5.08 30.47 -50.37
CA GLY H 174 4.77 30.27 -48.96
C GLY H 174 3.59 29.33 -48.75
N LEU H 175 3.65 28.53 -47.69
CA LEU H 175 2.54 27.63 -47.40
C LEU H 175 2.23 27.76 -45.91
N MET H 176 0.92 27.87 -45.62
CA MET H 176 0.43 28.26 -44.31
C MET H 176 -0.43 27.14 -43.71
N THR H 177 -0.34 27.01 -42.39
CA THR H 177 -1.28 26.23 -41.62
C THR H 177 -1.86 27.16 -40.57
N THR H 178 -3.19 27.27 -40.51
CA THR H 178 -3.80 27.98 -39.39
C THR H 178 -4.30 26.92 -38.43
N VAL H 179 -3.92 27.07 -37.17
CA VAL H 179 -4.48 26.27 -36.11
C VAL H 179 -5.49 27.16 -35.43
N HIS H 180 -6.75 26.81 -35.66
CA HIS H 180 -7.90 27.70 -35.55
C HIS H 180 -8.98 27.11 -34.63
N ALA H 181 -9.55 27.95 -33.78
CA ALA H 181 -10.63 27.58 -32.87
C ALA H 181 -11.81 27.06 -33.69
N TYR H 182 -12.66 26.23 -33.09
CA TYR H 182 -13.79 25.73 -33.84
C TYR H 182 -14.75 26.90 -33.99
N THR H 183 -15.56 26.86 -35.05
CA THR H 183 -16.58 27.84 -35.34
C THR H 183 -17.92 27.11 -35.50
N GLY H 184 -18.98 27.92 -35.62
CA GLY H 184 -20.35 27.43 -35.54
C GLY H 184 -20.83 26.71 -36.81
N ASP H 185 -20.08 26.74 -37.92
CA ASP H 185 -20.40 25.86 -39.03
C ASP H 185 -19.99 24.40 -38.74
N GLN H 186 -19.16 24.16 -37.71
CA GLN H 186 -18.73 22.81 -37.38
C GLN H 186 -19.82 22.13 -36.55
N ARG H 187 -19.74 20.80 -36.44
CA ARG H 187 -20.78 19.98 -35.85
C ARG H 187 -20.36 19.61 -34.43
N LEU H 188 -21.30 19.68 -33.49
CA LEU H 188 -20.98 19.31 -32.10
C LEU H 188 -20.81 17.80 -31.98
N HIS H 189 -21.76 17.06 -32.57
CA HIS H 189 -21.71 15.63 -32.77
C HIS H 189 -21.62 15.33 -34.27
N ASP H 190 -20.96 14.23 -34.64
CA ASP H 190 -20.81 13.83 -36.04
C ASP H 190 -22.17 13.86 -36.73
N ALA H 191 -22.23 14.64 -37.82
CA ALA H 191 -23.48 14.94 -38.46
C ALA H 191 -23.20 15.48 -39.88
N PRO H 192 -24.20 15.41 -40.78
CA PRO H 192 -24.00 15.81 -42.16
C PRO H 192 -23.44 17.23 -42.31
N HIS H 193 -22.54 17.38 -43.28
CA HIS H 193 -21.92 18.65 -43.62
C HIS H 193 -21.35 18.39 -45.00
N ARG H 194 -21.32 19.41 -45.86
CA ARG H 194 -20.75 19.27 -47.19
C ARG H 194 -19.23 19.06 -47.10
N ASP H 195 -18.58 19.54 -46.04
CA ASP H 195 -17.17 19.20 -45.77
C ASP H 195 -17.12 18.02 -44.79
N LEU H 196 -16.56 16.88 -45.22
CA LEU H 196 -16.74 15.62 -44.51
C LEU H 196 -15.88 15.55 -43.24
N ARG H 197 -14.95 16.50 -43.09
CA ARG H 197 -14.15 16.59 -41.88
C ARG H 197 -14.88 17.50 -40.90
N ARG H 198 -15.41 18.63 -41.43
CA ARG H 198 -16.17 19.56 -40.62
C ARG H 198 -17.43 18.90 -40.09
N ALA H 199 -17.83 17.79 -40.73
CA ALA H 199 -18.88 16.93 -40.20
C ALA H 199 -18.58 16.37 -38.81
N ARG H 200 -17.31 16.38 -38.35
CA ARG H 200 -16.92 15.55 -37.22
C ARG H 200 -16.90 16.36 -35.92
N ALA H 201 -17.42 15.74 -34.84
CA ALA H 201 -17.50 16.35 -33.51
C ALA H 201 -16.32 17.29 -33.23
N ALA H 202 -16.62 18.59 -33.19
CA ALA H 202 -15.57 19.62 -33.23
C ALA H 202 -14.78 19.68 -31.94
N ALA H 203 -15.45 19.48 -30.79
CA ALA H 203 -14.79 19.71 -29.52
C ALA H 203 -13.90 18.54 -29.09
N VAL H 204 -13.79 17.43 -29.86
CA VAL H 204 -12.89 16.34 -29.52
C VAL H 204 -11.93 15.99 -30.66
N ASN H 205 -11.88 16.81 -31.71
CA ASN H 205 -11.15 16.47 -32.92
C ASN H 205 -10.25 17.63 -33.35
N ILE H 206 -9.10 17.21 -33.88
CA ILE H 206 -8.34 18.03 -34.81
C ILE H 206 -8.93 17.75 -36.20
N VAL H 207 -9.41 18.84 -36.83
CA VAL H 207 -10.22 18.78 -38.03
C VAL H 207 -9.50 19.57 -39.13
N PRO H 208 -8.88 18.91 -40.13
CA PRO H 208 -8.33 19.61 -41.30
C PRO H 208 -9.43 20.15 -42.23
N THR H 209 -9.28 21.39 -42.70
CA THR H 209 -10.28 21.95 -43.60
C THR H 209 -9.62 23.03 -44.46
N SER H 210 -10.33 23.50 -45.49
CA SER H 210 -9.78 24.51 -46.38
C SER H 210 -9.75 25.85 -45.66
N THR H 211 -8.82 26.72 -46.07
CA THR H 211 -8.90 28.16 -45.83
C THR H 211 -8.62 28.84 -47.17
N GLY H 212 -9.42 29.84 -47.54
CA GLY H 212 -9.14 30.56 -48.77
C GLY H 212 -7.98 31.53 -48.58
N ALA H 213 -7.62 31.70 -47.30
CA ALA H 213 -7.03 32.92 -46.78
C ALA H 213 -5.74 33.24 -47.53
N ALA H 214 -5.00 32.19 -47.88
CA ALA H 214 -3.67 32.37 -48.46
C ALA H 214 -3.79 32.95 -49.87
N LYS H 215 -4.75 32.45 -50.68
CA LYS H 215 -4.95 32.99 -52.03
C LYS H 215 -5.64 34.36 -51.99
N ALA H 216 -6.66 34.49 -51.13
CA ALA H 216 -7.32 35.76 -50.82
C ALA H 216 -6.35 36.85 -50.32
N VAL H 217 -5.18 36.49 -49.75
CA VAL H 217 -4.17 37.50 -49.47
C VAL H 217 -3.79 38.22 -50.77
N ALA H 218 -3.95 37.55 -51.92
CA ALA H 218 -3.65 38.15 -53.20
C ALA H 218 -4.61 39.31 -53.51
N LEU H 219 -5.84 39.26 -52.99
CA LEU H 219 -6.83 40.28 -53.29
C LEU H 219 -6.42 41.59 -52.65
N VAL H 220 -5.73 41.52 -51.49
CA VAL H 220 -5.34 42.73 -50.80
C VAL H 220 -3.88 43.04 -51.08
N LEU H 221 -3.09 42.04 -51.47
CA LEU H 221 -1.69 42.23 -51.80
C LEU H 221 -1.48 41.55 -53.16
N PRO H 222 -1.73 42.24 -54.31
CA PRO H 222 -1.71 41.55 -55.60
C PRO H 222 -0.31 41.06 -56.01
N GLU H 223 0.76 41.58 -55.40
CA GLU H 223 2.11 41.08 -55.64
C GLU H 223 2.27 39.63 -55.20
N LEU H 224 1.43 39.15 -54.27
CA LEU H 224 1.58 37.79 -53.78
C LEU H 224 0.62 36.87 -54.52
N LYS H 225 -0.01 37.35 -55.61
CA LYS H 225 -0.83 36.45 -56.43
C LYS H 225 0.00 35.23 -56.78
N GLY H 226 -0.58 34.03 -56.61
CA GLY H 226 0.02 32.78 -57.02
C GLY H 226 1.13 32.23 -56.10
N LYS H 227 1.50 32.96 -55.03
CA LYS H 227 2.67 32.59 -54.24
C LYS H 227 2.34 32.00 -52.86
N LEU H 228 1.05 31.94 -52.49
CA LEU H 228 0.66 31.38 -51.21
C LEU H 228 -0.47 30.37 -51.39
N ASP H 229 -0.44 29.35 -50.53
CA ASP H 229 -1.57 28.44 -50.35
C ASP H 229 -1.46 27.90 -48.92
N GLY H 230 -2.48 27.14 -48.51
CA GLY H 230 -2.48 26.60 -47.17
C GLY H 230 -3.83 26.01 -46.77
N TYR H 231 -3.93 25.61 -45.51
CA TYR H 231 -5.11 24.91 -45.03
C TYR H 231 -5.25 25.24 -43.54
N ALA H 232 -6.35 24.75 -42.93
CA ALA H 232 -6.65 24.99 -41.52
C ALA H 232 -6.74 23.67 -40.77
N LEU H 233 -6.29 23.67 -39.52
CA LEU H 233 -6.60 22.60 -38.55
C LEU H 233 -7.48 23.24 -37.49
N ARG H 234 -8.78 22.88 -37.47
CA ARG H 234 -9.68 23.31 -36.41
C ARG H 234 -9.44 22.46 -35.15
N VAL H 235 -9.31 23.11 -33.99
CA VAL H 235 -8.95 22.43 -32.75
C VAL H 235 -9.90 22.88 -31.64
N PRO H 236 -10.06 22.07 -30.57
CA PRO H 236 -10.95 22.39 -29.45
C PRO H 236 -10.55 23.50 -28.47
N VAL H 237 -10.49 24.73 -28.99
CA VAL H 237 -10.63 25.94 -28.18
C VAL H 237 -11.76 26.75 -28.82
N ILE H 238 -12.49 27.50 -28.00
CA ILE H 238 -13.74 28.09 -28.46
C ILE H 238 -13.48 29.36 -29.31
N THR H 239 -12.38 30.08 -29.01
CA THR H 239 -11.87 31.17 -29.82
C THR H 239 -10.36 31.34 -29.58
N GLY H 240 -9.68 32.00 -30.51
CA GLY H 240 -8.23 32.15 -30.49
C GLY H 240 -7.61 31.16 -31.49
N SER H 241 -6.81 31.72 -32.41
CA SER H 241 -6.20 30.96 -33.48
C SER H 241 -4.77 31.48 -33.72
N ALA H 242 -3.99 30.70 -34.48
CA ALA H 242 -2.62 31.07 -34.85
C ALA H 242 -2.46 30.72 -36.31
N THR H 243 -1.83 31.63 -37.05
CA THR H 243 -1.44 31.39 -38.43
C THR H 243 0.07 31.14 -38.51
N ASP H 244 0.44 29.99 -39.10
CA ASP H 244 1.80 29.52 -39.17
C ASP H 244 2.20 29.59 -40.64
N LEU H 245 3.17 30.46 -40.98
CA LEU H 245 3.50 30.62 -42.39
C LEU H 245 4.94 30.18 -42.57
N THR H 246 5.18 29.33 -43.59
CA THR H 246 6.52 28.88 -43.96
C THR H 246 6.78 29.33 -45.39
N PHE H 247 7.83 30.13 -45.56
CA PHE H 247 8.08 30.78 -46.85
C PHE H 247 9.57 30.77 -47.16
N ASN H 248 9.85 30.83 -48.48
CA ASN H 248 11.20 31.02 -49.01
C ASN H 248 11.40 32.46 -49.46
N THR H 249 12.62 32.95 -49.21
CA THR H 249 13.07 34.29 -49.60
C THR H 249 14.45 34.16 -50.26
N LYS H 250 14.85 35.20 -51.00
CA LYS H 250 16.19 35.19 -51.57
C LYS H 250 17.10 36.07 -50.72
N SER H 251 16.51 36.93 -49.89
CA SER H 251 17.29 37.70 -48.95
C SER H 251 17.94 36.76 -47.95
N GLU H 252 19.04 37.21 -47.35
CA GLU H 252 19.69 36.47 -46.28
C GLU H 252 19.06 36.96 -44.99
N VAL H 253 18.58 36.01 -44.18
CA VAL H 253 17.79 36.36 -43.02
C VAL H 253 18.23 35.50 -41.84
N THR H 254 17.95 36.06 -40.67
CA THR H 254 18.11 35.39 -39.40
C THR H 254 16.79 35.48 -38.63
N VAL H 255 16.67 34.70 -37.56
CA VAL H 255 15.54 34.84 -36.65
C VAL H 255 15.43 36.30 -36.25
N GLU H 256 16.59 36.88 -35.89
CA GLU H 256 16.70 38.21 -35.30
C GLU H 256 16.24 39.26 -36.30
N SER H 257 16.65 39.10 -37.56
CA SER H 257 16.38 40.11 -38.59
C SER H 257 14.92 40.03 -39.03
N ILE H 258 14.37 38.82 -39.03
CA ILE H 258 12.94 38.66 -39.29
C ILE H 258 12.15 39.37 -38.19
N ASN H 259 12.43 39.03 -36.94
CA ASN H 259 11.69 39.59 -35.82
C ASN H 259 11.85 41.12 -35.83
N ALA H 260 13.07 41.60 -36.13
CA ALA H 260 13.33 43.05 -36.12
C ALA H 260 12.42 43.76 -37.13
N ALA H 261 12.20 43.14 -38.28
CA ALA H 261 11.39 43.76 -39.32
C ALA H 261 9.96 43.97 -38.83
N ILE H 262 9.40 42.97 -38.17
CA ILE H 262 8.04 43.11 -37.67
C ILE H 262 8.03 44.19 -36.60
N LYS H 263 8.97 44.11 -35.65
CA LYS H 263 8.95 45.02 -34.51
C LYS H 263 9.01 46.48 -34.98
N GLU H 264 9.76 46.70 -36.06
CA GLU H 264 9.95 48.03 -36.61
C GLU H 264 8.62 48.58 -37.14
N ALA H 265 7.85 47.70 -37.82
CA ALA H 265 6.62 48.12 -38.50
C ALA H 265 5.42 48.22 -37.55
N ALA H 266 5.50 47.55 -36.39
CA ALA H 266 4.36 47.42 -35.49
C ALA H 266 4.24 48.67 -34.62
N VAL H 267 3.80 49.79 -35.23
CA VAL H 267 3.81 51.07 -34.52
C VAL H 267 2.71 51.96 -35.10
N GLY H 268 2.27 52.96 -34.33
CA GLY H 268 1.28 53.90 -34.80
C GLY H 268 0.00 53.18 -35.24
N GLU H 269 -0.68 53.70 -36.28
CA GLU H 269 -1.98 53.20 -36.68
C GLU H 269 -1.89 51.76 -37.21
N PHE H 270 -0.82 51.43 -37.95
CA PHE H 270 -0.64 50.07 -38.45
C PHE H 270 -0.53 49.07 -37.29
N GLY H 271 0.07 49.53 -36.19
CA GLY H 271 0.32 48.74 -34.99
C GLY H 271 -0.95 48.43 -34.19
N GLU H 272 -2.07 49.06 -34.55
CA GLU H 272 -3.37 48.71 -34.00
C GLU H 272 -3.88 47.46 -34.73
N THR H 273 -3.41 47.23 -35.97
CA THR H 273 -3.66 45.99 -36.71
C THR H 273 -2.64 44.89 -36.37
N LEU H 274 -1.34 45.21 -36.36
CA LEU H 274 -0.28 44.22 -36.14
C LEU H 274 0.51 44.56 -34.87
N ALA H 275 0.49 43.63 -33.90
CA ALA H 275 1.31 43.69 -32.70
C ALA H 275 2.55 42.82 -32.86
N TYR H 276 3.56 43.12 -32.04
CA TYR H 276 4.80 42.36 -31.92
C TYR H 276 4.88 41.88 -30.47
N SER H 277 5.02 40.56 -30.25
CA SER H 277 5.17 40.08 -28.88
C SER H 277 6.40 39.21 -28.72
N GLU H 278 7.05 39.37 -27.55
CA GLU H 278 8.08 38.46 -27.08
C GLU H 278 7.58 37.77 -25.82
N GLU H 279 6.26 37.75 -25.63
CA GLU H 279 5.63 37.21 -24.44
C GLU H 279 5.49 35.69 -24.57
N PRO H 280 5.44 34.94 -23.45
CA PRO H 280 5.21 33.49 -23.53
C PRO H 280 3.73 33.19 -23.75
N LEU H 281 3.20 33.58 -24.91
CA LEU H 281 1.76 33.57 -25.19
C LEU H 281 1.19 32.16 -25.41
N VAL H 282 0.00 31.93 -24.85
CA VAL H 282 -0.84 30.80 -25.23
C VAL H 282 -2.16 31.41 -25.71
N SER H 283 -3.06 30.59 -26.28
CA SER H 283 -4.23 31.12 -26.96
C SER H 283 -5.11 31.96 -26.03
N THR H 284 -5.29 31.58 -24.76
CA THR H 284 -6.18 32.35 -23.89
C THR H 284 -5.67 33.78 -23.65
N ASP H 285 -4.37 34.01 -23.80
CA ASP H 285 -3.78 35.34 -23.63
C ASP H 285 -4.12 36.30 -24.76
N ILE H 286 -4.58 35.79 -25.91
CA ILE H 286 -4.90 36.68 -27.00
C ILE H 286 -6.42 36.72 -27.25
N VAL H 287 -7.23 36.01 -26.44
CA VAL H 287 -8.68 36.18 -26.51
C VAL H 287 -8.99 37.63 -26.16
N HIS H 288 -9.87 38.29 -26.91
CA HIS H 288 -10.29 39.69 -26.71
C HIS H 288 -9.16 40.70 -26.96
N ASP H 289 -8.14 40.30 -27.72
CA ASP H 289 -7.18 41.24 -28.26
C ASP H 289 -7.76 41.90 -29.52
N SER H 290 -7.63 43.22 -29.62
CA SER H 290 -8.28 44.00 -30.68
C SER H 290 -7.43 44.05 -31.97
N HIS H 291 -6.24 43.43 -31.97
CA HIS H 291 -5.36 43.38 -33.14
C HIS H 291 -5.83 42.31 -34.13
N GLY H 292 -5.63 42.57 -35.44
CA GLY H 292 -5.82 41.53 -36.43
C GLY H 292 -4.74 40.44 -36.40
N SER H 293 -3.55 40.77 -35.93
CA SER H 293 -2.39 39.90 -36.02
C SER H 293 -1.45 40.19 -34.87
N ILE H 294 -1.12 39.16 -34.06
CA ILE H 294 -0.17 39.29 -32.97
C ILE H 294 1.02 38.38 -33.23
N PHE H 295 2.08 38.98 -33.80
CA PHE H 295 3.29 38.28 -34.17
C PHE H 295 4.02 37.76 -32.94
N ASP H 296 4.32 36.45 -32.96
CA ASP H 296 4.98 35.79 -31.84
C ASP H 296 6.45 35.60 -32.19
N ALA H 297 7.31 36.54 -31.74
CA ALA H 297 8.72 36.53 -32.08
C ALA H 297 9.39 35.23 -31.64
N GLY H 298 8.94 34.69 -30.49
CA GLY H 298 9.47 33.45 -29.96
C GLY H 298 9.34 32.26 -30.88
N LEU H 299 8.40 32.27 -31.83
CA LEU H 299 8.19 31.09 -32.66
C LEU H 299 8.87 31.18 -34.03
N THR H 300 9.66 32.25 -34.29
CA THR H 300 10.29 32.39 -35.59
C THR H 300 11.41 31.38 -35.74
N LYS H 301 11.48 30.70 -36.89
CA LYS H 301 12.59 29.84 -37.22
C LYS H 301 13.03 30.10 -38.67
N VAL H 302 14.33 29.86 -38.90
CA VAL H 302 14.98 30.04 -40.18
C VAL H 302 15.90 28.83 -40.37
N SER H 303 15.76 28.18 -41.55
CA SER H 303 16.68 27.16 -42.02
C SER H 303 17.05 27.56 -43.45
N GLY H 304 18.28 28.07 -43.62
CA GLY H 304 18.73 28.48 -44.93
C GLY H 304 17.96 29.71 -45.37
N ASN H 305 17.19 29.55 -46.46
CA ASN H 305 16.33 30.60 -47.00
C ASN H 305 14.86 30.22 -46.81
N THR H 306 14.58 29.32 -45.85
CA THR H 306 13.23 28.95 -45.45
C THR H 306 12.93 29.55 -44.07
N VAL H 307 11.79 30.26 -43.97
CA VAL H 307 11.42 31.02 -42.77
C VAL H 307 10.06 30.52 -42.29
N LYS H 308 9.94 30.28 -40.99
CA LYS H 308 8.63 30.01 -40.40
C LYS H 308 8.35 31.12 -39.41
N VAL H 309 7.17 31.71 -39.55
CA VAL H 309 6.71 32.75 -38.63
C VAL H 309 5.29 32.40 -38.22
N VAL H 310 4.93 32.84 -37.01
CA VAL H 310 3.64 32.50 -36.40
C VAL H 310 2.99 33.75 -35.85
N SER H 311 1.70 33.96 -36.20
CA SER H 311 0.93 35.07 -35.69
C SER H 311 -0.44 34.66 -35.15
N TRP H 312 -0.76 35.22 -33.99
CA TRP H 312 -1.98 34.95 -33.26
C TRP H 312 -3.11 35.87 -33.71
N TYR H 313 -4.34 35.38 -33.51
CA TYR H 313 -5.51 36.22 -33.73
C TYR H 313 -6.72 35.67 -32.99
N ASP H 314 -7.47 36.57 -32.35
CA ASP H 314 -8.78 36.22 -31.83
C ASP H 314 -9.73 36.33 -33.01
N ASN H 315 -10.04 35.17 -33.59
CA ASN H 315 -10.76 35.10 -34.84
C ASN H 315 -12.15 35.74 -34.70
N GLU H 316 -12.69 35.85 -33.46
CA GLU H 316 -13.91 36.61 -33.20
C GLU H 316 -13.57 38.10 -33.06
N TRP H 317 -12.96 38.49 -31.92
CA TRP H 317 -12.86 39.89 -31.54
C TRP H 317 -11.84 40.65 -32.38
N GLY H 318 -10.67 40.03 -32.64
CA GLY H 318 -9.64 40.67 -33.44
C GLY H 318 -10.16 41.00 -34.84
N TYR H 319 -10.85 40.04 -35.47
CA TYR H 319 -11.38 40.24 -36.81
C TYR H 319 -12.51 41.27 -36.80
N THR H 320 -13.35 41.19 -35.75
CA THR H 320 -14.40 42.18 -35.57
C THR H 320 -13.83 43.60 -35.41
N CYS H 321 -12.73 43.76 -34.68
CA CYS H 321 -12.15 45.09 -34.48
C CYS H 321 -11.60 45.61 -35.80
N GLN H 322 -11.12 44.70 -36.66
CA GLN H 322 -10.68 45.04 -38.00
C GLN H 322 -11.87 45.47 -38.84
N LEU H 323 -12.95 44.71 -38.72
CA LEU H 323 -14.16 44.95 -39.49
C LEU H 323 -14.77 46.30 -39.13
N LEU H 324 -14.77 46.61 -37.84
CA LEU H 324 -15.24 47.92 -37.39
C LEU H 324 -14.34 49.02 -37.94
N ARG H 325 -13.02 48.81 -37.92
CA ARG H 325 -12.09 49.80 -38.47
C ARG H 325 -12.46 50.15 -39.91
N LEU H 326 -12.69 49.12 -40.72
CA LEU H 326 -13.16 49.28 -42.08
C LEU H 326 -14.49 50.02 -42.14
N THR H 327 -15.42 49.66 -41.23
CA THR H 327 -16.73 50.30 -41.19
C THR H 327 -16.61 51.79 -40.88
N GLU H 328 -15.70 52.17 -39.97
CA GLU H 328 -15.49 53.56 -39.62
C GLU H 328 -14.96 54.34 -40.83
N LEU H 329 -14.22 53.69 -41.73
CA LEU H 329 -13.72 54.35 -42.94
C LEU H 329 -14.87 54.53 -43.93
N VAL H 330 -15.71 53.51 -44.09
CA VAL H 330 -16.84 53.60 -44.98
C VAL H 330 -17.74 54.73 -44.48
N ALA H 331 -17.95 54.80 -43.15
CA ALA H 331 -18.83 55.79 -42.54
C ALA H 331 -18.25 57.22 -42.57
N SER H 332 -16.92 57.34 -42.62
CA SER H 332 -16.25 58.64 -42.63
C SER H 332 -16.44 59.38 -43.97
N LYS H 333 -16.59 58.64 -45.05
CA LYS H 333 -16.66 59.23 -46.38
C LYS H 333 -18.13 59.29 -46.74
N LEU H 334 -18.43 59.43 -48.04
CA LEU H 334 -19.73 59.83 -48.52
C LEU H 334 -20.64 58.60 -48.68
#